data_9JKC
#
_entry.id   9JKC
#
_cell.length_a   257.961
_cell.length_b   182.916
_cell.length_c   118.681
_cell.angle_alpha   90.000
_cell.angle_beta   103.790
_cell.angle_gamma   90.000
#
_symmetry.space_group_name_H-M   'C 1 2 1'
#
loop_
_entity.id
_entity.type
_entity.pdbx_description
1 polymer 'RNA dependent RNA polymerase'
2 water water
#
_entity_poly.entity_id   1
_entity_poly.type   'polypeptide(L)'
_entity_poly.pdbx_seq_one_letter_code
;MQARARAFRLKSYADGDLLRELRQFDGAKNASELGPRAFVRDSHRLDAAVEKASKLTDPTFHISQYQLPHPYSFGGGPPN
PERPLTAPLISAINKVSQRTRDPVGYRKRAKESIDLGDFTTHDPDTLHPRFLEYVHERTRSVDGPTDDAMRAAQTVFARL
WRRKGCKVKARSLSDAQPDNLLAIIKKGSPGEYRSLGAEDRRDPRLIATMSSSLLRYASAGVQVARGRPPPGWVDTTTQV
TLTFGKREPKAAKIVDGVRQAPVPRFIFNLSPVNYALASFLHYDISHFLMDNDPTHGPGFGPGRGRARKFMDLVERAFDG
RFSTPDGARLIMSDITKWDANMCEALIKYSIDLLEDAVDKSALSPEGLATRGLMYRVARRQLLEKLVEHPAGYFVKLYGC
MPSGSFYTSLVNTTGNNLLVIGHAIARAVEETSLTHHGAAELLADAVDGTLISYGDNQLFSEHLFSVLGLAYDPEKHAEF
LARFGMKLKVDETEVTVKLGRVRFCSRSLVRTPHGLLITRSHNSLFAKLAGRPRHDPVVDKLYVRAMMVDHMGTDPIVYA
ILNEIDRSLNVSLEAAGLTDAAKKVLEDTAQSMFGNREQDALLAVYRALSETVIDRRALLSLHTPRDGDHDPGRLHTSVS
TGMHLFTGELTPAAQWAYECTVEKWCQYLHDTDQEGVMFDGSSSHHHHHH
;
_entity_poly.pdbx_strand_id   A,B,C,D,E
#
# COMPACT_ATOMS: atom_id res chain seq x y z
N ALA A 5 -22.10 7.53 3.52
CA ALA A 5 -22.20 7.52 2.08
C ALA A 5 -22.73 8.86 1.54
N ARG A 6 -22.01 9.45 0.59
CA ARG A 6 -22.45 10.65 -0.12
C ARG A 6 -22.82 10.26 -1.55
N ALA A 7 -24.04 10.63 -1.96
CA ALA A 7 -24.61 10.23 -3.25
C ALA A 7 -24.09 11.09 -4.39
N PHE A 8 -24.25 10.60 -5.61
CA PHE A 8 -23.84 11.33 -6.79
C PHE A 8 -25.00 11.41 -7.78
N ARG A 9 -25.05 12.50 -8.53
CA ARG A 9 -26.13 12.72 -9.46
C ARG A 9 -25.76 12.19 -10.83
N LEU A 10 -26.70 11.48 -11.47
CA LEU A 10 -26.45 10.97 -12.80
C LEU A 10 -26.80 12.01 -13.85
N LYS A 11 -26.40 11.72 -15.09
CA LYS A 11 -26.49 12.69 -16.18
C LYS A 11 -27.92 12.85 -16.66
N SER A 12 -28.64 11.75 -16.86
CA SER A 12 -29.89 11.78 -17.61
C SER A 12 -31.11 12.05 -16.74
N TYR A 13 -32.28 12.02 -17.36
CA TYR A 13 -33.55 12.12 -16.66
C TYR A 13 -34.52 11.03 -17.07
N ALA A 14 -34.57 10.68 -18.35
CA ALA A 14 -35.46 9.62 -18.79
C ALA A 14 -35.02 8.26 -18.22
N ASP A 15 -36.02 7.42 -17.90
CA ASP A 15 -35.73 6.10 -17.31
C ASP A 15 -34.92 5.22 -18.25
N GLY A 16 -35.12 5.36 -19.56
CA GLY A 16 -34.33 4.57 -20.50
C GLY A 16 -32.90 5.04 -20.60
N ASP A 17 -32.67 6.34 -20.46
CA ASP A 17 -31.32 6.89 -20.38
C ASP A 17 -30.68 6.57 -19.04
N LEU A 18 -31.43 6.77 -17.95
CA LEU A 18 -30.94 6.43 -16.63
C LEU A 18 -30.60 4.96 -16.52
N LEU A 19 -31.39 4.10 -17.16
CA LEU A 19 -31.07 2.68 -17.14
C LEU A 19 -29.67 2.44 -17.70
N ARG A 20 -29.42 2.85 -18.95
CA ARG A 20 -28.11 2.62 -19.55
C ARG A 20 -26.98 3.30 -18.79
N GLU A 21 -27.25 4.44 -18.15
CA GLU A 21 -26.21 5.06 -17.32
C GLU A 21 -25.82 4.17 -16.15
N LEU A 22 -26.63 3.15 -15.83
CA LEU A 22 -26.39 2.32 -14.67
C LEU A 22 -25.53 1.08 -14.93
N ARG A 23 -25.34 0.67 -16.18
CA ARG A 23 -24.57 -0.55 -16.46
C ARG A 23 -23.11 -0.44 -15.99
N GLN A 24 -22.54 0.75 -16.04
CA GLN A 24 -21.17 0.97 -15.59
C GLN A 24 -20.97 0.74 -14.10
N PHE A 25 -22.03 0.53 -13.34
CA PHE A 25 -21.91 0.36 -11.89
C PHE A 25 -22.17 -1.06 -11.45
N ASP A 26 -22.28 -1.98 -12.39
CA ASP A 26 -22.67 -3.35 -12.11
C ASP A 26 -21.55 -4.11 -11.43
N GLY A 27 -21.89 -5.24 -10.83
CA GLY A 27 -20.93 -6.12 -10.20
C GLY A 27 -20.42 -5.69 -8.83
N ALA A 28 -20.89 -4.56 -8.31
CA ALA A 28 -20.42 -4.07 -7.01
C ALA A 28 -20.99 -4.92 -5.88
N LYS A 29 -20.18 -5.17 -4.85
CA LYS A 29 -20.62 -5.96 -3.71
C LYS A 29 -21.28 -5.06 -2.67
N ASN A 30 -22.04 -5.70 -1.77
CA ASN A 30 -22.64 -4.98 -0.65
C ASN A 30 -21.56 -4.45 0.30
N ALA A 31 -20.41 -5.13 0.35
CA ALA A 31 -19.22 -4.79 1.14
C ALA A 31 -19.37 -5.26 2.59
N SER A 32 -20.61 -5.43 3.08
CA SER A 32 -20.87 -6.12 4.34
C SER A 32 -21.16 -7.59 4.14
N GLU A 33 -20.52 -8.24 3.16
CA GLU A 33 -20.89 -9.58 2.72
C GLU A 33 -19.72 -10.16 1.92
N LEU A 34 -19.32 -11.39 2.23
CA LEU A 34 -18.31 -12.11 1.46
C LEU A 34 -18.85 -13.49 1.09
N GLY A 35 -18.48 -13.99 -0.10
CA GLY A 35 -18.90 -15.30 -0.54
C GLY A 35 -19.74 -15.27 -1.80
N PRO A 36 -20.39 -16.38 -2.11
CA PRO A 36 -21.16 -16.48 -3.37
C PRO A 36 -22.62 -16.04 -3.24
N ARG A 37 -23.19 -16.25 -2.04
CA ARG A 37 -24.51 -15.73 -1.67
C ARG A 37 -24.44 -14.26 -1.28
N ALA A 38 -23.46 -13.52 -1.82
CA ALA A 38 -23.39 -12.12 -1.49
C ALA A 38 -24.23 -11.36 -2.49
N PHE A 39 -24.27 -10.04 -2.36
CA PHE A 39 -25.05 -9.22 -3.28
C PHE A 39 -24.14 -8.67 -4.36
N VAL A 40 -24.59 -8.74 -5.60
CA VAL A 40 -23.97 -7.99 -6.69
C VAL A 40 -25.02 -7.09 -7.31
N ARG A 41 -24.58 -6.01 -7.92
CA ARG A 41 -25.51 -5.13 -8.61
C ARG A 41 -25.79 -5.69 -10.00
N ASP A 42 -27.04 -5.62 -10.42
CA ASP A 42 -27.39 -6.03 -11.77
C ASP A 42 -28.50 -5.11 -12.26
N SER A 43 -28.09 -4.11 -13.04
CA SER A 43 -29.03 -3.18 -13.64
C SER A 43 -30.07 -3.89 -14.48
N HIS A 44 -29.81 -5.13 -14.91
CA HIS A 44 -30.77 -5.75 -15.80
C HIS A 44 -32.03 -6.18 -15.08
N ARG A 45 -31.99 -6.27 -13.75
CA ARG A 45 -33.21 -6.53 -13.00
C ARG A 45 -34.22 -5.40 -13.16
N LEU A 46 -33.80 -4.23 -13.67
CA LEU A 46 -34.69 -3.10 -13.92
C LEU A 46 -35.34 -3.14 -15.32
N ASP A 47 -34.61 -3.61 -16.35
CA ASP A 47 -35.06 -3.76 -17.74
C ASP A 47 -36.57 -3.96 -17.91
N ALA A 48 -37.08 -5.05 -17.33
CA ALA A 48 -38.49 -5.38 -17.44
C ALA A 48 -39.37 -4.23 -16.95
N ALA A 49 -39.01 -3.64 -15.81
CA ALA A 49 -39.84 -2.62 -15.16
C ALA A 49 -39.75 -1.29 -15.87
N VAL A 50 -38.53 -0.92 -16.29
CA VAL A 50 -38.35 0.28 -17.12
C VAL A 50 -39.18 0.16 -18.38
N GLU A 51 -39.10 -0.99 -19.05
CA GLU A 51 -39.89 -1.16 -20.27
C GLU A 51 -41.38 -0.98 -19.99
N LYS A 52 -41.87 -1.56 -18.89
CA LYS A 52 -43.30 -1.50 -18.63
C LYS A 52 -43.77 -0.06 -18.42
N ALA A 53 -42.92 0.79 -17.86
CA ALA A 53 -43.27 2.18 -17.55
C ALA A 53 -43.01 3.14 -18.69
N SER A 54 -42.44 2.66 -19.80
CA SER A 54 -42.39 3.47 -21.01
C SER A 54 -43.80 3.71 -21.56
N LYS A 55 -44.65 2.70 -21.50
CA LYS A 55 -45.99 2.77 -22.05
C LYS A 55 -47.00 3.44 -21.13
N LEU A 56 -46.57 4.02 -20.02
CA LEU A 56 -47.50 4.62 -19.06
C LEU A 56 -47.32 6.13 -19.08
N THR A 57 -48.45 6.86 -19.07
CA THR A 57 -48.36 8.32 -19.03
C THR A 57 -47.94 8.83 -17.66
N ASP A 58 -48.29 8.12 -16.58
CA ASP A 58 -47.90 8.48 -15.22
C ASP A 58 -47.49 7.25 -14.42
N PRO A 59 -46.29 6.72 -14.65
CA PRO A 59 -45.88 5.54 -13.92
C PRO A 59 -45.67 5.85 -12.46
N THR A 60 -45.92 4.81 -11.65
CA THR A 60 -45.73 4.77 -10.21
C THR A 60 -44.27 4.72 -9.81
N PHE A 61 -43.39 4.49 -10.76
CA PHE A 61 -42.00 4.19 -10.52
C PHE A 61 -41.12 5.01 -11.46
N HIS A 62 -40.06 5.59 -10.92
CA HIS A 62 -39.07 6.32 -11.69
C HIS A 62 -37.71 5.89 -11.14
N ILE A 63 -36.72 5.73 -12.02
CA ILE A 63 -35.37 5.57 -11.53
C ILE A 63 -34.90 6.91 -10.96
N SER A 64 -34.30 6.87 -9.78
CA SER A 64 -33.84 8.08 -9.15
C SER A 64 -32.54 8.54 -9.80
N GLN A 65 -32.39 9.86 -9.91
CA GLN A 65 -31.18 10.41 -10.50
C GLN A 65 -30.01 10.31 -9.54
N TYR A 66 -30.28 10.15 -8.25
CA TYR A 66 -29.23 10.02 -7.25
C TYR A 66 -29.01 8.54 -6.97
N GLN A 67 -27.75 8.14 -6.94
CA GLN A 67 -27.35 6.76 -6.72
C GLN A 67 -26.22 6.75 -5.71
N LEU A 68 -26.06 5.63 -5.02
CA LEU A 68 -24.94 5.54 -4.10
C LEU A 68 -23.81 4.71 -4.70
N PRO A 69 -22.57 4.84 -4.18
CA PRO A 69 -21.46 4.10 -4.78
C PRO A 69 -21.45 2.61 -4.47
N HIS A 70 -22.13 2.19 -3.39
CA HIS A 70 -22.36 0.80 -3.08
C HIS A 70 -23.84 0.59 -2.80
N PRO A 71 -24.40 -0.53 -3.21
CA PRO A 71 -25.77 -0.83 -2.81
C PRO A 71 -25.82 -1.15 -1.33
N TYR A 72 -26.99 -0.92 -0.72
CA TYR A 72 -27.26 -1.44 0.62
C TYR A 72 -27.90 -2.82 0.61
N SER A 73 -28.30 -3.33 -0.55
CA SER A 73 -29.14 -4.52 -0.60
C SER A 73 -28.37 -5.75 -0.17
N PHE A 74 -29.09 -6.70 0.43
CA PHE A 74 -28.54 -7.99 0.80
C PHE A 74 -28.82 -9.04 -0.26
N GLY A 75 -27.89 -9.98 -0.37
CA GLY A 75 -28.03 -11.12 -1.26
C GLY A 75 -28.73 -12.27 -0.59
N GLY A 76 -28.71 -13.41 -1.27
CA GLY A 76 -29.26 -14.62 -0.69
C GLY A 76 -29.45 -15.69 -1.74
N GLY A 77 -30.38 -16.59 -1.47
CA GLY A 77 -30.68 -17.64 -2.41
C GLY A 77 -31.80 -18.54 -1.97
N PRO A 78 -31.83 -19.72 -2.59
CA PRO A 78 -32.97 -20.60 -2.46
C PRO A 78 -32.93 -21.31 -1.11
N PRO A 79 -33.99 -21.96 -0.74
CA PRO A 79 -34.01 -22.63 0.57
C PRO A 79 -33.67 -24.09 0.41
N ASN A 80 -33.52 -24.79 1.53
CA ASN A 80 -33.33 -26.23 1.51
C ASN A 80 -34.30 -26.89 0.54
N PRO A 81 -33.81 -27.73 -0.36
CA PRO A 81 -34.74 -28.53 -1.17
C PRO A 81 -35.55 -29.49 -0.33
N GLU A 82 -34.93 -30.14 0.66
CA GLU A 82 -35.58 -31.12 1.52
C GLU A 82 -36.88 -30.62 2.12
N ARG A 83 -37.95 -31.40 1.98
CA ARG A 83 -39.23 -31.09 2.63
C ARG A 83 -39.59 -32.25 3.57
N PRO A 84 -39.02 -32.27 4.77
CA PRO A 84 -39.04 -33.49 5.57
C PRO A 84 -40.39 -33.81 6.17
N LEU A 85 -41.37 -32.92 6.09
CA LEU A 85 -42.64 -33.23 6.72
C LEU A 85 -43.65 -33.84 5.77
N THR A 86 -43.43 -33.85 4.45
CA THR A 86 -44.55 -34.29 3.62
C THR A 86 -44.62 -35.81 3.62
N ALA A 87 -43.50 -36.48 3.88
CA ALA A 87 -43.55 -37.93 4.01
C ALA A 87 -44.49 -38.35 5.14
N PRO A 88 -44.33 -37.88 6.38
CA PRO A 88 -45.30 -38.24 7.42
C PRO A 88 -46.69 -37.72 7.14
N LEU A 89 -46.79 -36.63 6.38
CA LEU A 89 -48.10 -36.03 6.11
C LEU A 89 -48.91 -36.92 5.18
N ILE A 90 -48.29 -37.44 4.11
CA ILE A 90 -49.06 -38.32 3.22
C ILE A 90 -49.37 -39.62 3.93
N SER A 91 -48.44 -40.12 4.74
CA SER A 91 -48.71 -41.36 5.44
C SER A 91 -49.89 -41.17 6.40
N ALA A 92 -49.84 -40.14 7.22
CA ALA A 92 -50.89 -39.90 8.19
C ALA A 92 -52.20 -39.53 7.52
N ILE A 93 -52.17 -38.93 6.32
CA ILE A 93 -53.42 -38.66 5.64
C ILE A 93 -54.09 -39.97 5.26
N ASN A 94 -53.30 -40.95 4.85
CA ASN A 94 -53.83 -42.24 4.46
C ASN A 94 -54.53 -42.94 5.62
N LYS A 95 -53.92 -42.91 6.80
CA LYS A 95 -54.55 -43.49 7.97
C LYS A 95 -55.85 -42.76 8.32
N VAL A 96 -55.78 -41.45 8.49
CA VAL A 96 -56.97 -40.73 8.92
C VAL A 96 -58.04 -40.70 7.85
N SER A 97 -57.68 -40.66 6.57
CA SER A 97 -58.71 -40.47 5.56
C SER A 97 -59.75 -41.57 5.61
N GLN A 98 -59.32 -42.79 5.95
CA GLN A 98 -60.23 -43.93 5.97
C GLN A 98 -61.45 -43.67 6.85
N ARG A 99 -61.24 -42.95 7.96
CA ARG A 99 -62.33 -42.66 8.88
C ARG A 99 -63.28 -41.59 8.38
N THR A 100 -62.94 -40.86 7.34
CA THR A 100 -63.88 -39.82 6.92
C THR A 100 -65.01 -40.46 6.13
N ARG A 101 -65.78 -39.62 5.45
CA ARG A 101 -66.95 -40.04 4.71
C ARG A 101 -66.60 -40.55 3.32
N ASP A 102 -65.89 -39.75 2.52
CA ASP A 102 -65.33 -40.12 1.22
C ASP A 102 -63.82 -40.27 1.31
N PRO A 103 -63.31 -41.46 1.65
CA PRO A 103 -61.85 -41.57 1.83
C PRO A 103 -61.04 -41.40 0.55
N VAL A 104 -61.56 -41.75 -0.62
CA VAL A 104 -60.79 -41.45 -1.82
C VAL A 104 -60.95 -40.01 -2.28
N GLY A 105 -62.00 -39.33 -1.87
CA GLY A 105 -62.16 -37.96 -2.30
C GLY A 105 -61.32 -37.07 -1.43
N TYR A 106 -61.26 -37.43 -0.14
CA TYR A 106 -60.41 -36.71 0.77
C TYR A 106 -58.97 -36.80 0.33
N ARG A 107 -58.54 -37.98 -0.09
CA ARG A 107 -57.17 -38.12 -0.58
C ARG A 107 -56.94 -37.30 -1.83
N LYS A 108 -57.86 -37.34 -2.80
CA LYS A 108 -57.69 -36.53 -4.01
C LYS A 108 -57.56 -35.04 -3.67
N ARG A 109 -58.45 -34.53 -2.81
CA ARG A 109 -58.43 -33.11 -2.50
C ARG A 109 -57.14 -32.69 -1.80
N ALA A 110 -56.54 -33.62 -1.03
CA ALA A 110 -55.31 -33.31 -0.30
C ALA A 110 -54.11 -33.27 -1.24
N LYS A 111 -54.06 -34.15 -2.24
CA LYS A 111 -52.90 -34.14 -3.13
C LYS A 111 -52.77 -32.81 -3.84
N GLU A 112 -53.87 -32.10 -4.10
CA GLU A 112 -53.75 -30.81 -4.75
C GLU A 112 -52.94 -29.84 -3.88
N SER A 113 -53.26 -29.77 -2.59
CA SER A 113 -52.53 -28.90 -1.67
C SER A 113 -51.08 -29.37 -1.52
N ILE A 114 -50.88 -30.66 -1.26
CA ILE A 114 -49.55 -31.18 -0.98
C ILE A 114 -48.62 -30.99 -2.17
N ASP A 115 -49.11 -31.17 -3.40
CA ASP A 115 -48.21 -31.09 -4.55
C ASP A 115 -47.89 -29.66 -4.96
N LEU A 116 -48.59 -28.66 -4.42
CA LEU A 116 -48.43 -27.28 -4.85
C LEU A 116 -47.83 -26.40 -3.75
N GLY A 117 -47.19 -27.01 -2.77
CA GLY A 117 -46.73 -26.32 -1.58
C GLY A 117 -45.24 -26.07 -1.62
N ASP A 118 -44.88 -24.81 -1.52
CA ASP A 118 -43.48 -24.41 -1.63
C ASP A 118 -43.18 -23.37 -0.54
N PHE A 119 -42.05 -22.71 -0.68
CA PHE A 119 -41.51 -21.81 0.33
C PHE A 119 -40.70 -20.78 -0.42
N THR A 120 -40.86 -19.50 -0.05
CA THR A 120 -40.13 -18.42 -0.71
C THR A 120 -39.15 -17.79 0.26
N THR A 121 -38.02 -17.30 -0.29
CA THR A 121 -36.94 -16.74 0.50
C THR A 121 -36.41 -15.49 -0.17
N HIS A 122 -35.64 -14.71 0.60
CA HIS A 122 -35.06 -13.50 0.04
C HIS A 122 -33.93 -13.85 -0.92
N ASP A 123 -34.09 -13.49 -2.16
CA ASP A 123 -33.08 -13.67 -3.19
C ASP A 123 -33.37 -12.64 -4.26
N PRO A 124 -32.49 -11.67 -4.48
CA PRO A 124 -32.85 -10.57 -5.38
C PRO A 124 -33.05 -11.04 -6.78
N ASP A 125 -32.54 -12.23 -7.12
CA ASP A 125 -32.71 -12.71 -8.48
C ASP A 125 -34.06 -13.37 -8.70
N THR A 126 -34.74 -13.81 -7.62
CA THR A 126 -36.12 -14.28 -7.67
C THR A 126 -37.13 -13.18 -7.35
N LEU A 127 -36.65 -12.06 -6.78
CA LEU A 127 -37.52 -11.04 -6.23
C LEU A 127 -37.90 -9.99 -7.23
N HIS A 128 -36.99 -9.58 -8.11
CA HIS A 128 -37.29 -8.45 -8.99
C HIS A 128 -38.57 -8.58 -9.82
N PRO A 129 -38.99 -9.76 -10.31
CA PRO A 129 -40.25 -9.79 -11.07
C PRO A 129 -41.48 -9.38 -10.27
N ARG A 130 -41.46 -9.53 -8.95
CA ARG A 130 -42.57 -9.04 -8.14
C ARG A 130 -42.76 -7.53 -8.31
N PHE A 131 -41.66 -6.78 -8.40
CA PHE A 131 -41.75 -5.33 -8.55
C PHE A 131 -42.57 -4.89 -9.77
N LEU A 132 -42.81 -5.77 -10.74
CA LEU A 132 -43.58 -5.36 -11.91
C LEU A 132 -45.03 -5.08 -11.57
N GLU A 133 -45.58 -5.74 -10.54
CA GLU A 133 -46.96 -5.45 -10.17
C GLU A 133 -47.11 -4.04 -9.62
N TYR A 134 -46.05 -3.51 -9.02
CA TYR A 134 -46.09 -2.16 -8.49
C TYR A 134 -45.88 -1.08 -9.55
N VAL A 135 -45.66 -1.47 -10.82
CA VAL A 135 -45.47 -0.52 -11.92
C VAL A 135 -46.77 -0.42 -12.69
N HIS A 136 -47.56 0.60 -12.39
CA HIS A 136 -48.80 0.81 -13.11
C HIS A 136 -49.07 2.30 -13.18
N GLU A 137 -50.30 2.65 -13.53
CA GLU A 137 -50.70 4.05 -13.58
C GLU A 137 -51.04 4.59 -12.20
N ARG A 138 -50.55 5.79 -11.92
CA ARG A 138 -50.83 6.44 -10.66
C ARG A 138 -52.28 6.92 -10.63
N THR A 139 -52.78 7.15 -9.42
CA THR A 139 -54.13 7.66 -9.25
C THR A 139 -54.11 8.72 -8.15
N ARG A 140 -53.52 9.88 -8.46
CA ARG A 140 -53.26 10.92 -7.47
C ARG A 140 -54.55 11.43 -6.82
N SER A 141 -55.69 11.32 -7.51
CA SER A 141 -56.98 11.76 -6.98
C SER A 141 -58.11 11.09 -7.76
N VAL A 142 -59.34 11.38 -7.35
CA VAL A 142 -60.53 10.83 -7.99
C VAL A 142 -61.43 11.98 -8.42
N ASP A 143 -62.55 11.62 -9.06
CA ASP A 143 -63.42 12.60 -9.72
C ASP A 143 -64.35 13.26 -8.69
N GLY A 144 -65.32 14.03 -9.17
CA GLY A 144 -66.20 14.75 -8.28
C GLY A 144 -66.97 13.82 -7.37
N PRO A 145 -67.98 13.12 -7.92
CA PRO A 145 -68.84 12.28 -7.09
C PRO A 145 -68.12 11.23 -6.25
N THR A 146 -67.01 10.69 -6.74
CA THR A 146 -66.27 9.74 -5.93
C THR A 146 -65.74 10.43 -4.68
N ASP A 147 -65.03 11.56 -4.86
CA ASP A 147 -64.53 12.31 -3.71
C ASP A 147 -65.65 12.70 -2.76
N ASP A 148 -66.81 13.06 -3.31
CA ASP A 148 -67.95 13.34 -2.48
C ASP A 148 -68.30 12.15 -1.59
N ALA A 149 -68.46 10.97 -2.19
CA ALA A 149 -68.82 9.80 -1.39
C ALA A 149 -67.68 9.42 -0.45
N MET A 150 -66.42 9.57 -0.89
CA MET A 150 -65.31 9.17 -0.03
C MET A 150 -65.25 10.02 1.22
N ARG A 151 -65.27 11.35 1.08
CA ARG A 151 -65.35 12.21 2.26
C ARG A 151 -66.61 11.94 3.06
N ALA A 152 -67.70 11.58 2.37
CA ALA A 152 -68.91 11.18 3.07
C ALA A 152 -68.65 9.95 3.93
N ALA A 153 -67.78 9.05 3.48
CA ALA A 153 -67.49 7.86 4.23
C ALA A 153 -66.59 8.15 5.42
N GLN A 154 -65.74 9.17 5.31
CA GLN A 154 -64.87 9.48 6.42
C GLN A 154 -65.69 9.95 7.61
N THR A 155 -66.79 10.64 7.34
CA THR A 155 -67.70 11.01 8.40
C THR A 155 -68.53 9.85 8.93
N VAL A 156 -68.63 8.76 8.18
CA VAL A 156 -69.19 7.54 8.77
C VAL A 156 -68.29 7.06 9.89
N PHE A 157 -66.99 6.96 9.62
CA PHE A 157 -66.06 6.46 10.63
C PHE A 157 -65.66 7.54 11.63
N ALA A 158 -65.73 8.81 11.26
CA ALA A 158 -65.64 9.83 12.28
C ALA A 158 -66.63 9.54 13.40
N ARG A 159 -67.90 9.32 13.03
CA ARG A 159 -68.94 9.09 14.04
C ARG A 159 -68.75 7.78 14.77
N LEU A 160 -68.43 6.72 14.02
CA LEU A 160 -68.27 5.42 14.67
C LEU A 160 -67.27 5.52 15.81
N TRP A 161 -66.10 6.13 15.55
CA TRP A 161 -65.02 6.14 16.54
C TRP A 161 -65.40 6.98 17.74
N ARG A 162 -66.11 8.08 17.53
CA ARG A 162 -66.57 8.88 18.66
C ARG A 162 -67.61 8.13 19.48
N ARG A 163 -68.54 7.44 18.81
CA ARG A 163 -69.52 6.62 19.54
C ARG A 163 -68.86 5.44 20.24
N LYS A 164 -67.79 4.88 19.67
CA LYS A 164 -67.03 3.88 20.38
C LYS A 164 -66.01 4.51 21.33
N GLY A 165 -66.18 5.80 21.63
CA GLY A 165 -65.47 6.47 22.70
C GLY A 165 -64.04 6.87 22.41
N CYS A 166 -63.80 7.44 21.25
CA CYS A 166 -62.47 7.94 20.94
C CYS A 166 -62.16 9.11 21.86
N LYS A 167 -61.07 9.02 22.61
CA LYS A 167 -60.65 10.12 23.46
C LYS A 167 -59.16 10.33 23.28
N VAL A 168 -58.68 10.16 22.05
CA VAL A 168 -57.26 10.07 21.74
C VAL A 168 -56.67 11.45 21.55
N LYS A 169 -55.56 11.71 22.24
CA LYS A 169 -54.92 13.02 22.27
C LYS A 169 -53.51 12.93 21.69
N ALA A 170 -53.06 14.04 21.12
CA ALA A 170 -51.70 14.07 20.60
C ALA A 170 -50.71 14.01 21.74
N ARG A 171 -49.64 13.23 21.58
CA ARG A 171 -48.63 13.14 22.63
C ARG A 171 -47.84 14.44 22.68
N SER A 172 -47.20 14.67 23.81
CA SER A 172 -46.30 15.81 23.90
C SER A 172 -44.89 15.36 23.57
N LEU A 173 -44.00 16.33 23.36
CA LEU A 173 -42.61 15.97 23.05
C LEU A 173 -41.89 15.42 24.26
N SER A 174 -42.46 15.60 25.46
CA SER A 174 -42.11 14.79 26.61
C SER A 174 -41.88 13.34 26.22
N ASP A 175 -42.87 12.73 25.60
CA ASP A 175 -42.89 11.33 25.19
C ASP A 175 -41.97 11.02 24.05
N ALA A 176 -41.09 11.93 23.63
CA ALA A 176 -40.07 11.63 22.63
C ALA A 176 -38.69 11.48 23.26
N GLN A 177 -38.58 11.60 24.59
CA GLN A 177 -37.34 11.29 25.26
C GLN A 177 -37.09 9.79 25.23
N PRO A 178 -35.84 9.37 25.20
CA PRO A 178 -35.51 7.97 24.89
C PRO A 178 -36.33 6.91 25.60
N ASP A 179 -36.62 7.12 26.89
CA ASP A 179 -37.26 6.11 27.71
C ASP A 179 -38.74 6.04 27.45
N ASN A 180 -39.34 7.21 27.26
CA ASN A 180 -40.74 7.31 26.85
C ASN A 180 -40.97 6.82 25.42
N LEU A 181 -39.97 7.01 24.52
CA LEU A 181 -40.07 6.39 23.20
C LEU A 181 -40.09 4.89 23.27
N LEU A 182 -39.29 4.30 24.16
CA LEU A 182 -39.23 2.84 24.26
C LEU A 182 -40.60 2.21 24.42
N ALA A 183 -41.53 2.92 25.07
CA ALA A 183 -42.92 2.46 25.16
C ALA A 183 -43.46 2.09 23.79
N ILE A 184 -43.55 3.06 22.87
CA ILE A 184 -44.33 2.89 21.65
C ILE A 184 -43.56 2.18 20.53
N ILE A 185 -42.28 1.84 20.73
CA ILE A 185 -41.50 1.12 19.73
C ILE A 185 -41.67 -0.38 19.97
N LYS A 186 -41.55 -1.17 18.90
CA LYS A 186 -41.66 -2.63 18.97
C LYS A 186 -40.51 -3.27 18.19
N LYS A 187 -40.05 -4.44 18.69
CA LYS A 187 -38.91 -5.17 18.13
C LYS A 187 -39.01 -5.43 16.63
N GLY A 188 -38.20 -4.72 15.83
CA GLY A 188 -38.20 -4.86 14.38
C GLY A 188 -36.82 -4.82 13.72
N SER A 189 -36.77 -4.78 12.36
CA SER A 189 -35.48 -4.71 11.65
C SER A 189 -34.94 -3.28 11.65
N PRO A 190 -33.63 -3.10 11.91
CA PRO A 190 -33.07 -1.74 12.05
C PRO A 190 -32.75 -1.03 10.75
N GLY A 191 -33.22 -1.51 9.59
CA GLY A 191 -33.14 -0.73 8.36
C GLY A 191 -31.73 -0.51 7.85
N GLU A 192 -31.51 0.69 7.28
CA GLU A 192 -30.18 1.07 6.77
C GLU A 192 -29.17 1.30 7.90
N TYR A 193 -29.63 1.28 9.17
CA TYR A 193 -28.77 1.31 10.35
C TYR A 193 -28.33 -0.10 10.78
N ARG A 194 -28.51 -1.11 9.93
CA ARG A 194 -27.90 -2.42 10.18
C ARG A 194 -26.43 -2.44 9.78
N SER A 195 -25.93 -1.36 9.17
CA SER A 195 -24.55 -1.22 8.75
C SER A 195 -23.66 -0.56 9.82
N LEU A 196 -24.25 0.18 10.76
CA LEU A 196 -23.51 0.74 11.89
C LEU A 196 -23.30 -0.28 13.02
N GLY A 197 -23.83 -1.50 12.88
CA GLY A 197 -23.65 -2.58 13.83
C GLY A 197 -24.86 -2.98 14.66
N ALA A 198 -26.07 -2.66 14.23
CA ALA A 198 -27.29 -2.91 15.00
C ALA A 198 -28.07 -4.08 14.40
N GLU A 199 -28.95 -4.68 15.23
CA GLU A 199 -29.78 -5.79 14.81
C GLU A 199 -31.26 -5.68 15.21
N ASP A 200 -31.62 -4.81 16.16
CA ASP A 200 -33.02 -4.53 16.51
C ASP A 200 -33.27 -3.03 16.49
N ARG A 201 -34.56 -2.65 16.47
CA ARG A 201 -35.00 -1.26 16.60
C ARG A 201 -34.81 -0.72 18.02
N ARG A 202 -34.69 -1.61 19.00
CA ARG A 202 -34.60 -1.24 20.40
C ARG A 202 -33.15 -1.21 20.92
N ASP A 203 -32.15 -1.22 20.02
CA ASP A 203 -30.79 -0.87 20.40
C ASP A 203 -30.77 0.47 21.13
N PRO A 204 -30.07 0.57 22.27
CA PRO A 204 -30.06 1.84 23.01
C PRO A 204 -29.44 2.99 22.22
N ARG A 205 -28.56 2.69 21.27
CA ARG A 205 -27.96 3.69 20.40
C ARG A 205 -28.92 4.15 19.31
N LEU A 206 -29.70 3.21 18.76
CA LEU A 206 -30.73 3.59 17.80
C LEU A 206 -31.77 4.47 18.46
N ILE A 207 -32.30 4.04 19.62
CA ILE A 207 -33.31 4.82 20.34
C ILE A 207 -32.87 6.26 20.51
N ALA A 208 -31.56 6.48 20.62
CA ALA A 208 -31.05 7.86 20.56
C ALA A 208 -31.38 8.49 19.22
N THR A 209 -30.85 7.91 18.13
CA THR A 209 -31.04 8.50 16.80
C THR A 209 -32.50 8.79 16.54
N MET A 210 -33.39 7.88 16.96
CA MET A 210 -34.83 8.09 16.81
C MET A 210 -35.27 9.29 17.62
N SER A 211 -34.89 9.36 18.88
CA SER A 211 -35.30 10.47 19.73
C SER A 211 -34.79 11.82 19.18
N SER A 212 -33.58 11.87 18.61
CA SER A 212 -33.13 13.12 17.99
C SER A 212 -34.00 13.45 16.79
N SER A 213 -34.22 12.48 15.92
CA SER A 213 -35.01 12.66 14.71
C SER A 213 -36.46 13.08 14.99
N LEU A 214 -36.88 13.11 16.26
CA LEU A 214 -38.17 13.67 16.59
C LEU A 214 -38.07 15.05 17.19
N LEU A 215 -37.11 15.28 18.08
CA LEU A 215 -37.00 16.60 18.70
C LEU A 215 -36.60 17.68 17.68
N ARG A 216 -35.85 17.30 16.64
CA ARG A 216 -35.43 18.27 15.64
C ARG A 216 -36.62 19.05 15.07
N TYR A 217 -37.81 18.46 15.10
CA TYR A 217 -39.03 19.12 14.63
C TYR A 217 -39.46 20.26 15.54
N ALA A 218 -38.87 20.37 16.73
CA ALA A 218 -39.36 21.39 17.64
C ALA A 218 -38.92 22.78 17.18
N SER A 219 -37.61 22.96 16.91
CA SER A 219 -37.08 24.21 16.39
C SER A 219 -37.98 24.72 15.28
N ALA A 220 -38.18 23.83 14.30
CA ALA A 220 -38.98 24.15 13.12
C ALA A 220 -40.35 24.68 13.53
N GLY A 221 -41.05 23.95 14.38
CA GLY A 221 -42.40 24.37 14.74
C GLY A 221 -42.43 25.71 15.45
N VAL A 222 -41.45 25.94 16.33
CA VAL A 222 -41.33 27.25 16.97
C VAL A 222 -41.24 28.31 15.91
N GLN A 223 -40.34 28.10 14.94
CA GLN A 223 -40.25 28.99 13.79
C GLN A 223 -41.58 29.16 13.10
N VAL A 224 -42.30 28.06 12.84
CA VAL A 224 -43.51 28.15 12.05
C VAL A 224 -44.60 28.93 12.78
N ALA A 225 -44.52 29.02 14.11
CA ALA A 225 -45.47 29.82 14.88
C ALA A 225 -45.03 31.27 15.09
N ARG A 226 -43.79 31.63 14.74
CA ARG A 226 -43.36 33.02 14.63
C ARG A 226 -43.58 33.58 13.21
N GLY A 227 -44.41 32.93 12.41
CA GLY A 227 -44.56 33.33 11.02
C GLY A 227 -43.30 33.25 10.18
N ARG A 228 -42.27 32.55 10.66
CA ARG A 228 -41.03 32.36 9.91
C ARG A 228 -41.10 31.06 9.11
N PRO A 229 -40.21 30.85 8.15
CA PRO A 229 -40.22 29.58 7.45
C PRO A 229 -39.56 28.51 8.30
N PRO A 230 -40.04 27.28 8.20
CA PRO A 230 -39.35 26.16 8.82
C PRO A 230 -38.11 25.81 8.02
N PRO A 231 -37.20 25.00 8.56
CA PRO A 231 -36.02 24.60 7.81
C PRO A 231 -36.38 23.87 6.53
N GLY A 232 -35.39 23.79 5.65
CA GLY A 232 -35.64 23.21 4.34
C GLY A 232 -35.90 21.73 4.41
N TRP A 233 -35.34 21.06 5.41
CA TRP A 233 -35.40 19.61 5.44
C TRP A 233 -36.83 19.12 5.65
N VAL A 234 -37.71 19.93 6.24
CA VAL A 234 -39.10 19.55 6.47
C VAL A 234 -39.80 19.17 5.16
N ASP A 235 -39.39 19.79 4.07
CA ASP A 235 -39.97 19.52 2.76
C ASP A 235 -39.12 18.59 1.90
N THR A 236 -37.91 18.21 2.35
CA THR A 236 -37.01 17.39 1.55
C THR A 236 -36.64 16.06 2.18
N THR A 237 -36.43 16.01 3.51
CA THR A 237 -35.96 14.82 4.21
C THR A 237 -36.67 13.60 3.63
N THR A 238 -35.91 12.72 3.00
CA THR A 238 -36.42 11.44 2.57
C THR A 238 -35.51 10.37 3.14
N GLN A 239 -36.06 9.21 3.46
CA GLN A 239 -35.30 8.12 4.07
C GLN A 239 -35.30 6.95 3.10
N VAL A 240 -34.31 6.11 3.22
CA VAL A 240 -34.14 5.04 2.24
C VAL A 240 -34.83 3.78 2.74
N THR A 241 -35.62 3.17 1.87
CA THR A 241 -36.30 1.92 2.16
C THR A 241 -35.59 0.79 1.44
N LEU A 242 -35.53 -0.37 2.08
CA LEU A 242 -34.84 -1.53 1.51
C LEU A 242 -35.86 -2.60 1.16
N THR A 243 -35.57 -3.41 0.16
CA THR A 243 -36.52 -4.41 -0.29
C THR A 243 -36.04 -5.78 0.14
N PHE A 244 -37.00 -6.70 0.34
CA PHE A 244 -36.61 -8.03 0.79
C PHE A 244 -37.27 -9.24 0.13
N GLY A 245 -38.58 -9.41 0.21
CA GLY A 245 -39.08 -10.69 -0.23
C GLY A 245 -39.09 -11.72 0.89
N LYS A 246 -40.27 -12.13 1.35
CA LYS A 246 -40.36 -12.74 2.67
C LYS A 246 -40.12 -14.24 2.60
N ARG A 247 -39.57 -14.79 3.70
CA ARG A 247 -39.55 -16.23 3.99
C ARG A 247 -40.91 -16.60 4.54
N GLU A 248 -41.73 -17.25 3.73
CA GLU A 248 -43.01 -17.75 4.17
C GLU A 248 -43.33 -18.97 3.33
N PRO A 249 -44.18 -19.87 3.82
CA PRO A 249 -44.67 -20.95 2.96
C PRO A 249 -45.63 -20.31 1.97
N LYS A 250 -45.31 -20.43 0.67
CA LYS A 250 -46.18 -19.94 -0.39
C LYS A 250 -46.37 -21.05 -1.40
N ALA A 251 -47.52 -21.05 -2.03
CA ALA A 251 -47.97 -22.15 -2.85
C ALA A 251 -47.44 -21.98 -4.27
N ALA A 252 -47.11 -23.09 -4.91
CA ALA A 252 -46.79 -23.05 -6.32
C ALA A 252 -48.08 -23.00 -7.14
N LYS A 253 -47.96 -22.57 -8.39
CA LYS A 253 -49.08 -22.49 -9.31
C LYS A 253 -48.73 -23.30 -10.54
N ILE A 254 -49.70 -24.07 -11.07
CA ILE A 254 -49.42 -24.98 -12.17
C ILE A 254 -49.80 -24.37 -13.52
N VAL A 255 -49.34 -23.14 -13.78
CA VAL A 255 -49.76 -22.37 -14.95
C VAL A 255 -49.37 -23.09 -16.24
N ASP A 256 -50.39 -23.47 -17.03
CA ASP A 256 -50.22 -24.04 -18.38
C ASP A 256 -49.38 -25.33 -18.38
N GLY A 257 -49.47 -26.12 -17.30
CA GLY A 257 -48.81 -27.41 -17.23
C GLY A 257 -47.47 -27.43 -16.54
N VAL A 258 -46.93 -26.27 -16.19
CA VAL A 258 -45.64 -26.20 -15.52
C VAL A 258 -45.89 -25.83 -14.07
N ARG A 259 -45.02 -26.30 -13.18
CA ARG A 259 -45.08 -25.90 -11.78
C ARG A 259 -44.26 -24.63 -11.61
N GLN A 260 -44.92 -23.47 -11.77
CA GLN A 260 -44.27 -22.19 -11.51
C GLN A 260 -44.06 -22.01 -10.00
N ALA A 261 -42.77 -21.98 -9.58
CA ALA A 261 -42.40 -21.76 -8.19
C ALA A 261 -42.87 -20.39 -7.74
N PRO A 262 -43.01 -20.17 -6.44
CA PRO A 262 -43.79 -19.01 -5.98
C PRO A 262 -42.93 -17.77 -6.02
N VAL A 263 -43.53 -16.67 -6.47
CA VAL A 263 -42.80 -15.41 -6.60
C VAL A 263 -42.79 -14.70 -5.24
N PRO A 264 -41.63 -14.40 -4.67
CA PRO A 264 -41.61 -13.88 -3.30
C PRO A 264 -42.42 -12.60 -3.16
N ARG A 265 -43.25 -12.55 -2.12
CA ARG A 265 -43.98 -11.33 -1.83
C ARG A 265 -43.04 -10.26 -1.27
N PHE A 266 -43.39 -9.00 -1.50
CA PHE A 266 -42.47 -7.87 -1.31
C PHE A 266 -42.48 -7.33 0.14
N ILE A 267 -41.31 -7.08 0.68
CA ILE A 267 -41.18 -6.49 2.02
C ILE A 267 -40.33 -5.23 1.97
N PHE A 268 -40.82 -4.19 2.63
CA PHE A 268 -40.09 -2.94 2.86
C PHE A 268 -39.48 -2.95 4.25
N ASN A 269 -38.50 -2.08 4.44
CA ASN A 269 -37.79 -2.04 5.71
C ASN A 269 -37.59 -0.57 6.02
N LEU A 270 -38.62 0.05 6.58
CA LEU A 270 -38.59 1.49 6.77
C LEU A 270 -37.58 1.87 7.83
N SER A 271 -36.83 2.92 7.55
CA SER A 271 -35.85 3.45 8.50
C SER A 271 -36.52 3.58 9.86
N PRO A 272 -35.88 3.12 10.94
CA PRO A 272 -36.45 3.33 12.26
C PRO A 272 -36.77 4.79 12.54
N VAL A 273 -36.22 5.69 11.72
CA VAL A 273 -36.54 7.10 11.83
C VAL A 273 -37.95 7.39 11.34
N ASN A 274 -38.38 6.74 10.24
CA ASN A 274 -39.79 6.75 9.84
C ASN A 274 -40.68 6.07 10.88
N TYR A 275 -40.22 4.93 11.42
CA TYR A 275 -41.02 4.22 12.42
C TYR A 275 -41.35 5.10 13.62
N ALA A 276 -40.39 5.91 14.08
CA ALA A 276 -40.65 6.76 15.23
C ALA A 276 -41.63 7.88 14.87
N LEU A 277 -41.52 8.43 13.66
CA LEU A 277 -42.44 9.47 13.24
C LEU A 277 -43.86 8.96 13.17
N ALA A 278 -44.04 7.77 12.60
CA ALA A 278 -45.36 7.16 12.61
C ALA A 278 -45.82 6.86 14.03
N SER A 279 -44.97 6.24 14.86
CA SER A 279 -45.39 5.83 16.20
C SER A 279 -45.77 7.03 17.04
N PHE A 280 -44.95 8.08 16.98
CA PHE A 280 -45.23 9.25 17.78
C PHE A 280 -46.60 9.82 17.44
N LEU A 281 -46.90 9.90 16.13
CA LEU A 281 -48.15 10.48 15.67
C LEU A 281 -49.35 9.55 15.86
N HIS A 282 -49.25 8.30 15.37
CA HIS A 282 -50.43 7.46 15.18
C HIS A 282 -50.33 6.12 15.92
N TYR A 283 -49.71 6.10 17.08
CA TYR A 283 -49.71 4.82 17.77
C TYR A 283 -51.00 4.63 18.57
N ASP A 284 -51.27 5.60 19.43
CA ASP A 284 -52.51 5.73 20.21
C ASP A 284 -53.80 5.67 19.37
N ILE A 285 -53.83 6.13 18.12
CA ILE A 285 -55.04 5.92 17.34
C ILE A 285 -55.13 4.49 16.83
N SER A 286 -53.99 3.88 16.45
CA SER A 286 -53.96 2.45 16.13
C SER A 286 -54.41 1.59 17.28
N HIS A 287 -53.83 1.78 18.44
CA HIS A 287 -54.25 0.91 19.49
C HIS A 287 -55.60 1.29 20.04
N PHE A 288 -56.24 2.36 19.53
CA PHE A 288 -57.61 2.54 19.94
C PHE A 288 -58.50 1.73 19.00
N LEU A 289 -58.35 1.93 17.69
CA LEU A 289 -59.07 1.14 16.70
C LEU A 289 -58.89 -0.36 16.93
N MET A 290 -57.69 -0.77 17.35
CA MET A 290 -57.49 -2.16 17.67
C MET A 290 -58.48 -2.61 18.73
N ASP A 291 -58.62 -1.84 19.81
CA ASP A 291 -59.48 -2.24 20.92
C ASP A 291 -60.95 -1.97 20.75
N ASN A 292 -61.36 -0.90 20.06
CA ASN A 292 -62.77 -0.51 20.17
C ASN A 292 -63.47 -0.30 18.83
N ASP A 293 -62.85 -0.66 17.72
CA ASP A 293 -63.52 -0.37 16.48
C ASP A 293 -64.00 -1.68 15.85
N PRO A 294 -65.31 -1.93 15.84
CA PRO A 294 -65.81 -3.22 15.36
C PRO A 294 -65.37 -3.55 13.98
N THR A 295 -64.91 -2.57 13.19
CA THR A 295 -64.52 -2.82 11.81
C THR A 295 -63.00 -2.94 11.62
N HIS A 296 -62.20 -2.76 12.66
CA HIS A 296 -60.75 -2.83 12.55
C HIS A 296 -60.25 -4.25 12.75
N GLY A 297 -59.97 -4.95 11.65
CA GLY A 297 -59.36 -6.26 11.73
C GLY A 297 -58.17 -6.35 12.67
N PRO A 298 -57.05 -5.61 12.34
CA PRO A 298 -55.76 -5.77 13.04
C PRO A 298 -55.80 -6.01 14.54
N GLY A 299 -54.97 -6.92 15.00
CA GLY A 299 -55.14 -7.44 16.33
C GLY A 299 -56.00 -8.67 16.37
N PHE A 300 -56.51 -9.11 15.23
CA PHE A 300 -57.30 -10.33 15.16
C PHE A 300 -56.42 -11.55 15.41
N GLY A 301 -56.96 -12.52 16.12
CA GLY A 301 -56.23 -13.71 16.48
C GLY A 301 -57.20 -14.86 16.63
N PRO A 302 -56.79 -16.06 16.26
CA PRO A 302 -57.74 -17.15 16.18
C PRO A 302 -58.31 -17.57 17.52
N GLY A 303 -57.56 -17.40 18.61
CA GLY A 303 -57.96 -17.99 19.88
C GLY A 303 -57.77 -17.03 21.05
N ARG A 304 -58.21 -17.52 22.22
CA ARG A 304 -58.15 -16.81 23.50
C ARG A 304 -59.01 -15.55 23.43
N GLY A 305 -60.13 -15.64 22.73
CA GLY A 305 -61.09 -14.56 22.64
C GLY A 305 -60.70 -13.44 21.72
N ARG A 306 -59.58 -13.58 21.01
CA ARG A 306 -59.09 -12.54 20.11
C ARG A 306 -59.82 -12.52 18.77
N ALA A 307 -60.84 -13.34 18.60
CA ALA A 307 -61.68 -13.32 17.41
C ALA A 307 -63.04 -12.70 17.65
N ARG A 308 -63.19 -11.93 18.74
CA ARG A 308 -64.48 -11.35 19.11
C ARG A 308 -65.15 -10.65 17.93
N LYS A 309 -64.41 -9.83 17.16
CA LYS A 309 -65.03 -8.97 16.14
C LYS A 309 -65.49 -9.75 14.92
N PHE A 310 -64.82 -10.87 14.64
CA PHE A 310 -65.26 -11.77 13.60
C PHE A 310 -66.54 -12.47 14.00
N MET A 311 -66.61 -12.94 15.25
CA MET A 311 -67.78 -13.69 15.68
C MET A 311 -68.98 -12.77 15.88
N ASP A 312 -68.75 -11.56 16.36
CA ASP A 312 -69.85 -10.62 16.52
C ASP A 312 -70.55 -10.45 15.18
N LEU A 313 -69.77 -10.14 14.14
CA LEU A 313 -70.34 -9.99 12.82
C LEU A 313 -71.21 -11.17 12.42
N VAL A 314 -70.75 -12.39 12.70
CA VAL A 314 -71.41 -13.57 12.15
C VAL A 314 -72.64 -13.93 12.97
N GLU A 315 -72.55 -13.81 14.30
CA GLU A 315 -73.68 -14.11 15.18
C GLU A 315 -74.76 -13.04 15.12
N ARG A 316 -74.46 -11.89 14.52
CA ARG A 316 -75.47 -10.88 14.28
C ARG A 316 -76.23 -11.18 13.00
N ALA A 317 -75.55 -11.77 12.04
CA ALA A 317 -76.10 -12.03 10.72
C ALA A 317 -76.73 -13.41 10.60
N PHE A 318 -76.48 -14.31 11.54
CA PHE A 318 -76.97 -15.66 11.45
C PHE A 318 -77.96 -16.02 12.55
N ASP A 319 -78.02 -15.26 13.65
CA ASP A 319 -78.91 -15.47 14.79
C ASP A 319 -79.21 -16.95 15.08
N GLY A 320 -78.16 -17.74 15.33
CA GLY A 320 -78.31 -19.12 15.73
C GLY A 320 -78.48 -20.12 14.59
N ARG A 321 -78.69 -19.66 13.36
CA ARG A 321 -78.98 -20.55 12.23
C ARG A 321 -77.69 -20.91 11.49
N PHE A 322 -77.77 -21.93 10.63
CA PHE A 322 -76.64 -22.29 9.77
C PHE A 322 -76.70 -21.60 8.41
N SER A 323 -77.77 -20.86 8.15
CA SER A 323 -77.89 -20.04 6.98
C SER A 323 -78.70 -18.82 7.41
N THR A 324 -78.41 -17.63 6.81
CA THR A 324 -78.98 -16.40 7.36
C THR A 324 -80.51 -16.48 7.45
N PRO A 325 -81.13 -15.87 8.50
CA PRO A 325 -82.59 -15.90 8.65
C PRO A 325 -83.34 -15.16 7.54
N ASP A 326 -82.95 -13.91 7.25
CA ASP A 326 -83.36 -13.23 6.03
C ASP A 326 -82.55 -13.77 4.87
N GLY A 327 -82.83 -13.26 3.67
CA GLY A 327 -81.93 -13.67 2.63
C GLY A 327 -80.54 -13.08 2.75
N ALA A 328 -80.35 -12.11 3.65
CA ALA A 328 -79.21 -11.19 3.55
C ALA A 328 -77.90 -11.95 3.49
N ARG A 329 -77.08 -11.57 2.51
CA ARG A 329 -75.89 -12.33 2.18
C ARG A 329 -74.65 -11.77 2.89
N LEU A 330 -73.58 -12.59 2.90
CA LEU A 330 -72.25 -12.17 3.34
C LEU A 330 -71.32 -12.06 2.14
N ILE A 331 -70.48 -11.03 2.16
CA ILE A 331 -69.60 -10.68 1.05
C ILE A 331 -68.16 -10.77 1.51
N MET A 332 -67.30 -11.34 0.66
CA MET A 332 -65.91 -11.60 1.00
C MET A 332 -65.04 -11.12 -0.16
N SER A 333 -64.57 -9.87 -0.09
CA SER A 333 -64.00 -9.22 -1.26
C SER A 333 -62.60 -9.74 -1.58
N ASP A 334 -62.42 -10.20 -2.83
CA ASP A 334 -61.14 -10.65 -3.39
C ASP A 334 -60.58 -9.53 -4.26
N ILE A 335 -59.65 -8.76 -3.70
CA ILE A 335 -58.98 -7.70 -4.45
C ILE A 335 -57.57 -8.16 -4.78
N THR A 336 -57.21 -8.10 -6.07
CA THR A 336 -55.94 -8.62 -6.53
C THR A 336 -54.84 -7.59 -6.35
N LYS A 337 -53.69 -8.05 -5.84
CA LYS A 337 -52.53 -7.23 -5.51
C LYS A 337 -52.95 -5.93 -4.80
N TRP A 338 -53.53 -6.07 -3.61
CA TRP A 338 -53.91 -4.88 -2.85
C TRP A 338 -52.70 -3.99 -2.60
N ASP A 339 -51.62 -4.57 -2.08
CA ASP A 339 -50.44 -3.79 -1.73
C ASP A 339 -49.80 -3.10 -2.93
N ALA A 340 -49.91 -3.67 -4.13
CA ALA A 340 -49.28 -3.02 -5.27
C ALA A 340 -50.15 -1.94 -5.89
N ASN A 341 -51.48 -2.06 -5.75
CA ASN A 341 -52.42 -1.15 -6.38
C ASN A 341 -53.06 -0.18 -5.40
N MET A 342 -52.71 -0.25 -4.13
CA MET A 342 -53.00 0.84 -3.22
C MET A 342 -52.47 2.12 -3.83
N CYS A 343 -53.38 3.06 -4.13
CA CYS A 343 -53.01 4.23 -4.89
C CYS A 343 -52.69 5.38 -3.94
N GLU A 344 -52.43 6.55 -4.52
CA GLU A 344 -52.27 7.73 -3.68
C GLU A 344 -53.62 8.26 -3.21
N ALA A 345 -54.61 8.29 -4.10
CA ALA A 345 -55.93 8.81 -3.73
C ALA A 345 -56.43 8.22 -2.43
N LEU A 346 -56.37 6.87 -2.32
CA LEU A 346 -56.89 6.19 -1.15
C LEU A 346 -55.99 6.38 0.06
N ILE A 347 -54.66 6.25 -0.11
CA ILE A 347 -53.75 6.51 1.01
C ILE A 347 -54.07 7.86 1.62
N LYS A 348 -54.36 8.86 0.78
CA LYS A 348 -54.68 10.18 1.29
C LYS A 348 -55.93 10.16 2.16
N TYR A 349 -57.02 9.53 1.68
CA TYR A 349 -58.24 9.50 2.48
C TYR A 349 -58.01 8.78 3.80
N SER A 350 -57.20 7.71 3.77
CA SER A 350 -57.10 6.87 4.95
C SER A 350 -56.28 7.54 6.02
N ILE A 351 -55.13 8.10 5.65
CA ILE A 351 -54.30 8.65 6.71
C ILE A 351 -54.82 10.00 7.22
N ASP A 352 -55.44 10.81 6.35
CA ASP A 352 -56.10 12.02 6.81
C ASP A 352 -57.21 11.70 7.81
N LEU A 353 -58.03 10.68 7.52
CA LEU A 353 -59.06 10.29 8.46
C LEU A 353 -58.45 9.91 9.80
N LEU A 354 -57.30 9.22 9.79
CA LEU A 354 -56.67 8.76 11.02
C LEU A 354 -56.09 9.90 11.83
N GLU A 355 -55.60 10.93 11.15
CA GLU A 355 -55.10 12.08 11.88
C GLU A 355 -56.23 12.93 12.44
N ASP A 356 -57.41 12.97 11.82
CA ASP A 356 -58.53 13.67 12.44
C ASP A 356 -58.85 13.13 13.82
N ALA A 357 -58.86 11.80 13.96
CA ALA A 357 -59.22 11.17 15.22
C ALA A 357 -58.37 11.69 16.37
N VAL A 358 -57.14 12.13 16.09
CA VAL A 358 -56.27 12.66 17.13
C VAL A 358 -56.72 14.05 17.54
N ASP A 359 -56.86 14.26 18.84
CA ASP A 359 -57.23 15.56 19.40
C ASP A 359 -56.02 16.44 19.54
N LYS A 360 -55.87 17.39 18.63
CA LYS A 360 -54.79 18.34 18.77
C LYS A 360 -55.11 19.49 19.74
N SER A 361 -56.26 19.45 20.42
CA SER A 361 -56.81 20.67 20.99
C SER A 361 -56.08 21.13 22.24
N ALA A 362 -55.33 20.24 22.90
CA ALA A 362 -54.57 20.60 24.09
C ALA A 362 -53.16 21.09 23.78
N LEU A 363 -52.90 21.52 22.55
CA LEU A 363 -51.53 21.75 22.11
C LEU A 363 -51.22 23.23 22.04
N SER A 364 -50.02 23.58 22.53
CA SER A 364 -49.50 24.93 22.40
C SER A 364 -49.45 25.38 20.95
N PRO A 365 -49.39 26.69 20.72
CA PRO A 365 -49.12 27.18 19.36
C PRO A 365 -47.84 26.60 18.75
N GLU A 366 -46.76 26.54 19.54
CA GLU A 366 -45.56 25.85 19.10
C GLU A 366 -45.83 24.36 18.90
N GLY A 367 -46.66 23.77 19.77
CA GLY A 367 -46.86 22.34 19.73
C GLY A 367 -47.70 21.91 18.54
N LEU A 368 -48.83 22.59 18.35
CA LEU A 368 -49.63 22.48 17.12
C LEU A 368 -48.77 22.61 15.88
N ALA A 369 -48.03 23.71 15.76
CA ALA A 369 -47.16 23.92 14.62
C ALA A 369 -46.20 22.75 14.43
N THR A 370 -45.74 22.15 15.54
CA THR A 370 -44.72 21.11 15.42
C THR A 370 -45.33 19.81 14.91
N ARG A 371 -46.41 19.36 15.56
CA ARG A 371 -47.17 18.21 15.05
C ARG A 371 -47.53 18.41 13.58
N GLY A 372 -47.83 19.65 13.17
CA GLY A 372 -48.16 19.89 11.79
C GLY A 372 -47.04 19.52 10.84
N LEU A 373 -45.79 19.74 11.25
CA LEU A 373 -44.64 19.44 10.39
C LEU A 373 -44.32 17.96 10.43
N MET A 374 -44.38 17.35 11.60
CA MET A 374 -44.27 15.90 11.69
C MET A 374 -45.26 15.22 10.74
N TYR A 375 -46.54 15.60 10.82
CA TYR A 375 -47.53 14.93 9.97
C TYR A 375 -47.27 15.21 8.50
N ARG A 376 -46.78 16.41 8.16
CA ARG A 376 -46.52 16.69 6.75
C ARG A 376 -45.51 15.72 6.18
N VAL A 377 -44.43 15.45 6.93
CA VAL A 377 -43.38 14.52 6.51
C VAL A 377 -43.93 13.10 6.45
N ALA A 378 -44.64 12.69 7.50
CA ALA A 378 -45.14 11.31 7.57
C ALA A 378 -46.07 11.02 6.42
N ARG A 379 -46.94 11.99 6.10
CA ARG A 379 -47.83 11.86 4.97
C ARG A 379 -47.07 11.80 3.66
N ARG A 380 -46.07 12.66 3.52
CA ARG A 380 -45.25 12.64 2.31
C ARG A 380 -44.53 11.31 2.16
N GLN A 381 -43.88 10.85 3.22
CA GLN A 381 -43.14 9.60 3.11
C GLN A 381 -44.07 8.42 2.90
N LEU A 382 -45.34 8.56 3.30
CA LEU A 382 -46.34 7.54 3.00
C LEU A 382 -46.73 7.52 1.53
N LEU A 383 -46.71 8.66 0.86
CA LEU A 383 -47.17 8.76 -0.52
C LEU A 383 -46.05 8.62 -1.54
N GLU A 384 -44.79 8.69 -1.15
CA GLU A 384 -43.71 8.63 -2.14
C GLU A 384 -42.44 8.16 -1.45
N LYS A 385 -41.99 6.96 -1.79
CA LYS A 385 -40.93 6.28 -1.05
C LYS A 385 -39.69 6.18 -1.93
N LEU A 386 -38.51 6.27 -1.29
CA LEU A 386 -37.23 6.05 -1.96
C LEU A 386 -36.77 4.65 -1.61
N VAL A 387 -36.81 3.76 -2.60
CA VAL A 387 -36.65 2.33 -2.39
C VAL A 387 -35.44 1.88 -3.17
N GLU A 388 -34.65 0.97 -2.59
CA GLU A 388 -33.54 0.34 -3.30
C GLU A 388 -34.01 -0.98 -3.91
N HIS A 389 -34.31 -0.95 -5.22
CA HIS A 389 -34.75 -2.11 -5.99
C HIS A 389 -33.69 -3.21 -5.93
N PRO A 390 -34.10 -4.49 -6.04
CA PRO A 390 -33.12 -5.58 -5.97
C PRO A 390 -32.08 -5.56 -7.08
N ALA A 391 -32.16 -4.57 -7.97
CA ALA A 391 -31.04 -4.36 -8.86
C ALA A 391 -29.86 -3.71 -8.15
N GLY A 392 -30.06 -3.21 -6.93
CA GLY A 392 -29.06 -2.48 -6.18
C GLY A 392 -29.09 -0.98 -6.34
N TYR A 393 -29.99 -0.44 -7.15
CA TYR A 393 -30.05 0.98 -7.44
C TYR A 393 -31.31 1.60 -6.83
N PHE A 394 -31.30 2.92 -6.71
CA PHE A 394 -32.39 3.61 -6.06
C PHE A 394 -33.50 3.92 -7.04
N VAL A 395 -34.73 3.91 -6.54
CA VAL A 395 -35.93 4.03 -7.35
C VAL A 395 -36.97 4.83 -6.58
N LYS A 396 -37.65 5.76 -7.27
CA LYS A 396 -38.78 6.49 -6.71
C LYS A 396 -40.06 5.68 -6.96
N LEU A 397 -40.84 5.49 -5.91
CA LEU A 397 -42.08 4.72 -5.96
C LEU A 397 -43.15 5.62 -5.40
N TYR A 398 -44.22 5.85 -6.19
CA TYR A 398 -45.25 6.81 -5.82
C TYR A 398 -46.47 6.06 -5.28
N GLY A 399 -46.34 5.62 -4.03
CA GLY A 399 -47.53 5.25 -3.30
C GLY A 399 -47.98 3.85 -3.57
N CYS A 400 -47.45 2.93 -2.80
CA CYS A 400 -48.05 1.61 -2.69
C CYS A 400 -48.09 1.32 -1.20
N MET A 401 -48.44 0.12 -0.79
CA MET A 401 -48.50 -0.17 0.64
C MET A 401 -47.99 -1.58 0.95
N PRO A 402 -46.72 -1.85 0.71
CA PRO A 402 -46.20 -3.19 0.97
C PRO A 402 -45.88 -3.35 2.43
N SER A 403 -45.85 -4.62 2.86
CA SER A 403 -45.66 -4.93 4.26
C SER A 403 -44.29 -4.47 4.71
N GLY A 404 -44.22 -4.00 5.95
CA GLY A 404 -42.97 -3.52 6.51
C GLY A 404 -42.99 -2.07 6.94
N SER A 405 -44.08 -1.35 6.72
CA SER A 405 -44.30 -0.03 7.28
C SER A 405 -45.18 -0.15 8.51
N PHE A 406 -44.98 0.76 9.45
CA PHE A 406 -45.86 0.83 10.61
C PHE A 406 -47.31 0.96 10.18
N TYR A 407 -47.54 1.52 9.00
CA TYR A 407 -48.87 1.85 8.53
C TYR A 407 -49.53 0.74 7.74
N THR A 408 -48.82 -0.34 7.40
CA THR A 408 -49.31 -1.26 6.37
C THR A 408 -50.66 -1.85 6.74
N SER A 409 -50.84 -2.30 7.99
CA SER A 409 -52.17 -2.77 8.37
C SER A 409 -53.09 -1.60 8.65
N LEU A 410 -52.61 -0.61 9.39
CA LEU A 410 -53.46 0.51 9.78
C LEU A 410 -54.06 1.19 8.57
N VAL A 411 -53.25 1.53 7.59
CA VAL A 411 -53.79 2.30 6.47
C VAL A 411 -54.54 1.39 5.50
N ASN A 412 -54.04 0.17 5.23
CA ASN A 412 -54.74 -0.70 4.30
C ASN A 412 -56.12 -1.11 4.84
N THR A 413 -56.24 -1.27 6.15
CA THR A 413 -57.54 -1.57 6.72
C THR A 413 -58.48 -0.37 6.58
N THR A 414 -58.07 0.80 7.11
CA THR A 414 -58.89 1.99 6.98
C THR A 414 -59.29 2.26 5.53
N GLY A 415 -58.46 1.82 4.60
CA GLY A 415 -58.70 2.05 3.19
C GLY A 415 -59.78 1.14 2.64
N ASN A 416 -59.68 -0.16 2.90
CA ASN A 416 -60.71 -1.07 2.41
C ASN A 416 -62.07 -0.77 3.05
N ASN A 417 -62.08 -0.31 4.29
CA ASN A 417 -63.34 0.05 4.92
C ASN A 417 -63.94 1.30 4.26
N LEU A 418 -63.12 2.33 4.04
CA LEU A 418 -63.63 3.50 3.33
C LEU A 418 -64.10 3.14 1.92
N LEU A 419 -63.50 2.14 1.28
CA LEU A 419 -63.94 1.79 -0.07
C LEU A 419 -65.37 1.27 -0.08
N VAL A 420 -65.75 0.48 0.92
CA VAL A 420 -67.07 -0.12 0.82
C VAL A 420 -68.13 0.82 1.37
N ILE A 421 -67.81 1.59 2.41
CA ILE A 421 -68.76 2.60 2.83
C ILE A 421 -68.85 3.69 1.77
N GLY A 422 -67.72 4.02 1.16
CA GLY A 422 -67.75 4.98 0.06
C GLY A 422 -68.53 4.47 -1.13
N HIS A 423 -68.33 3.21 -1.52
CA HIS A 423 -69.08 2.68 -2.66
C HIS A 423 -70.56 2.71 -2.38
N ALA A 424 -70.96 2.42 -1.14
CA ALA A 424 -72.37 2.31 -0.82
C ALA A 424 -73.03 3.67 -0.72
N ILE A 425 -72.32 4.65 -0.17
CA ILE A 425 -72.84 6.02 -0.22
C ILE A 425 -73.01 6.49 -1.67
N ALA A 426 -72.07 6.13 -2.53
CA ALA A 426 -72.14 6.58 -3.91
C ALA A 426 -73.29 5.94 -4.68
N ARG A 427 -73.61 4.68 -4.36
CA ARG A 427 -74.80 4.07 -4.93
C ARG A 427 -76.05 4.74 -4.41
N ALA A 428 -76.18 4.81 -3.08
CA ALA A 428 -77.37 5.38 -2.45
C ALA A 428 -77.73 6.74 -3.05
N VAL A 429 -76.72 7.59 -3.31
CA VAL A 429 -76.99 8.93 -3.78
C VAL A 429 -77.56 8.89 -5.19
N GLU A 430 -76.92 8.13 -6.06
CA GLU A 430 -77.37 8.07 -7.43
C GLU A 430 -78.64 7.23 -7.62
N GLU A 431 -78.86 6.15 -6.84
CA GLU A 431 -79.94 5.21 -7.10
C GLU A 431 -81.20 5.44 -6.27
N THR A 432 -81.14 6.21 -5.19
CA THR A 432 -82.32 6.54 -4.40
C THR A 432 -82.40 8.04 -4.15
N SER A 433 -83.36 8.44 -3.30
CA SER A 433 -83.56 9.83 -2.94
C SER A 433 -82.72 10.26 -1.75
N LEU A 434 -81.76 9.43 -1.35
CA LEU A 434 -80.89 9.76 -0.22
C LEU A 434 -79.88 10.82 -0.60
N THR A 435 -79.60 11.70 0.34
CA THR A 435 -78.56 12.69 0.17
C THR A 435 -77.22 12.06 0.53
N HIS A 436 -76.13 12.81 0.36
CA HIS A 436 -74.84 12.37 0.91
C HIS A 436 -74.91 12.24 2.41
N HIS A 437 -75.35 13.30 3.10
CA HIS A 437 -75.55 13.24 4.54
C HIS A 437 -76.57 12.19 4.93
N GLY A 438 -77.66 12.09 4.17
CA GLY A 438 -78.70 11.11 4.49
C GLY A 438 -78.15 9.70 4.60
N ALA A 439 -77.39 9.27 3.59
CA ALA A 439 -76.82 7.91 3.58
C ALA A 439 -75.75 7.75 4.66
N ALA A 440 -74.82 8.72 4.77
CA ALA A 440 -73.79 8.66 5.80
C ALA A 440 -74.37 8.52 7.20
N GLU A 441 -75.59 9.03 7.41
CA GLU A 441 -76.26 8.92 8.69
C GLU A 441 -76.76 7.50 8.94
N LEU A 442 -77.28 6.85 7.90
CA LEU A 442 -77.83 5.50 8.05
C LEU A 442 -76.72 4.46 8.23
N LEU A 443 -75.59 4.68 7.57
CA LEU A 443 -74.48 3.73 7.64
C LEU A 443 -73.74 3.83 8.96
N ALA A 444 -73.64 5.01 9.55
CA ALA A 444 -72.97 5.15 10.85
C ALA A 444 -73.69 4.34 11.94
N ASP A 445 -75.01 4.17 11.82
CA ASP A 445 -75.75 3.27 12.70
C ASP A 445 -75.62 1.82 12.27
N ALA A 446 -75.42 1.59 10.98
CA ALA A 446 -75.46 0.25 10.43
C ALA A 446 -74.13 -0.47 10.65
N VAL A 447 -73.02 0.21 10.33
CA VAL A 447 -71.73 -0.44 10.19
C VAL A 447 -71.20 -1.03 11.50
N ASP A 448 -71.65 -0.55 12.65
CA ASP A 448 -71.32 -1.25 13.88
C ASP A 448 -71.86 -2.67 13.82
N GLY A 449 -70.98 -3.62 13.48
CA GLY A 449 -71.31 -5.02 13.50
C GLY A 449 -71.64 -5.67 12.17
N THR A 450 -71.45 -4.98 11.04
CA THR A 450 -71.79 -5.55 9.75
C THR A 450 -70.64 -5.50 8.75
N LEU A 451 -69.45 -5.10 9.18
CA LEU A 451 -68.28 -4.93 8.32
C LEU A 451 -67.02 -5.13 9.15
N ILE A 452 -66.00 -5.75 8.54
CA ILE A 452 -64.72 -5.96 9.17
C ILE A 452 -63.65 -6.20 8.09
N SER A 453 -62.51 -5.51 8.22
CA SER A 453 -61.43 -5.61 7.26
C SER A 453 -60.09 -5.69 7.99
N TYR A 454 -59.15 -6.49 7.43
CA TYR A 454 -57.80 -6.63 7.92
C TYR A 454 -56.91 -6.53 6.70
N GLY A 455 -56.75 -5.30 6.18
CA GLY A 455 -56.03 -5.09 4.94
C GLY A 455 -56.94 -5.50 3.81
N ASP A 456 -56.42 -6.17 2.79
CA ASP A 456 -57.30 -6.59 1.71
C ASP A 456 -58.32 -7.62 2.15
N ASN A 457 -58.17 -8.22 3.34
CA ASN A 457 -59.14 -9.18 3.85
C ASN A 457 -60.40 -8.49 4.32
N GLN A 458 -61.53 -8.77 3.68
CA GLN A 458 -62.72 -8.01 4.01
C GLN A 458 -63.92 -8.93 4.05
N LEU A 459 -64.79 -8.70 5.05
CA LEU A 459 -66.04 -9.43 5.23
C LEU A 459 -67.12 -8.45 5.69
N PHE A 460 -68.23 -8.38 4.96
CA PHE A 460 -69.36 -7.56 5.40
C PHE A 460 -70.69 -8.23 5.06
N SER A 461 -71.72 -7.88 5.83
CA SER A 461 -73.09 -8.35 5.61
C SER A 461 -73.82 -7.39 4.68
N GLU A 462 -74.64 -7.96 3.79
CA GLU A 462 -75.51 -7.20 2.89
C GLU A 462 -76.44 -6.24 3.61
N HIS A 463 -76.68 -6.44 4.92
CA HIS A 463 -77.42 -5.47 5.73
C HIS A 463 -76.88 -4.05 5.60
N LEU A 464 -75.58 -3.90 5.33
CA LEU A 464 -75.05 -2.59 5.00
C LEU A 464 -75.87 -1.96 3.90
N PHE A 465 -75.98 -2.66 2.77
CA PHE A 465 -76.71 -2.13 1.63
C PHE A 465 -78.22 -2.16 1.83
N SER A 466 -78.73 -2.98 2.76
CA SER A 466 -80.17 -3.02 3.02
C SER A 466 -80.68 -1.71 3.60
N VAL A 467 -80.02 -1.18 4.63
CA VAL A 467 -80.50 0.04 5.27
C VAL A 467 -80.47 1.24 4.32
N LEU A 468 -79.99 1.03 3.09
CA LEU A 468 -80.08 1.97 1.99
C LEU A 468 -81.16 1.59 0.99
N GLY A 469 -81.81 0.45 1.17
CA GLY A 469 -82.73 -0.07 0.19
C GLY A 469 -82.07 -0.50 -1.09
N LEU A 470 -80.96 -1.22 -0.99
CA LEU A 470 -80.27 -1.75 -2.16
C LEU A 470 -79.84 -3.19 -1.87
N ALA A 471 -79.59 -3.94 -2.95
CA ALA A 471 -78.96 -5.24 -2.84
C ALA A 471 -77.53 -5.11 -3.30
N TYR A 472 -76.64 -5.87 -2.69
CA TYR A 472 -75.24 -5.82 -3.09
C TYR A 472 -75.09 -6.26 -4.56
N ASP A 473 -74.48 -5.40 -5.37
CA ASP A 473 -74.12 -5.73 -6.73
C ASP A 473 -72.62 -5.90 -6.82
N PRO A 474 -72.08 -7.11 -6.99
CA PRO A 474 -70.62 -7.24 -7.12
C PRO A 474 -70.10 -6.60 -8.38
N GLU A 475 -70.99 -6.15 -9.27
CA GLU A 475 -70.57 -5.52 -10.52
C GLU A 475 -70.41 -4.02 -10.36
N LYS A 476 -71.40 -3.36 -9.75
CA LYS A 476 -71.27 -1.96 -9.40
C LYS A 476 -70.14 -1.75 -8.40
N HIS A 477 -69.89 -2.77 -7.56
CA HIS A 477 -68.81 -2.68 -6.57
C HIS A 477 -67.44 -2.72 -7.23
N ALA A 478 -67.26 -3.59 -8.23
CA ALA A 478 -65.96 -3.65 -8.88
C ALA A 478 -65.70 -2.38 -9.66
N GLU A 479 -66.75 -1.78 -10.22
CA GLU A 479 -66.60 -0.50 -10.88
C GLU A 479 -66.08 0.56 -9.93
N PHE A 480 -66.62 0.60 -8.71
CA PHE A 480 -66.16 1.62 -7.78
C PHE A 480 -64.66 1.46 -7.53
N LEU A 481 -64.22 0.26 -7.15
CA LEU A 481 -62.79 0.07 -6.91
C LEU A 481 -61.98 0.17 -8.18
N ALA A 482 -62.63 0.06 -9.35
CA ALA A 482 -61.94 0.42 -10.59
C ALA A 482 -61.51 1.87 -10.60
N ARG A 483 -62.36 2.77 -10.08
CA ARG A 483 -62.03 4.20 -10.00
C ARG A 483 -60.75 4.50 -9.22
N PHE A 484 -60.27 3.54 -8.42
CA PHE A 484 -59.08 3.68 -7.58
C PHE A 484 -57.93 2.80 -8.04
N GLY A 485 -58.08 2.14 -9.18
CA GLY A 485 -57.03 1.25 -9.65
C GLY A 485 -57.02 -0.14 -9.05
N MET A 486 -58.12 -0.60 -8.45
CA MET A 486 -58.22 -1.94 -7.85
C MET A 486 -59.10 -2.88 -8.65
N LYS A 487 -58.67 -4.14 -8.75
CA LYS A 487 -59.39 -5.14 -9.52
C LYS A 487 -60.10 -6.05 -8.54
N LEU A 488 -61.42 -5.90 -8.43
CA LEU A 488 -62.23 -6.85 -7.67
C LEU A 488 -62.56 -8.01 -8.60
N LYS A 489 -62.06 -9.20 -8.29
CA LYS A 489 -62.37 -10.42 -9.06
C LYS A 489 -63.79 -10.82 -8.72
N VAL A 490 -64.76 -10.50 -9.58
CA VAL A 490 -66.15 -10.84 -9.26
C VAL A 490 -66.35 -12.34 -9.21
N ASP A 491 -65.58 -13.09 -10.01
CA ASP A 491 -65.68 -14.55 -10.01
C ASP A 491 -65.27 -15.17 -8.66
N GLU A 492 -64.30 -14.57 -7.96
CA GLU A 492 -63.82 -15.08 -6.68
C GLU A 492 -64.36 -14.34 -5.47
N THR A 493 -65.03 -13.20 -5.64
CA THR A 493 -65.67 -12.55 -4.51
C THR A 493 -66.84 -13.43 -4.09
N GLU A 494 -66.60 -14.21 -3.04
CA GLU A 494 -67.61 -15.12 -2.54
C GLU A 494 -68.77 -14.32 -1.95
N VAL A 495 -69.95 -14.54 -2.48
CA VAL A 495 -71.19 -14.12 -1.83
C VAL A 495 -71.94 -15.39 -1.47
N THR A 496 -72.39 -15.49 -0.21
CA THR A 496 -73.21 -16.63 0.19
C THR A 496 -74.08 -16.25 1.36
N VAL A 497 -74.90 -17.22 1.72
CA VAL A 497 -75.68 -17.25 2.94
C VAL A 497 -75.34 -18.43 3.83
N LYS A 498 -74.39 -19.26 3.43
CA LYS A 498 -74.09 -20.48 4.15
C LYS A 498 -72.94 -20.24 5.14
N LEU A 499 -73.20 -20.51 6.43
CA LEU A 499 -72.17 -20.30 7.46
C LEU A 499 -70.87 -20.99 7.09
N GLY A 500 -70.95 -22.12 6.39
CA GLY A 500 -69.77 -22.88 6.02
C GLY A 500 -68.88 -22.22 4.99
N ARG A 501 -69.38 -21.21 4.26
CA ARG A 501 -68.53 -20.50 3.32
C ARG A 501 -68.16 -19.12 3.81
N VAL A 502 -68.58 -18.74 5.02
CA VAL A 502 -68.13 -17.48 5.62
C VAL A 502 -66.72 -17.65 6.14
N ARG A 503 -65.81 -16.75 5.73
CA ARG A 503 -64.39 -16.87 6.05
C ARG A 503 -63.74 -15.49 6.17
N PHE A 504 -63.09 -15.24 7.30
CA PHE A 504 -62.29 -14.05 7.55
C PHE A 504 -60.87 -14.48 7.92
N CYS A 505 -59.87 -13.94 7.19
CA CYS A 505 -58.46 -14.22 7.48
C CYS A 505 -58.15 -15.70 7.54
N SER A 506 -58.67 -16.44 6.56
CA SER A 506 -58.47 -17.88 6.41
C SER A 506 -59.17 -18.69 7.48
N ARG A 507 -59.92 -18.08 8.38
CA ARG A 507 -60.57 -18.82 9.44
C ARG A 507 -62.06 -18.96 9.16
N SER A 508 -62.59 -20.14 9.46
CA SER A 508 -63.99 -20.46 9.29
C SER A 508 -64.64 -20.53 10.68
N LEU A 509 -65.95 -20.65 10.69
CA LEU A 509 -66.70 -20.77 11.92
C LEU A 509 -67.65 -21.93 11.73
N VAL A 510 -67.68 -22.86 12.68
CA VAL A 510 -68.60 -23.98 12.65
C VAL A 510 -69.52 -23.88 13.88
N ARG A 511 -70.82 -23.90 13.63
CA ARG A 511 -71.80 -23.88 14.71
C ARG A 511 -71.94 -25.28 15.28
N THR A 512 -71.49 -25.46 16.50
CA THR A 512 -71.78 -26.68 17.21
C THR A 512 -73.08 -26.54 17.96
N PRO A 513 -73.62 -27.66 18.45
CA PRO A 513 -74.86 -27.60 19.22
C PRO A 513 -74.84 -26.62 20.37
N HIS A 514 -73.67 -26.28 20.93
CA HIS A 514 -73.60 -25.40 22.07
C HIS A 514 -72.77 -24.14 21.83
N GLY A 515 -72.62 -23.69 20.59
CA GLY A 515 -71.83 -22.49 20.37
C GLY A 515 -70.96 -22.58 19.13
N LEU A 516 -70.39 -21.42 18.79
CA LEU A 516 -69.61 -21.24 17.57
C LEU A 516 -68.17 -21.58 17.86
N LEU A 517 -67.45 -22.06 16.85
CA LEU A 517 -66.10 -22.58 17.08
C LEU A 517 -65.24 -22.20 15.89
N ILE A 518 -64.08 -21.64 16.14
CA ILE A 518 -63.22 -21.23 15.03
C ILE A 518 -62.38 -22.40 14.51
N THR A 519 -62.04 -22.34 13.23
CA THR A 519 -61.33 -23.42 12.59
C THR A 519 -60.61 -22.86 11.36
N ARG A 520 -59.87 -23.72 10.65
CA ARG A 520 -59.08 -23.39 9.48
C ARG A 520 -59.16 -24.54 8.48
N SER A 521 -59.14 -24.21 7.18
CA SER A 521 -59.18 -25.19 6.09
C SER A 521 -58.15 -26.30 6.28
N HIS A 522 -58.35 -27.43 5.59
CA HIS A 522 -57.33 -28.47 5.58
C HIS A 522 -56.19 -28.18 4.59
N ASN A 523 -56.50 -27.46 3.49
CA ASN A 523 -55.50 -27.06 2.51
C ASN A 523 -54.33 -26.35 3.15
N SER A 524 -54.65 -25.27 3.86
CA SER A 524 -53.60 -24.45 4.45
C SER A 524 -52.59 -25.33 5.18
N LEU A 525 -53.04 -26.20 6.12
CA LEU A 525 -52.12 -27.14 6.77
C LEU A 525 -51.29 -27.91 5.75
N PHE A 526 -51.95 -28.69 4.89
CA PHE A 526 -51.21 -29.57 4.00
C PHE A 526 -50.26 -28.82 3.08
N ALA A 527 -50.48 -27.54 2.82
CA ALA A 527 -49.53 -26.81 2.00
C ALA A 527 -48.40 -26.22 2.82
N LYS A 528 -48.61 -26.00 4.10
CA LYS A 528 -47.58 -25.43 4.94
C LYS A 528 -46.60 -26.51 5.39
N LEU A 529 -47.14 -27.68 5.69
CA LEU A 529 -46.34 -28.84 6.03
C LEU A 529 -45.58 -29.33 4.82
N ALA A 530 -46.23 -29.26 3.65
CA ALA A 530 -45.59 -29.66 2.41
C ALA A 530 -44.49 -28.70 2.00
N GLY A 531 -44.56 -27.45 2.44
CA GLY A 531 -43.53 -26.47 2.15
C GLY A 531 -42.47 -26.28 3.23
N ARG A 532 -42.66 -26.79 4.42
CA ARG A 532 -41.69 -26.55 5.48
C ARG A 532 -40.35 -27.16 5.05
N PRO A 533 -39.26 -26.40 4.93
CA PRO A 533 -37.96 -26.98 4.58
C PRO A 533 -37.25 -27.54 5.81
N ARG A 534 -36.22 -28.35 5.55
CA ARG A 534 -35.53 -29.07 6.61
C ARG A 534 -34.85 -28.09 7.56
N HIS A 535 -35.25 -28.11 8.83
CA HIS A 535 -34.60 -27.45 9.95
C HIS A 535 -34.19 -28.57 10.93
N ASP A 536 -33.53 -28.22 12.04
CA ASP A 536 -33.19 -29.24 13.04
C ASP A 536 -34.46 -30.00 13.43
N PRO A 537 -34.45 -31.34 13.44
CA PRO A 537 -35.71 -32.08 13.65
C PRO A 537 -36.47 -31.62 14.87
N VAL A 538 -35.80 -31.03 15.86
CA VAL A 538 -36.51 -30.44 16.98
C VAL A 538 -37.33 -29.24 16.53
N VAL A 539 -36.70 -28.27 15.85
CA VAL A 539 -37.43 -27.09 15.38
C VAL A 539 -38.55 -27.50 14.43
N ASP A 540 -38.36 -28.57 13.65
CA ASP A 540 -39.47 -29.04 12.84
C ASP A 540 -40.53 -29.71 13.67
N LYS A 541 -40.16 -30.42 14.74
CA LYS A 541 -41.18 -30.89 15.66
C LYS A 541 -41.96 -29.71 16.28
N LEU A 542 -41.25 -28.64 16.68
CA LEU A 542 -41.93 -27.46 17.20
C LEU A 542 -42.89 -26.91 16.17
N TYR A 543 -42.51 -26.93 14.89
CA TYR A 543 -43.40 -26.39 13.87
C TYR A 543 -44.73 -27.13 13.86
N VAL A 544 -44.69 -28.46 13.79
CA VAL A 544 -45.94 -29.22 13.82
C VAL A 544 -46.77 -28.85 15.03
N ARG A 545 -46.13 -28.61 16.18
CA ARG A 545 -46.88 -28.25 17.36
C ARG A 545 -47.40 -26.82 17.30
N ALA A 546 -46.70 -25.94 16.60
CA ALA A 546 -47.26 -24.61 16.42
C ALA A 546 -48.48 -24.67 15.50
N MET A 547 -48.44 -25.53 14.47
CA MET A 547 -49.61 -25.78 13.64
C MET A 547 -50.77 -26.31 14.49
N MET A 548 -50.49 -27.28 15.36
CA MET A 548 -51.52 -27.89 16.20
C MET A 548 -52.24 -26.83 17.03
N VAL A 549 -51.48 -25.91 17.61
CA VAL A 549 -52.04 -24.78 18.33
C VAL A 549 -52.87 -23.89 17.40
N ASP A 550 -52.36 -23.64 16.19
CA ASP A 550 -53.08 -22.79 15.25
C ASP A 550 -54.49 -23.29 14.99
N HIS A 551 -54.67 -24.60 14.96
CA HIS A 551 -55.95 -25.17 14.61
C HIS A 551 -56.82 -25.44 15.83
N MET A 552 -56.33 -25.09 17.02
CA MET A 552 -57.07 -25.23 18.27
C MET A 552 -57.88 -26.50 18.38
N GLY A 553 -57.33 -27.62 17.91
CA GLY A 553 -57.98 -28.92 17.99
C GLY A 553 -59.48 -29.00 17.72
N THR A 554 -60.01 -28.07 16.93
CA THR A 554 -61.43 -28.14 16.58
C THR A 554 -61.68 -29.34 15.68
N ASP A 555 -60.97 -29.41 14.57
CA ASP A 555 -61.10 -30.55 13.66
C ASP A 555 -60.41 -31.77 14.22
N PRO A 556 -61.12 -32.89 14.42
CA PRO A 556 -60.45 -34.10 14.90
C PRO A 556 -59.75 -34.84 13.77
N ILE A 557 -60.08 -34.54 12.52
CA ILE A 557 -59.27 -35.01 11.42
C ILE A 557 -57.90 -34.34 11.45
N VAL A 558 -57.88 -33.01 11.57
CA VAL A 558 -56.62 -32.29 11.56
C VAL A 558 -55.78 -32.68 12.78
N TYR A 559 -56.42 -32.84 13.94
CA TYR A 559 -55.67 -33.25 15.12
C TYR A 559 -55.11 -34.65 14.94
N ALA A 560 -55.93 -35.56 14.41
CA ALA A 560 -55.45 -36.90 14.13
C ALA A 560 -54.23 -36.87 13.21
N ILE A 561 -54.29 -36.08 12.13
CA ILE A 561 -53.18 -36.00 11.19
C ILE A 561 -51.94 -35.45 11.88
N LEU A 562 -52.09 -34.31 12.53
CA LEU A 562 -50.95 -33.65 13.17
C LEU A 562 -50.36 -34.50 14.29
N ASN A 563 -51.20 -35.14 15.10
CA ASN A 563 -50.70 -36.02 16.15
C ASN A 563 -49.80 -37.12 15.60
N GLU A 564 -50.21 -37.76 14.49
CA GLU A 564 -49.34 -38.72 13.80
C GLU A 564 -48.01 -38.09 13.43
N ILE A 565 -48.03 -37.00 12.65
CA ILE A 565 -46.77 -36.35 12.32
C ILE A 565 -45.95 -36.07 13.57
N ASP A 566 -46.59 -35.47 14.58
CA ASP A 566 -45.85 -35.16 15.81
C ASP A 566 -45.15 -36.41 16.33
N ARG A 567 -45.89 -37.52 16.47
CA ARG A 567 -45.34 -38.73 17.05
C ARG A 567 -44.25 -39.33 16.18
N SER A 568 -44.36 -39.18 14.86
CA SER A 568 -43.35 -39.73 13.97
C SER A 568 -42.00 -39.06 14.16
N LEU A 569 -41.97 -37.81 14.64
CA LEU A 569 -40.71 -37.09 14.92
C LEU A 569 -40.29 -37.38 16.34
N ASN A 570 -39.46 -38.43 16.49
CA ASN A 570 -39.05 -38.96 17.79
C ASN A 570 -37.86 -38.24 18.41
N VAL A 571 -37.98 -36.93 18.57
CA VAL A 571 -36.94 -36.21 19.31
C VAL A 571 -37.56 -35.75 20.61
N SER A 572 -36.83 -35.04 21.44
CA SER A 572 -37.37 -34.60 22.73
C SER A 572 -37.33 -33.08 22.77
N LEU A 573 -38.52 -32.49 22.82
CA LEU A 573 -38.58 -31.06 22.92
C LEU A 573 -38.16 -30.57 24.30
N GLU A 574 -37.82 -31.46 25.23
CA GLU A 574 -37.53 -31.02 26.57
C GLU A 574 -36.22 -30.28 26.60
N ALA A 575 -36.22 -29.12 27.26
CA ALA A 575 -35.00 -28.34 27.44
C ALA A 575 -34.35 -28.04 26.11
N ALA A 576 -35.19 -27.81 25.11
CA ALA A 576 -34.69 -27.50 23.80
C ALA A 576 -34.12 -26.09 23.81
N GLY A 577 -33.11 -25.88 22.97
CA GLY A 577 -32.38 -24.63 23.02
C GLY A 577 -33.09 -23.56 22.21
N LEU A 578 -33.02 -22.32 22.72
CA LEU A 578 -33.49 -21.18 21.95
C LEU A 578 -32.54 -20.86 20.81
N THR A 579 -32.40 -21.78 19.86
CA THR A 579 -31.82 -21.47 18.57
C THR A 579 -32.62 -20.33 17.93
N ASP A 580 -32.11 -19.78 16.84
CA ASP A 580 -32.87 -18.71 16.19
C ASP A 580 -34.10 -19.26 15.49
N ALA A 581 -34.01 -20.45 14.88
CA ALA A 581 -35.18 -21.04 14.23
C ALA A 581 -36.26 -21.41 15.23
N ALA A 582 -35.89 -21.96 16.39
CA ALA A 582 -36.90 -22.25 17.40
C ALA A 582 -37.55 -20.98 17.94
N LYS A 583 -36.79 -19.89 18.08
CA LYS A 583 -37.38 -18.64 18.55
C LYS A 583 -38.35 -18.08 17.55
N LYS A 584 -38.11 -18.29 16.25
CA LYS A 584 -39.08 -17.90 15.25
C LYS A 584 -40.41 -18.59 15.45
N VAL A 585 -40.38 -19.90 15.73
CA VAL A 585 -41.63 -20.61 15.89
C VAL A 585 -42.38 -20.09 17.10
N LEU A 586 -41.66 -19.90 18.21
CA LEU A 586 -42.32 -19.40 19.40
C LEU A 586 -42.88 -18.00 19.18
N GLU A 587 -42.11 -17.12 18.53
CA GLU A 587 -42.56 -15.75 18.37
C GLU A 587 -43.89 -15.67 17.63
N ASP A 588 -44.06 -16.46 16.55
CA ASP A 588 -45.28 -16.38 15.76
C ASP A 588 -46.50 -16.83 16.52
N THR A 589 -46.43 -18.02 17.12
CA THR A 589 -47.48 -18.49 18.01
C THR A 589 -47.76 -17.54 19.16
N ALA A 590 -46.76 -16.84 19.69
CA ALA A 590 -47.06 -15.85 20.70
C ALA A 590 -47.65 -14.60 20.11
N GLN A 591 -47.54 -14.40 18.80
CA GLN A 591 -48.26 -13.26 18.28
C GLN A 591 -49.71 -13.60 18.01
N SER A 592 -50.02 -14.82 17.55
CA SER A 592 -51.42 -15.05 17.21
C SER A 592 -52.21 -15.35 18.47
N MET A 593 -51.59 -15.94 19.48
CA MET A 593 -52.39 -16.27 20.65
C MET A 593 -52.31 -15.24 21.77
N PHE A 594 -51.22 -14.50 21.87
CA PHE A 594 -51.12 -13.52 22.94
C PHE A 594 -51.24 -12.10 22.44
N GLY A 595 -50.87 -11.87 21.18
CA GLY A 595 -50.76 -10.54 20.66
C GLY A 595 -49.39 -9.92 20.79
N ASN A 596 -48.65 -10.23 21.86
CA ASN A 596 -47.29 -9.72 22.06
C ASN A 596 -46.28 -10.82 21.75
N ARG A 597 -45.20 -10.48 21.07
CA ARG A 597 -44.08 -11.43 21.00
C ARG A 597 -43.09 -11.24 22.17
N GLU A 598 -43.60 -10.75 23.31
CA GLU A 598 -42.89 -10.43 24.55
C GLU A 598 -42.29 -11.71 25.19
N GLN A 599 -41.44 -11.52 26.21
CA GLN A 599 -40.75 -12.67 26.78
C GLN A 599 -41.71 -13.62 27.48
N ASP A 600 -42.42 -13.12 28.48
CA ASP A 600 -43.36 -13.94 29.24
C ASP A 600 -44.45 -14.57 28.38
N ALA A 601 -44.64 -14.11 27.14
CA ALA A 601 -45.49 -14.84 26.22
C ALA A 601 -44.71 -15.93 25.49
N LEU A 602 -43.49 -15.62 25.03
CA LEU A 602 -42.63 -16.64 24.44
C LEU A 602 -42.44 -17.80 25.40
N LEU A 603 -42.27 -17.51 26.68
CA LEU A 603 -42.10 -18.57 27.67
C LEU A 603 -43.35 -19.40 27.83
N ALA A 604 -44.50 -18.74 27.90
CA ALA A 604 -45.76 -19.45 27.99
C ALA A 604 -45.92 -20.44 26.86
N VAL A 605 -45.53 -20.01 25.65
CA VAL A 605 -45.65 -20.83 24.44
C VAL A 605 -44.58 -21.91 24.42
N TYR A 606 -43.39 -21.59 24.92
CA TYR A 606 -42.31 -22.59 25.00
C TYR A 606 -42.70 -23.72 25.94
N ARG A 607 -43.11 -23.37 27.16
CA ARG A 607 -43.52 -24.39 28.11
C ARG A 607 -44.67 -25.21 27.54
N ALA A 608 -45.59 -24.59 26.83
CA ALA A 608 -46.73 -25.32 26.28
C ALA A 608 -46.29 -26.35 25.25
N LEU A 609 -45.50 -25.91 24.27
CA LEU A 609 -45.13 -26.77 23.15
C LEU A 609 -44.09 -27.80 23.53
N SER A 610 -43.30 -27.54 24.57
CA SER A 610 -42.25 -28.47 24.94
C SER A 610 -42.68 -29.40 26.08
N GLU A 611 -43.87 -29.96 25.92
CA GLU A 611 -44.38 -30.99 26.81
C GLU A 611 -44.43 -32.30 26.04
N THR A 612 -44.42 -33.43 26.75
CA THR A 612 -44.21 -34.76 26.13
C THR A 612 -45.27 -35.08 25.07
N VAL A 613 -46.55 -34.82 25.35
CA VAL A 613 -47.59 -34.81 24.33
C VAL A 613 -48.52 -33.63 24.55
N ILE A 614 -49.03 -33.13 23.44
CA ILE A 614 -50.02 -32.06 23.42
C ILE A 614 -51.35 -32.66 23.07
N ASP A 615 -52.23 -32.79 24.07
CA ASP A 615 -53.50 -33.50 23.90
C ASP A 615 -54.57 -32.55 23.43
N ARG A 616 -55.60 -33.12 22.80
CA ARG A 616 -56.60 -32.30 22.15
C ARG A 616 -57.33 -31.41 23.14
N ARG A 617 -57.55 -31.89 24.39
CA ARG A 617 -58.27 -31.09 25.38
C ARG A 617 -57.58 -29.75 25.62
N ALA A 618 -56.25 -29.77 25.81
CA ALA A 618 -55.50 -28.51 25.94
C ALA A 618 -55.75 -27.62 24.73
N LEU A 619 -55.51 -28.15 23.53
CA LEU A 619 -55.71 -27.33 22.34
C LEU A 619 -57.09 -26.69 22.30
N LEU A 620 -58.12 -27.39 22.75
CA LEU A 620 -59.47 -26.87 22.71
C LEU A 620 -59.71 -25.80 23.75
N SER A 621 -58.85 -25.75 24.76
CA SER A 621 -58.88 -24.71 25.76
C SER A 621 -58.42 -23.37 25.20
N LEU A 622 -57.78 -23.35 24.04
CA LEU A 622 -57.53 -22.09 23.35
C LEU A 622 -58.81 -21.40 22.90
N HIS A 623 -59.92 -22.11 22.81
CA HIS A 623 -61.19 -21.51 22.44
C HIS A 623 -61.77 -20.61 23.50
N THR A 624 -61.39 -20.77 24.72
CA THR A 624 -62.16 -20.16 25.76
C THR A 624 -61.52 -18.83 26.09
N PRO A 625 -62.28 -17.75 26.23
CA PRO A 625 -61.71 -16.40 26.13
C PRO A 625 -60.91 -16.02 27.35
N ARG A 626 -59.77 -15.36 27.13
CA ARG A 626 -58.91 -14.96 28.23
C ARG A 626 -59.01 -13.45 28.50
N ASP A 627 -57.94 -12.84 29.01
CA ASP A 627 -57.82 -11.40 29.37
C ASP A 627 -59.13 -10.78 29.90
N MET A 643 -47.98 -16.17 32.97
CA MET A 643 -48.93 -16.39 31.87
C MET A 643 -49.08 -17.87 31.48
N HIS A 644 -50.16 -18.20 30.75
CA HIS A 644 -50.47 -19.58 30.40
C HIS A 644 -51.08 -19.66 29.02
N LEU A 645 -50.47 -20.45 28.13
CA LEU A 645 -51.09 -20.65 26.83
C LEU A 645 -52.42 -21.37 27.00
N PHE A 646 -52.39 -22.56 27.59
CA PHE A 646 -53.55 -23.39 27.82
C PHE A 646 -54.23 -23.03 29.15
N THR A 647 -55.53 -23.37 29.27
CA THR A 647 -56.25 -23.33 30.56
C THR A 647 -56.90 -24.65 30.88
N GLY A 648 -57.80 -24.64 31.87
CA GLY A 648 -58.43 -25.86 32.33
C GLY A 648 -59.86 -26.03 31.84
N GLU A 649 -60.53 -24.90 31.59
CA GLU A 649 -61.95 -24.85 31.29
C GLU A 649 -62.16 -24.82 29.77
N LEU A 650 -63.02 -25.70 29.28
CA LEU A 650 -63.45 -25.68 27.88
C LEU A 650 -64.80 -24.99 27.77
N THR A 651 -65.00 -24.19 26.72
CA THR A 651 -66.33 -23.60 26.57
C THR A 651 -67.33 -24.71 26.31
N PRO A 652 -68.61 -24.50 26.62
CA PRO A 652 -69.61 -25.53 26.30
C PRO A 652 -69.51 -26.01 24.86
N ALA A 653 -69.10 -25.15 23.94
CA ALA A 653 -68.95 -25.57 22.55
C ALA A 653 -67.66 -26.34 22.32
N ALA A 654 -66.59 -25.94 23.03
CA ALA A 654 -65.34 -26.68 22.99
C ALA A 654 -65.53 -28.09 23.51
N GLN A 655 -66.25 -28.22 24.62
CA GLN A 655 -66.45 -29.52 25.22
C GLN A 655 -67.22 -30.45 24.31
N TRP A 656 -68.18 -29.92 23.53
CA TRP A 656 -68.84 -30.73 22.52
C TRP A 656 -67.83 -31.27 21.51
N ALA A 657 -66.94 -30.41 21.04
CA ALA A 657 -65.97 -30.85 20.05
C ALA A 657 -64.99 -31.85 20.64
N TYR A 658 -64.70 -31.75 21.95
CA TYR A 658 -63.83 -32.72 22.59
C TYR A 658 -64.40 -34.13 22.48
N GLU A 659 -65.69 -34.29 22.83
CA GLU A 659 -66.34 -35.60 22.76
C GLU A 659 -66.64 -36.06 21.27
N CYS A 660 -66.13 -35.34 20.28
CA CYS A 660 -66.43 -35.60 18.88
C CYS A 660 -65.35 -36.46 18.24
N THR A 661 -65.73 -37.61 17.68
CA THR A 661 -64.80 -38.43 16.92
C THR A 661 -64.72 -37.98 15.47
N VAL A 662 -63.76 -38.54 14.74
CA VAL A 662 -63.65 -38.22 13.33
C VAL A 662 -64.95 -38.58 12.60
N GLU A 663 -65.63 -39.63 13.03
CA GLU A 663 -66.82 -40.05 12.31
C GLU A 663 -68.05 -39.23 12.70
N LYS A 664 -68.18 -38.80 13.95
CA LYS A 664 -69.28 -37.93 14.31
C LYS A 664 -69.08 -36.53 13.75
N TRP A 665 -67.83 -36.06 13.74
CA TRP A 665 -67.52 -34.80 13.08
C TRP A 665 -67.96 -34.83 11.64
N CYS A 666 -67.60 -35.88 10.89
CA CYS A 666 -67.91 -35.89 9.47
C CYS A 666 -69.41 -36.00 9.22
N GLN A 667 -70.12 -36.71 10.11
CA GLN A 667 -71.58 -36.74 10.12
C GLN A 667 -72.15 -35.36 10.36
N TYR A 668 -71.72 -34.70 11.44
CA TYR A 668 -72.32 -33.44 11.85
C TYR A 668 -72.18 -32.37 10.79
N LEU A 669 -70.97 -32.19 10.27
CA LEU A 669 -70.76 -31.24 9.17
C LEU A 669 -71.59 -31.59 7.97
N HIS A 670 -71.90 -32.87 7.77
CA HIS A 670 -72.72 -33.27 6.63
C HIS A 670 -74.19 -32.98 6.86
N ASP A 671 -74.67 -33.20 8.09
CA ASP A 671 -76.07 -32.93 8.35
C ASP A 671 -76.37 -31.45 8.47
N THR A 672 -75.42 -30.66 8.94
CA THR A 672 -75.67 -29.23 9.12
C THR A 672 -75.18 -28.40 7.96
N ASP A 673 -74.78 -29.03 6.84
CA ASP A 673 -74.38 -28.32 5.62
C ASP A 673 -73.18 -27.42 5.89
N GLN A 674 -72.32 -27.88 6.78
CA GLN A 674 -71.11 -27.17 7.16
C GLN A 674 -69.86 -27.90 6.70
N GLU A 675 -69.94 -28.65 5.61
CA GLU A 675 -68.73 -29.24 5.06
C GLU A 675 -67.85 -28.22 4.37
N GLY A 676 -68.31 -26.98 4.24
CA GLY A 676 -67.51 -25.98 3.55
C GLY A 676 -66.31 -25.46 4.32
N VAL A 677 -66.17 -25.83 5.60
CA VAL A 677 -65.07 -25.35 6.42
C VAL A 677 -63.84 -26.22 6.31
N MET A 678 -63.95 -27.36 5.61
CA MET A 678 -62.88 -28.34 5.52
C MET A 678 -61.91 -28.10 4.36
N PHE A 679 -62.34 -27.42 3.30
CA PHE A 679 -61.51 -27.23 2.13
C PHE A 679 -61.79 -25.87 1.49
N ASP A 680 -60.72 -25.22 1.01
CA ASP A 680 -60.64 -23.81 0.59
C ASP A 680 -60.52 -22.87 1.79
N ARG B 6 -14.29 -15.79 10.18
CA ARG B 6 -15.73 -15.82 9.92
C ARG B 6 -16.07 -16.49 8.58
N ALA B 7 -17.04 -17.41 8.62
CA ALA B 7 -17.40 -18.29 7.52
C ALA B 7 -18.33 -17.59 6.53
N PHE B 8 -18.63 -18.28 5.43
CA PHE B 8 -19.59 -17.78 4.45
C PHE B 8 -20.36 -18.95 3.88
N ARG B 9 -21.59 -18.68 3.44
CA ARG B 9 -22.49 -19.73 3.01
C ARG B 9 -22.43 -19.87 1.51
N LEU B 10 -22.34 -21.10 1.03
CA LEU B 10 -22.41 -21.33 -0.41
C LEU B 10 -23.87 -21.32 -0.86
N LYS B 11 -24.05 -21.28 -2.18
CA LYS B 11 -25.35 -21.10 -2.84
C LYS B 11 -26.13 -22.41 -3.00
N SER B 12 -25.45 -23.52 -3.29
CA SER B 12 -26.12 -24.74 -3.65
C SER B 12 -26.31 -25.62 -2.42
N TYR B 13 -27.02 -26.74 -2.63
CA TYR B 13 -27.24 -27.71 -1.56
C TYR B 13 -26.80 -29.12 -1.91
N ALA B 14 -27.01 -29.57 -3.14
CA ALA B 14 -26.59 -30.92 -3.51
C ALA B 14 -25.07 -31.04 -3.51
N ASP B 15 -24.58 -32.24 -3.19
CA ASP B 15 -23.13 -32.41 -3.09
C ASP B 15 -22.46 -32.20 -4.44
N GLY B 16 -23.12 -32.65 -5.51
CA GLY B 16 -22.59 -32.37 -6.84
C GLY B 16 -22.41 -30.89 -7.10
N ASP B 17 -23.37 -30.08 -6.65
CA ASP B 17 -23.32 -28.65 -6.97
C ASP B 17 -22.34 -27.93 -6.07
N LEU B 18 -22.39 -28.22 -4.77
CA LEU B 18 -21.42 -27.64 -3.85
C LEU B 18 -20.00 -27.96 -4.26
N LEU B 19 -19.78 -29.09 -4.95
CA LEU B 19 -18.42 -29.41 -5.40
C LEU B 19 -17.93 -28.42 -6.46
N ARG B 20 -18.75 -28.17 -7.49
CA ARG B 20 -18.35 -27.19 -8.51
C ARG B 20 -18.25 -25.80 -7.93
N GLU B 21 -19.05 -25.49 -6.92
CA GLU B 21 -18.92 -24.20 -6.28
C GLU B 21 -17.57 -24.04 -5.61
N LEU B 22 -16.99 -25.14 -5.11
CA LEU B 22 -15.75 -25.02 -4.34
C LEU B 22 -14.53 -24.70 -5.20
N ARG B 23 -14.56 -25.00 -6.51
CA ARG B 23 -13.37 -24.84 -7.34
C ARG B 23 -12.81 -23.43 -7.27
N GLN B 24 -13.69 -22.41 -7.37
CA GLN B 24 -13.22 -21.02 -7.31
C GLN B 24 -12.28 -20.74 -6.14
N PHE B 25 -12.31 -21.55 -5.08
CA PHE B 25 -11.52 -21.30 -3.89
C PHE B 25 -10.21 -22.10 -3.84
N ASP B 26 -9.76 -22.66 -4.97
CA ASP B 26 -8.56 -23.50 -4.97
C ASP B 26 -7.28 -22.66 -4.97
N GLY B 27 -6.17 -23.33 -4.64
CA GLY B 27 -4.87 -22.71 -4.62
C GLY B 27 -4.55 -21.91 -3.38
N ALA B 28 -5.52 -21.69 -2.50
CA ALA B 28 -5.24 -20.99 -1.24
C ALA B 28 -4.22 -21.75 -0.40
N LYS B 29 -3.46 -21.01 0.40
CA LYS B 29 -2.50 -21.59 1.33
C LYS B 29 -3.05 -21.52 2.76
N ASN B 30 -2.45 -22.34 3.65
CA ASN B 30 -2.71 -22.23 5.08
C ASN B 30 -2.21 -20.90 5.66
N ALA B 31 -1.24 -20.27 4.99
CA ALA B 31 -0.66 -18.95 5.32
C ALA B 31 0.24 -19.00 6.56
N SER B 32 0.10 -20.03 7.41
CA SER B 32 1.06 -20.32 8.45
C SER B 32 2.27 -21.11 7.94
N GLU B 33 2.41 -21.26 6.62
CA GLU B 33 3.35 -22.18 5.98
C GLU B 33 4.10 -21.46 4.85
N LEU B 34 5.20 -22.06 4.41
CA LEU B 34 6.11 -21.50 3.41
C LEU B 34 6.79 -22.63 2.65
N GLY B 35 6.96 -22.47 1.34
CA GLY B 35 7.71 -23.43 0.57
C GLY B 35 6.82 -24.42 -0.15
N PRO B 36 7.43 -25.38 -0.84
CA PRO B 36 6.64 -26.33 -1.65
C PRO B 36 6.00 -27.46 -0.86
N ARG B 37 6.37 -27.65 0.41
CA ARG B 37 5.68 -28.61 1.26
C ARG B 37 4.46 -28.00 1.95
N ALA B 38 3.90 -26.94 1.39
CA ALA B 38 2.83 -26.19 2.04
C ALA B 38 1.51 -26.59 1.44
N PHE B 39 0.43 -26.18 2.09
CA PHE B 39 -0.89 -26.63 1.72
C PHE B 39 -1.45 -25.82 0.59
N VAL B 40 -1.99 -26.48 -0.43
CA VAL B 40 -2.89 -25.85 -1.39
C VAL B 40 -4.26 -26.51 -1.29
N ARG B 41 -5.31 -25.69 -1.34
CA ARG B 41 -6.65 -26.21 -1.50
C ARG B 41 -6.77 -26.87 -2.87
N ASP B 42 -7.41 -28.03 -2.91
CA ASP B 42 -7.61 -28.76 -4.15
C ASP B 42 -8.97 -29.44 -4.00
N SER B 43 -10.01 -28.79 -4.50
CA SER B 43 -11.35 -29.35 -4.46
C SER B 43 -11.41 -30.71 -5.15
N HIS B 44 -10.35 -31.10 -5.86
CA HIS B 44 -10.40 -32.36 -6.59
C HIS B 44 -10.09 -33.55 -5.71
N ARG B 45 -9.50 -33.35 -4.53
CA ARG B 45 -9.38 -34.48 -3.63
C ARG B 45 -10.75 -35.00 -3.21
N LEU B 46 -11.78 -34.13 -3.18
CA LEU B 46 -13.13 -34.59 -2.90
C LEU B 46 -13.82 -35.29 -4.08
N ASP B 47 -13.32 -35.12 -5.31
CA ASP B 47 -14.01 -35.63 -6.50
C ASP B 47 -14.44 -37.08 -6.33
N ALA B 48 -13.50 -37.94 -5.93
CA ALA B 48 -13.81 -39.34 -5.69
C ALA B 48 -14.98 -39.49 -4.73
N ALA B 49 -14.83 -38.92 -3.53
CA ALA B 49 -15.79 -39.17 -2.45
C ALA B 49 -17.18 -38.67 -2.80
N VAL B 50 -17.29 -37.49 -3.43
CA VAL B 50 -18.60 -36.95 -3.78
C VAL B 50 -19.33 -37.94 -4.67
N GLU B 51 -18.58 -38.55 -5.61
CA GLU B 51 -19.19 -39.46 -6.57
C GLU B 51 -19.70 -40.73 -5.87
N LYS B 52 -18.88 -41.32 -4.99
CA LYS B 52 -19.29 -42.52 -4.27
C LYS B 52 -20.56 -42.29 -3.45
N ALA B 53 -20.72 -41.08 -2.91
CA ALA B 53 -21.88 -40.75 -2.09
C ALA B 53 -23.13 -40.51 -2.93
N SER B 54 -22.95 -40.20 -4.22
CA SER B 54 -24.09 -39.95 -5.09
C SER B 54 -24.99 -41.18 -5.22
N LYS B 55 -24.39 -42.35 -5.30
CA LYS B 55 -25.17 -43.57 -5.47
C LYS B 55 -25.70 -44.13 -4.14
N LEU B 56 -25.68 -43.35 -3.06
CA LEU B 56 -26.16 -43.78 -1.76
C LEU B 56 -27.42 -43.00 -1.39
N THR B 57 -28.31 -43.64 -0.62
CA THR B 57 -29.51 -42.94 -0.16
C THR B 57 -29.27 -42.14 1.12
N ASP B 58 -28.39 -42.61 2.00
CA ASP B 58 -28.11 -41.95 3.28
C ASP B 58 -26.61 -41.86 3.48
N PRO B 59 -25.92 -41.03 2.71
CA PRO B 59 -24.46 -41.02 2.81
C PRO B 59 -24.05 -40.50 4.17
N THR B 60 -22.91 -41.02 4.65
CA THR B 60 -22.29 -40.63 5.90
C THR B 60 -21.61 -39.26 5.82
N PHE B 61 -21.52 -38.66 4.64
CA PHE B 61 -20.93 -37.34 4.61
C PHE B 61 -21.65 -36.49 3.57
N HIS B 62 -21.48 -35.18 3.73
CA HIS B 62 -22.02 -34.17 2.84
C HIS B 62 -21.02 -33.05 2.83
N ILE B 63 -20.75 -32.46 1.67
CA ILE B 63 -19.96 -31.25 1.69
C ILE B 63 -20.68 -30.25 2.58
N SER B 64 -19.93 -29.54 3.41
CA SER B 64 -20.56 -28.51 4.21
C SER B 64 -21.06 -27.38 3.33
N GLN B 65 -22.14 -26.73 3.76
CA GLN B 65 -22.57 -25.54 3.04
C GLN B 65 -21.82 -24.30 3.48
N TYR B 66 -21.19 -24.34 4.65
CA TYR B 66 -20.40 -23.23 5.15
C TYR B 66 -18.93 -23.55 4.96
N GLN B 67 -18.17 -22.53 4.54
CA GLN B 67 -16.74 -22.68 4.27
C GLN B 67 -16.01 -21.50 4.83
N LEU B 68 -14.74 -21.69 5.07
CA LEU B 68 -13.89 -20.58 5.46
C LEU B 68 -13.15 -20.04 4.24
N PRO B 69 -12.56 -18.84 4.35
CA PRO B 69 -11.76 -18.34 3.23
C PRO B 69 -10.33 -18.89 3.20
N HIS B 70 -9.84 -19.43 4.31
CA HIS B 70 -8.53 -20.06 4.33
C HIS B 70 -8.62 -21.42 4.99
N PRO B 71 -8.09 -22.46 4.39
CA PRO B 71 -8.10 -23.77 5.03
C PRO B 71 -7.33 -23.71 6.33
N TYR B 72 -7.66 -24.65 7.22
CA TYR B 72 -6.83 -24.94 8.38
C TYR B 72 -5.84 -26.06 8.12
N SER B 73 -5.96 -26.77 7.00
CA SER B 73 -5.19 -27.99 6.85
C SER B 73 -3.72 -27.66 6.65
N PHE B 74 -2.88 -28.65 6.99
CA PHE B 74 -1.44 -28.61 6.78
C PHE B 74 -0.98 -29.39 5.56
N GLY B 75 0.09 -28.89 4.97
CA GLY B 75 0.79 -29.62 3.93
C GLY B 75 1.64 -30.73 4.52
N GLY B 76 2.54 -31.22 3.70
CA GLY B 76 3.36 -32.36 4.07
C GLY B 76 3.89 -33.00 2.81
N GLY B 77 4.39 -34.20 2.98
CA GLY B 77 5.01 -34.87 1.87
C GLY B 77 5.57 -36.18 2.31
N PRO B 78 6.41 -36.78 1.47
CA PRO B 78 6.86 -38.17 1.68
C PRO B 78 7.97 -38.25 2.71
N PRO B 79 8.34 -39.46 3.15
CA PRO B 79 9.46 -39.57 4.10
C PRO B 79 10.76 -39.93 3.42
N ASN B 80 11.91 -39.57 4.03
CA ASN B 80 13.20 -40.18 3.71
C ASN B 80 13.08 -41.51 3.00
N PRO B 81 13.54 -41.59 1.76
CA PRO B 81 13.56 -42.88 1.08
C PRO B 81 14.45 -43.90 1.77
N GLU B 82 15.60 -43.46 2.34
CA GLU B 82 16.55 -44.32 3.03
C GLU B 82 15.89 -45.21 4.08
N ARG B 83 16.31 -46.48 4.15
CA ARG B 83 15.90 -47.40 5.22
C ARG B 83 17.16 -48.03 5.80
N PRO B 84 17.87 -47.31 6.67
CA PRO B 84 19.24 -47.67 7.03
C PRO B 84 19.36 -48.94 7.83
N LEU B 85 18.23 -49.51 8.25
CA LEU B 85 18.29 -50.67 9.11
C LEU B 85 18.18 -51.97 8.35
N THR B 86 17.60 -51.97 7.14
CA THR B 86 17.27 -53.26 6.54
C THR B 86 18.54 -54.00 6.14
N ALA B 87 19.64 -53.28 5.87
CA ALA B 87 20.92 -53.94 5.62
C ALA B 87 21.40 -54.75 6.83
N PRO B 88 21.60 -54.17 8.02
CA PRO B 88 21.90 -55.03 9.17
C PRO B 88 20.82 -56.05 9.50
N LEU B 89 19.56 -55.85 9.10
CA LEU B 89 18.58 -56.91 9.28
C LEU B 89 18.94 -58.14 8.49
N ILE B 90 19.03 -58.01 7.15
CA ILE B 90 19.27 -59.17 6.29
C ILE B 90 20.52 -59.90 6.74
N SER B 91 21.57 -59.16 7.08
CA SER B 91 22.81 -59.79 7.45
C SER B 91 22.63 -60.58 8.74
N ALA B 92 21.90 -60.02 9.71
CA ALA B 92 21.72 -60.68 10.99
C ALA B 92 20.73 -61.83 10.94
N ILE B 93 19.73 -61.79 10.07
CA ILE B 93 18.87 -62.96 9.84
C ILE B 93 19.68 -64.09 9.23
N ASN B 94 20.50 -63.77 8.23
CA ASN B 94 21.43 -64.73 7.66
C ASN B 94 22.30 -65.44 8.70
N LYS B 95 22.86 -64.71 9.68
CA LYS B 95 23.60 -65.40 10.73
C LYS B 95 22.68 -66.26 11.59
N VAL B 96 21.70 -65.65 12.25
CA VAL B 96 20.90 -66.42 13.19
C VAL B 96 20.00 -67.44 12.53
N SER B 97 19.79 -67.38 11.21
CA SER B 97 18.90 -68.37 10.62
C SER B 97 19.52 -69.77 10.66
N GLN B 98 20.85 -69.87 10.65
CA GLN B 98 21.46 -71.19 10.58
C GLN B 98 21.20 -72.04 11.83
N ARG B 99 20.91 -71.39 12.96
CA ARG B 99 20.67 -72.07 14.21
C ARG B 99 19.24 -72.54 14.38
N THR B 100 18.37 -72.27 13.42
CA THR B 100 16.98 -72.69 13.58
C THR B 100 16.83 -74.12 13.07
N ARG B 101 15.62 -74.48 12.70
CA ARG B 101 15.28 -75.83 12.27
C ARG B 101 15.13 -75.94 10.76
N ASP B 102 14.74 -74.87 10.09
CA ASP B 102 14.60 -74.78 8.64
C ASP B 102 15.18 -73.47 8.13
N PRO B 103 16.50 -73.31 8.18
CA PRO B 103 17.10 -72.00 7.83
C PRO B 103 16.57 -71.38 6.55
N VAL B 104 16.29 -72.18 5.52
CA VAL B 104 15.77 -71.59 4.29
C VAL B 104 14.27 -71.32 4.42
N GLY B 105 13.54 -72.14 5.15
CA GLY B 105 12.18 -71.76 5.48
C GLY B 105 12.11 -70.41 6.14
N TYR B 106 12.88 -70.23 7.22
CA TYR B 106 12.89 -68.98 7.97
C TYR B 106 13.39 -67.80 7.13
N ARG B 107 14.47 -67.98 6.37
CA ARG B 107 14.91 -66.86 5.54
C ARG B 107 13.85 -66.42 4.53
N LYS B 108 13.00 -67.34 4.09
CA LYS B 108 11.96 -66.98 3.13
C LYS B 108 10.84 -66.23 3.84
N ARG B 109 10.34 -66.79 4.95
CA ARG B 109 9.21 -66.17 5.66
C ARG B 109 9.58 -64.74 6.08
N ALA B 110 10.85 -64.52 6.46
CA ALA B 110 11.29 -63.20 6.86
C ALA B 110 11.41 -62.29 5.66
N LYS B 111 11.80 -62.82 4.50
CA LYS B 111 11.97 -61.94 3.34
C LYS B 111 10.65 -61.39 2.86
N GLU B 112 9.52 -62.06 3.15
CA GLU B 112 8.22 -61.51 2.78
C GLU B 112 7.94 -60.22 3.56
N SER B 113 8.18 -60.21 4.87
CA SER B 113 8.00 -58.99 5.66
C SER B 113 8.97 -57.90 5.21
N ILE B 114 10.25 -58.20 5.13
CA ILE B 114 11.25 -57.19 4.80
C ILE B 114 10.92 -56.51 3.47
N ASP B 115 10.41 -57.26 2.50
CA ASP B 115 10.15 -56.70 1.17
C ASP B 115 8.91 -55.80 1.12
N LEU B 116 8.02 -55.89 2.10
CA LEU B 116 6.85 -55.05 2.08
C LEU B 116 6.89 -53.95 3.11
N GLY B 117 7.96 -53.85 3.89
CA GLY B 117 7.96 -52.88 4.98
C GLY B 117 8.08 -51.47 4.45
N ASP B 118 7.34 -50.56 5.07
CA ASP B 118 7.28 -49.18 4.61
C ASP B 118 6.81 -48.26 5.75
N PHE B 119 6.33 -47.05 5.39
CA PHE B 119 6.13 -45.97 6.36
C PHE B 119 5.17 -44.93 5.79
N THR B 120 4.08 -44.62 6.51
CA THR B 120 3.16 -43.58 6.05
C THR B 120 3.51 -42.29 6.78
N THR B 121 3.19 -41.16 6.14
CA THR B 121 3.39 -39.82 6.69
C THR B 121 2.26 -38.92 6.24
N HIS B 122 2.22 -37.74 6.83
CA HIS B 122 1.12 -36.85 6.54
C HIS B 122 1.37 -36.13 5.23
N ASP B 123 0.37 -36.16 4.38
CA ASP B 123 0.41 -35.59 3.04
C ASP B 123 -1.02 -35.58 2.52
N PRO B 124 -1.60 -34.40 2.29
CA PRO B 124 -2.99 -34.34 1.81
C PRO B 124 -3.20 -35.08 0.49
N ASP B 125 -2.17 -35.20 -0.34
CA ASP B 125 -2.31 -35.85 -1.65
C ASP B 125 -2.33 -37.37 -1.59
N THR B 126 -1.78 -37.97 -0.53
CA THR B 126 -1.88 -39.42 -0.33
C THR B 126 -2.99 -39.80 0.64
N LEU B 127 -3.55 -38.83 1.36
CA LEU B 127 -4.48 -39.09 2.45
C LEU B 127 -5.93 -39.18 2.01
N HIS B 128 -6.35 -38.31 1.09
CA HIS B 128 -7.74 -38.34 0.64
C HIS B 128 -8.24 -39.70 0.17
N PRO B 129 -7.46 -40.55 -0.54
CA PRO B 129 -8.00 -41.85 -0.92
C PRO B 129 -8.49 -42.66 0.26
N ARG B 130 -7.91 -42.45 1.45
CA ARG B 130 -8.36 -43.17 2.63
C ARG B 130 -9.78 -42.80 3.01
N PHE B 131 -10.11 -41.50 2.91
CA PHE B 131 -11.45 -41.01 3.25
C PHE B 131 -12.56 -41.79 2.58
N LEU B 132 -12.27 -42.45 1.47
CA LEU B 132 -13.32 -43.19 0.79
C LEU B 132 -13.86 -44.32 1.63
N GLU B 133 -13.05 -44.91 2.51
CA GLU B 133 -13.57 -45.94 3.39
C GLU B 133 -14.68 -45.42 4.29
N TYR B 134 -14.70 -44.10 4.54
CA TYR B 134 -15.65 -43.52 5.47
C TYR B 134 -16.94 -43.09 4.79
N VAL B 135 -17.03 -43.18 3.46
CA VAL B 135 -18.22 -42.79 2.70
C VAL B 135 -19.06 -44.03 2.44
N HIS B 136 -20.15 -44.18 3.19
CA HIS B 136 -21.01 -45.34 3.03
C HIS B 136 -22.38 -44.99 3.60
N GLU B 137 -23.25 -45.97 3.69
CA GLU B 137 -24.61 -45.73 4.16
C GLU B 137 -24.62 -45.59 5.67
N ARG B 138 -25.37 -44.61 6.17
CA ARG B 138 -25.51 -44.48 7.60
C ARG B 138 -26.33 -45.64 8.15
N THR B 139 -26.26 -45.80 9.47
CA THR B 139 -27.02 -46.83 10.17
C THR B 139 -27.48 -46.12 11.44
N ARG B 140 -28.59 -45.41 11.35
CA ARG B 140 -29.02 -44.53 12.45
C ARG B 140 -29.59 -45.32 13.62
N SER B 141 -30.06 -46.53 13.38
CA SER B 141 -30.68 -47.35 14.41
C SER B 141 -30.79 -48.75 13.85
N VAL B 142 -31.27 -49.68 14.68
CA VAL B 142 -31.46 -51.05 14.23
C VAL B 142 -32.93 -51.46 14.26
N ASP B 143 -33.19 -52.74 14.03
CA ASP B 143 -34.56 -53.23 14.01
C ASP B 143 -35.03 -53.46 15.44
N GLY B 144 -36.22 -54.00 15.58
CA GLY B 144 -36.79 -54.23 16.90
C GLY B 144 -36.10 -55.34 17.67
N PRO B 145 -36.02 -56.53 17.07
CA PRO B 145 -35.30 -57.63 17.73
C PRO B 145 -33.87 -57.28 18.09
N THR B 146 -33.13 -56.67 17.16
CA THR B 146 -31.74 -56.34 17.42
C THR B 146 -31.61 -55.34 18.56
N ASP B 147 -32.47 -54.34 18.60
CA ASP B 147 -32.38 -53.38 19.69
C ASP B 147 -32.73 -54.03 21.02
N ASP B 148 -33.68 -54.96 21.03
CA ASP B 148 -33.95 -55.74 22.24
C ASP B 148 -32.67 -56.37 22.76
N ALA B 149 -31.84 -56.88 21.84
CA ALA B 149 -30.65 -57.60 22.23
C ALA B 149 -29.57 -56.66 22.75
N MET B 150 -29.32 -55.56 22.02
CA MET B 150 -28.31 -54.62 22.45
C MET B 150 -28.65 -54.04 23.82
N ARG B 151 -29.90 -53.62 24.02
CA ARG B 151 -30.25 -53.06 25.32
C ARG B 151 -30.17 -54.10 26.43
N ALA B 152 -30.28 -55.37 26.08
CA ALA B 152 -30.04 -56.45 27.03
C ALA B 152 -28.54 -56.60 27.32
N ALA B 153 -27.71 -56.50 26.29
CA ALA B 153 -26.28 -56.56 26.53
C ALA B 153 -25.81 -55.35 27.33
N GLN B 154 -26.53 -54.23 27.25
CA GLN B 154 -26.14 -53.09 28.07
C GLN B 154 -26.29 -53.39 29.55
N THR B 155 -27.33 -54.16 29.92
CA THR B 155 -27.48 -54.55 31.32
C THR B 155 -26.49 -55.63 31.72
N VAL B 156 -25.93 -56.35 30.75
CA VAL B 156 -24.87 -57.30 31.08
C VAL B 156 -23.70 -56.55 31.68
N PHE B 157 -23.29 -55.46 31.04
CA PHE B 157 -22.14 -54.70 31.52
C PHE B 157 -22.46 -53.82 32.71
N ALA B 158 -23.70 -53.30 32.79
CA ALA B 158 -24.12 -52.64 34.01
C ALA B 158 -23.86 -53.52 35.22
N ARG B 159 -24.38 -54.75 35.22
CA ARG B 159 -24.16 -55.64 36.35
C ARG B 159 -22.67 -55.92 36.52
N LEU B 160 -21.97 -56.25 35.42
CA LEU B 160 -20.54 -56.53 35.51
C LEU B 160 -19.80 -55.37 36.14
N TRP B 161 -20.09 -54.15 35.69
CA TRP B 161 -19.43 -52.97 36.24
C TRP B 161 -19.78 -52.77 37.71
N ARG B 162 -21.05 -52.93 38.06
CA ARG B 162 -21.41 -52.78 39.47
C ARG B 162 -20.68 -53.82 40.33
N ARG B 163 -20.62 -55.07 39.86
CA ARG B 163 -19.93 -56.11 40.61
C ARG B 163 -18.44 -55.84 40.73
N LYS B 164 -17.82 -55.28 39.70
CA LYS B 164 -16.42 -54.96 39.84
C LYS B 164 -16.20 -53.67 40.62
N GLY B 165 -17.27 -53.08 41.16
CA GLY B 165 -17.16 -52.02 42.14
C GLY B 165 -17.22 -50.60 41.62
N CYS B 166 -17.99 -50.34 40.58
CA CYS B 166 -18.14 -48.99 40.06
C CYS B 166 -18.75 -48.11 41.12
N LYS B 167 -18.00 -47.14 41.60
CA LYS B 167 -18.61 -46.13 42.42
C LYS B 167 -18.26 -44.77 41.85
N VAL B 168 -18.39 -44.65 40.53
CA VAL B 168 -18.03 -43.43 39.81
C VAL B 168 -19.14 -42.43 39.96
N LYS B 169 -18.80 -41.21 40.43
CA LYS B 169 -19.74 -40.11 40.61
C LYS B 169 -19.45 -39.00 39.62
N ALA B 170 -20.50 -38.33 39.14
CA ALA B 170 -20.28 -37.17 38.29
C ALA B 170 -19.46 -36.13 39.02
N ARG B 171 -18.64 -35.40 38.26
CA ARG B 171 -17.79 -34.36 38.81
C ARG B 171 -18.63 -33.11 39.04
N SER B 172 -18.17 -32.23 39.91
CA SER B 172 -18.86 -30.96 40.10
C SER B 172 -18.15 -29.91 39.26
N LEU B 173 -18.73 -28.71 39.21
CA LEU B 173 -18.08 -27.72 38.37
C LEU B 173 -16.82 -27.13 39.00
N SER B 174 -16.61 -27.30 40.30
CA SER B 174 -15.34 -26.88 40.89
C SER B 174 -14.16 -27.52 40.18
N ASP B 175 -14.37 -28.68 39.56
CA ASP B 175 -13.31 -29.35 38.81
C ASP B 175 -13.13 -28.78 37.41
N ALA B 176 -13.90 -27.77 37.03
CA ALA B 176 -13.64 -27.11 35.77
C ALA B 176 -12.73 -25.91 35.94
N GLN B 177 -12.39 -25.56 37.18
CA GLN B 177 -11.41 -24.52 37.40
C GLN B 177 -10.06 -24.97 36.83
N PRO B 178 -9.26 -24.01 36.34
CA PRO B 178 -8.05 -24.40 35.58
C PRO B 178 -7.15 -25.42 36.26
N ASP B 179 -6.89 -25.24 37.56
CA ASP B 179 -5.94 -26.10 38.23
C ASP B 179 -6.47 -27.52 38.35
N ASN B 180 -7.76 -27.68 38.64
CA ASN B 180 -8.34 -29.01 38.75
C ASN B 180 -8.65 -29.64 37.39
N LEU B 181 -8.64 -28.85 36.31
CA LEU B 181 -8.71 -29.43 34.97
C LEU B 181 -7.41 -30.12 34.58
N LEU B 182 -6.27 -29.48 34.90
CA LEU B 182 -4.95 -30.01 34.57
C LEU B 182 -4.74 -31.44 35.07
N ALA B 183 -5.48 -31.85 36.09
CA ALA B 183 -5.45 -33.24 36.52
C ALA B 183 -5.97 -34.16 35.42
N ILE B 184 -7.14 -33.85 34.83
CA ILE B 184 -7.81 -34.81 33.94
C ILE B 184 -7.44 -34.62 32.47
N ILE B 185 -6.64 -33.62 32.13
CA ILE B 185 -6.22 -33.37 30.75
C ILE B 185 -4.80 -33.90 30.58
N LYS B 186 -4.55 -34.59 29.46
CA LYS B 186 -3.26 -35.17 29.12
C LYS B 186 -2.57 -34.40 27.98
N LYS B 187 -1.30 -34.75 27.73
CA LYS B 187 -0.49 -34.13 26.69
C LYS B 187 -1.08 -34.45 25.32
N GLY B 188 -1.39 -33.42 24.53
CA GLY B 188 -2.02 -33.65 23.24
C GLY B 188 -1.84 -32.53 22.24
N SER B 189 -2.46 -32.73 21.06
CA SER B 189 -2.38 -31.72 20.00
C SER B 189 -3.36 -30.59 20.29
N PRO B 190 -2.94 -29.32 20.02
CA PRO B 190 -3.82 -28.17 20.33
C PRO B 190 -4.81 -27.80 19.22
N GLY B 191 -5.13 -28.73 18.31
CA GLY B 191 -6.28 -28.56 17.41
C GLY B 191 -6.16 -27.36 16.48
N GLU B 192 -7.26 -26.59 16.40
CA GLU B 192 -7.24 -25.36 15.60
C GLU B 192 -6.60 -24.20 16.35
N TYR B 193 -6.33 -24.36 17.65
CA TYR B 193 -5.62 -23.41 18.48
C TYR B 193 -4.09 -23.46 18.30
N ARG B 194 -3.57 -24.11 17.25
CA ARG B 194 -2.15 -23.97 16.92
C ARG B 194 -1.89 -22.67 16.16
N SER B 195 -2.93 -22.11 15.52
CA SER B 195 -2.79 -20.82 14.85
C SER B 195 -2.72 -19.66 15.84
N LEU B 196 -3.22 -19.81 17.07
CA LEU B 196 -3.02 -18.80 18.10
C LEU B 196 -1.63 -18.86 18.75
N GLY B 197 -0.85 -19.89 18.43
CA GLY B 197 0.51 -20.02 18.92
C GLY B 197 0.75 -21.14 19.89
N ALA B 198 -0.20 -22.06 20.08
CA ALA B 198 -0.05 -23.11 21.07
C ALA B 198 0.60 -24.35 20.45
N GLU B 199 1.17 -25.19 21.32
CA GLU B 199 1.85 -26.41 20.89
C GLU B 199 1.38 -27.62 21.68
N ASP B 200 1.06 -27.41 22.95
CA ASP B 200 0.57 -28.46 23.82
C ASP B 200 -0.90 -28.18 24.12
N ARG B 201 -1.60 -29.22 24.58
CA ARG B 201 -2.94 -29.10 25.14
C ARG B 201 -2.94 -28.58 26.58
N ARG B 202 -1.76 -28.52 27.22
CA ARG B 202 -1.63 -28.06 28.58
C ARG B 202 -0.99 -26.66 28.68
N ASP B 203 -0.77 -25.98 27.54
CA ASP B 203 -0.47 -24.55 27.53
C ASP B 203 -1.40 -23.83 28.50
N PRO B 204 -0.88 -23.01 29.41
CA PRO B 204 -1.76 -22.36 30.39
C PRO B 204 -2.78 -21.40 29.77
N ARG B 205 -2.57 -21.02 28.51
CA ARG B 205 -3.57 -20.20 27.83
C ARG B 205 -4.71 -21.06 27.28
N LEU B 206 -4.42 -22.33 26.94
CA LEU B 206 -5.47 -23.25 26.52
C LEU B 206 -6.26 -23.78 27.70
N ILE B 207 -5.59 -24.13 28.80
CA ILE B 207 -6.31 -24.56 30.00
C ILE B 207 -7.32 -23.49 30.40
N ALA B 208 -7.00 -22.24 30.15
CA ALA B 208 -7.96 -21.17 30.38
C ALA B 208 -9.20 -21.37 29.52
N THR B 209 -9.03 -21.44 28.19
CA THR B 209 -10.17 -21.58 27.29
C THR B 209 -11.01 -22.80 27.62
N MET B 210 -10.36 -23.94 27.87
CA MET B 210 -11.09 -25.15 28.21
C MET B 210 -11.94 -24.95 29.46
N SER B 211 -11.37 -24.36 30.50
CA SER B 211 -12.11 -24.15 31.73
C SER B 211 -13.31 -23.23 31.53
N SER B 212 -13.18 -22.20 30.69
CA SER B 212 -14.35 -21.39 30.33
C SER B 212 -15.36 -22.24 29.58
N SER B 213 -14.92 -22.84 28.48
CA SER B 213 -15.77 -23.64 27.62
C SER B 213 -16.64 -24.61 28.41
N LEU B 214 -16.22 -24.96 29.64
CA LEU B 214 -16.97 -25.82 30.54
C LEU B 214 -17.89 -25.05 31.47
N LEU B 215 -17.44 -23.90 31.99
CA LEU B 215 -18.28 -23.19 32.96
C LEU B 215 -19.52 -22.57 32.28
N ARG B 216 -19.40 -22.16 31.01
CA ARG B 216 -20.54 -21.59 30.29
C ARG B 216 -21.79 -22.45 30.38
N TYR B 217 -21.62 -23.74 30.68
CA TYR B 217 -22.74 -24.66 30.81
C TYR B 217 -23.55 -24.43 32.07
N ALA B 218 -23.03 -23.65 33.03
CA ALA B 218 -23.73 -23.52 34.29
C ALA B 218 -24.94 -22.60 34.15
N SER B 219 -24.76 -21.41 33.58
CA SER B 219 -25.89 -20.54 33.31
C SER B 219 -26.99 -21.30 32.63
N ALA B 220 -26.63 -22.04 31.59
CA ALA B 220 -27.61 -22.78 30.80
C ALA B 220 -28.40 -23.73 31.66
N GLY B 221 -27.72 -24.45 32.56
CA GLY B 221 -28.40 -25.40 33.40
C GLY B 221 -29.26 -24.76 34.46
N VAL B 222 -28.83 -23.60 34.98
CA VAL B 222 -29.67 -22.83 35.90
C VAL B 222 -31.02 -22.57 35.28
N GLN B 223 -31.02 -22.12 34.02
CA GLN B 223 -32.26 -21.85 33.31
C GLN B 223 -33.08 -23.10 33.12
N VAL B 224 -32.46 -24.19 32.65
CA VAL B 224 -33.19 -25.45 32.49
C VAL B 224 -33.86 -25.85 33.79
N ALA B 225 -33.18 -25.62 34.91
CA ALA B 225 -33.72 -25.94 36.22
C ALA B 225 -34.87 -25.03 36.60
N ARG B 226 -34.90 -23.80 36.07
CA ARG B 226 -35.97 -22.84 36.32
C ARG B 226 -37.11 -22.94 35.29
N GLY B 227 -37.16 -24.02 34.51
CA GLY B 227 -38.19 -24.21 33.51
C GLY B 227 -38.09 -23.36 32.26
N ARG B 228 -37.01 -22.60 32.10
CA ARG B 228 -36.74 -21.71 30.99
C ARG B 228 -35.86 -22.41 29.95
N PRO B 229 -35.72 -21.84 28.75
CA PRO B 229 -34.94 -22.51 27.71
C PRO B 229 -33.46 -22.20 27.84
N PRO B 230 -32.60 -23.19 27.63
CA PRO B 230 -31.16 -22.94 27.59
C PRO B 230 -30.78 -22.14 26.35
N PRO B 231 -29.59 -21.52 26.34
CA PRO B 231 -29.19 -20.72 25.19
C PRO B 231 -29.18 -21.53 23.91
N GLY B 232 -29.16 -20.82 22.79
CA GLY B 232 -29.18 -21.50 21.51
C GLY B 232 -27.95 -22.36 21.26
N TRP B 233 -26.79 -21.96 21.80
CA TRP B 233 -25.53 -22.62 21.43
C TRP B 233 -25.46 -24.05 21.92
N VAL B 234 -26.25 -24.44 22.92
CA VAL B 234 -26.25 -25.83 23.38
C VAL B 234 -26.68 -26.76 22.26
N ASP B 235 -27.60 -26.31 21.42
CA ASP B 235 -28.08 -27.14 20.33
C ASP B 235 -27.33 -26.89 19.03
N THR B 236 -26.38 -25.95 18.99
CA THR B 236 -25.68 -25.59 17.75
C THR B 236 -24.15 -25.69 17.83
N THR B 237 -23.52 -25.40 18.98
CA THR B 237 -22.05 -25.42 19.10
C THR B 237 -21.49 -26.68 18.47
N THR B 238 -20.62 -26.51 17.47
CA THR B 238 -19.74 -27.58 17.02
C THR B 238 -18.31 -27.05 16.97
N GLN B 239 -17.38 -27.98 16.88
CA GLN B 239 -15.97 -27.64 16.81
C GLN B 239 -15.40 -28.20 15.52
N VAL B 240 -14.33 -27.61 15.09
CA VAL B 240 -13.75 -28.06 13.85
C VAL B 240 -12.73 -29.17 14.14
N THR B 241 -12.83 -30.24 13.36
CA THR B 241 -11.90 -31.37 13.42
C THR B 241 -10.97 -31.30 12.24
N LEU B 242 -9.69 -31.51 12.49
CA LEU B 242 -8.68 -31.51 11.44
C LEU B 242 -8.31 -32.94 11.07
N THR B 243 -7.91 -33.14 9.82
CA THR B 243 -7.52 -34.47 9.35
C THR B 243 -6.01 -34.52 9.16
N PHE B 244 -5.42 -35.68 9.48
CA PHE B 244 -3.98 -35.77 9.38
C PHE B 244 -3.39 -36.99 8.70
N GLY B 245 -3.69 -38.19 9.10
CA GLY B 245 -2.89 -39.24 8.49
C GLY B 245 -1.60 -39.53 9.22
N LYS B 246 -1.50 -40.71 9.84
CA LYS B 246 -0.49 -40.91 10.87
C LYS B 246 0.84 -41.25 10.24
N ARG B 247 1.92 -40.75 10.87
CA ARG B 247 3.29 -41.18 10.66
C ARG B 247 3.45 -42.49 11.40
N GLU B 248 3.62 -43.60 10.68
CA GLU B 248 3.71 -44.90 11.33
C GLU B 248 4.29 -45.88 10.34
N PRO B 249 5.05 -46.87 10.79
CA PRO B 249 5.33 -48.01 9.91
C PRO B 249 4.01 -48.57 9.41
N LYS B 250 3.91 -48.77 8.10
CA LYS B 250 2.81 -49.52 7.55
C LYS B 250 3.33 -50.32 6.38
N ALA B 251 2.82 -51.53 6.23
CA ALA B 251 3.32 -52.43 5.22
C ALA B 251 2.68 -52.09 3.89
N ALA B 252 3.43 -52.28 2.81
CA ALA B 252 2.87 -52.11 1.49
C ALA B 252 2.15 -53.39 1.05
N LYS B 253 1.42 -53.30 -0.06
CA LYS B 253 0.68 -54.41 -0.63
C LYS B 253 1.03 -54.49 -2.11
N ILE B 254 1.04 -55.72 -2.66
CA ILE B 254 1.67 -55.97 -3.95
C ILE B 254 0.72 -55.57 -5.09
N VAL B 255 -0.55 -56.01 -4.99
CA VAL B 255 -1.62 -55.67 -5.94
C VAL B 255 -1.25 -56.05 -7.37
N ASP B 256 -0.85 -57.32 -7.58
CA ASP B 256 -0.49 -57.86 -8.89
C ASP B 256 0.47 -56.94 -9.64
N GLY B 257 1.56 -56.55 -8.98
CA GLY B 257 2.56 -55.71 -9.61
C GLY B 257 2.61 -54.31 -9.01
N VAL B 258 3.82 -53.73 -9.02
CA VAL B 258 4.16 -52.41 -8.44
C VAL B 258 4.04 -52.45 -6.92
N ARG B 259 4.94 -51.75 -6.24
CA ARG B 259 4.92 -51.67 -4.78
C ARG B 259 3.92 -50.59 -4.41
N GLN B 260 2.64 -50.95 -4.38
CA GLN B 260 1.60 -50.03 -3.96
C GLN B 260 1.94 -49.52 -2.55
N ALA B 261 2.43 -48.27 -2.45
CA ALA B 261 2.83 -47.69 -1.17
C ALA B 261 1.66 -47.72 -0.19
N PRO B 262 1.93 -47.65 1.12
CA PRO B 262 0.87 -47.82 2.11
C PRO B 262 0.01 -46.58 2.16
N VAL B 263 -1.31 -46.76 2.28
CA VAL B 263 -2.18 -45.59 2.35
C VAL B 263 -2.26 -45.09 3.78
N PRO B 264 -1.92 -43.83 4.06
CA PRO B 264 -1.92 -43.35 5.44
C PRO B 264 -3.25 -43.70 6.12
N ARG B 265 -3.18 -43.98 7.40
CA ARG B 265 -4.42 -44.11 8.15
C ARG B 265 -4.77 -42.75 8.73
N PHE B 266 -6.02 -42.60 9.15
CA PHE B 266 -6.64 -41.28 9.33
C PHE B 266 -6.50 -40.81 10.78
N ILE B 267 -6.24 -39.52 10.97
CA ILE B 267 -6.19 -38.94 12.31
C ILE B 267 -7.20 -37.81 12.40
N PHE B 268 -7.90 -37.75 13.52
CA PHE B 268 -8.83 -36.67 13.78
C PHE B 268 -8.27 -35.85 14.94
N ASN B 269 -8.10 -34.59 14.73
CA ASN B 269 -7.52 -33.80 15.80
C ASN B 269 -8.69 -33.06 16.43
N LEU B 270 -9.21 -33.59 17.53
CA LEU B 270 -10.39 -32.98 18.14
C LEU B 270 -9.98 -31.72 18.90
N SER B 271 -10.84 -30.70 18.81
CA SER B 271 -10.60 -29.45 19.52
C SER B 271 -10.30 -29.72 20.98
N PRO B 272 -9.35 -29.01 21.57
CA PRO B 272 -9.17 -29.09 23.03
C PRO B 272 -10.46 -28.81 23.79
N VAL B 273 -11.41 -28.14 23.15
CA VAL B 273 -12.67 -27.84 23.81
C VAL B 273 -13.53 -29.09 23.90
N ASN B 274 -13.52 -29.93 22.87
CA ASN B 274 -14.17 -31.24 22.95
C ASN B 274 -13.38 -32.18 23.84
N TYR B 275 -12.04 -32.09 23.87
CA TYR B 275 -11.30 -32.92 24.79
C TYR B 275 -11.67 -32.60 26.24
N ALA B 276 -11.83 -31.32 26.55
CA ALA B 276 -12.15 -30.94 27.92
C ALA B 276 -13.55 -31.39 28.32
N LEU B 277 -14.53 -31.21 27.41
CA LEU B 277 -15.87 -31.73 27.67
C LEU B 277 -15.82 -33.21 28.01
N ALA B 278 -15.25 -34.03 27.12
CA ALA B 278 -15.19 -35.47 27.33
C ALA B 278 -14.57 -35.82 28.69
N SER B 279 -13.32 -35.41 28.92
CA SER B 279 -12.66 -35.68 30.19
C SER B 279 -13.56 -35.36 31.36
N PHE B 280 -14.20 -34.19 31.32
CA PHE B 280 -15.04 -33.83 32.44
C PHE B 280 -16.07 -34.92 32.69
N LEU B 281 -16.83 -35.28 31.65
CA LEU B 281 -17.91 -36.25 31.81
C LEU B 281 -17.36 -37.65 32.05
N HIS B 282 -16.41 -38.09 31.24
CA HIS B 282 -16.07 -39.51 31.23
C HIS B 282 -14.59 -39.79 31.46
N TYR B 283 -13.91 -38.99 32.26
CA TYR B 283 -12.57 -39.43 32.59
C TYR B 283 -12.63 -40.51 33.65
N ASP B 284 -13.57 -40.41 34.58
CA ASP B 284 -13.55 -41.35 35.69
C ASP B 284 -14.12 -42.70 35.31
N ILE B 285 -15.24 -42.72 34.56
CA ILE B 285 -15.72 -44.03 34.10
C ILE B 285 -14.66 -44.70 33.25
N SER B 286 -13.80 -43.92 32.59
CA SER B 286 -12.80 -44.47 31.69
C SER B 286 -11.65 -45.10 32.47
N HIS B 287 -11.16 -44.40 33.46
CA HIS B 287 -10.10 -44.99 34.25
C HIS B 287 -10.62 -46.03 35.22
N PHE B 288 -11.92 -46.05 35.51
CA PHE B 288 -12.42 -47.20 36.24
C PHE B 288 -12.33 -48.44 35.37
N LEU B 289 -12.77 -48.34 34.12
CA LEU B 289 -12.74 -49.50 33.25
C LEU B 289 -11.32 -49.97 32.99
N MET B 290 -10.33 -49.08 33.03
CA MET B 290 -8.97 -49.54 32.79
C MET B 290 -8.44 -50.36 33.95
N ASP B 291 -9.04 -50.20 35.13
CA ASP B 291 -8.53 -50.77 36.37
C ASP B 291 -9.33 -51.93 36.92
N ASN B 292 -10.57 -52.10 36.49
CA ASN B 292 -11.40 -53.13 37.08
C ASN B 292 -12.11 -54.01 36.07
N ASP B 293 -12.51 -53.45 34.93
CA ASP B 293 -13.34 -54.18 33.96
C ASP B 293 -12.48 -55.21 33.24
N PRO B 294 -12.75 -56.51 33.40
CA PRO B 294 -11.88 -57.52 32.77
C PRO B 294 -12.00 -57.50 31.27
N THR B 295 -13.07 -56.91 30.71
CA THR B 295 -13.30 -56.87 29.27
C THR B 295 -12.70 -55.64 28.62
N HIS B 296 -12.17 -54.71 29.37
CA HIS B 296 -11.71 -53.44 28.83
C HIS B 296 -10.21 -53.50 28.58
N GLY B 297 -9.83 -53.81 27.34
CA GLY B 297 -8.44 -53.74 26.93
C GLY B 297 -7.67 -52.50 27.37
N PRO B 298 -8.14 -51.28 26.94
CA PRO B 298 -7.31 -50.07 27.00
C PRO B 298 -6.52 -49.87 28.29
N GLY B 299 -5.26 -49.50 28.13
CA GLY B 299 -4.30 -49.64 29.21
C GLY B 299 -3.63 -50.99 29.24
N PHE B 300 -3.86 -51.81 28.21
CA PHE B 300 -3.09 -53.03 28.03
C PHE B 300 -1.63 -52.69 27.79
N GLY B 301 -0.77 -53.62 28.14
CA GLY B 301 0.65 -53.43 28.04
C GLY B 301 1.38 -54.74 28.05
N PRO B 302 2.42 -54.84 27.23
CA PRO B 302 3.09 -56.12 27.04
C PRO B 302 3.85 -56.59 28.26
N GLY B 303 4.39 -55.66 29.05
CA GLY B 303 5.15 -56.10 30.19
C GLY B 303 4.92 -55.26 31.41
N ARG B 304 5.76 -55.49 32.42
CA ARG B 304 5.69 -54.89 33.76
C ARG B 304 4.34 -55.18 34.40
N GLY B 305 3.73 -56.30 34.02
CA GLY B 305 2.48 -56.73 34.60
C GLY B 305 1.22 -56.19 33.96
N ARG B 306 1.32 -55.41 32.89
CA ARG B 306 0.16 -54.72 32.35
C ARG B 306 -0.66 -55.57 31.39
N ALA B 307 -0.34 -56.85 31.23
CA ALA B 307 -1.10 -57.73 30.38
C ALA B 307 -2.04 -58.62 31.16
N ARG B 308 -2.27 -58.31 32.45
CA ARG B 308 -3.01 -59.20 33.34
C ARG B 308 -4.26 -59.74 32.65
N LYS B 309 -5.00 -58.87 31.94
CA LYS B 309 -6.33 -59.25 31.47
C LYS B 309 -6.24 -60.19 30.28
N PHE B 310 -5.17 -60.08 29.50
CA PHE B 310 -4.95 -61.02 28.41
C PHE B 310 -4.60 -62.38 28.98
N MET B 311 -3.82 -62.39 30.06
CA MET B 311 -3.37 -63.64 30.63
C MET B 311 -4.43 -64.30 31.49
N ASP B 312 -5.29 -63.51 32.13
CA ASP B 312 -6.41 -64.07 32.87
C ASP B 312 -7.35 -64.84 31.95
N LEU B 313 -7.77 -64.21 30.84
CA LEU B 313 -8.63 -64.86 29.87
C LEU B 313 -8.05 -66.17 29.36
N VAL B 314 -6.73 -66.27 29.24
CA VAL B 314 -6.08 -67.41 28.60
C VAL B 314 -5.84 -68.53 29.58
N GLU B 315 -5.31 -68.24 30.76
CA GLU B 315 -5.17 -69.38 31.67
C GLU B 315 -6.51 -69.77 32.31
N ARG B 316 -7.60 -69.05 32.03
CA ARG B 316 -8.92 -69.57 32.38
C ARG B 316 -9.38 -70.62 31.38
N ALA B 317 -9.05 -70.42 30.11
CA ALA B 317 -9.55 -71.29 29.05
C ALA B 317 -8.61 -72.43 28.71
N PHE B 318 -7.40 -72.45 29.28
CA PHE B 318 -6.37 -73.43 28.93
C PHE B 318 -5.91 -74.30 30.10
N ASP B 319 -6.15 -73.90 31.34
CA ASP B 319 -5.78 -74.65 32.56
C ASP B 319 -4.44 -75.34 32.44
N GLY B 320 -3.42 -74.60 31.99
CA GLY B 320 -2.09 -75.16 31.94
C GLY B 320 -1.75 -76.00 30.71
N ARG B 321 -2.72 -76.33 29.86
CA ARG B 321 -2.48 -77.13 28.66
C ARG B 321 -2.06 -76.24 27.48
N PHE B 322 -1.44 -76.86 26.46
CA PHE B 322 -1.10 -76.14 25.22
C PHE B 322 -2.23 -76.15 24.21
N SER B 323 -3.33 -76.84 24.52
CA SER B 323 -4.55 -76.89 23.71
C SER B 323 -5.70 -77.03 24.70
N THR B 324 -6.78 -76.27 24.50
CA THR B 324 -7.85 -76.18 25.52
C THR B 324 -8.31 -77.55 26.02
N PRO B 325 -8.49 -77.71 27.34
CA PRO B 325 -8.99 -79.00 27.86
C PRO B 325 -10.24 -79.52 27.18
N ASP B 326 -11.34 -78.77 27.23
CA ASP B 326 -12.56 -79.07 26.50
C ASP B 326 -12.41 -78.57 25.06
N GLY B 327 -13.42 -78.82 24.22
CA GLY B 327 -13.35 -78.28 22.88
C GLY B 327 -13.47 -76.77 22.78
N ALA B 328 -13.51 -76.05 23.90
CA ALA B 328 -13.72 -74.60 23.90
C ALA B 328 -12.74 -73.95 22.95
N ARG B 329 -13.26 -73.20 21.97
CA ARG B 329 -12.41 -72.54 21.01
C ARG B 329 -12.29 -71.07 21.38
N LEU B 330 -11.15 -70.47 21.04
CA LEU B 330 -10.95 -69.04 21.24
C LEU B 330 -11.21 -68.34 19.92
N ILE B 331 -11.96 -67.24 19.96
CA ILE B 331 -12.36 -66.51 18.77
C ILE B 331 -11.63 -65.18 18.72
N MET B 332 -11.24 -64.77 17.52
CA MET B 332 -10.46 -63.57 17.32
C MET B 332 -11.09 -62.83 16.15
N SER B 333 -11.93 -61.86 16.46
CA SER B 333 -12.78 -61.28 15.43
C SER B 333 -11.95 -60.39 14.52
N ASP B 334 -12.10 -60.61 13.21
CA ASP B 334 -11.37 -59.86 12.18
C ASP B 334 -12.35 -58.93 11.50
N ILE B 335 -12.64 -57.80 12.15
CA ILE B 335 -13.52 -56.79 11.56
C ILE B 335 -12.68 -55.80 10.75
N THR B 336 -13.15 -55.55 9.52
CA THR B 336 -12.49 -54.68 8.55
C THR B 336 -12.96 -53.24 8.71
N LYS B 337 -12.00 -52.31 8.63
CA LYS B 337 -12.28 -50.87 8.62
C LYS B 337 -13.17 -50.47 9.77
N TRP B 338 -12.84 -50.96 10.97
CA TRP B 338 -13.68 -50.71 12.14
C TRP B 338 -13.95 -49.22 12.32
N ASP B 339 -12.88 -48.42 12.37
CA ASP B 339 -13.03 -46.99 12.63
C ASP B 339 -13.92 -46.32 11.60
N ALA B 340 -13.92 -46.80 10.37
CA ALA B 340 -14.69 -46.16 9.33
C ALA B 340 -16.13 -46.66 9.27
N ASN B 341 -16.40 -47.87 9.74
CA ASN B 341 -17.74 -48.44 9.64
C ASN B 341 -18.47 -48.45 10.97
N MET B 342 -17.82 -48.01 12.04
CA MET B 342 -18.50 -47.80 13.30
C MET B 342 -19.68 -46.86 13.13
N CYS B 343 -20.90 -47.36 13.28
CA CYS B 343 -22.08 -46.60 12.89
C CYS B 343 -22.67 -45.80 14.05
N GLU B 344 -23.62 -44.92 13.72
CA GLU B 344 -24.31 -44.17 14.77
C GLU B 344 -25.03 -45.11 15.71
N ALA B 345 -25.76 -46.09 15.16
CA ALA B 345 -26.54 -47.03 15.97
C ALA B 345 -25.74 -47.60 17.13
N LEU B 346 -24.51 -48.04 16.84
CA LEU B 346 -23.64 -48.62 17.86
C LEU B 346 -23.09 -47.55 18.81
N ILE B 347 -22.55 -46.46 18.26
CA ILE B 347 -22.05 -45.37 19.09
C ILE B 347 -23.06 -45.00 20.17
N LYS B 348 -24.31 -44.77 19.74
CA LYS B 348 -25.38 -44.44 20.69
C LYS B 348 -25.44 -45.43 21.85
N TYR B 349 -25.50 -46.73 21.55
CA TYR B 349 -25.53 -47.74 22.61
C TYR B 349 -24.31 -47.65 23.53
N SER B 350 -23.13 -47.42 22.94
CA SER B 350 -21.88 -47.49 23.69
C SER B 350 -21.73 -46.31 24.64
N ILE B 351 -21.96 -45.09 24.17
CA ILE B 351 -21.78 -43.96 25.07
C ILE B 351 -22.97 -43.76 26.01
N ASP B 352 -24.16 -44.23 25.63
CA ASP B 352 -25.26 -44.23 26.57
C ASP B 352 -24.94 -45.09 27.77
N LEU B 353 -24.34 -46.25 27.51
CA LEU B 353 -23.93 -47.14 28.60
C LEU B 353 -22.92 -46.47 29.50
N LEU B 354 -21.91 -45.81 28.89
CA LEU B 354 -20.84 -45.21 29.67
C LEU B 354 -21.35 -44.07 30.55
N GLU B 355 -22.36 -43.34 30.10
CA GLU B 355 -22.93 -42.30 30.97
C GLU B 355 -23.75 -42.90 32.10
N ASP B 356 -24.48 -43.98 31.82
CA ASP B 356 -25.31 -44.60 32.86
C ASP B 356 -24.48 -45.07 34.02
N ALA B 357 -23.23 -45.49 33.77
CA ALA B 357 -22.35 -45.93 34.84
C ALA B 357 -21.93 -44.77 35.75
N VAL B 358 -22.04 -43.53 35.28
CA VAL B 358 -21.78 -42.38 36.13
C VAL B 358 -22.98 -42.08 37.01
N ASP B 359 -22.72 -41.80 38.30
CA ASP B 359 -23.74 -41.71 39.33
C ASP B 359 -24.11 -40.24 39.50
N LYS B 360 -25.24 -39.85 38.92
CA LYS B 360 -25.64 -38.46 38.98
C LYS B 360 -26.30 -38.08 40.28
N SER B 361 -26.53 -39.05 41.18
CA SER B 361 -27.52 -38.91 42.25
C SER B 361 -27.21 -37.82 43.27
N ALA B 362 -25.94 -37.40 43.40
CA ALA B 362 -25.58 -36.39 44.38
C ALA B 362 -25.46 -34.99 43.78
N LEU B 363 -26.29 -34.69 42.77
CA LEU B 363 -26.22 -33.44 42.05
C LEU B 363 -27.42 -32.56 42.36
N SER B 364 -27.16 -31.24 42.47
CA SER B 364 -28.23 -30.27 42.62
C SER B 364 -29.23 -30.40 41.47
N PRO B 365 -30.41 -29.78 41.61
CA PRO B 365 -31.28 -29.65 40.42
C PRO B 365 -30.60 -28.85 39.33
N GLU B 366 -29.94 -27.72 39.66
CA GLU B 366 -29.09 -27.04 38.68
C GLU B 366 -28.00 -27.95 38.16
N GLY B 367 -27.43 -28.78 39.04
CA GLY B 367 -26.23 -29.53 38.66
C GLY B 367 -26.53 -30.60 37.65
N LEU B 368 -27.57 -31.41 37.92
CA LEU B 368 -28.16 -32.32 36.96
C LEU B 368 -28.39 -31.68 35.58
N ALA B 369 -29.20 -30.61 35.54
CA ALA B 369 -29.49 -29.94 34.27
C ALA B 369 -28.21 -29.54 33.55
N THR B 370 -27.19 -29.07 34.30
CA THR B 370 -25.94 -28.68 33.65
C THR B 370 -25.26 -29.90 33.03
N ARG B 371 -25.06 -30.96 33.82
CA ARG B 371 -24.53 -32.20 33.27
C ARG B 371 -25.35 -32.65 32.07
N GLY B 372 -26.68 -32.52 32.14
CA GLY B 372 -27.51 -32.94 31.03
C GLY B 372 -27.11 -32.29 29.72
N LEU B 373 -27.09 -30.95 29.69
CA LEU B 373 -26.65 -30.21 28.51
C LEU B 373 -25.24 -30.59 28.11
N MET B 374 -24.33 -30.75 29.09
CA MET B 374 -22.97 -31.16 28.77
C MET B 374 -22.97 -32.46 28.01
N TYR B 375 -23.63 -33.49 28.57
CA TYR B 375 -23.72 -34.79 27.93
C TYR B 375 -24.44 -34.71 26.60
N ARG B 376 -25.31 -33.72 26.40
CA ARG B 376 -26.03 -33.67 25.14
C ARG B 376 -25.10 -33.21 24.02
N VAL B 377 -24.28 -32.19 24.28
CA VAL B 377 -23.34 -31.73 23.28
C VAL B 377 -22.29 -32.79 23.05
N ALA B 378 -21.85 -33.43 24.12
CA ALA B 378 -20.83 -34.47 24.00
C ALA B 378 -21.31 -35.60 23.11
N ARG B 379 -22.55 -36.07 23.35
CA ARG B 379 -23.16 -37.07 22.47
C ARG B 379 -23.23 -36.57 21.05
N ARG B 380 -23.72 -35.34 20.85
CA ARG B 380 -23.93 -34.84 19.49
C ARG B 380 -22.64 -34.83 18.70
N GLN B 381 -21.61 -34.18 19.27
CA GLN B 381 -20.31 -34.07 18.63
C GLN B 381 -19.65 -35.42 18.40
N LEU B 382 -20.15 -36.47 19.05
CA LEU B 382 -19.73 -37.85 18.82
C LEU B 382 -20.41 -38.50 17.63
N LEU B 383 -21.68 -38.16 17.38
CA LEU B 383 -22.42 -38.79 16.30
C LEU B 383 -22.36 -37.98 15.00
N GLU B 384 -21.96 -36.72 15.06
CA GLU B 384 -21.90 -35.86 13.88
C GLU B 384 -20.76 -34.89 14.03
N LYS B 385 -19.80 -34.92 13.10
CA LYS B 385 -18.56 -34.16 13.20
C LYS B 385 -18.41 -33.15 12.07
N LEU B 386 -17.72 -32.05 12.34
CA LEU B 386 -17.36 -31.07 11.32
C LEU B 386 -15.87 -31.18 11.04
N VAL B 387 -15.51 -31.69 9.86
CA VAL B 387 -14.16 -32.16 9.56
C VAL B 387 -13.63 -31.39 8.35
N GLU B 388 -12.35 -31.01 8.39
CA GLU B 388 -11.72 -30.38 7.21
C GLU B 388 -10.96 -31.43 6.42
N HIS B 389 -11.61 -31.97 5.38
CA HIS B 389 -11.12 -32.98 4.44
C HIS B 389 -9.80 -32.52 3.87
N PRO B 390 -8.86 -33.41 3.56
CA PRO B 390 -7.60 -32.96 2.96
C PRO B 390 -7.80 -32.09 1.74
N ALA B 391 -8.99 -32.12 1.14
CA ALA B 391 -9.31 -31.18 0.09
C ALA B 391 -9.07 -29.74 0.52
N GLY B 392 -9.12 -29.46 1.81
CA GLY B 392 -9.06 -28.11 2.30
C GLY B 392 -10.39 -27.44 2.48
N TYR B 393 -11.50 -28.20 2.41
CA TYR B 393 -12.85 -27.69 2.65
C TYR B 393 -13.53 -28.49 3.76
N PHE B 394 -14.57 -27.92 4.33
CA PHE B 394 -15.17 -28.60 5.46
C PHE B 394 -16.15 -29.65 4.98
N VAL B 395 -16.42 -30.61 5.86
CA VAL B 395 -17.26 -31.75 5.51
C VAL B 395 -18.01 -32.18 6.77
N LYS B 396 -19.25 -32.61 6.60
CA LYS B 396 -20.06 -33.14 7.68
C LYS B 396 -19.88 -34.66 7.67
N LEU B 397 -19.39 -35.22 8.75
CA LEU B 397 -19.19 -36.65 8.86
C LEU B 397 -20.21 -37.16 9.84
N TYR B 398 -20.95 -38.20 9.47
CA TYR B 398 -22.01 -38.71 10.35
C TYR B 398 -21.56 -40.05 10.96
N GLY B 399 -20.98 -39.96 12.15
CA GLY B 399 -20.76 -41.16 12.92
C GLY B 399 -19.68 -42.01 12.30
N CYS B 400 -18.46 -41.78 12.74
CA CYS B 400 -17.38 -42.71 12.53
C CYS B 400 -16.56 -42.60 13.80
N MET B 401 -15.60 -43.47 14.00
CA MET B 401 -14.80 -43.40 15.23
C MET B 401 -13.32 -43.55 14.94
N PRO B 402 -12.71 -42.52 14.35
CA PRO B 402 -11.29 -42.63 13.99
C PRO B 402 -10.37 -42.15 15.10
N SER B 403 -9.12 -42.55 14.98
CA SER B 403 -8.13 -42.23 16.00
C SER B 403 -8.08 -40.73 16.22
N GLY B 404 -7.96 -40.32 17.47
CA GLY B 404 -7.69 -38.93 17.80
C GLY B 404 -8.74 -38.26 18.66
N SER B 405 -9.82 -38.94 19.02
CA SER B 405 -10.77 -38.45 19.99
C SER B 405 -10.41 -39.04 21.34
N PHE B 406 -10.84 -38.36 22.41
CA PHE B 406 -10.80 -38.95 23.75
C PHE B 406 -11.54 -40.28 23.76
N TYR B 407 -12.65 -40.34 23.05
CA TYR B 407 -13.54 -41.48 23.12
C TYR B 407 -13.11 -42.65 22.27
N THR B 408 -12.06 -42.52 21.45
CA THR B 408 -11.86 -43.51 20.39
C THR B 408 -11.60 -44.90 20.96
N SER B 409 -10.58 -45.05 21.83
CA SER B 409 -10.35 -46.35 22.44
C SER B 409 -11.51 -46.75 23.34
N LEU B 410 -12.10 -45.78 24.04
CA LEU B 410 -13.16 -46.06 25.01
C LEU B 410 -14.44 -46.54 24.35
N VAL B 411 -14.89 -45.83 23.31
CA VAL B 411 -16.14 -46.20 22.69
C VAL B 411 -15.97 -47.45 21.84
N ASN B 412 -14.98 -47.44 20.93
CA ASN B 412 -14.72 -48.59 20.04
C ASN B 412 -14.62 -49.90 20.81
N THR B 413 -14.03 -49.88 22.01
CA THR B 413 -13.93 -51.07 22.86
C THR B 413 -15.29 -51.49 23.40
N THR B 414 -15.95 -50.61 24.14
CA THR B 414 -17.31 -50.87 24.58
C THR B 414 -18.23 -51.24 23.42
N GLY B 415 -17.91 -50.77 22.22
CA GLY B 415 -18.71 -51.12 21.06
C GLY B 415 -18.55 -52.57 20.66
N ASN B 416 -17.32 -53.02 20.49
CA ASN B 416 -17.09 -54.42 20.16
C ASN B 416 -17.62 -55.31 21.27
N ASN B 417 -17.54 -54.86 22.51
CA ASN B 417 -18.00 -55.68 23.62
C ASN B 417 -19.52 -55.79 23.65
N LEU B 418 -20.25 -54.74 23.24
CA LEU B 418 -21.70 -54.87 23.18
C LEU B 418 -22.13 -55.67 21.97
N LEU B 419 -21.38 -55.63 20.87
CA LEU B 419 -21.73 -56.44 19.70
C LEU B 419 -21.71 -57.93 20.00
N VAL B 420 -20.69 -58.41 20.73
CA VAL B 420 -20.60 -59.86 20.85
C VAL B 420 -21.57 -60.35 21.91
N ILE B 421 -21.68 -59.65 23.05
CA ILE B 421 -22.67 -60.05 24.03
C ILE B 421 -24.07 -59.89 23.46
N GLY B 422 -24.29 -58.83 22.69
CA GLY B 422 -25.58 -58.64 22.05
C GLY B 422 -25.87 -59.68 20.99
N HIS B 423 -24.85 -60.09 20.24
CA HIS B 423 -25.03 -61.16 19.27
C HIS B 423 -25.43 -62.47 19.95
N ALA B 424 -24.87 -62.75 21.13
CA ALA B 424 -25.18 -64.00 21.78
C ALA B 424 -26.57 -63.99 22.39
N ILE B 425 -27.01 -62.86 22.94
CA ILE B 425 -28.38 -62.77 23.45
C ILE B 425 -29.37 -62.96 22.31
N ALA B 426 -29.13 -62.29 21.18
CA ALA B 426 -29.98 -62.44 20.00
C ALA B 426 -30.09 -63.89 19.55
N ARG B 427 -28.99 -64.62 19.61
CA ARG B 427 -28.98 -66.04 19.23
C ARG B 427 -29.74 -66.88 20.25
N ALA B 428 -29.44 -66.70 21.54
CA ALA B 428 -30.08 -67.48 22.58
C ALA B 428 -31.57 -67.21 22.69
N VAL B 429 -32.04 -66.03 22.27
CA VAL B 429 -33.47 -65.80 22.36
C VAL B 429 -34.17 -66.49 21.20
N GLU B 430 -33.56 -66.45 20.03
CA GLU B 430 -34.17 -67.06 18.85
C GLU B 430 -33.99 -68.58 18.84
N GLU B 431 -32.91 -69.10 19.42
CA GLU B 431 -32.57 -70.51 19.25
C GLU B 431 -32.84 -71.36 20.47
N THR B 432 -33.09 -70.79 21.64
CA THR B 432 -33.39 -71.60 22.81
C THR B 432 -34.65 -71.03 23.45
N SER B 433 -34.91 -71.45 24.69
CA SER B 433 -36.06 -71.00 25.43
C SER B 433 -35.74 -69.81 26.31
N LEU B 434 -34.48 -69.38 26.35
CA LEU B 434 -34.08 -68.29 27.21
C LEU B 434 -34.82 -67.01 26.82
N THR B 435 -35.08 -66.16 27.82
CA THR B 435 -35.61 -64.84 27.56
C THR B 435 -34.46 -63.84 27.42
N HIS B 436 -34.80 -62.58 27.16
CA HIS B 436 -33.76 -61.57 27.15
C HIS B 436 -33.15 -61.41 28.52
N HIS B 437 -33.98 -61.40 29.57
CA HIS B 437 -33.43 -61.36 30.92
C HIS B 437 -32.66 -62.62 31.24
N GLY B 438 -33.14 -63.78 30.77
CA GLY B 438 -32.48 -65.02 31.11
C GLY B 438 -31.08 -65.10 30.57
N ALA B 439 -30.93 -64.84 29.27
CA ALA B 439 -29.61 -64.89 28.65
C ALA B 439 -28.70 -63.83 29.21
N ALA B 440 -29.23 -62.62 29.44
CA ALA B 440 -28.43 -61.59 30.09
C ALA B 440 -27.94 -62.05 31.46
N GLU B 441 -28.80 -62.70 32.24
CA GLU B 441 -28.41 -63.13 33.59
C GLU B 441 -27.30 -64.15 33.56
N LEU B 442 -27.33 -65.06 32.58
CA LEU B 442 -26.30 -66.08 32.44
C LEU B 442 -25.00 -65.51 31.91
N LEU B 443 -25.09 -64.59 30.93
CA LEU B 443 -23.89 -63.99 30.36
C LEU B 443 -23.20 -63.03 31.31
N ALA B 444 -23.96 -62.38 32.21
CA ALA B 444 -23.36 -61.48 33.19
C ALA B 444 -22.36 -62.19 34.08
N ASP B 445 -22.60 -63.47 34.36
CA ASP B 445 -21.69 -64.29 35.16
C ASP B 445 -20.50 -64.74 34.30
N ALA B 446 -20.79 -65.31 33.13
CA ALA B 446 -19.76 -65.94 32.32
C ALA B 446 -18.74 -64.93 31.82
N VAL B 447 -19.15 -63.68 31.59
CA VAL B 447 -18.33 -62.75 30.84
C VAL B 447 -17.11 -62.28 31.63
N ASP B 448 -17.09 -62.47 32.95
CA ASP B 448 -15.95 -62.10 33.77
C ASP B 448 -14.74 -63.02 33.50
N GLY B 449 -14.10 -62.92 32.34
CA GLY B 449 -12.95 -63.78 32.08
C GLY B 449 -12.94 -64.47 30.74
N THR B 450 -13.98 -64.23 29.96
CA THR B 450 -14.17 -64.89 28.68
C THR B 450 -14.17 -63.91 27.50
N LEU B 451 -13.84 -62.65 27.73
CA LEU B 451 -13.98 -61.62 26.71
C LEU B 451 -13.07 -60.46 27.06
N ILE B 452 -12.44 -59.90 26.04
CA ILE B 452 -11.60 -58.72 26.16
C ILE B 452 -11.54 -58.05 24.79
N SER B 453 -11.61 -56.72 24.78
CA SER B 453 -11.57 -55.96 23.53
C SER B 453 -10.67 -54.77 23.72
N TYR B 454 -10.08 -54.32 22.62
CA TYR B 454 -9.29 -53.09 22.54
C TYR B 454 -9.65 -52.56 21.16
N GLY B 455 -10.72 -51.79 21.09
CA GLY B 455 -11.22 -51.36 19.80
C GLY B 455 -11.66 -52.55 19.00
N ASP B 456 -11.12 -52.69 17.80
CA ASP B 456 -11.49 -53.80 16.95
C ASP B 456 -10.79 -55.10 17.33
N ASN B 457 -9.63 -55.04 17.99
CA ASN B 457 -9.05 -56.22 18.63
C ASN B 457 -10.00 -56.84 19.63
N GLN B 458 -10.25 -58.14 19.49
CA GLN B 458 -11.16 -58.81 20.40
C GLN B 458 -10.88 -60.31 20.43
N LEU B 459 -10.70 -60.83 21.64
CA LEU B 459 -10.48 -62.24 21.92
C LEU B 459 -11.56 -62.71 22.87
N PHE B 460 -12.26 -63.80 22.54
CA PHE B 460 -13.18 -64.33 23.52
C PHE B 460 -13.24 -65.85 23.40
N SER B 461 -13.67 -66.49 24.50
CA SER B 461 -13.78 -67.94 24.56
C SER B 461 -15.21 -68.35 24.27
N GLU B 462 -15.36 -69.48 23.58
CA GLU B 462 -16.66 -70.07 23.25
C GLU B 462 -17.48 -70.38 24.49
N HIS B 463 -16.88 -70.33 25.69
CA HIS B 463 -17.63 -70.48 26.92
C HIS B 463 -18.68 -69.40 27.09
N LEU B 464 -18.49 -68.25 26.45
CA LEU B 464 -19.56 -67.26 26.38
C LEU B 464 -20.82 -67.83 25.74
N PHE B 465 -20.65 -68.73 24.77
CA PHE B 465 -21.78 -69.32 24.06
C PHE B 465 -22.23 -70.64 24.67
N SER B 466 -21.33 -71.35 25.36
CA SER B 466 -21.69 -72.57 26.05
C SER B 466 -22.72 -72.30 27.15
N VAL B 467 -22.44 -71.34 28.02
CA VAL B 467 -23.33 -71.04 29.14
C VAL B 467 -24.74 -70.72 28.64
N LEU B 468 -24.89 -70.50 27.34
CA LEU B 468 -26.20 -70.41 26.72
C LEU B 468 -26.61 -71.70 26.03
N GLY B 469 -25.71 -72.65 25.90
CA GLY B 469 -26.03 -73.84 25.15
C GLY B 469 -25.93 -73.65 23.65
N LEU B 470 -25.03 -72.79 23.18
CA LEU B 470 -24.78 -72.67 21.76
C LEU B 470 -23.30 -72.94 21.47
N ALA B 471 -23.02 -73.22 20.20
CA ALA B 471 -21.65 -73.27 19.71
C ALA B 471 -21.38 -72.03 18.89
N TYR B 472 -20.13 -71.58 18.88
CA TYR B 472 -19.88 -70.33 18.18
C TYR B 472 -20.07 -70.55 16.68
N ASP B 473 -20.92 -69.75 16.08
CA ASP B 473 -21.10 -69.78 14.64
C ASP B 473 -20.48 -68.52 14.05
N PRO B 474 -19.32 -68.59 13.38
CA PRO B 474 -18.80 -67.38 12.73
C PRO B 474 -19.75 -66.82 11.72
N GLU B 475 -20.64 -67.64 11.19
CA GLU B 475 -21.54 -67.18 10.14
C GLU B 475 -22.66 -66.30 10.72
N LYS B 476 -23.32 -66.79 11.76
CA LYS B 476 -24.36 -66.01 12.40
C LYS B 476 -23.80 -64.74 13.03
N HIS B 477 -22.54 -64.82 13.51
CA HIS B 477 -21.84 -63.65 14.05
C HIS B 477 -21.56 -62.64 12.95
N ALA B 478 -21.20 -63.12 11.76
CA ALA B 478 -21.01 -62.20 10.65
C ALA B 478 -22.32 -61.50 10.31
N GLU B 479 -23.41 -62.25 10.26
CA GLU B 479 -24.71 -61.68 9.93
C GLU B 479 -25.12 -60.62 10.95
N PHE B 480 -24.93 -60.90 12.24
CA PHE B 480 -25.33 -59.91 13.24
C PHE B 480 -24.52 -58.62 13.08
N LEU B 481 -23.21 -58.72 12.82
CA LEU B 481 -22.42 -57.51 12.64
C LEU B 481 -22.82 -56.76 11.37
N ALA B 482 -23.30 -57.46 10.35
CA ALA B 482 -23.76 -56.76 9.18
C ALA B 482 -25.02 -55.95 9.44
N ARG B 483 -25.78 -56.29 10.50
CA ARG B 483 -26.91 -55.45 10.93
C ARG B 483 -26.49 -54.04 11.35
N PHE B 484 -25.22 -53.85 11.70
CA PHE B 484 -24.68 -52.55 12.07
C PHE B 484 -23.73 -52.04 11.01
N GLY B 485 -23.73 -52.68 9.84
CA GLY B 485 -22.84 -52.37 8.73
C GLY B 485 -21.36 -52.59 8.94
N MET B 486 -20.94 -53.77 9.41
CA MET B 486 -19.51 -54.07 9.51
C MET B 486 -19.23 -55.47 9.00
N LYS B 487 -18.15 -55.59 8.25
CA LYS B 487 -17.85 -56.85 7.56
C LYS B 487 -16.94 -57.66 8.46
N LEU B 488 -17.48 -58.71 9.06
CA LEU B 488 -16.66 -59.68 9.76
C LEU B 488 -16.17 -60.70 8.74
N LYS B 489 -14.87 -60.65 8.44
CA LYS B 489 -14.21 -61.59 7.53
C LYS B 489 -14.17 -62.96 8.20
N VAL B 490 -15.06 -63.86 7.78
CA VAL B 490 -15.12 -65.19 8.39
C VAL B 490 -13.87 -65.99 8.05
N ASP B 491 -13.32 -65.75 6.86
CA ASP B 491 -12.12 -66.40 6.36
C ASP B 491 -10.87 -66.02 7.16
N GLU B 492 -10.85 -64.88 7.85
CA GLU B 492 -9.73 -64.49 8.68
C GLU B 492 -10.03 -64.46 10.18
N THR B 493 -11.28 -64.61 10.59
CA THR B 493 -11.56 -64.70 12.01
C THR B 493 -10.99 -66.02 12.49
N GLU B 494 -9.80 -65.96 13.09
CA GLU B 494 -9.21 -67.18 13.63
C GLU B 494 -10.06 -67.72 14.75
N VAL B 495 -10.33 -69.02 14.67
CA VAL B 495 -10.94 -69.78 15.73
C VAL B 495 -10.06 -70.99 15.92
N THR B 496 -9.34 -71.05 17.04
CA THR B 496 -8.56 -72.24 17.33
C THR B 496 -8.78 -72.67 18.76
N VAL B 497 -7.95 -73.65 19.09
CA VAL B 497 -7.79 -74.21 20.43
C VAL B 497 -6.33 -74.33 20.81
N LYS B 498 -5.40 -73.99 19.90
CA LYS B 498 -3.96 -74.11 20.17
C LYS B 498 -3.45 -72.77 20.70
N LEU B 499 -2.95 -72.76 21.95
CA LEU B 499 -2.28 -71.60 22.53
C LEU B 499 -1.32 -70.91 21.58
N GLY B 500 -0.89 -71.61 20.51
CA GLY B 500 0.04 -71.03 19.59
C GLY B 500 -0.57 -70.02 18.64
N ARG B 501 -1.87 -70.15 18.34
CA ARG B 501 -2.54 -69.23 17.44
C ARG B 501 -3.41 -68.23 18.19
N VAL B 502 -3.38 -68.21 19.52
CA VAL B 502 -4.09 -67.20 20.30
C VAL B 502 -3.26 -65.92 20.30
N ARG B 503 -3.89 -64.81 19.90
CA ARG B 503 -3.25 -63.51 19.82
C ARG B 503 -4.20 -62.43 20.30
N PHE B 504 -3.63 -61.34 20.82
CA PHE B 504 -4.40 -60.18 21.26
C PHE B 504 -3.49 -58.97 21.25
N CYS B 505 -3.82 -57.99 20.42
CA CYS B 505 -2.99 -56.80 20.24
C CYS B 505 -1.58 -57.21 19.84
N SER B 506 -1.52 -58.13 18.90
CA SER B 506 -0.27 -58.55 18.30
C SER B 506 0.68 -59.24 19.28
N ARG B 507 0.18 -59.70 20.41
N ARG B 507 0.16 -59.70 20.41
CA ARG B 507 1.01 -60.37 21.40
CA ARG B 507 0.96 -60.37 21.43
C ARG B 507 0.51 -61.80 21.57
C ARG B 507 0.50 -61.82 21.52
N SER B 508 1.44 -62.74 21.57
CA SER B 508 1.16 -64.15 21.79
C SER B 508 1.51 -64.50 23.22
N LEU B 509 1.10 -65.71 23.63
CA LEU B 509 1.52 -66.28 24.90
C LEU B 509 2.19 -67.61 24.58
N VAL B 510 3.32 -67.86 25.22
CA VAL B 510 4.04 -69.12 25.03
C VAL B 510 4.21 -69.74 26.42
N ARG B 511 3.68 -70.95 26.59
CA ARG B 511 3.71 -71.61 27.88
C ARG B 511 5.09 -72.22 28.10
N THR B 512 5.85 -71.65 29.02
CA THR B 512 7.09 -72.26 29.43
C THR B 512 6.81 -73.40 30.39
N PRO B 513 7.79 -74.27 30.62
CA PRO B 513 7.67 -75.23 31.71
C PRO B 513 7.47 -74.59 33.07
N HIS B 514 7.52 -73.25 33.15
CA HIS B 514 7.27 -72.59 34.43
C HIS B 514 6.34 -71.39 34.33
N GLY B 515 5.44 -71.36 33.35
CA GLY B 515 4.55 -70.22 33.23
C GLY B 515 4.43 -69.63 31.83
N LEU B 516 3.58 -68.61 31.71
CA LEU B 516 3.31 -68.00 30.42
C LEU B 516 4.22 -66.78 30.23
N LEU B 517 4.42 -66.41 28.98
CA LEU B 517 5.28 -65.30 28.61
C LEU B 517 4.74 -64.57 27.41
N ILE B 518 4.60 -63.25 27.51
CA ILE B 518 4.21 -62.45 26.37
C ILE B 518 5.33 -62.48 25.32
N THR B 519 4.95 -62.58 24.04
CA THR B 519 5.89 -62.58 22.92
C THR B 519 5.23 -61.80 21.77
N ARG B 520 5.95 -61.67 20.66
CA ARG B 520 5.48 -61.00 19.44
C ARG B 520 5.97 -61.77 18.23
N SER B 521 5.35 -61.46 17.07
CA SER B 521 5.69 -62.06 15.78
C SER B 521 7.07 -61.63 15.31
N HIS B 522 7.69 -62.45 14.50
CA HIS B 522 8.94 -62.00 13.89
C HIS B 522 8.68 -61.07 12.71
N ASN B 523 7.52 -61.23 12.04
CA ASN B 523 7.12 -60.32 10.97
C ASN B 523 7.14 -58.90 11.44
N SER B 524 6.52 -58.68 12.60
CA SER B 524 6.21 -57.33 13.01
C SER B 524 7.49 -56.51 13.09
N LEU B 525 8.55 -57.03 13.77
CA LEU B 525 9.71 -56.15 13.81
C LEU B 525 10.43 -56.18 12.46
N PHE B 526 10.33 -57.28 11.70
CA PHE B 526 11.02 -57.24 10.41
C PHE B 526 10.38 -56.19 9.52
N ALA B 527 9.06 -55.99 9.62
CA ALA B 527 8.42 -54.98 8.80
C ALA B 527 8.61 -53.58 9.34
N LYS B 528 8.91 -53.46 10.65
CA LYS B 528 9.14 -52.19 11.33
C LYS B 528 10.54 -51.67 11.06
N LEU B 529 11.56 -52.50 11.30
CA LEU B 529 12.96 -52.22 10.98
C LEU B 529 13.15 -51.94 9.49
N ALA B 530 12.43 -52.64 8.64
CA ALA B 530 12.57 -52.45 7.21
C ALA B 530 11.83 -51.23 6.75
N GLY B 531 10.89 -50.73 7.57
CA GLY B 531 10.15 -49.52 7.30
C GLY B 531 10.76 -48.25 7.84
N ARG B 532 11.60 -48.34 8.87
CA ARG B 532 12.14 -47.20 9.60
C ARG B 532 12.93 -46.29 8.65
N PRO B 533 12.51 -45.04 8.45
CA PRO B 533 13.32 -44.12 7.65
C PRO B 533 14.51 -43.58 8.43
N ARG B 534 15.47 -43.03 7.67
CA ARG B 534 16.76 -42.63 8.24
C ARG B 534 16.55 -41.49 9.22
N HIS B 535 16.61 -41.78 10.52
CA HIS B 535 16.77 -40.70 11.48
C HIS B 535 18.26 -40.54 11.78
N ASP B 536 18.57 -39.59 12.65
CA ASP B 536 19.93 -39.51 13.14
C ASP B 536 20.42 -40.83 13.71
N PRO B 537 21.70 -41.24 13.45
CA PRO B 537 22.23 -42.50 13.99
C PRO B 537 21.84 -42.86 15.41
N VAL B 538 21.94 -41.95 16.39
CA VAL B 538 21.59 -42.29 17.77
C VAL B 538 20.09 -42.49 17.95
N VAL B 539 19.26 -41.84 17.14
CA VAL B 539 17.82 -42.07 17.26
C VAL B 539 17.44 -43.41 16.62
N ASP B 540 18.12 -43.81 15.55
CA ASP B 540 17.89 -45.12 14.98
C ASP B 540 18.39 -46.20 15.93
N LYS B 541 19.54 -45.98 16.56
CA LYS B 541 20.02 -46.90 17.59
C LYS B 541 19.06 -46.99 18.77
N LEU B 542 18.51 -45.84 19.21
CA LEU B 542 17.49 -45.90 20.25
C LEU B 542 16.29 -46.68 19.79
N TYR B 543 15.88 -46.51 18.52
CA TYR B 543 14.72 -47.25 18.02
C TYR B 543 14.94 -48.76 18.09
N VAL B 544 16.15 -49.22 17.75
CA VAL B 544 16.45 -50.65 17.84
C VAL B 544 16.28 -51.14 19.26
N ARG B 545 16.75 -50.35 20.23
CA ARG B 545 16.61 -50.76 21.61
C ARG B 545 15.17 -50.63 22.09
N ALA B 546 14.41 -49.68 21.55
CA ALA B 546 12.98 -49.61 21.83
C ALA B 546 12.30 -50.88 21.36
N MET B 547 12.72 -51.39 20.20
CA MET B 547 12.23 -52.68 19.72
C MET B 547 12.69 -53.83 20.60
N MET B 548 13.90 -53.75 21.15
CA MET B 548 14.36 -54.78 22.08
C MET B 548 13.45 -54.86 23.30
N VAL B 549 13.14 -53.72 23.91
CA VAL B 549 12.28 -53.68 25.07
C VAL B 549 10.87 -54.16 24.73
N ASP B 550 10.36 -53.79 23.55
CA ASP B 550 9.02 -54.24 23.22
C ASP B 550 8.91 -55.77 23.16
N HIS B 551 10.01 -56.45 22.82
CA HIS B 551 9.96 -57.89 22.68
C HIS B 551 10.39 -58.62 23.93
N MET B 552 11.00 -57.90 24.88
CA MET B 552 11.22 -58.39 26.24
C MET B 552 12.15 -59.60 26.29
N GLY B 553 13.02 -59.77 25.29
CA GLY B 553 14.01 -60.84 25.34
C GLY B 553 13.44 -62.25 25.49
N THR B 554 12.17 -62.45 25.13
CA THR B 554 11.55 -63.77 25.20
C THR B 554 12.04 -64.69 24.10
N ASP B 555 11.91 -64.28 22.86
CA ASP B 555 12.48 -65.01 21.73
C ASP B 555 13.98 -64.81 21.65
N PRO B 556 14.79 -65.86 21.81
CA PRO B 556 16.25 -65.68 21.66
C PRO B 556 16.70 -65.49 20.23
N ILE B 557 15.90 -65.96 19.26
CA ILE B 557 16.12 -65.60 17.86
C ILE B 557 16.00 -64.09 17.68
N VAL B 558 14.91 -63.51 18.21
CA VAL B 558 14.70 -62.06 18.06
C VAL B 558 15.78 -61.28 18.81
N TYR B 559 16.08 -61.68 20.05
CA TYR B 559 17.18 -61.01 20.76
C TYR B 559 18.49 -61.12 20.00
N ALA B 560 18.78 -62.29 19.42
CA ALA B 560 20.04 -62.45 18.72
C ALA B 560 20.15 -61.54 17.51
N ILE B 561 19.02 -61.30 16.83
CA ILE B 561 19.02 -60.44 15.64
C ILE B 561 19.15 -58.99 16.02
N LEU B 562 18.33 -58.54 16.98
CA LEU B 562 18.38 -57.15 17.42
C LEU B 562 19.70 -56.81 18.08
N ASN B 563 20.27 -57.74 18.87
CA ASN B 563 21.61 -57.48 19.39
C ASN B 563 22.62 -57.28 18.27
N GLU B 564 22.52 -58.07 17.20
CA GLU B 564 23.35 -57.84 16.02
C GLU B 564 23.17 -56.44 15.48
N ILE B 565 21.91 -56.05 15.21
CA ILE B 565 21.68 -54.72 14.67
C ILE B 565 22.19 -53.65 15.61
N ASP B 566 22.01 -53.84 16.92
CA ASP B 566 22.47 -52.83 17.87
C ASP B 566 23.98 -52.66 17.78
N ARG B 567 24.72 -53.79 17.80
CA ARG B 567 26.18 -53.75 17.74
C ARG B 567 26.69 -53.22 16.41
N SER B 568 25.96 -53.45 15.32
CA SER B 568 26.35 -52.91 14.02
C SER B 568 26.35 -51.39 14.02
N LEU B 569 25.50 -50.75 14.82
CA LEU B 569 25.46 -49.28 14.85
C LEU B 569 26.39 -48.80 15.96
N ASN B 570 27.64 -48.45 15.59
CA ASN B 570 28.67 -48.05 16.56
C ASN B 570 28.60 -46.55 16.89
N VAL B 571 27.54 -46.14 17.56
CA VAL B 571 27.45 -44.77 18.04
C VAL B 571 27.26 -44.83 19.55
N SER B 572 27.69 -43.76 20.24
CA SER B 572 27.58 -43.72 21.70
C SER B 572 26.22 -43.19 22.10
N LEU B 573 25.42 -44.03 22.69
CA LEU B 573 24.14 -43.56 23.20
C LEU B 573 24.30 -42.83 24.55
N GLU B 574 25.54 -42.53 24.96
CA GLU B 574 25.80 -41.81 26.20
C GLU B 574 25.59 -40.34 25.98
N ALA B 575 25.02 -39.66 26.97
CA ALA B 575 24.84 -38.20 26.91
C ALA B 575 24.08 -37.77 25.65
N ALA B 576 23.19 -38.62 25.17
CA ALA B 576 22.48 -38.31 23.95
C ALA B 576 21.53 -37.15 24.18
N GLY B 577 21.32 -36.35 23.14
CA GLY B 577 20.47 -35.18 23.28
C GLY B 577 18.99 -35.52 23.13
N LEU B 578 18.16 -34.95 24.02
CA LEU B 578 16.72 -35.02 23.82
C LEU B 578 16.24 -34.22 22.62
N THR B 579 16.61 -34.66 21.42
CA THR B 579 15.99 -34.20 20.20
C THR B 579 14.53 -34.64 20.14
N ASP B 580 13.74 -33.99 19.30
CA ASP B 580 12.34 -34.37 19.21
C ASP B 580 12.19 -35.77 18.64
N ALA B 581 13.12 -36.21 17.78
CA ALA B 581 13.08 -37.60 17.33
C ALA B 581 13.35 -38.56 18.47
N ALA B 582 14.41 -38.32 19.25
CA ALA B 582 14.68 -39.15 20.42
C ALA B 582 13.53 -39.13 21.41
N LYS B 583 12.90 -37.97 21.63
CA LYS B 583 11.76 -37.91 22.54
C LYS B 583 10.65 -38.83 22.10
N LYS B 584 10.36 -38.88 20.79
CA LYS B 584 9.31 -39.78 20.35
C LYS B 584 9.64 -41.22 20.73
N VAL B 585 10.89 -41.64 20.54
CA VAL B 585 11.20 -43.03 20.81
C VAL B 585 11.03 -43.31 22.30
N LEU B 586 11.54 -42.42 23.16
CA LEU B 586 11.40 -42.64 24.59
C LEU B 586 9.96 -42.51 25.05
N GLU B 587 9.13 -41.76 24.33
CA GLU B 587 7.77 -41.55 24.79
C GLU B 587 6.90 -42.75 24.50
N ASP B 588 7.12 -43.42 23.37
CA ASP B 588 6.28 -44.54 23.00
C ASP B 588 6.60 -45.75 23.85
N THR B 589 7.88 -46.03 24.04
CA THR B 589 8.33 -46.99 25.04
C THR B 589 7.95 -46.66 26.47
N ALA B 590 7.73 -45.40 26.85
CA ALA B 590 7.20 -45.17 28.18
C ALA B 590 5.73 -45.50 28.27
N GLN B 591 4.98 -45.39 27.18
CA GLN B 591 3.56 -45.68 27.33
C GLN B 591 3.31 -47.19 27.42
N SER B 592 3.98 -48.02 26.62
CA SER B 592 3.67 -49.44 26.67
C SER B 592 4.16 -50.06 27.99
N MET B 593 5.35 -49.69 28.46
CA MET B 593 5.80 -50.30 29.71
C MET B 593 5.32 -49.60 30.97
N PHE B 594 5.15 -48.29 30.96
CA PHE B 594 4.80 -47.59 32.20
C PHE B 594 3.34 -47.17 32.29
N GLY B 595 2.72 -46.89 31.14
CA GLY B 595 1.40 -46.31 31.08
C GLY B 595 1.39 -44.80 30.88
N ASN B 596 2.38 -44.11 31.45
CA ASN B 596 2.52 -42.65 31.41
C ASN B 596 3.54 -42.27 30.36
N ARG B 597 3.31 -41.18 29.66
CA ARG B 597 4.41 -40.54 28.94
C ARG B 597 5.01 -39.37 29.74
N GLU B 598 5.09 -39.52 31.07
CA GLU B 598 5.49 -38.44 31.97
C GLU B 598 7.00 -38.47 32.22
N GLN B 599 7.49 -37.56 33.08
CA GLN B 599 8.92 -37.30 33.11
C GLN B 599 9.70 -38.52 33.59
N ASP B 600 9.42 -38.99 34.83
CA ASP B 600 10.21 -40.06 35.43
C ASP B 600 10.09 -41.37 34.68
N ALA B 601 8.97 -41.60 34.00
CA ALA B 601 8.90 -42.67 33.02
C ALA B 601 9.89 -42.42 31.88
N LEU B 602 9.76 -41.26 31.22
CA LEU B 602 10.69 -40.84 30.16
C LEU B 602 12.14 -40.98 30.56
N LEU B 603 12.49 -40.63 31.80
CA LEU B 603 13.87 -40.76 32.25
C LEU B 603 14.27 -42.23 32.37
N ALA B 604 13.40 -43.04 33.00
CA ALA B 604 13.75 -44.43 33.23
C ALA B 604 14.01 -45.14 31.92
N VAL B 605 13.20 -44.85 30.89
CA VAL B 605 13.45 -45.47 29.59
C VAL B 605 14.74 -44.92 29.00
N TYR B 606 15.02 -43.63 29.21
CA TYR B 606 16.29 -43.05 28.75
C TYR B 606 17.47 -43.79 29.33
N ARG B 607 17.53 -43.89 30.66
CA ARG B 607 18.72 -44.45 31.30
C ARG B 607 18.92 -45.90 30.90
N ALA B 608 17.83 -46.63 30.74
CA ALA B 608 17.93 -48.03 30.37
C ALA B 608 18.44 -48.22 28.96
N LEU B 609 17.91 -47.44 28.02
CA LEU B 609 18.30 -47.62 26.63
C LEU B 609 19.57 -46.87 26.29
N SER B 610 20.11 -46.08 27.22
CA SER B 610 21.33 -45.34 26.95
C SER B 610 22.58 -46.01 27.55
N GLU B 611 22.55 -47.33 27.70
CA GLU B 611 23.62 -48.10 28.31
C GLU B 611 24.48 -48.79 27.26
N THR B 612 25.66 -49.23 27.69
CA THR B 612 26.65 -49.66 26.72
C THR B 612 26.17 -50.91 26.01
N VAL B 613 25.49 -51.79 26.73
CA VAL B 613 24.87 -52.96 26.13
C VAL B 613 23.59 -53.28 26.90
N ILE B 614 22.59 -53.75 26.17
CA ILE B 614 21.30 -54.10 26.75
C ILE B 614 21.16 -55.61 26.70
N ASP B 615 21.31 -56.26 27.87
CA ASP B 615 21.46 -57.71 27.93
C ASP B 615 20.11 -58.36 28.07
N ARG B 616 20.01 -59.58 27.53
CA ARG B 616 18.75 -60.32 27.53
C ARG B 616 18.21 -60.53 28.93
N ARG B 617 19.07 -60.57 29.96
CA ARG B 617 18.55 -60.76 31.30
C ARG B 617 17.71 -59.57 31.72
N ALA B 618 18.15 -58.36 31.42
CA ALA B 618 17.37 -57.19 31.84
C ALA B 618 16.08 -57.10 31.04
N LEU B 619 16.14 -57.38 29.75
CA LEU B 619 14.92 -57.42 28.94
C LEU B 619 13.89 -58.35 29.56
N LEU B 620 14.34 -59.52 30.05
CA LEU B 620 13.41 -60.50 30.63
C LEU B 620 12.84 -60.02 31.97
N SER B 621 13.47 -59.03 32.60
CA SER B 621 12.89 -58.54 33.84
C SER B 621 11.67 -57.69 33.56
N LEU B 622 11.39 -57.43 32.29
CA LEU B 622 10.14 -56.77 31.94
C LEU B 622 8.94 -57.68 32.21
N HIS B 623 9.12 -59.01 32.13
CA HIS B 623 8.00 -59.92 32.36
C HIS B 623 7.50 -59.87 33.79
N THR B 624 8.36 -59.55 34.73
CA THR B 624 8.00 -59.75 36.12
C THR B 624 7.20 -58.54 36.60
N PRO B 625 6.01 -58.75 37.15
CA PRO B 625 5.05 -57.65 37.30
C PRO B 625 5.53 -56.64 38.31
N ARG B 626 5.21 -55.37 38.04
CA ARG B 626 5.56 -54.28 38.89
C ARG B 626 4.27 -53.75 39.56
N ASP B 627 4.23 -52.45 39.89
CA ASP B 627 3.07 -51.73 40.49
C ASP B 627 2.23 -52.55 41.48
N MET B 643 12.14 -44.39 39.76
CA MET B 643 11.60 -45.33 38.78
C MET B 643 12.70 -46.03 38.01
N HIS B 644 12.43 -47.26 37.58
CA HIS B 644 13.39 -48.10 36.88
C HIS B 644 12.66 -48.94 35.85
N LEU B 645 13.17 -48.96 34.63
CA LEU B 645 12.51 -49.78 33.61
C LEU B 645 12.71 -51.27 33.93
N PHE B 646 13.96 -51.70 34.04
CA PHE B 646 14.31 -53.08 34.32
C PHE B 646 14.41 -53.27 35.83
N THR B 647 14.00 -54.44 36.32
CA THR B 647 14.22 -54.85 37.71
C THR B 647 15.24 -55.98 37.77
N GLY B 648 15.50 -56.45 39.00
CA GLY B 648 16.52 -57.45 39.21
C GLY B 648 16.04 -58.89 39.16
N GLU B 649 14.81 -59.15 39.61
CA GLU B 649 14.34 -60.53 39.71
C GLU B 649 13.59 -60.93 38.46
N LEU B 650 13.90 -62.11 37.93
CA LEU B 650 13.09 -62.74 36.90
C LEU B 650 12.07 -63.71 37.49
N THR B 651 10.90 -63.82 36.83
CA THR B 651 9.88 -64.81 37.18
C THR B 651 10.34 -66.21 36.77
N PRO B 652 9.77 -67.27 37.39
CA PRO B 652 10.25 -68.62 37.07
C PRO B 652 10.18 -68.92 35.60
N ALA B 653 9.19 -68.35 34.90
CA ALA B 653 9.06 -68.57 33.47
C ALA B 653 10.06 -67.75 32.68
N ALA B 654 10.39 -66.54 33.12
CA ALA B 654 11.44 -65.77 32.44
C ALA B 654 12.81 -66.37 32.67
N GLN B 655 13.06 -66.91 33.88
CA GLN B 655 14.34 -67.55 34.17
C GLN B 655 14.59 -68.74 33.26
N TRP B 656 13.56 -69.55 32.99
CA TRP B 656 13.66 -70.64 32.02
C TRP B 656 14.07 -70.14 30.64
N ALA B 657 13.49 -69.00 30.24
CA ALA B 657 13.74 -68.47 28.91
C ALA B 657 15.13 -67.90 28.81
N TYR B 658 15.68 -67.40 29.93
CA TYR B 658 17.05 -66.90 29.97
C TYR B 658 18.05 -67.99 29.59
N GLU B 659 17.83 -69.22 30.06
CA GLU B 659 18.72 -70.32 29.77
C GLU B 659 18.35 -71.03 28.48
N CYS B 660 17.45 -70.46 27.71
CA CYS B 660 17.00 -71.06 26.47
C CYS B 660 17.87 -70.56 25.32
N THR B 661 18.59 -71.47 24.68
CA THR B 661 19.38 -71.11 23.50
C THR B 661 18.47 -70.99 22.29
N VAL B 662 19.00 -70.48 21.18
CA VAL B 662 18.18 -70.49 19.97
C VAL B 662 17.77 -71.90 19.61
N GLU B 663 18.68 -72.85 19.74
CA GLU B 663 18.43 -74.21 19.31
C GLU B 663 17.40 -74.90 20.20
N LYS B 664 17.41 -74.60 21.50
CA LYS B 664 16.43 -75.20 22.39
C LYS B 664 15.08 -74.54 22.23
N TRP B 665 15.06 -73.25 21.85
CA TRP B 665 13.82 -72.53 21.60
C TRP B 665 13.03 -73.17 20.46
N CYS B 666 13.65 -73.31 19.25
CA CYS B 666 12.91 -73.91 18.14
C CYS B 666 12.51 -75.34 18.44
N GLN B 667 13.29 -76.04 19.24
CA GLN B 667 12.86 -77.37 19.62
C GLN B 667 11.62 -77.30 20.51
N TYR B 668 11.69 -76.51 21.59
CA TYR B 668 10.59 -76.47 22.55
C TYR B 668 9.29 -76.06 21.90
N LEU B 669 9.36 -75.03 21.07
CA LEU B 669 8.23 -74.54 20.31
C LEU B 669 7.62 -75.65 19.48
N HIS B 670 8.47 -76.49 18.89
CA HIS B 670 8.00 -77.52 17.98
C HIS B 670 7.38 -78.68 18.73
N ASP B 671 8.01 -79.10 19.83
CA ASP B 671 7.51 -80.23 20.60
C ASP B 671 6.17 -79.91 21.25
N THR B 672 6.02 -78.68 21.73
CA THR B 672 4.82 -78.21 22.42
C THR B 672 3.72 -77.73 21.47
N ASP B 673 3.97 -77.82 20.16
CA ASP B 673 3.13 -77.26 19.12
C ASP B 673 2.77 -75.82 19.46
N GLN B 674 3.79 -75.00 19.35
CA GLN B 674 3.69 -73.58 19.59
C GLN B 674 4.54 -72.80 18.61
N GLU B 675 4.74 -73.31 17.40
CA GLU B 675 5.53 -72.54 16.47
C GLU B 675 4.75 -71.35 15.90
N GLY B 676 3.43 -71.31 16.15
CA GLY B 676 2.59 -70.27 15.59
C GLY B 676 2.84 -68.90 16.16
N VAL B 677 3.50 -68.82 17.32
CA VAL B 677 3.82 -67.55 17.94
C VAL B 677 4.97 -66.83 17.27
N MET B 678 5.54 -67.41 16.20
CA MET B 678 6.72 -66.87 15.53
C MET B 678 6.41 -66.11 14.25
N PHE B 679 5.29 -66.38 13.59
CA PHE B 679 4.97 -65.73 12.33
C PHE B 679 3.46 -65.52 12.22
N ASP B 680 3.06 -64.40 11.59
CA ASP B 680 1.70 -63.83 11.62
C ASP B 680 1.39 -63.22 12.99
N ARG C 6 0.96 22.57 -5.86
CA ARG C 6 2.19 23.14 -6.41
C ARG C 6 2.29 22.90 -7.92
N ALA C 7 2.47 24.01 -8.66
CA ALA C 7 2.37 24.10 -10.12
C ALA C 7 3.62 23.59 -10.81
N PHE C 8 3.58 23.53 -12.14
CA PHE C 8 4.73 23.11 -12.92
C PHE C 8 4.69 23.83 -14.26
N ARG C 9 5.78 23.73 -15.03
CA ARG C 9 5.98 24.54 -16.22
C ARG C 9 6.17 23.66 -17.44
N LEU C 10 5.46 24.01 -18.52
CA LEU C 10 5.52 23.27 -19.76
C LEU C 10 6.77 23.65 -20.55
N LYS C 11 7.14 22.82 -21.52
CA LYS C 11 8.36 23.08 -22.28
C LYS C 11 8.13 24.13 -23.37
N SER C 12 6.96 24.15 -24.00
CA SER C 12 6.75 24.95 -25.19
C SER C 12 6.29 26.37 -24.85
N TYR C 13 6.17 27.21 -25.88
CA TYR C 13 5.76 28.59 -25.67
C TYR C 13 4.64 29.06 -26.59
N ALA C 14 4.53 28.46 -27.77
CA ALA C 14 3.44 28.77 -28.67
C ALA C 14 2.17 28.08 -28.21
N ASP C 15 1.04 28.74 -28.42
CA ASP C 15 -0.23 28.13 -28.04
C ASP C 15 -0.43 26.81 -28.75
N GLY C 16 -0.02 26.72 -30.02
CA GLY C 16 -0.18 25.48 -30.76
C GLY C 16 0.59 24.33 -30.15
N ASP C 17 1.85 24.58 -29.78
CA ASP C 17 2.66 23.56 -29.13
C ASP C 17 2.12 23.23 -27.75
N LEU C 18 1.75 24.26 -26.99
CA LEU C 18 1.24 24.03 -25.65
C LEU C 18 -0.04 23.21 -25.70
N LEU C 19 -0.83 23.35 -26.77
CA LEU C 19 -2.05 22.58 -26.91
C LEU C 19 -1.77 21.08 -26.96
N ARG C 20 -0.74 20.66 -27.70
CA ARG C 20 -0.38 19.24 -27.70
C ARG C 20 0.30 18.81 -26.40
N GLU C 21 1.02 19.72 -25.74
CA GLU C 21 1.60 19.34 -24.46
C GLU C 21 0.55 19.07 -23.40
N LEU C 22 -0.70 19.43 -23.64
CA LEU C 22 -1.75 19.25 -22.65
C LEU C 22 -2.40 17.87 -22.73
N ARG C 23 -2.42 17.24 -23.91
CA ARG C 23 -3.15 15.98 -24.10
C ARG C 23 -2.80 14.96 -23.03
N GLN C 24 -1.49 14.80 -22.78
CA GLN C 24 -1.03 13.85 -21.77
C GLN C 24 -1.69 14.03 -20.41
N PHE C 25 -2.36 15.14 -20.16
CA PHE C 25 -2.94 15.39 -18.85
C PHE C 25 -4.44 15.17 -18.82
N ASP C 26 -5.01 14.62 -19.91
CA ASP C 26 -6.45 14.58 -20.07
C ASP C 26 -7.06 13.51 -19.17
N GLY C 27 -8.38 13.52 -19.09
CA GLY C 27 -9.08 12.53 -18.29
C GLY C 27 -8.91 12.64 -16.79
N ALA C 28 -8.17 13.63 -16.29
CA ALA C 28 -8.01 13.79 -14.84
C ALA C 28 -9.33 14.16 -14.17
N LYS C 29 -9.47 13.76 -12.91
CA LYS C 29 -10.66 14.06 -12.14
C LYS C 29 -10.49 15.38 -11.40
N ASN C 30 -11.63 15.92 -10.94
CA ASN C 30 -11.60 17.04 -10.01
C ASN C 30 -11.16 16.57 -8.62
N ALA C 31 -11.26 15.25 -8.35
CA ALA C 31 -10.97 14.58 -7.08
C ALA C 31 -12.05 14.88 -6.04
N SER C 32 -12.55 16.11 -6.00
CA SER C 32 -13.60 16.55 -5.09
C SER C 32 -15.01 16.15 -5.56
N GLU C 33 -15.14 15.24 -6.53
CA GLU C 33 -16.42 14.90 -7.15
C GLU C 33 -16.53 13.38 -7.35
N LEU C 34 -17.75 12.92 -7.64
CA LEU C 34 -18.01 11.50 -7.93
C LEU C 34 -19.12 11.37 -8.97
N GLY C 35 -19.11 10.25 -9.69
CA GLY C 35 -20.19 9.94 -10.61
C GLY C 35 -19.88 10.34 -12.03
N PRO C 36 -20.91 10.43 -12.88
CA PRO C 36 -20.68 10.74 -14.29
C PRO C 36 -20.78 12.24 -14.62
N ARG C 37 -21.46 12.99 -13.75
CA ARG C 37 -21.53 14.45 -13.85
C ARG C 37 -20.28 15.10 -13.26
N ALA C 38 -19.17 14.36 -13.23
CA ALA C 38 -17.96 14.86 -12.63
C ALA C 38 -17.02 15.37 -13.71
N PHE C 39 -16.00 16.10 -13.29
CA PHE C 39 -15.16 16.79 -14.23
C PHE C 39 -14.18 15.81 -14.85
N VAL C 40 -13.93 15.96 -16.13
CA VAL C 40 -12.77 15.37 -16.78
C VAL C 40 -12.09 16.45 -17.60
N ARG C 41 -10.77 16.50 -17.49
CA ARG C 41 -9.99 17.40 -18.33
C ARG C 41 -10.04 16.90 -19.78
N ASP C 42 -10.42 17.79 -20.68
CA ASP C 42 -10.46 17.46 -22.10
C ASP C 42 -9.75 18.62 -22.80
N SER C 43 -8.44 18.49 -23.03
CA SER C 43 -7.74 19.56 -23.72
C SER C 43 -8.40 19.93 -25.05
N HIS C 44 -9.40 19.18 -25.49
CA HIS C 44 -9.97 19.48 -26.79
C HIS C 44 -11.02 20.56 -26.74
N ARG C 45 -11.44 21.01 -25.55
CA ARG C 45 -12.32 22.18 -25.49
C ARG C 45 -11.58 23.46 -25.87
N LEU C 46 -10.24 23.45 -25.76
CA LEU C 46 -9.39 24.55 -26.19
C LEU C 46 -9.14 24.56 -27.70
N ASP C 47 -9.33 23.41 -28.37
CA ASP C 47 -8.99 23.28 -29.79
C ASP C 47 -9.51 24.45 -30.61
N ALA C 48 -10.79 24.78 -30.45
CA ALA C 48 -11.38 25.84 -31.26
C ALA C 48 -10.71 27.18 -31.01
N ALA C 49 -10.50 27.52 -29.73
CA ALA C 49 -9.97 28.82 -29.38
C ALA C 49 -8.52 28.98 -29.81
N VAL C 50 -7.70 27.94 -29.64
CA VAL C 50 -6.29 28.05 -30.03
C VAL C 50 -6.18 28.32 -31.52
N GLU C 51 -7.07 27.72 -32.32
CA GLU C 51 -7.10 27.99 -33.75
C GLU C 51 -7.51 29.42 -34.06
N LYS C 52 -8.66 29.86 -33.53
CA LYS C 52 -9.10 31.23 -33.79
C LYS C 52 -8.01 32.24 -33.45
N ALA C 53 -7.22 31.97 -32.42
CA ALA C 53 -6.21 32.91 -31.95
C ALA C 53 -4.94 32.84 -32.77
N SER C 54 -4.67 31.69 -33.38
CA SER C 54 -3.49 31.53 -34.22
C SER C 54 -3.46 32.50 -35.40
N LYS C 55 -4.63 32.99 -35.86
CA LYS C 55 -4.73 33.96 -36.94
C LYS C 55 -4.88 35.40 -36.46
N LEU C 56 -4.56 35.68 -35.19
CA LEU C 56 -4.63 37.03 -34.63
C LEU C 56 -3.23 37.51 -34.25
N THR C 57 -2.99 38.82 -34.43
CA THR C 57 -1.67 39.38 -34.14
C THR C 57 -1.44 39.59 -32.64
N ASP C 58 -2.39 40.22 -31.93
CA ASP C 58 -2.38 40.34 -30.47
C ASP C 58 -3.61 39.66 -29.90
N PRO C 59 -3.60 38.34 -29.76
CA PRO C 59 -4.77 37.64 -29.23
C PRO C 59 -5.01 37.97 -27.77
N THR C 60 -6.30 37.99 -27.39
CA THR C 60 -6.73 38.27 -26.03
C THR C 60 -6.33 37.16 -25.07
N PHE C 61 -6.09 35.95 -25.56
CA PHE C 61 -5.78 34.89 -24.65
C PHE C 61 -4.58 34.09 -25.15
N HIS C 62 -3.93 33.46 -24.18
CA HIS C 62 -2.86 32.52 -24.43
C HIS C 62 -3.06 31.37 -23.48
N ILE C 63 -2.67 30.17 -23.91
CA ILE C 63 -2.59 29.08 -22.96
C ILE C 63 -1.49 29.43 -21.96
N SER C 64 -1.73 29.13 -20.70
CA SER C 64 -0.69 29.38 -19.72
C SER C 64 0.41 28.35 -19.86
N GLN C 65 1.63 28.74 -19.51
CA GLN C 65 2.77 27.82 -19.51
C GLN C 65 2.85 27.03 -18.21
N TYR C 66 2.13 27.46 -17.19
CA TYR C 66 2.06 26.79 -15.92
C TYR C 66 0.71 26.11 -15.81
N GLN C 67 0.70 24.84 -15.38
CA GLN C 67 -0.54 24.11 -15.13
C GLN C 67 -0.45 23.40 -13.80
N LEU C 68 -1.59 23.06 -13.28
CA LEU C 68 -1.59 22.32 -12.03
C LEU C 68 -1.87 20.83 -12.28
N PRO C 69 -1.40 19.93 -11.43
CA PRO C 69 -1.65 18.50 -11.70
C PRO C 69 -3.13 18.16 -11.78
N HIS C 70 -3.97 18.90 -11.05
CA HIS C 70 -5.38 18.60 -11.00
C HIS C 70 -6.16 19.85 -11.34
N PRO C 71 -7.25 19.73 -12.05
CA PRO C 71 -8.11 20.88 -12.31
C PRO C 71 -8.93 21.25 -11.08
N TYR C 72 -9.24 22.55 -10.98
CA TYR C 72 -10.24 23.04 -10.06
C TYR C 72 -11.64 23.05 -10.64
N SER C 73 -11.79 22.86 -11.95
CA SER C 73 -13.10 23.09 -12.56
C SER C 73 -14.12 22.08 -12.05
N PHE C 74 -15.38 22.51 -12.02
CA PHE C 74 -16.48 21.64 -11.69
C PHE C 74 -17.15 21.07 -12.94
N GLY C 75 -17.67 19.85 -12.80
CA GLY C 75 -18.47 19.22 -13.83
C GLY C 75 -19.93 19.62 -13.71
N GLY C 76 -20.74 19.02 -14.56
CA GLY C 76 -22.14 19.38 -14.57
C GLY C 76 -22.92 18.63 -15.63
N GLY C 77 -24.18 19.05 -15.78
CA GLY C 77 -25.07 18.44 -16.72
C GLY C 77 -26.20 19.36 -17.11
N PRO C 78 -27.10 18.88 -17.97
CA PRO C 78 -28.19 19.72 -18.49
C PRO C 78 -29.43 19.63 -17.62
N PRO C 79 -30.35 20.59 -17.70
CA PRO C 79 -31.43 20.69 -16.72
C PRO C 79 -32.63 19.82 -17.06
N ASN C 80 -33.50 19.67 -16.06
CA ASN C 80 -34.79 19.02 -16.23
C ASN C 80 -35.45 19.27 -17.58
N PRO C 81 -35.56 18.25 -18.40
CA PRO C 81 -36.34 18.39 -19.63
C PRO C 81 -37.74 18.88 -19.39
N GLU C 82 -38.32 18.59 -18.23
CA GLU C 82 -39.70 18.97 -17.97
C GLU C 82 -39.82 20.49 -17.84
N ARG C 83 -40.80 21.09 -18.52
CA ARG C 83 -41.11 22.52 -18.41
C ARG C 83 -42.56 22.61 -17.99
N PRO C 84 -42.84 22.47 -16.68
CA PRO C 84 -44.21 22.24 -16.24
C PRO C 84 -45.10 23.47 -16.28
N LEU C 85 -44.56 24.65 -16.62
CA LEU C 85 -45.40 25.82 -16.67
C LEU C 85 -45.89 26.13 -18.07
N THR C 86 -45.36 25.51 -19.11
CA THR C 86 -45.76 25.94 -20.44
C THR C 86 -47.20 25.56 -20.77
N ALA C 87 -47.73 24.47 -20.19
CA ALA C 87 -49.10 24.08 -20.52
C ALA C 87 -50.12 25.04 -19.91
N PRO C 88 -50.13 25.30 -18.60
CA PRO C 88 -51.04 26.31 -18.06
C PRO C 88 -50.95 27.63 -18.78
N LEU C 89 -49.77 28.01 -19.28
CA LEU C 89 -49.61 29.24 -20.07
C LEU C 89 -50.51 29.25 -21.30
N ILE C 90 -50.24 28.35 -22.25
CA ILE C 90 -50.98 28.39 -23.52
C ILE C 90 -52.47 28.32 -23.23
N SER C 91 -52.86 27.41 -22.32
CA SER C 91 -54.23 27.37 -21.85
C SER C 91 -54.70 28.77 -21.42
N ALA C 92 -53.97 29.41 -20.51
CA ALA C 92 -54.39 30.73 -20.03
C ALA C 92 -54.19 31.80 -21.06
N ILE C 93 -53.32 31.60 -22.05
CA ILE C 93 -53.18 32.61 -23.09
C ILE C 93 -54.38 32.55 -24.04
N ASN C 94 -54.74 31.36 -24.48
CA ASN C 94 -55.95 31.20 -25.28
C ASN C 94 -57.14 31.88 -24.63
N LYS C 95 -57.26 31.79 -23.30
CA LYS C 95 -58.47 32.28 -22.68
C LYS C 95 -58.48 33.80 -22.54
N VAL C 96 -57.32 34.42 -22.26
CA VAL C 96 -57.30 35.87 -22.13
C VAL C 96 -57.07 36.60 -23.46
N SER C 97 -56.54 35.92 -24.47
CA SER C 97 -56.41 36.57 -25.77
C SER C 97 -57.77 36.97 -26.33
N GLN C 98 -58.85 36.36 -25.86
CA GLN C 98 -60.17 36.67 -26.38
C GLN C 98 -60.65 38.06 -25.99
N ARG C 99 -60.12 38.65 -24.93
CA ARG C 99 -60.48 39.99 -24.50
C ARG C 99 -59.61 41.07 -25.12
N THR C 100 -58.76 40.69 -26.06
CA THR C 100 -57.78 41.55 -26.70
C THR C 100 -58.41 42.19 -27.94
N ARG C 101 -57.81 43.29 -28.40
CA ARG C 101 -58.21 43.86 -29.69
C ARG C 101 -57.97 42.91 -30.86
N ASP C 102 -56.82 42.24 -30.89
CA ASP C 102 -56.48 41.26 -31.92
C ASP C 102 -56.16 39.90 -31.31
N PRO C 103 -57.18 39.11 -30.99
CA PRO C 103 -56.93 37.85 -30.27
C PRO C 103 -56.03 36.90 -31.03
N VAL C 104 -56.17 36.83 -32.37
CA VAL C 104 -55.37 35.85 -33.10
C VAL C 104 -53.95 36.34 -33.31
N GLY C 105 -53.72 37.65 -33.26
CA GLY C 105 -52.38 38.16 -33.33
C GLY C 105 -51.67 37.96 -32.01
N TYR C 106 -52.33 38.37 -30.92
CA TYR C 106 -51.80 38.13 -29.59
C TYR C 106 -51.31 36.71 -29.41
N ARG C 107 -52.09 35.72 -29.88
CA ARG C 107 -51.65 34.34 -29.81
C ARG C 107 -50.45 34.07 -30.71
N LYS C 108 -50.37 34.73 -31.86
CA LYS C 108 -49.25 34.47 -32.75
C LYS C 108 -47.95 35.01 -32.15
N ARG C 109 -47.93 36.26 -31.69
CA ARG C 109 -46.69 36.83 -31.18
C ARG C 109 -46.21 36.12 -29.90
N ALA C 110 -47.14 35.58 -29.10
CA ALA C 110 -46.76 34.80 -27.93
C ALA C 110 -46.24 33.42 -28.28
N LYS C 111 -46.78 32.80 -29.33
CA LYS C 111 -46.24 31.50 -29.75
C LYS C 111 -44.76 31.60 -30.05
N GLU C 112 -44.27 32.72 -30.56
CA GLU C 112 -42.87 32.78 -30.92
C GLU C 112 -41.99 32.72 -29.68
N SER C 113 -42.45 33.32 -28.58
CA SER C 113 -41.68 33.37 -27.34
C SER C 113 -41.70 32.02 -26.63
N ILE C 114 -42.89 31.53 -26.32
CA ILE C 114 -43.09 30.19 -25.75
C ILE C 114 -42.26 29.11 -26.44
N ASP C 115 -42.24 29.12 -27.77
CA ASP C 115 -41.49 28.11 -28.53
C ASP C 115 -39.98 28.32 -28.47
N LEU C 116 -39.52 29.40 -27.86
CA LEU C 116 -38.09 29.61 -27.81
C LEU C 116 -37.52 29.60 -26.39
N GLY C 117 -38.36 29.73 -25.38
CA GLY C 117 -37.85 29.74 -24.02
C GLY C 117 -37.11 28.46 -23.71
N ASP C 118 -36.14 28.58 -22.83
CA ASP C 118 -35.25 27.48 -22.48
C ASP C 118 -34.42 27.93 -21.28
N PHE C 119 -33.50 27.06 -20.87
CA PHE C 119 -32.77 27.20 -19.62
C PHE C 119 -31.35 26.72 -19.86
N THR C 120 -30.36 27.54 -19.48
CA THR C 120 -28.96 27.12 -19.52
C THR C 120 -28.50 26.76 -18.11
N THR C 121 -27.47 25.91 -18.04
CA THR C 121 -26.92 25.46 -16.77
C THR C 121 -25.43 25.28 -16.93
N HIS C 122 -24.75 25.07 -15.79
CA HIS C 122 -23.32 24.89 -15.85
C HIS C 122 -23.00 23.49 -16.38
N ASP C 123 -22.24 23.42 -17.45
CA ASP C 123 -21.81 22.16 -18.03
C ASP C 123 -20.62 22.44 -18.90
N PRO C 124 -19.44 21.93 -18.54
CA PRO C 124 -18.20 22.32 -19.24
C PRO C 124 -18.22 21.94 -20.68
N ASP C 125 -19.16 21.10 -21.08
CA ASP C 125 -19.15 20.66 -22.47
C ASP C 125 -20.00 21.55 -23.36
N THR C 126 -21.05 22.15 -22.79
CA THR C 126 -21.88 23.16 -23.45
C THR C 126 -21.32 24.57 -23.34
N LEU C 127 -20.28 24.78 -22.51
CA LEU C 127 -19.77 26.08 -22.12
C LEU C 127 -18.59 26.56 -22.93
N HIS C 128 -17.64 25.67 -23.25
CA HIS C 128 -16.45 26.08 -24.00
C HIS C 128 -16.73 26.89 -25.27
N PRO C 129 -17.80 26.64 -26.05
CA PRO C 129 -18.05 27.46 -27.26
C PRO C 129 -18.30 28.92 -26.96
N ARG C 130 -18.67 29.27 -25.74
CA ARG C 130 -18.88 30.67 -25.39
C ARG C 130 -17.54 31.39 -25.32
N PHE C 131 -16.47 30.70 -24.86
CA PHE C 131 -15.16 31.33 -24.71
C PHE C 131 -14.64 31.88 -26.03
N LEU C 132 -15.15 31.40 -27.15
CA LEU C 132 -14.63 31.77 -28.46
C LEU C 132 -14.76 33.26 -28.70
N GLU C 133 -15.85 33.89 -28.28
CA GLU C 133 -15.98 35.32 -28.49
C GLU C 133 -15.13 36.12 -27.53
N TYR C 134 -14.50 35.49 -26.55
CA TYR C 134 -13.58 36.24 -25.73
C TYR C 134 -12.23 36.31 -26.40
N VAL C 135 -12.07 35.59 -27.51
CA VAL C 135 -10.84 35.44 -28.29
C VAL C 135 -10.89 36.37 -29.49
N HIS C 136 -10.35 37.56 -29.35
CA HIS C 136 -10.37 38.55 -30.40
C HIS C 136 -9.09 39.35 -30.27
N GLU C 137 -9.03 40.53 -30.85
CA GLU C 137 -7.78 41.27 -30.87
C GLU C 137 -7.77 42.30 -29.76
N ARG C 138 -6.65 42.34 -29.03
CA ARG C 138 -6.54 43.25 -27.91
C ARG C 138 -6.50 44.69 -28.39
N THR C 139 -7.11 45.56 -27.60
CA THR C 139 -7.08 47.01 -27.82
C THR C 139 -6.39 47.66 -26.63
N ARG C 140 -5.06 47.66 -26.63
CA ARG C 140 -4.37 48.05 -25.40
C ARG C 140 -4.52 49.53 -25.11
N SER C 141 -4.73 50.34 -26.15
CA SER C 141 -4.89 51.78 -26.03
C SER C 141 -5.44 52.33 -27.34
N VAL C 142 -5.88 53.58 -27.31
CA VAL C 142 -6.48 54.16 -28.50
C VAL C 142 -5.53 55.19 -29.07
N ASP C 143 -6.00 55.97 -30.03
CA ASP C 143 -5.13 56.85 -30.80
C ASP C 143 -5.03 58.22 -30.15
N GLY C 144 -4.36 59.15 -30.83
CA GLY C 144 -4.24 60.50 -30.35
C GLY C 144 -5.59 61.09 -30.01
N PRO C 145 -6.38 61.41 -31.03
CA PRO C 145 -7.60 62.20 -30.81
C PRO C 145 -8.64 61.48 -29.95
N THR C 146 -8.69 60.15 -30.06
CA THR C 146 -9.66 59.39 -29.26
C THR C 146 -9.34 59.52 -27.77
N ASP C 147 -8.07 59.30 -27.38
CA ASP C 147 -7.65 59.46 -25.98
C ASP C 147 -7.98 60.85 -25.47
N ASP C 148 -7.79 61.87 -26.32
CA ASP C 148 -8.13 63.23 -25.95
C ASP C 148 -9.62 63.35 -25.64
N ALA C 149 -10.46 62.73 -26.47
CA ALA C 149 -11.90 62.78 -26.21
C ALA C 149 -12.26 61.99 -24.96
N MET C 150 -11.64 60.81 -24.78
CA MET C 150 -11.93 59.95 -23.62
C MET C 150 -11.50 60.61 -22.31
N ARG C 151 -10.28 61.17 -22.26
CA ARG C 151 -9.84 61.87 -21.05
C ARG C 151 -10.71 63.10 -20.79
N ALA C 152 -11.11 63.79 -21.86
CA ALA C 152 -12.06 64.90 -21.74
C ALA C 152 -13.37 64.42 -21.12
N ALA C 153 -13.81 63.23 -21.50
CA ALA C 153 -15.06 62.71 -20.94
C ALA C 153 -14.88 62.32 -19.48
N GLN C 154 -13.65 61.98 -19.08
CA GLN C 154 -13.42 61.70 -17.67
C GLN C 154 -13.70 62.93 -16.83
N THR C 155 -13.35 64.11 -17.35
CA THR C 155 -13.60 65.35 -16.60
C THR C 155 -15.08 65.70 -16.56
N VAL C 156 -15.88 65.17 -17.49
CA VAL C 156 -17.33 65.33 -17.40
C VAL C 156 -17.83 64.67 -16.12
N PHE C 157 -17.38 63.44 -15.86
CA PHE C 157 -17.81 62.68 -14.69
C PHE C 157 -17.07 63.07 -13.43
N ALA C 158 -15.87 63.63 -13.53
CA ALA C 158 -15.32 64.38 -12.41
C ALA C 158 -16.31 65.47 -11.98
N ARG C 159 -16.55 66.45 -12.86
CA ARG C 159 -17.37 67.59 -12.47
C ARG C 159 -18.76 67.13 -12.00
N LEU C 160 -19.36 66.16 -12.71
CA LEU C 160 -20.67 65.65 -12.31
C LEU C 160 -20.70 65.16 -10.88
N TRP C 161 -19.75 64.27 -10.53
CA TRP C 161 -19.77 63.64 -9.21
C TRP C 161 -19.51 64.63 -8.11
N ARG C 162 -18.64 65.62 -8.32
CA ARG C 162 -18.46 66.64 -7.30
C ARG C 162 -19.74 67.45 -7.10
N ARG C 163 -20.38 67.89 -8.20
CA ARG C 163 -21.63 68.61 -8.05
C ARG C 163 -22.70 67.77 -7.40
N LYS C 164 -22.60 66.44 -7.44
CA LYS C 164 -23.56 65.61 -6.73
C LYS C 164 -23.10 65.26 -5.32
N GLY C 165 -22.04 65.92 -4.83
CA GLY C 165 -21.70 65.82 -3.42
C GLY C 165 -20.80 64.66 -3.07
N CYS C 166 -19.90 64.30 -3.98
CA CYS C 166 -18.94 63.25 -3.70
C CYS C 166 -17.97 63.75 -2.64
N LYS C 167 -17.96 63.11 -1.48
CA LYS C 167 -16.93 63.38 -0.49
C LYS C 167 -16.20 62.11 -0.11
N VAL C 168 -16.10 61.14 -1.02
CA VAL C 168 -15.58 59.81 -0.66
C VAL C 168 -14.08 59.91 -0.39
N LYS C 169 -13.65 59.39 0.77
CA LYS C 169 -12.27 59.42 1.24
C LYS C 169 -11.72 58.01 1.24
N ALA C 170 -10.40 57.88 1.03
CA ALA C 170 -9.80 56.54 1.12
C ALA C 170 -10.01 55.95 2.52
N ARG C 171 -10.16 54.63 2.60
CA ARG C 171 -10.25 53.91 3.87
C ARG C 171 -8.86 53.66 4.42
N SER C 172 -8.78 53.52 5.75
CA SER C 172 -7.50 53.25 6.40
C SER C 172 -7.38 51.76 6.69
N LEU C 173 -6.17 51.31 6.98
CA LEU C 173 -6.04 49.88 7.16
C LEU C 173 -6.72 49.39 8.43
N SER C 174 -7.21 50.31 9.25
CA SER C 174 -8.03 49.97 10.40
C SER C 174 -9.33 49.30 9.99
N ASP C 175 -9.73 49.43 8.72
CA ASP C 175 -10.96 48.85 8.21
C ASP C 175 -10.70 47.55 7.48
N ALA C 176 -9.47 47.03 7.60
CA ALA C 176 -9.10 45.72 7.08
C ALA C 176 -9.00 44.67 8.17
N GLN C 177 -9.09 45.06 9.42
CA GLN C 177 -9.20 44.10 10.51
C GLN C 177 -10.53 43.35 10.38
N PRO C 178 -10.57 42.07 10.84
CA PRO C 178 -11.65 41.14 10.45
C PRO C 178 -13.08 41.67 10.55
N ASP C 179 -13.40 42.15 11.75
CA ASP C 179 -14.73 42.65 12.07
C ASP C 179 -15.14 43.80 11.14
N ASN C 180 -14.24 44.75 10.86
CA ASN C 180 -14.63 45.87 10.00
C ASN C 180 -14.74 45.50 8.52
N LEU C 181 -14.06 44.45 8.07
CA LEU C 181 -14.20 44.06 6.67
C LEU C 181 -15.59 43.52 6.39
N LEU C 182 -16.21 42.82 7.35
CA LEU C 182 -17.56 42.30 7.19
C LEU C 182 -18.59 43.39 6.90
N ALA C 183 -18.26 44.65 7.14
CA ALA C 183 -19.06 45.75 6.63
C ALA C 183 -19.16 45.68 5.11
N ILE C 184 -18.02 45.55 4.44
CA ILE C 184 -17.97 45.81 3.00
C ILE C 184 -17.91 44.52 2.19
N ILE C 185 -18.20 43.35 2.80
CA ILE C 185 -18.28 42.09 2.08
C ILE C 185 -19.76 41.72 1.96
N LYS C 186 -20.09 41.01 0.88
CA LYS C 186 -21.45 40.56 0.59
C LYS C 186 -21.42 39.04 0.43
N LYS C 187 -22.54 38.38 0.78
CA LYS C 187 -22.60 36.92 0.67
C LYS C 187 -22.36 36.48 -0.77
N GLY C 188 -21.49 35.50 -0.94
CA GLY C 188 -21.11 35.06 -2.27
C GLY C 188 -20.42 33.70 -2.29
N SER C 189 -19.77 33.37 -3.48
CA SER C 189 -19.10 32.08 -3.68
C SER C 189 -17.62 32.17 -3.30
N PRO C 190 -17.10 31.17 -2.59
CA PRO C 190 -15.74 31.24 -2.05
C PRO C 190 -14.62 30.77 -2.97
N GLY C 191 -14.71 31.00 -4.30
CA GLY C 191 -13.57 30.86 -5.20
C GLY C 191 -12.85 29.51 -5.15
N GLU C 192 -11.50 29.56 -5.09
CA GLU C 192 -10.67 28.36 -4.97
C GLU C 192 -10.50 27.91 -3.52
N TYR C 193 -11.11 28.61 -2.57
CA TYR C 193 -11.19 28.18 -1.18
C TYR C 193 -12.42 27.31 -0.92
N ARG C 194 -13.16 26.95 -1.97
CA ARG C 194 -14.21 25.94 -1.82
C ARG C 194 -13.61 24.57 -1.56
N SER C 195 -12.32 24.41 -1.86
CA SER C 195 -11.56 23.22 -1.52
C SER C 195 -11.25 23.21 -0.03
N ASP C 200 -19.73 30.29 1.68
CA ASP C 200 -20.01 31.72 1.61
C ASP C 200 -18.75 32.52 1.78
N ARG C 201 -18.77 33.74 1.24
CA ARG C 201 -17.66 34.67 1.43
C ARG C 201 -17.48 35.06 2.89
N ARG C 202 -18.48 34.83 3.73
CA ARG C 202 -18.45 35.31 5.11
C ARG C 202 -18.14 34.20 6.13
N ASP C 203 -17.60 33.04 5.70
CA ASP C 203 -17.11 32.07 6.68
C ASP C 203 -16.05 32.73 7.56
N PRO C 204 -16.03 32.46 8.86
CA PRO C 204 -15.10 33.17 9.74
C PRO C 204 -13.63 32.96 9.38
N ARG C 205 -13.28 31.81 8.81
CA ARG C 205 -11.90 31.55 8.41
C ARG C 205 -11.54 32.29 7.13
N LEU C 206 -12.52 32.60 6.27
CA LEU C 206 -12.23 33.38 5.08
C LEU C 206 -11.97 34.84 5.43
N ILE C 207 -12.83 35.43 6.27
CA ILE C 207 -12.65 36.84 6.66
C ILE C 207 -11.23 37.07 7.16
N ALA C 208 -10.65 36.06 7.82
CA ALA C 208 -9.27 36.15 8.28
C ALA C 208 -8.31 36.24 7.10
N THR C 209 -8.35 35.24 6.20
CA THR C 209 -7.52 35.27 5.01
C THR C 209 -7.67 36.58 4.27
N MET C 210 -8.90 36.99 3.99
CA MET C 210 -9.09 38.28 3.34
C MET C 210 -8.50 39.41 4.15
N SER C 211 -8.62 39.35 5.47
CA SER C 211 -8.02 40.42 6.28
C SER C 211 -6.50 40.40 6.15
N SER C 212 -5.89 39.21 6.18
CA SER C 212 -4.42 39.18 6.08
C SER C 212 -3.98 39.70 4.73
N SER C 213 -4.58 39.18 3.67
CA SER C 213 -4.24 39.59 2.30
C SER C 213 -4.25 41.11 2.15
N LEU C 214 -5.06 41.82 2.94
CA LEU C 214 -5.03 43.28 2.89
C LEU C 214 -3.95 43.89 3.77
N LEU C 215 -3.68 43.33 4.95
CA LEU C 215 -2.67 43.96 5.80
C LEU C 215 -1.27 43.77 5.26
N ARG C 216 -1.03 42.74 4.44
CA ARG C 216 0.32 42.52 3.95
C ARG C 216 0.84 43.72 3.17
N TYR C 217 -0.05 44.50 2.56
CA TYR C 217 0.36 45.68 1.82
C TYR C 217 1.05 46.71 2.70
N ALA C 218 0.85 46.65 4.03
CA ALA C 218 1.37 47.72 4.91
C ALA C 218 2.89 47.73 4.94
N SER C 219 3.53 46.55 5.15
CA SER C 219 4.98 46.41 5.03
C SER C 219 5.46 47.04 3.75
N ALA C 220 4.74 46.77 2.66
CA ALA C 220 5.15 47.17 1.33
C ALA C 220 5.16 48.69 1.18
N GLY C 221 4.05 49.34 1.49
CA GLY C 221 4.04 50.79 1.39
C GLY C 221 5.05 51.45 2.29
N VAL C 222 5.45 50.78 3.38
CA VAL C 222 6.40 51.39 4.30
C VAL C 222 7.76 51.53 3.64
N GLN C 223 8.17 50.51 2.88
CA GLN C 223 9.40 50.57 2.10
C GLN C 223 9.28 51.58 0.97
N VAL C 224 8.20 51.50 0.21
CA VAL C 224 8.01 52.46 -0.87
C VAL C 224 8.12 53.88 -0.35
N ALA C 225 7.72 54.13 0.90
CA ALA C 225 7.84 55.48 1.48
C ALA C 225 9.27 55.80 1.91
N ARG C 226 10.04 54.80 2.32
CA ARG C 226 11.44 54.97 2.69
C ARG C 226 12.38 54.81 1.49
N GLY C 227 11.88 55.01 0.26
CA GLY C 227 12.68 54.98 -0.94
C GLY C 227 13.14 53.61 -1.38
N ARG C 228 12.85 52.57 -0.60
CA ARG C 228 13.30 51.20 -0.83
C ARG C 228 12.29 50.52 -1.76
N PRO C 229 12.57 49.31 -2.23
CA PRO C 229 11.68 48.68 -3.19
C PRO C 229 10.65 47.85 -2.47
N PRO C 230 9.40 47.89 -2.91
CA PRO C 230 8.39 46.98 -2.37
C PRO C 230 8.78 45.54 -2.63
N PRO C 231 8.19 44.59 -1.91
CA PRO C 231 8.45 43.17 -2.17
C PRO C 231 8.12 42.80 -3.60
N GLY C 232 8.52 41.57 -3.95
CA GLY C 232 8.37 41.13 -5.33
C GLY C 232 6.94 40.78 -5.71
N TRP C 233 6.16 40.27 -4.76
CA TRP C 233 4.80 39.85 -5.05
C TRP C 233 3.91 40.99 -5.48
N VAL C 234 4.27 42.24 -5.18
CA VAL C 234 3.36 43.32 -5.53
C VAL C 234 3.25 43.44 -7.03
N ASP C 235 4.26 42.98 -7.75
CA ASP C 235 4.20 43.00 -9.20
C ASP C 235 3.84 41.66 -9.80
N THR C 236 3.80 40.58 -9.01
CA THR C 236 3.59 39.23 -9.56
C THR C 236 2.34 38.53 -9.06
N THR C 237 1.88 38.77 -7.82
CA THR C 237 0.71 38.06 -7.31
C THR C 237 -0.45 38.19 -8.30
N THR C 238 -1.03 37.04 -8.65
CA THR C 238 -2.31 36.96 -9.35
C THR C 238 -3.14 35.86 -8.67
N GLN C 239 -4.43 35.85 -8.97
CA GLN C 239 -5.36 34.89 -8.38
C GLN C 239 -5.99 34.07 -9.49
N VAL C 240 -6.11 32.77 -9.24
CA VAL C 240 -6.85 31.92 -10.14
C VAL C 240 -8.30 32.36 -10.19
N THR C 241 -8.88 32.37 -11.38
CA THR C 241 -10.29 32.63 -11.57
C THR C 241 -10.93 31.39 -12.16
N LEU C 242 -12.13 31.08 -11.73
CA LEU C 242 -12.82 29.87 -12.11
C LEU C 242 -13.96 30.24 -13.05
N THR C 243 -14.33 29.35 -13.96
CA THR C 243 -15.39 29.65 -14.93
C THR C 243 -16.60 28.79 -14.70
N PHE C 244 -17.78 29.36 -14.93
CA PHE C 244 -19.00 28.63 -14.65
C PHE C 244 -19.98 28.64 -15.82
N GLY C 245 -20.87 29.60 -15.92
CA GLY C 245 -21.91 29.45 -16.93
C GLY C 245 -23.25 29.36 -16.23
N LYS C 246 -24.13 30.34 -16.45
CA LYS C 246 -25.19 30.56 -15.48
C LYS C 246 -26.35 29.60 -15.65
N ARG C 247 -27.03 29.31 -14.53
CA ARG C 247 -28.39 28.77 -14.58
C ARG C 247 -29.28 29.99 -14.70
N GLU C 248 -30.01 30.10 -15.81
CA GLU C 248 -30.94 31.20 -16.04
C GLU C 248 -31.89 30.79 -17.17
N PRO C 249 -33.06 31.43 -17.26
CA PRO C 249 -33.85 31.30 -18.49
C PRO C 249 -33.20 32.11 -19.61
N LYS C 250 -32.53 31.45 -20.55
CA LYS C 250 -32.20 32.10 -21.80
C LYS C 250 -33.02 31.46 -22.91
N ALA C 251 -33.43 32.27 -23.88
CA ALA C 251 -34.14 31.77 -25.05
C ALA C 251 -33.22 30.92 -25.92
N ALA C 252 -33.81 30.05 -26.75
CA ALA C 252 -33.05 29.33 -27.75
C ALA C 252 -33.07 30.16 -29.03
N LYS C 253 -32.46 29.64 -30.09
CA LYS C 253 -32.42 30.39 -31.35
C LYS C 253 -32.43 29.39 -32.51
N ILE C 254 -33.25 29.68 -33.51
CA ILE C 254 -33.28 28.91 -34.76
C ILE C 254 -32.24 29.58 -35.65
N VAL C 255 -31.04 29.03 -35.67
CA VAL C 255 -29.95 29.65 -36.42
C VAL C 255 -30.12 29.36 -37.91
N ASP C 256 -30.06 28.08 -38.27
CA ASP C 256 -30.30 27.71 -39.67
C ASP C 256 -31.75 27.30 -39.84
N GLY C 257 -32.03 26.01 -39.66
CA GLY C 257 -33.38 25.50 -39.65
C GLY C 257 -33.60 24.70 -38.40
N VAL C 258 -32.54 24.54 -37.61
CA VAL C 258 -32.63 23.79 -36.36
C VAL C 258 -32.77 24.75 -35.19
N ARG C 259 -33.58 24.35 -34.22
CA ARG C 259 -33.71 25.04 -32.95
C ARG C 259 -32.47 24.71 -32.13
N GLN C 260 -31.51 25.64 -32.10
CA GLN C 260 -30.26 25.42 -31.35
C GLN C 260 -30.38 25.85 -29.90
N ALA C 261 -29.92 24.95 -29.00
CA ALA C 261 -30.00 25.14 -27.56
C ALA C 261 -29.24 26.40 -27.15
N PRO C 262 -29.63 27.03 -26.03
CA PRO C 262 -29.00 28.30 -25.66
C PRO C 262 -27.60 28.02 -25.19
N VAL C 263 -26.67 28.85 -25.67
CA VAL C 263 -25.29 28.69 -25.30
C VAL C 263 -25.08 29.47 -24.01
N PRO C 264 -24.61 28.82 -22.93
CA PRO C 264 -24.56 29.46 -21.61
C PRO C 264 -23.77 30.75 -21.62
N ARG C 265 -24.03 31.62 -20.66
CA ARG C 265 -23.27 32.85 -20.52
C ARG C 265 -22.23 32.66 -19.44
N PHE C 266 -21.18 33.46 -19.51
CA PHE C 266 -19.93 33.13 -18.82
C PHE C 266 -19.88 33.79 -17.45
N ILE C 267 -19.40 33.07 -16.44
CA ILE C 267 -19.32 33.60 -15.06
C ILE C 267 -17.93 33.37 -14.51
N PHE C 268 -17.26 34.45 -14.12
CA PHE C 268 -15.97 34.36 -13.43
C PHE C 268 -16.20 34.38 -11.93
N ASN C 269 -15.46 33.54 -11.22
CA ASN C 269 -15.58 33.45 -9.77
C ASN C 269 -14.24 33.92 -9.21
N LEU C 270 -14.14 35.23 -8.95
CA LEU C 270 -12.88 35.80 -8.50
C LEU C 270 -12.54 35.31 -7.11
N SER C 271 -11.25 35.25 -6.82
CA SER C 271 -10.80 34.84 -5.50
C SER C 271 -11.32 35.84 -4.47
N PRO C 272 -11.88 35.38 -3.34
CA PRO C 272 -12.33 36.31 -2.30
C PRO C 272 -11.22 37.28 -1.91
N VAL C 273 -9.98 36.86 -2.14
CA VAL C 273 -8.85 37.76 -1.95
C VAL C 273 -8.98 38.96 -2.88
N ASN C 274 -9.22 38.73 -4.17
CA ASN C 274 -9.42 39.83 -5.11
C ASN C 274 -10.66 40.67 -4.74
N TYR C 275 -11.76 40.02 -4.33
CA TYR C 275 -12.95 40.75 -3.88
C TYR C 275 -12.60 41.71 -2.74
N ALA C 276 -11.83 41.25 -1.75
CA ALA C 276 -11.57 42.11 -0.61
C ALA C 276 -10.72 43.32 -1.02
N LEU C 277 -9.69 43.12 -1.85
CA LEU C 277 -8.97 44.27 -2.40
C LEU C 277 -9.94 45.27 -3.01
N ALA C 278 -10.70 44.85 -4.02
CA ALA C 278 -11.68 45.72 -4.64
C ALA C 278 -12.53 46.50 -3.63
N SER C 279 -13.12 45.80 -2.64
CA SER C 279 -14.03 46.49 -1.73
C SER C 279 -13.31 47.55 -0.91
N PHE C 280 -12.15 47.20 -0.35
CA PHE C 280 -11.40 48.18 0.40
C PHE C 280 -11.19 49.45 -0.42
N LEU C 281 -10.83 49.29 -1.69
CA LEU C 281 -10.55 50.44 -2.56
C LEU C 281 -11.82 51.18 -2.93
N HIS C 282 -12.74 50.52 -3.62
CA HIS C 282 -13.82 51.23 -4.29
C HIS C 282 -15.18 50.74 -3.86
N TYR C 283 -15.35 50.42 -2.59
CA TYR C 283 -16.72 50.11 -2.21
C TYR C 283 -17.55 51.37 -2.10
N ASP C 284 -16.96 52.41 -1.52
CA ASP C 284 -17.65 53.64 -1.22
C ASP C 284 -17.85 54.49 -2.45
N ILE C 285 -16.97 54.37 -3.45
CA ILE C 285 -17.23 55.07 -4.69
C ILE C 285 -18.43 54.43 -5.37
N SER C 286 -18.55 53.10 -5.29
CA SER C 286 -19.70 52.43 -5.90
C SER C 286 -20.99 52.79 -5.20
N HIS C 287 -21.00 52.87 -3.89
CA HIS C 287 -22.26 53.18 -3.25
C HIS C 287 -22.59 54.65 -3.40
N PHE C 288 -21.59 55.53 -3.48
CA PHE C 288 -21.91 56.92 -3.71
C PHE C 288 -22.57 57.07 -5.07
N LEU C 289 -21.98 56.45 -6.09
CA LEU C 289 -22.55 56.44 -7.44
C LEU C 289 -23.97 55.91 -7.45
N MET C 290 -24.18 54.76 -6.81
CA MET C 290 -25.50 54.16 -6.78
C MET C 290 -26.52 55.16 -6.25
N ASP C 291 -26.15 55.95 -5.25
CA ASP C 291 -27.13 56.79 -4.61
C ASP C 291 -27.28 58.15 -5.24
N ASN C 292 -26.26 58.69 -5.89
CA ASN C 292 -26.29 60.09 -6.30
C ASN C 292 -25.95 60.37 -7.74
N ASP C 293 -25.32 59.45 -8.45
CA ASP C 293 -24.93 59.69 -9.83
C ASP C 293 -26.11 59.37 -10.73
N PRO C 294 -26.72 60.36 -11.37
CA PRO C 294 -27.96 60.10 -12.09
C PRO C 294 -27.74 59.28 -13.33
N THR C 295 -26.49 59.03 -13.69
CA THR C 295 -26.17 58.21 -14.86
C THR C 295 -25.75 56.79 -14.50
N HIS C 296 -25.81 56.42 -13.22
CA HIS C 296 -25.28 55.15 -12.74
C HIS C 296 -26.43 54.19 -12.47
N GLY C 297 -26.74 53.36 -13.47
CA GLY C 297 -27.82 52.39 -13.36
C GLY C 297 -27.86 51.56 -12.09
N PRO C 298 -26.74 50.84 -11.79
CA PRO C 298 -26.68 49.96 -10.61
C PRO C 298 -27.43 50.44 -9.39
N GLY C 299 -28.04 49.49 -8.71
CA GLY C 299 -29.01 49.82 -7.72
C GLY C 299 -30.41 49.99 -8.27
N PHE C 300 -30.60 49.75 -9.56
CA PHE C 300 -31.90 49.93 -10.17
C PHE C 300 -32.84 48.81 -9.81
N GLY C 301 -34.09 49.16 -9.52
CA GLY C 301 -35.13 48.19 -9.30
C GLY C 301 -36.43 48.63 -9.96
N PRO C 302 -37.31 47.67 -10.27
CA PRO C 302 -38.54 48.04 -10.99
C PRO C 302 -39.53 48.82 -10.13
N GLY C 303 -39.56 48.58 -8.82
CA GLY C 303 -40.62 49.13 -8.00
C GLY C 303 -40.16 49.60 -6.63
N ARG C 304 -41.13 49.93 -5.77
CA ARG C 304 -40.92 50.49 -4.43
C ARG C 304 -40.06 51.75 -4.47
N GLY C 305 -40.06 52.44 -5.60
CA GLY C 305 -39.34 53.68 -5.76
C GLY C 305 -37.96 53.58 -6.37
N ARG C 306 -37.56 52.38 -6.81
CA ARG C 306 -36.17 52.17 -7.19
C ARG C 306 -35.90 52.55 -8.65
N ALA C 307 -36.94 52.89 -9.41
CA ALA C 307 -36.77 53.29 -10.80
C ALA C 307 -36.61 54.79 -10.96
N ARG C 308 -36.29 55.51 -9.88
CA ARG C 308 -36.23 56.97 -9.96
C ARG C 308 -35.26 57.47 -11.03
N LYS C 309 -34.17 56.74 -11.31
CA LYS C 309 -33.21 57.34 -12.26
C LYS C 309 -33.66 57.15 -13.69
N PHE C 310 -34.46 56.11 -13.94
CA PHE C 310 -35.07 55.85 -15.24
C PHE C 310 -36.26 56.76 -15.46
N MET C 311 -37.03 57.02 -14.42
CA MET C 311 -38.19 57.85 -14.57
C MET C 311 -37.82 59.32 -14.72
N ASP C 312 -36.71 59.76 -14.12
CA ASP C 312 -36.26 61.13 -14.34
C ASP C 312 -35.95 61.37 -15.82
N LEU C 313 -35.06 60.55 -16.40
CA LEU C 313 -34.72 60.67 -17.82
C LEU C 313 -35.94 60.80 -18.71
N VAL C 314 -36.94 59.93 -18.49
CA VAL C 314 -38.12 59.90 -19.34
C VAL C 314 -38.98 61.13 -19.10
N GLU C 315 -39.18 61.52 -17.84
CA GLU C 315 -40.06 62.67 -17.61
C GLU C 315 -39.39 64.00 -17.93
N ARG C 316 -38.09 64.00 -18.16
CA ARG C 316 -37.44 65.21 -18.61
C ARG C 316 -37.51 65.34 -20.11
N ALA C 317 -37.52 64.23 -20.83
CA ALA C 317 -37.53 64.28 -22.28
C ALA C 317 -38.92 64.27 -22.86
N PHE C 318 -39.94 63.91 -22.07
CA PHE C 318 -41.29 63.73 -22.59
C PHE C 318 -42.29 64.74 -22.04
N ASP C 319 -42.06 65.33 -20.87
CA ASP C 319 -42.93 66.34 -20.29
C ASP C 319 -44.40 66.08 -20.53
N GLY C 320 -44.83 64.89 -20.10
CA GLY C 320 -46.23 64.54 -20.04
C GLY C 320 -46.88 64.10 -21.33
N ARG C 321 -46.17 64.16 -22.45
CA ARG C 321 -46.67 63.77 -23.76
C ARG C 321 -46.30 62.31 -24.04
N PHE C 322 -47.11 61.62 -24.86
CA PHE C 322 -46.79 60.23 -25.24
C PHE C 322 -45.76 60.16 -26.34
N SER C 323 -45.23 61.32 -26.76
CA SER C 323 -44.18 61.39 -27.75
C SER C 323 -43.41 62.68 -27.44
N THR C 324 -42.10 62.71 -27.74
CA THR C 324 -41.28 63.82 -27.24
C THR C 324 -41.79 65.14 -27.81
N PRO C 325 -41.81 66.20 -27.01
CA PRO C 325 -42.43 67.46 -27.43
C PRO C 325 -41.61 68.24 -28.44
N ASP C 326 -40.28 68.15 -28.35
CA ASP C 326 -39.44 68.47 -29.49
C ASP C 326 -39.28 67.21 -30.32
N GLY C 327 -38.48 67.28 -31.37
CA GLY C 327 -38.24 66.03 -32.04
C GLY C 327 -37.26 65.10 -31.38
N ALA C 328 -36.66 65.50 -30.25
CA ALA C 328 -35.44 64.88 -29.76
C ALA C 328 -35.66 63.42 -29.45
N ARG C 329 -34.80 62.58 -30.00
CA ARG C 329 -35.00 61.15 -29.95
C ARG C 329 -34.41 60.56 -28.67
N LEU C 330 -34.70 59.28 -28.43
CA LEU C 330 -34.12 58.55 -27.31
C LEU C 330 -33.40 57.34 -27.89
N ILE C 331 -32.17 57.12 -27.43
CA ILE C 331 -31.27 56.13 -28.01
C ILE C 331 -31.07 55.01 -27.01
N MET C 332 -31.19 53.77 -27.46
CA MET C 332 -31.03 52.57 -26.63
C MET C 332 -29.94 51.66 -27.25
N SER C 333 -28.70 51.81 -26.80
CA SER C 333 -27.57 51.17 -27.49
C SER C 333 -27.62 49.65 -27.39
N ASP C 334 -27.56 49.00 -28.55
CA ASP C 334 -27.44 47.53 -28.69
C ASP C 334 -25.98 47.16 -28.98
N ILE C 335 -25.17 47.01 -27.93
CA ILE C 335 -23.81 46.56 -28.12
C ILE C 335 -23.80 45.04 -28.06
N THR C 336 -23.15 44.43 -29.06
CA THR C 336 -23.04 42.97 -29.12
C THR C 336 -21.88 42.49 -28.26
N LYS C 337 -22.19 41.53 -27.38
CA LYS C 337 -21.22 40.82 -26.54
C LYS C 337 -20.32 41.78 -25.79
N TRP C 338 -20.95 42.65 -24.99
CA TRP C 338 -20.19 43.65 -24.25
C TRP C 338 -19.10 43.01 -23.39
N ASP C 339 -19.48 42.01 -22.59
CA ASP C 339 -18.56 41.43 -21.62
C ASP C 339 -17.33 40.83 -22.29
N ALA C 340 -17.50 40.15 -23.42
CA ALA C 340 -16.34 39.56 -24.06
C ALA C 340 -15.56 40.54 -24.93
N ASN C 341 -16.10 41.72 -25.27
CA ASN C 341 -15.38 42.68 -26.12
C ASN C 341 -14.81 43.89 -25.40
N MET C 342 -15.21 44.13 -24.13
CA MET C 342 -14.63 45.15 -23.27
C MET C 342 -13.11 45.07 -23.24
N CYS C 343 -12.44 46.11 -23.72
CA CYS C 343 -11.01 46.05 -23.99
C CYS C 343 -10.19 46.68 -22.86
N GLU C 344 -8.88 46.44 -22.92
CA GLU C 344 -8.02 47.03 -21.90
C GLU C 344 -8.04 48.54 -21.98
N ALA C 345 -8.14 49.09 -23.20
CA ALA C 345 -8.18 50.54 -23.35
C ALA C 345 -9.29 51.15 -22.51
N LEU C 346 -10.50 50.59 -22.64
CA LEU C 346 -11.66 51.16 -21.97
C LEU C 346 -11.67 50.86 -20.48
N ILE C 347 -11.16 49.68 -20.08
CA ILE C 347 -11.11 49.39 -18.65
C ILE C 347 -10.21 50.39 -17.95
N LYS C 348 -9.07 50.72 -18.56
CA LYS C 348 -8.14 51.65 -17.96
C LYS C 348 -8.80 53.01 -17.74
N TYR C 349 -9.59 53.48 -18.72
CA TYR C 349 -10.28 54.76 -18.58
C TYR C 349 -11.30 54.71 -17.46
N SER C 350 -12.02 53.60 -17.35
CA SER C 350 -13.08 53.50 -16.37
C SER C 350 -12.52 53.37 -14.97
N ILE C 351 -11.51 52.51 -14.77
CA ILE C 351 -11.13 52.29 -13.39
C ILE C 351 -10.28 53.41 -12.86
N ASP C 352 -9.59 54.15 -13.75
CA ASP C 352 -8.79 55.29 -13.32
C ASP C 352 -9.68 56.44 -12.87
N LEU C 353 -10.72 56.75 -13.63
CA LEU C 353 -11.72 57.71 -13.20
C LEU C 353 -12.32 57.33 -11.84
N LEU C 354 -12.58 56.04 -11.62
CA LEU C 354 -13.22 55.65 -10.36
C LEU C 354 -12.28 55.80 -9.19
N GLU C 355 -11.00 55.43 -9.35
CA GLU C 355 -10.06 55.67 -8.27
C GLU C 355 -9.77 57.15 -8.06
N ASP C 356 -9.88 57.98 -9.10
CA ASP C 356 -9.70 59.42 -8.91
C ASP C 356 -10.73 60.01 -7.96
N ALA C 357 -11.98 59.55 -8.03
CA ALA C 357 -13.01 60.13 -7.17
C ALA C 357 -12.72 59.91 -5.69
N VAL C 358 -11.80 59.01 -5.35
CA VAL C 358 -11.43 58.76 -3.96
C VAL C 358 -10.41 59.79 -3.50
N ASP C 359 -10.68 60.37 -2.34
CA ASP C 359 -9.85 61.43 -1.80
C ASP C 359 -8.75 60.85 -0.92
N LYS C 360 -7.55 60.71 -1.48
CA LYS C 360 -6.38 60.23 -0.73
C LYS C 360 -5.72 61.32 0.14
N SER C 361 -6.36 62.47 0.30
CA SER C 361 -5.64 63.63 0.83
C SER C 361 -5.37 63.52 2.31
N ALA C 362 -6.16 62.73 3.03
CA ALA C 362 -6.00 62.53 4.45
C ALA C 362 -5.08 61.39 4.78
N LEU C 363 -4.18 61.00 3.88
CA LEU C 363 -3.38 59.82 4.14
C LEU C 363 -1.96 60.19 4.56
N SER C 364 -1.38 59.32 5.39
CA SER C 364 0.02 59.39 5.71
C SER C 364 0.84 59.04 4.47
N PRO C 365 2.08 59.51 4.42
CA PRO C 365 2.96 59.04 3.34
C PRO C 365 3.03 57.53 3.25
N GLU C 366 3.12 56.82 4.39
CA GLU C 366 3.06 55.36 4.33
C GLU C 366 1.73 54.86 3.80
N GLY C 367 0.64 55.57 4.08
CA GLY C 367 -0.67 55.03 3.75
C GLY C 367 -0.94 55.26 2.29
N LEU C 368 -0.46 56.43 1.82
CA LEU C 368 -0.56 56.76 0.40
C LEU C 368 0.18 55.74 -0.45
N ALA C 369 1.42 55.38 -0.06
CA ALA C 369 2.15 54.34 -0.77
C ALA C 369 1.45 53.00 -0.69
N THR C 370 0.85 52.69 0.46
CA THR C 370 0.10 51.45 0.60
C THR C 370 -1.10 51.43 -0.33
N ARG C 371 -1.91 52.48 -0.31
CA ARG C 371 -3.00 52.55 -1.27
C ARG C 371 -2.48 52.44 -2.69
N GLY C 372 -1.33 53.04 -2.98
CA GLY C 372 -0.83 53.04 -4.34
C GLY C 372 -0.58 51.64 -4.86
N LEU C 373 -0.03 50.78 -4.00
CA LEU C 373 0.30 49.43 -4.43
C LEU C 373 -0.95 48.58 -4.57
N MET C 374 -1.85 48.65 -3.60
CA MET C 374 -3.13 47.95 -3.69
C MET C 374 -3.82 48.27 -5.00
N TYR C 375 -3.87 49.55 -5.36
CA TYR C 375 -4.51 49.93 -6.60
C TYR C 375 -3.73 49.43 -7.79
N ARG C 376 -2.40 49.45 -7.72
CA ARG C 376 -1.60 48.84 -8.78
C ARG C 376 -2.06 47.42 -9.02
N VAL C 377 -2.24 46.64 -7.95
CA VAL C 377 -2.59 45.23 -8.07
C VAL C 377 -4.03 45.07 -8.52
N ALA C 378 -4.93 45.93 -8.04
CA ALA C 378 -6.33 45.76 -8.42
C ALA C 378 -6.52 46.08 -9.88
N ARG C 379 -5.77 47.05 -10.38
CA ARG C 379 -5.83 47.41 -11.78
C ARG C 379 -5.23 46.32 -12.64
N ARG C 380 -4.11 45.74 -12.20
CA ARG C 380 -3.48 44.69 -12.99
C ARG C 380 -4.40 43.49 -13.16
N GLN C 381 -5.04 43.07 -12.07
CA GLN C 381 -5.91 41.90 -12.11
C GLN C 381 -7.23 42.19 -12.82
N LEU C 382 -7.52 43.46 -13.09
CA LEU C 382 -8.67 43.84 -13.90
C LEU C 382 -8.38 43.73 -15.39
N LEU C 383 -7.12 43.85 -15.79
CA LEU C 383 -6.73 43.77 -17.18
C LEU C 383 -6.08 42.45 -17.55
N GLU C 384 -5.53 41.70 -16.59
CA GLU C 384 -4.89 40.41 -16.83
C GLU C 384 -5.43 39.40 -15.83
N LYS C 385 -6.29 38.50 -16.29
CA LYS C 385 -6.86 37.43 -15.47
C LYS C 385 -6.22 36.09 -15.76
N LEU C 386 -6.12 35.27 -14.71
CA LEU C 386 -5.70 33.87 -14.81
C LEU C 386 -6.92 32.98 -14.64
N VAL C 387 -7.37 32.35 -15.74
CA VAL C 387 -8.67 31.71 -15.80
C VAL C 387 -8.49 30.23 -16.08
N GLU C 388 -9.21 29.38 -15.35
CA GLU C 388 -9.27 27.95 -15.68
C GLU C 388 -10.39 27.74 -16.69
N HIS C 389 -10.00 27.53 -17.95
CA HIS C 389 -10.91 27.21 -19.05
C HIS C 389 -11.66 25.92 -18.78
N PRO C 390 -12.90 25.80 -19.25
CA PRO C 390 -13.65 24.55 -19.06
C PRO C 390 -12.88 23.33 -19.54
N ALA C 391 -11.82 23.53 -20.34
CA ALA C 391 -10.97 22.41 -20.68
C ALA C 391 -10.27 21.84 -19.46
N GLY C 392 -10.20 22.59 -18.37
CA GLY C 392 -9.50 22.16 -17.18
C GLY C 392 -8.07 22.63 -17.08
N TYR C 393 -7.63 23.53 -17.94
CA TYR C 393 -6.27 24.05 -17.92
C TYR C 393 -6.31 25.56 -17.73
N PHE C 394 -5.14 26.14 -17.48
CA PHE C 394 -5.07 27.56 -17.20
C PHE C 394 -4.82 28.31 -18.47
N VAL C 395 -5.22 29.58 -18.46
CA VAL C 395 -5.28 30.39 -19.66
C VAL C 395 -5.15 31.85 -19.24
N LYS C 396 -4.28 32.58 -19.92
CA LYS C 396 -4.15 34.02 -19.71
C LYS C 396 -5.16 34.74 -20.58
N LEU C 397 -5.97 35.62 -19.97
CA LEU C 397 -7.00 36.40 -20.64
C LEU C 397 -6.73 37.87 -20.40
N TYR C 398 -6.72 38.65 -21.46
CA TYR C 398 -6.37 40.06 -21.38
C TYR C 398 -7.64 40.88 -21.67
N GLY C 399 -7.92 41.87 -20.83
CA GLY C 399 -9.18 42.58 -20.94
C GLY C 399 -10.34 41.70 -20.52
N CYS C 400 -11.53 42.01 -21.07
CA CYS C 400 -12.82 41.34 -20.81
C CYS C 400 -13.36 41.60 -19.40
N MET C 401 -14.69 41.60 -19.27
CA MET C 401 -15.37 41.94 -18.01
C MET C 401 -16.63 41.12 -17.83
N PRO C 402 -16.48 39.83 -17.56
CA PRO C 402 -17.66 38.97 -17.39
C PRO C 402 -18.21 39.05 -15.98
N SER C 403 -19.50 38.75 -15.87
CA SER C 403 -20.17 38.80 -14.59
C SER C 403 -19.39 37.99 -13.55
N GLY C 404 -19.54 38.37 -12.30
CA GLY C 404 -18.92 37.66 -11.22
C GLY C 404 -17.76 38.38 -10.58
N SER C 405 -17.26 39.45 -11.16
CA SER C 405 -16.32 40.28 -10.44
C SER C 405 -17.07 41.25 -9.54
N PHE C 406 -16.36 41.80 -8.56
CA PHE C 406 -16.87 42.94 -7.82
C PHE C 406 -17.09 44.12 -8.75
N TYR C 407 -16.29 44.18 -9.80
CA TYR C 407 -16.23 45.32 -10.68
C TYR C 407 -17.17 45.27 -11.87
N THR C 408 -17.65 44.07 -12.26
CA THR C 408 -18.40 43.92 -13.50
C THR C 408 -19.45 45.01 -13.71
N SER C 409 -20.36 45.20 -12.74
CA SER C 409 -21.38 46.22 -13.00
C SER C 409 -20.84 47.63 -12.83
N LEU C 410 -19.91 47.84 -11.91
CA LEU C 410 -19.33 49.17 -11.72
C LEU C 410 -18.53 49.60 -12.95
N VAL C 411 -17.69 48.71 -13.47
CA VAL C 411 -16.76 49.15 -14.52
C VAL C 411 -17.42 49.13 -15.88
N ASN C 412 -18.35 48.18 -16.12
CA ASN C 412 -19.09 48.17 -17.39
C ASN C 412 -20.00 49.39 -17.51
N THR C 413 -20.62 49.82 -16.40
CA THR C 413 -21.46 51.01 -16.44
C THR C 413 -20.65 52.25 -16.75
N THR C 414 -19.65 52.54 -15.91
CA THR C 414 -18.76 53.67 -16.16
C THR C 414 -18.16 53.68 -17.56
N GLY C 415 -17.83 52.50 -18.09
CA GLY C 415 -17.27 52.45 -19.44
C GLY C 415 -18.25 52.88 -20.51
N ASN C 416 -19.52 52.47 -20.40
CA ASN C 416 -20.51 52.85 -21.39
C ASN C 416 -20.83 54.35 -21.29
N ASN C 417 -20.91 54.87 -20.07
CA ASN C 417 -21.14 56.29 -19.87
C ASN C 417 -20.01 57.12 -20.46
N LEU C 418 -18.77 56.64 -20.34
CA LEU C 418 -17.63 57.32 -20.95
C LEU C 418 -17.65 57.20 -22.47
N LEU C 419 -18.05 56.03 -22.99
CA LEU C 419 -18.10 55.84 -24.42
C LEU C 419 -19.05 56.82 -25.11
N VAL C 420 -20.23 57.08 -24.53
CA VAL C 420 -21.14 57.98 -25.22
C VAL C 420 -20.67 59.41 -25.07
N ILE C 421 -20.17 59.77 -23.88
CA ILE C 421 -19.68 61.14 -23.72
C ILE C 421 -18.38 61.32 -24.49
N GLY C 422 -17.50 60.32 -24.46
CA GLY C 422 -16.33 60.36 -25.32
C GLY C 422 -16.71 60.56 -26.77
N HIS C 423 -17.69 59.80 -27.25
CA HIS C 423 -18.13 59.93 -28.64
C HIS C 423 -18.65 61.34 -28.91
N ALA C 424 -19.45 61.89 -27.99
CA ALA C 424 -20.03 63.19 -28.25
C ALA C 424 -18.98 64.29 -28.22
N ILE C 425 -17.94 64.14 -27.38
CA ILE C 425 -16.87 65.13 -27.37
C ILE C 425 -16.03 65.02 -28.64
N ALA C 426 -15.76 63.79 -29.07
CA ALA C 426 -14.97 63.54 -30.27
C ALA C 426 -15.57 64.22 -31.50
N ARG C 427 -16.88 64.16 -31.64
CA ARG C 427 -17.52 64.81 -32.79
C ARG C 427 -17.47 66.32 -32.65
N ALA C 428 -17.84 66.85 -31.47
CA ALA C 428 -17.97 68.29 -31.32
C ALA C 428 -16.66 69.01 -31.66
N VAL C 429 -15.54 68.44 -31.23
CA VAL C 429 -14.23 68.99 -31.61
C VAL C 429 -14.09 69.05 -33.12
N GLU C 430 -14.38 67.93 -33.78
CA GLU C 430 -14.21 67.82 -35.22
C GLU C 430 -15.24 68.68 -35.96
N GLU C 431 -16.52 68.54 -35.63
CA GLU C 431 -17.62 69.08 -36.42
C GLU C 431 -18.09 70.47 -36.02
N THR C 432 -17.53 71.06 -34.96
CA THR C 432 -17.89 72.41 -34.55
C THR C 432 -16.64 73.15 -34.10
N SER C 433 -16.84 74.41 -33.69
CA SER C 433 -15.81 75.26 -33.14
C SER C 433 -15.49 74.97 -31.68
N LEU C 434 -16.09 73.92 -31.10
CA LEU C 434 -15.93 73.63 -29.69
C LEU C 434 -14.60 72.94 -29.45
N THR C 435 -13.98 73.29 -28.33
CA THR C 435 -12.77 72.60 -27.90
C THR C 435 -13.13 71.36 -27.09
N HIS C 436 -12.11 70.55 -26.84
CA HIS C 436 -12.30 69.42 -25.94
C HIS C 436 -12.82 69.92 -24.60
N HIS C 437 -12.46 71.14 -24.19
CA HIS C 437 -12.88 71.67 -22.89
C HIS C 437 -14.24 72.35 -22.95
N GLY C 438 -14.53 73.09 -24.03
CA GLY C 438 -15.84 73.70 -24.17
C GLY C 438 -16.95 72.65 -24.25
N ALA C 439 -16.72 71.61 -25.05
CA ALA C 439 -17.65 70.49 -25.11
C ALA C 439 -17.73 69.76 -23.78
N ALA C 440 -16.64 69.69 -23.04
CA ALA C 440 -16.72 69.03 -21.75
C ALA C 440 -17.47 69.88 -20.74
N GLU C 441 -17.38 71.21 -20.82
CA GLU C 441 -18.16 72.02 -19.88
C GLU C 441 -19.66 71.96 -20.19
N LEU C 442 -20.02 71.83 -21.47
CA LEU C 442 -21.44 71.77 -21.89
C LEU C 442 -22.09 70.44 -21.56
N LEU C 443 -21.35 69.34 -21.74
CA LEU C 443 -21.87 68.02 -21.45
C LEU C 443 -22.03 67.83 -19.95
N ALA C 444 -21.10 68.37 -19.17
CA ALA C 444 -21.18 68.24 -17.72
C ALA C 444 -22.50 68.76 -17.17
N ASP C 445 -23.07 69.81 -17.76
CA ASP C 445 -24.30 70.36 -17.23
C ASP C 445 -25.54 69.64 -17.69
N ALA C 446 -25.45 68.86 -18.77
CA ALA C 446 -26.63 68.30 -19.41
C ALA C 446 -26.70 66.80 -19.30
N VAL C 447 -25.59 66.13 -18.97
CA VAL C 447 -25.66 64.69 -18.74
C VAL C 447 -26.49 64.35 -17.51
N ASP C 448 -26.69 65.31 -16.59
CA ASP C 448 -27.64 65.23 -15.48
C ASP C 448 -29.10 64.97 -15.90
N GLY C 449 -29.49 63.74 -16.20
CA GLY C 449 -30.85 63.48 -16.58
C GLY C 449 -31.09 63.21 -18.05
N THR C 450 -30.03 63.10 -18.84
CA THR C 450 -30.14 62.69 -20.22
C THR C 450 -29.35 61.43 -20.54
N LEU C 451 -28.81 60.77 -19.52
CA LEU C 451 -27.99 59.58 -19.70
C LEU C 451 -28.14 58.70 -18.49
N ILE C 452 -28.23 57.39 -18.76
CA ILE C 452 -28.25 56.34 -17.74
C ILE C 452 -27.84 55.02 -18.39
N SER C 453 -26.96 54.27 -17.70
CA SER C 453 -26.39 53.00 -18.16
C SER C 453 -26.31 52.03 -16.99
N TYR C 454 -26.49 50.75 -17.31
CA TYR C 454 -26.33 49.62 -16.40
C TYR C 454 -25.65 48.54 -17.24
N GLY C 455 -24.32 48.52 -17.19
CA GLY C 455 -23.57 47.63 -18.08
C GLY C 455 -23.81 48.02 -19.53
N ASP C 456 -24.17 47.03 -20.36
CA ASP C 456 -24.44 47.29 -21.77
C ASP C 456 -25.86 47.77 -22.03
N ASN C 457 -26.73 47.73 -21.02
CA ASN C 457 -28.00 48.47 -21.09
C ASN C 457 -27.73 49.95 -21.05
N GLN C 458 -28.25 50.69 -22.03
CA GLN C 458 -27.98 52.12 -22.06
C GLN C 458 -29.21 52.85 -22.61
N LEU C 459 -29.41 54.07 -22.14
CA LEU C 459 -30.50 54.91 -22.63
C LEU C 459 -30.11 56.37 -22.50
N PHE C 460 -30.14 57.12 -23.60
CA PHE C 460 -29.79 58.52 -23.50
C PHE C 460 -30.61 59.37 -24.46
N SER C 461 -30.79 60.64 -24.09
CA SER C 461 -31.58 61.61 -24.84
C SER C 461 -30.70 62.34 -25.85
N GLU C 462 -31.25 62.54 -27.05
CA GLU C 462 -30.51 63.31 -28.05
C GLU C 462 -30.13 64.70 -27.55
N HIS C 463 -30.81 65.21 -26.51
CA HIS C 463 -30.39 66.48 -25.93
C HIS C 463 -28.91 66.47 -25.54
N LEU C 464 -28.34 65.30 -25.25
CA LEU C 464 -26.90 65.20 -25.02
C LEU C 464 -26.12 65.76 -26.19
N PHE C 465 -26.63 65.54 -27.40
CA PHE C 465 -25.97 65.94 -28.64
C PHE C 465 -26.41 67.31 -29.10
N SER C 466 -27.57 67.78 -28.64
CA SER C 466 -28.08 69.10 -29.03
C SER C 466 -27.24 70.21 -28.44
N VAL C 467 -26.96 70.15 -27.13
CA VAL C 467 -26.19 71.16 -26.44
C VAL C 467 -24.78 71.31 -27.04
N LEU C 468 -24.44 70.49 -28.03
CA LEU C 468 -23.24 70.74 -28.82
C LEU C 468 -23.53 71.29 -30.20
N GLY C 469 -24.77 71.19 -30.66
CA GLY C 469 -25.11 71.55 -32.02
C GLY C 469 -25.12 70.39 -32.99
N LEU C 470 -25.09 69.16 -32.50
CA LEU C 470 -25.15 67.98 -33.33
C LEU C 470 -26.48 67.27 -33.14
N ALA C 471 -26.80 66.39 -34.07
CA ALA C 471 -27.91 65.47 -33.88
C ALA C 471 -27.37 64.05 -33.96
N TYR C 472 -28.04 63.11 -33.28
CA TYR C 472 -27.46 61.80 -33.09
C TYR C 472 -27.31 61.05 -34.42
N ASP C 473 -26.08 60.68 -34.75
CA ASP C 473 -25.79 59.82 -35.90
C ASP C 473 -25.43 58.43 -35.40
N PRO C 474 -26.25 57.40 -35.70
CA PRO C 474 -25.88 56.04 -35.27
C PRO C 474 -24.68 55.51 -35.99
N GLU C 475 -24.41 55.94 -37.23
CA GLU C 475 -23.27 55.36 -37.93
C GLU C 475 -21.96 55.95 -37.42
N LYS C 476 -21.92 57.25 -37.12
CA LYS C 476 -20.72 57.82 -36.49
C LYS C 476 -20.51 57.27 -35.09
N HIS C 477 -21.60 56.95 -34.39
CA HIS C 477 -21.53 56.36 -33.05
C HIS C 477 -20.94 54.96 -33.13
N ALA C 478 -21.50 54.12 -33.99
CA ALA C 478 -20.96 52.78 -34.14
C ALA C 478 -19.49 52.82 -34.52
N GLU C 479 -19.08 53.84 -35.28
CA GLU C 479 -17.68 53.92 -35.70
C GLU C 479 -16.78 54.23 -34.51
N PHE C 480 -17.27 55.03 -33.56
CA PHE C 480 -16.48 55.33 -32.38
C PHE C 480 -16.26 54.07 -31.57
N LEU C 481 -17.34 53.33 -31.29
CA LEU C 481 -17.21 52.10 -30.51
C LEU C 481 -16.25 51.13 -31.19
N ALA C 482 -16.35 51.00 -32.53
CA ALA C 482 -15.40 50.21 -33.29
C ALA C 482 -13.94 50.53 -32.97
N ARG C 483 -13.63 51.79 -32.61
CA ARG C 483 -12.27 52.17 -32.20
C ARG C 483 -11.81 51.40 -30.98
N PHE C 484 -12.75 50.95 -30.16
CA PHE C 484 -12.49 50.21 -28.94
C PHE C 484 -12.78 48.72 -29.11
N GLY C 485 -12.98 48.26 -30.34
CA GLY C 485 -13.39 46.90 -30.62
C GLY C 485 -14.77 46.52 -30.12
N MET C 486 -15.75 47.43 -30.21
CA MET C 486 -17.17 47.16 -29.90
C MET C 486 -18.04 47.33 -31.14
N LYS C 487 -18.96 46.37 -31.33
CA LYS C 487 -19.88 46.38 -32.46
C LYS C 487 -21.21 46.94 -31.98
N LEU C 488 -21.52 48.17 -32.35
CA LEU C 488 -22.88 48.69 -32.19
C LEU C 488 -23.73 48.16 -33.34
N LYS C 489 -24.58 47.18 -33.07
CA LYS C 489 -25.53 46.75 -34.07
C LYS C 489 -26.49 47.88 -34.33
N VAL C 490 -26.37 48.57 -35.48
CA VAL C 490 -27.32 49.63 -35.84
C VAL C 490 -28.69 49.07 -36.17
N ASP C 491 -28.77 47.81 -36.61
CA ASP C 491 -30.05 47.19 -36.94
C ASP C 491 -30.96 47.05 -35.72
N GLU C 492 -30.40 46.97 -34.53
CA GLU C 492 -31.20 46.82 -33.32
C GLU C 492 -31.08 47.97 -32.33
N THR C 493 -30.21 48.95 -32.57
CA THR C 493 -30.09 50.10 -31.67
C THR C 493 -31.36 50.92 -31.81
N GLU C 494 -32.33 50.72 -30.92
CA GLU C 494 -33.58 51.46 -31.01
C GLU C 494 -33.35 52.97 -30.87
N VAL C 495 -33.98 53.75 -31.76
CA VAL C 495 -33.98 55.21 -31.71
C VAL C 495 -35.41 55.66 -31.98
N THR C 496 -36.08 56.28 -31.01
CA THR C 496 -37.47 56.69 -31.26
C THR C 496 -37.78 57.98 -30.56
N VAL C 497 -39.05 58.40 -30.73
CA VAL C 497 -39.68 59.48 -30.01
C VAL C 497 -40.85 58.99 -29.17
N LYS C 498 -41.07 57.69 -29.13
CA LYS C 498 -42.33 57.15 -28.65
C LYS C 498 -42.15 56.62 -27.23
N LEU C 499 -42.90 57.16 -26.27
CA LEU C 499 -42.85 56.61 -24.92
C LEU C 499 -43.00 55.10 -24.90
N GLY C 500 -43.73 54.52 -25.86
CA GLY C 500 -43.97 53.09 -25.84
C GLY C 500 -42.76 52.24 -26.19
N ARG C 501 -41.88 52.74 -27.05
CA ARG C 501 -40.70 51.98 -27.46
C ARG C 501 -39.49 52.29 -26.59
N VAL C 502 -39.62 53.21 -25.65
CA VAL C 502 -38.55 53.47 -24.68
C VAL C 502 -38.47 52.30 -23.71
N ARG C 503 -37.24 51.91 -23.38
CA ARG C 503 -37.01 50.71 -22.59
C ARG C 503 -35.64 50.76 -21.94
N PHE C 504 -35.61 50.56 -20.62
CA PHE C 504 -34.39 50.46 -19.83
C PHE C 504 -34.45 49.21 -18.97
N CYS C 505 -33.50 48.30 -19.17
CA CYS C 505 -33.40 47.10 -18.35
C CYS C 505 -34.68 46.29 -18.41
N SER C 506 -35.22 46.18 -19.61
CA SER C 506 -36.35 45.33 -19.92
C SER C 506 -37.66 45.97 -19.44
N ARG C 507 -37.59 47.03 -18.67
CA ARG C 507 -38.79 47.69 -18.15
C ARG C 507 -39.17 48.87 -19.03
N SER C 508 -40.48 49.04 -19.27
CA SER C 508 -41.08 50.13 -20.03
C SER C 508 -41.73 51.09 -19.06
N LEU C 509 -42.16 52.23 -19.60
CA LEU C 509 -43.01 53.16 -18.86
C LEU C 509 -44.22 53.48 -19.71
N VAL C 510 -45.40 53.30 -19.13
CA VAL C 510 -46.67 53.64 -19.77
C VAL C 510 -47.30 54.78 -18.98
N ARG C 511 -47.69 55.85 -19.69
CA ARG C 511 -48.24 57.05 -19.07
C ARG C 511 -49.75 56.89 -18.97
N THR C 512 -50.25 56.80 -17.75
CA THR C 512 -51.68 56.81 -17.51
C THR C 512 -52.18 58.24 -17.50
N PRO C 513 -53.47 58.44 -17.36
CA PRO C 513 -53.96 59.79 -17.09
C PRO C 513 -53.58 60.32 -15.71
N HIS C 514 -52.73 59.62 -14.95
CA HIS C 514 -52.37 60.13 -13.64
C HIS C 514 -50.91 59.92 -13.25
N GLY C 515 -50.05 59.58 -14.18
CA GLY C 515 -48.63 59.48 -13.93
C GLY C 515 -48.05 58.33 -14.71
N LEU C 516 -46.79 58.02 -14.43
CA LEU C 516 -46.12 56.91 -15.10
C LEU C 516 -46.18 55.64 -14.25
N LEU C 517 -46.08 54.52 -14.94
CA LEU C 517 -46.14 53.18 -14.37
C LEU C 517 -45.12 52.28 -15.03
N ILE C 518 -44.29 51.61 -14.20
CA ILE C 518 -43.32 50.65 -14.71
C ILE C 518 -44.07 49.42 -15.19
N THR C 519 -43.64 48.86 -16.32
CA THR C 519 -44.24 47.63 -16.82
C THR C 519 -43.15 46.88 -17.56
N ARG C 520 -43.45 45.64 -17.94
CA ARG C 520 -42.49 44.79 -18.63
C ARG C 520 -43.20 44.08 -19.78
N SER C 521 -42.41 43.64 -20.76
CA SER C 521 -42.84 42.90 -21.95
C SER C 521 -43.69 41.69 -21.60
N HIS C 522 -44.55 41.31 -22.54
CA HIS C 522 -45.23 40.03 -22.45
C HIS C 522 -44.36 38.87 -22.93
N ASN C 523 -43.44 39.11 -23.87
CA ASN C 523 -42.53 38.07 -24.35
C ASN C 523 -41.71 37.52 -23.23
N SER C 524 -41.01 38.40 -22.51
CA SER C 524 -40.09 38.00 -21.46
C SER C 524 -40.76 37.01 -20.52
N LEU C 525 -41.91 37.42 -19.95
CA LEU C 525 -42.63 36.54 -19.05
C LEU C 525 -42.96 35.20 -19.69
N PHE C 526 -43.35 35.18 -20.97
CA PHE C 526 -43.69 33.92 -21.63
C PHE C 526 -42.47 33.05 -21.90
N ALA C 527 -41.28 33.63 -22.07
CA ALA C 527 -40.12 32.81 -22.34
C ALA C 527 -39.39 32.40 -21.08
N LYS C 528 -39.68 33.05 -19.95
CA LYS C 528 -39.19 32.64 -18.64
C LYS C 528 -40.05 31.51 -18.13
N LEU C 529 -41.36 31.64 -18.37
CA LEU C 529 -42.33 30.66 -17.94
C LEU C 529 -42.19 29.38 -18.74
N ALA C 530 -41.85 29.48 -20.02
CA ALA C 530 -41.65 28.30 -20.85
C ALA C 530 -40.26 27.71 -20.71
N GLY C 531 -39.35 28.40 -20.01
CA GLY C 531 -38.02 27.86 -19.75
C GLY C 531 -37.81 27.33 -18.35
N ARG C 532 -38.73 27.64 -17.44
CA ARG C 532 -38.70 27.22 -16.04
C ARG C 532 -38.74 25.70 -16.04
N PRO C 533 -37.69 25.02 -15.53
CA PRO C 533 -37.68 23.56 -15.51
C PRO C 533 -38.32 23.04 -14.23
N ARG C 534 -38.70 21.76 -14.23
CA ARG C 534 -39.50 21.19 -13.14
C ARG C 534 -38.78 21.31 -11.80
N HIS C 535 -39.21 22.22 -10.94
CA HIS C 535 -38.77 22.21 -9.55
C HIS C 535 -39.94 21.66 -8.74
N ASP C 536 -39.78 21.61 -7.41
CA ASP C 536 -40.88 21.13 -6.58
C ASP C 536 -42.10 22.04 -6.74
N PRO C 537 -43.31 21.48 -6.94
CA PRO C 537 -44.47 22.31 -7.31
C PRO C 537 -44.70 23.53 -6.43
N VAL C 538 -44.24 23.49 -5.18
CA VAL C 538 -44.33 24.67 -4.31
C VAL C 538 -43.23 25.67 -4.65
N VAL C 539 -42.03 25.20 -4.99
CA VAL C 539 -41.00 26.13 -5.46
C VAL C 539 -41.44 26.77 -6.77
N ASP C 540 -42.15 26.03 -7.62
CA ASP C 540 -42.57 26.55 -8.91
C ASP C 540 -43.73 27.52 -8.77
N LYS C 541 -44.65 27.26 -7.84
CA LYS C 541 -45.68 28.23 -7.54
C LYS C 541 -45.07 29.52 -6.97
N LEU C 542 -43.99 29.41 -6.17
CA LEU C 542 -43.36 30.63 -5.68
C LEU C 542 -42.77 31.44 -6.82
N TYR C 543 -42.21 30.73 -7.83
CA TYR C 543 -41.70 31.42 -9.02
C TYR C 543 -42.80 32.16 -9.75
N VAL C 544 -43.97 31.54 -9.94
CA VAL C 544 -45.08 32.25 -10.55
C VAL C 544 -45.46 33.49 -9.76
N ARG C 545 -45.43 33.41 -8.42
CA ARG C 545 -45.72 34.63 -7.66
C ARG C 545 -44.57 35.63 -7.75
N ALA C 546 -43.34 35.14 -7.84
CA ALA C 546 -42.21 36.06 -8.00
C ALA C 546 -42.28 36.79 -9.33
N MET C 547 -42.70 36.10 -10.40
CA MET C 547 -42.98 36.77 -11.67
C MET C 547 -44.18 37.71 -11.54
N MET C 548 -45.13 37.38 -10.66
CA MET C 548 -46.27 38.28 -10.48
C MET C 548 -45.84 39.57 -9.81
N VAL C 549 -44.86 39.50 -8.90
CA VAL C 549 -44.31 40.70 -8.27
C VAL C 549 -43.42 41.48 -9.25
N ASP C 550 -42.69 40.80 -10.14
CA ASP C 550 -41.85 41.55 -11.05
C ASP C 550 -42.67 42.47 -11.95
N HIS C 551 -43.91 42.09 -12.26
CA HIS C 551 -44.74 42.84 -13.20
C HIS C 551 -45.69 43.80 -12.53
N MET C 552 -45.84 43.72 -11.22
CA MET C 552 -46.46 44.77 -10.43
C MET C 552 -47.92 44.99 -10.81
N GLY C 553 -48.54 43.98 -11.41
CA GLY C 553 -49.95 44.07 -11.76
C GLY C 553 -50.33 45.26 -12.62
N THR C 554 -49.43 45.67 -13.49
CA THR C 554 -49.74 46.86 -14.28
C THR C 554 -50.60 46.50 -15.49
N ASP C 555 -50.15 45.49 -16.27
CA ASP C 555 -51.04 44.77 -17.20
C ASP C 555 -52.14 43.96 -16.53
N PRO C 556 -53.40 44.19 -16.85
CA PRO C 556 -54.41 43.19 -16.52
C PRO C 556 -54.28 41.94 -17.39
N ILE C 557 -53.81 42.08 -18.63
CA ILE C 557 -53.57 40.90 -19.43
C ILE C 557 -52.55 40.01 -18.75
N VAL C 558 -51.50 40.60 -18.20
CA VAL C 558 -50.49 39.75 -17.59
C VAL C 558 -50.97 39.19 -16.27
N TYR C 559 -51.63 40.03 -15.46
CA TYR C 559 -52.11 39.56 -14.16
C TYR C 559 -53.09 38.42 -14.36
N ALA C 560 -54.06 38.59 -15.26
CA ALA C 560 -54.97 37.50 -15.56
C ALA C 560 -54.22 36.23 -15.94
N ILE C 561 -53.37 36.30 -16.99
CA ILE C 561 -52.56 35.15 -17.39
C ILE C 561 -51.93 34.50 -16.17
N LEU C 562 -51.23 35.30 -15.34
CA LEU C 562 -50.48 34.71 -14.24
C LEU C 562 -51.39 34.19 -13.13
N ASN C 563 -52.52 34.86 -12.88
CA ASN C 563 -53.41 34.35 -11.85
C ASN C 563 -53.96 32.98 -12.21
N GLU C 564 -54.25 32.72 -13.49
CA GLU C 564 -54.67 31.37 -13.83
C GLU C 564 -53.57 30.37 -13.51
N ILE C 565 -52.33 30.68 -13.89
CA ILE C 565 -51.23 29.75 -13.61
C ILE C 565 -51.08 29.57 -12.11
N ASP C 566 -51.31 30.63 -11.33
CA ASP C 566 -51.14 30.49 -9.90
C ASP C 566 -52.21 29.58 -9.33
N ARG C 567 -53.41 29.62 -9.90
CA ARG C 567 -54.52 28.76 -9.49
C ARG C 567 -54.42 27.35 -10.05
N SER C 568 -53.78 27.16 -11.22
CA SER C 568 -53.50 25.82 -11.73
C SER C 568 -52.63 25.04 -10.75
N LEU C 569 -51.66 25.69 -10.14
CA LEU C 569 -50.83 25.03 -9.13
C LEU C 569 -51.61 24.98 -7.83
N ASN C 570 -52.20 23.82 -7.54
CA ASN C 570 -53.02 23.64 -6.33
C ASN C 570 -52.20 23.07 -5.18
N VAL C 571 -51.12 23.76 -4.82
CA VAL C 571 -50.39 23.42 -3.63
C VAL C 571 -50.65 24.50 -2.59
N SER C 572 -50.40 24.15 -1.34
CA SER C 572 -50.42 25.13 -0.27
C SER C 572 -49.01 25.65 -0.04
N LEU C 573 -48.87 26.96 -0.07
CA LEU C 573 -47.61 27.60 0.23
C LEU C 573 -47.49 27.92 1.72
N GLU C 574 -48.45 27.45 2.54
CA GLU C 574 -48.43 27.71 3.97
C GLU C 574 -47.27 26.97 4.61
N ALA C 575 -46.42 27.71 5.34
CA ALA C 575 -45.34 27.12 6.14
C ALA C 575 -44.39 26.31 5.26
N ALA C 576 -44.23 26.74 4.01
CA ALA C 576 -43.31 26.08 3.09
C ALA C 576 -41.88 26.18 3.62
N GLY C 577 -41.05 25.23 3.21
CA GLY C 577 -39.76 25.07 3.85
C GLY C 577 -38.66 25.82 3.13
N LEU C 578 -37.77 26.44 3.90
CA LEU C 578 -36.66 27.09 3.24
C LEU C 578 -35.73 26.12 2.55
N THR C 579 -36.19 25.44 1.49
CA THR C 579 -35.27 24.71 0.63
C THR C 579 -34.30 25.70 -0.02
N ASP C 580 -33.27 25.17 -0.67
CA ASP C 580 -32.39 26.06 -1.40
C ASP C 580 -33.09 26.60 -2.64
N ALA C 581 -33.77 25.73 -3.38
CA ALA C 581 -34.47 26.18 -4.57
C ALA C 581 -35.48 27.27 -4.24
N ALA C 582 -36.18 27.16 -3.10
CA ALA C 582 -37.10 28.21 -2.70
C ALA C 582 -36.41 29.45 -2.13
N LYS C 583 -35.18 29.29 -1.59
CA LYS C 583 -34.38 30.45 -1.18
C LYS C 583 -33.88 31.24 -2.37
N LYS C 584 -33.69 30.61 -3.53
CA LYS C 584 -33.37 31.42 -4.70
C LYS C 584 -34.51 32.38 -4.98
N VAL C 585 -35.72 31.83 -5.10
CA VAL C 585 -36.84 32.66 -5.50
C VAL C 585 -36.99 33.84 -4.55
N LEU C 586 -36.91 33.59 -3.23
CA LEU C 586 -37.09 34.72 -2.32
C LEU C 586 -35.93 35.71 -2.41
N GLU C 587 -34.71 35.23 -2.58
CA GLU C 587 -33.57 36.12 -2.56
C GLU C 587 -33.55 37.03 -3.79
N ASP C 588 -33.90 36.49 -4.96
CA ASP C 588 -33.91 37.29 -6.18
C ASP C 588 -34.95 38.39 -6.08
N THR C 589 -36.21 38.02 -5.78
CA THR C 589 -37.26 39.00 -5.53
C THR C 589 -36.87 40.01 -4.46
N ALA C 590 -36.10 39.61 -3.44
CA ALA C 590 -35.70 40.63 -2.49
C ALA C 590 -34.67 41.56 -3.10
N GLN C 591 -33.82 41.08 -4.00
CA GLN C 591 -32.88 42.04 -4.54
C GLN C 591 -33.59 43.08 -5.40
N SER C 592 -34.63 42.72 -6.17
CA SER C 592 -35.17 43.75 -7.03
C SER C 592 -36.10 44.69 -6.28
N MET C 593 -36.87 44.21 -5.30
CA MET C 593 -37.77 45.14 -4.62
C MET C 593 -37.19 45.75 -3.36
N PHE C 594 -36.14 45.16 -2.79
CA PHE C 594 -35.55 45.69 -1.59
C PHE C 594 -34.13 46.17 -1.80
N GLY C 595 -33.43 45.63 -2.79
CA GLY C 595 -32.02 45.92 -2.95
C GLY C 595 -31.10 45.01 -2.18
N ASN C 596 -31.56 44.41 -1.07
CA ASN C 596 -30.75 43.54 -0.22
C ASN C 596 -31.27 42.13 -0.31
N ARG C 597 -30.37 41.16 -0.35
CA ARG C 597 -30.80 39.79 -0.16
C ARG C 597 -30.59 39.33 1.30
N GLU C 598 -30.60 40.27 2.24
CA GLU C 598 -30.47 40.01 3.65
C GLU C 598 -31.81 39.51 4.19
N GLN C 599 -31.79 38.83 5.34
CA GLN C 599 -33.07 38.41 5.91
C GLN C 599 -33.85 39.64 6.36
N ASP C 600 -35.04 39.43 6.88
CA ASP C 600 -35.95 40.54 7.17
C ASP C 600 -36.45 41.12 5.85
N ALA C 601 -35.62 41.11 4.80
CA ALA C 601 -36.12 41.29 3.44
C ALA C 601 -36.66 39.97 2.89
N LEU C 602 -35.87 38.89 3.00
CA LEU C 602 -36.36 37.56 2.60
C LEU C 602 -37.62 37.19 3.37
N LEU C 603 -37.68 37.54 4.65
CA LEU C 603 -38.93 37.34 5.38
C LEU C 603 -40.07 38.12 4.76
N ALA C 604 -39.80 39.34 4.30
CA ALA C 604 -40.87 40.16 3.78
C ALA C 604 -41.43 39.58 2.51
N VAL C 605 -40.55 39.10 1.63
CA VAL C 605 -40.98 38.44 0.41
C VAL C 605 -41.73 37.15 0.73
N TYR C 606 -41.19 36.37 1.69
CA TYR C 606 -41.79 35.11 2.11
C TYR C 606 -43.21 35.28 2.58
N ARG C 607 -43.43 36.25 3.48
CA ARG C 607 -44.78 36.49 3.96
C ARG C 607 -45.70 36.85 2.81
N ALA C 608 -45.19 37.59 1.84
CA ALA C 608 -46.03 38.08 0.77
C ALA C 608 -46.39 36.96 -0.19
N LEU C 609 -45.38 36.25 -0.68
CA LEU C 609 -45.63 35.21 -1.68
C LEU C 609 -46.27 33.95 -1.10
N SER C 610 -46.35 33.83 0.21
CA SER C 610 -46.92 32.66 0.84
C SER C 610 -48.28 32.99 1.46
N GLU C 611 -49.12 33.63 0.66
CA GLU C 611 -50.46 34.05 1.02
C GLU C 611 -51.46 33.29 0.16
N THR C 612 -52.71 33.20 0.62
CA THR C 612 -53.68 32.34 -0.04
C THR C 612 -53.95 32.79 -1.46
N VAL C 613 -54.15 34.08 -1.67
CA VAL C 613 -54.30 34.67 -2.99
C VAL C 613 -53.49 35.96 -3.02
N ILE C 614 -52.77 36.18 -4.11
CA ILE C 614 -52.09 37.46 -4.35
C ILE C 614 -52.95 38.27 -5.31
N ASP C 615 -53.47 39.39 -4.81
CA ASP C 615 -54.46 40.19 -5.51
C ASP C 615 -53.77 41.32 -6.26
N ARG C 616 -54.44 41.85 -7.29
CA ARG C 616 -53.85 42.93 -8.07
C ARG C 616 -53.72 44.22 -7.27
N ARG C 617 -54.56 44.44 -6.26
CA ARG C 617 -54.39 45.69 -5.53
C ARG C 617 -53.08 45.69 -4.76
N ALA C 618 -52.65 44.51 -4.29
CA ALA C 618 -51.39 44.40 -3.56
C ALA C 618 -50.20 44.52 -4.49
N LEU C 619 -50.24 43.82 -5.63
CA LEU C 619 -49.19 43.97 -6.63
C LEU C 619 -49.00 45.43 -6.97
N LEU C 620 -50.10 46.15 -7.26
CA LEU C 620 -50.07 47.53 -7.71
C LEU C 620 -49.59 48.49 -6.65
N SER C 621 -49.45 48.04 -5.40
CA SER C 621 -48.87 48.89 -4.37
C SER C 621 -47.34 48.81 -4.36
N LEU C 622 -46.78 47.94 -5.20
CA LEU C 622 -45.35 47.99 -5.44
C LEU C 622 -44.93 49.26 -6.15
N HIS C 623 -45.85 50.01 -6.78
CA HIS C 623 -45.49 51.22 -7.51
C HIS C 623 -45.24 52.38 -6.60
N THR C 624 -45.78 52.34 -5.43
CA THR C 624 -45.79 53.53 -4.59
C THR C 624 -44.47 53.62 -3.85
N PRO C 625 -43.75 54.76 -3.96
CA PRO C 625 -42.35 54.82 -3.47
C PRO C 625 -42.23 54.51 -1.99
N ARG C 626 -41.03 54.09 -1.57
CA ARG C 626 -40.83 53.72 -0.19
C ARG C 626 -39.41 54.12 0.23
N ASP C 627 -38.97 53.63 1.39
CA ASP C 627 -37.71 54.00 2.07
C ASP C 627 -37.40 55.52 2.03
N MET C 643 -40.19 44.99 7.90
CA MET C 643 -40.31 45.30 6.48
C MET C 643 -41.56 44.64 5.93
N HIS C 644 -42.19 45.28 4.95
CA HIS C 644 -43.34 44.75 4.23
C HIS C 644 -43.14 44.96 2.74
N LEU C 645 -43.31 43.91 1.97
CA LEU C 645 -43.24 44.04 0.53
C LEU C 645 -44.34 44.95 0.01
N PHE C 646 -45.60 44.59 0.26
CA PHE C 646 -46.75 45.37 -0.17
C PHE C 646 -47.13 46.39 0.90
N THR C 647 -47.71 47.52 0.47
CA THR C 647 -48.34 48.50 1.37
C THR C 647 -49.83 48.58 1.06
N GLY C 648 -50.47 49.58 1.66
CA GLY C 648 -51.88 49.76 1.47
C GLY C 648 -52.20 50.94 0.58
N GLU C 649 -51.25 51.87 0.47
CA GLU C 649 -51.43 53.08 -0.31
C GLU C 649 -51.08 52.82 -1.77
N LEU C 650 -51.97 53.19 -2.67
CA LEU C 650 -51.74 53.14 -4.11
C LEU C 650 -51.33 54.51 -4.64
N THR C 651 -50.61 54.52 -5.76
CA THR C 651 -50.38 55.78 -6.47
C THR C 651 -51.66 56.17 -7.19
N PRO C 652 -51.96 57.50 -7.28
CA PRO C 652 -53.04 57.96 -8.17
C PRO C 652 -52.94 57.27 -9.52
N ALA C 653 -51.70 57.12 -9.99
CA ALA C 653 -51.48 56.41 -11.24
C ALA C 653 -51.79 54.92 -11.11
N ALA C 654 -51.40 54.31 -9.98
CA ALA C 654 -51.67 52.89 -9.74
C ALA C 654 -53.14 52.62 -9.43
N GLN C 655 -53.84 53.59 -8.83
CA GLN C 655 -55.26 53.40 -8.59
C GLN C 655 -56.03 53.35 -9.91
N TRP C 656 -55.66 54.22 -10.86
CA TRP C 656 -56.32 54.17 -12.17
C TRP C 656 -56.07 52.85 -12.85
N ALA C 657 -54.86 52.30 -12.65
CA ALA C 657 -54.56 51.00 -13.24
C ALA C 657 -55.41 49.90 -12.60
N TYR C 658 -55.71 50.04 -11.32
CA TYR C 658 -56.58 49.08 -10.63
C TYR C 658 -57.94 48.97 -11.34
N GLU C 659 -58.58 50.12 -11.59
CA GLU C 659 -59.90 50.17 -12.21
C GLU C 659 -59.90 49.80 -13.68
N CYS C 660 -58.78 49.36 -14.22
CA CYS C 660 -58.66 49.12 -15.66
C CYS C 660 -58.84 47.62 -15.94
N THR C 661 -59.89 47.29 -16.69
CA THR C 661 -60.15 45.95 -17.18
C THR C 661 -59.29 45.65 -18.40
N VAL C 662 -59.20 44.37 -18.77
CA VAL C 662 -58.35 43.98 -19.89
C VAL C 662 -58.72 44.75 -21.14
N GLU C 663 -59.98 45.14 -21.26
CA GLU C 663 -60.43 45.76 -22.50
C GLU C 663 -60.12 47.25 -22.49
N LYS C 664 -60.46 47.95 -21.40
CA LYS C 664 -60.09 49.37 -21.28
C LYS C 664 -58.59 49.55 -21.51
N TRP C 665 -57.79 48.57 -21.08
CA TRP C 665 -56.34 48.58 -21.27
C TRP C 665 -55.97 48.48 -22.74
N CYS C 666 -56.42 47.43 -23.44
CA CYS C 666 -56.05 47.32 -24.85
C CYS C 666 -56.54 48.51 -25.66
N GLN C 667 -57.71 49.04 -25.29
CA GLN C 667 -58.18 50.27 -25.92
C GLN C 667 -57.25 51.44 -25.62
N TYR C 668 -57.05 51.75 -24.34
CA TYR C 668 -56.20 52.88 -23.93
C TYR C 668 -54.84 52.89 -24.61
N LEU C 669 -54.17 51.73 -24.64
CA LEU C 669 -52.87 51.67 -25.28
C LEU C 669 -52.98 52.03 -26.74
N HIS C 670 -53.94 51.42 -27.44
CA HIS C 670 -54.14 51.74 -28.85
C HIS C 670 -54.38 53.23 -29.06
N ASP C 671 -55.11 53.88 -28.15
CA ASP C 671 -55.41 55.29 -28.34
C ASP C 671 -54.20 56.16 -28.06
N THR C 672 -53.41 55.82 -27.05
CA THR C 672 -52.30 56.68 -26.69
C THR C 672 -51.00 56.33 -27.42
N ASP C 673 -51.03 55.41 -28.38
CA ASP C 673 -49.85 54.99 -29.15
C ASP C 673 -48.82 54.25 -28.28
N GLN C 674 -49.28 53.73 -27.14
CA GLN C 674 -48.41 53.01 -26.23
C GLN C 674 -48.51 51.51 -26.45
N GLU C 675 -48.82 51.07 -27.66
CA GLU C 675 -48.87 49.62 -27.77
C GLU C 675 -47.49 48.98 -27.82
N GLY C 676 -46.44 49.80 -27.84
CA GLY C 676 -45.08 49.27 -27.85
C GLY C 676 -44.65 48.60 -26.56
N VAL C 677 -45.37 48.84 -25.46
CA VAL C 677 -45.00 48.30 -24.15
C VAL C 677 -45.43 46.86 -23.97
N MET C 678 -46.09 46.26 -24.97
CA MET C 678 -46.57 44.89 -24.88
C MET C 678 -45.61 43.85 -25.45
N PHE C 679 -44.78 44.18 -26.43
CA PHE C 679 -43.96 43.17 -27.07
C PHE C 679 -42.59 43.78 -27.43
N ASP C 680 -41.56 42.92 -27.39
CA ASP C 680 -40.15 43.33 -27.46
C ASP C 680 -39.72 44.14 -26.24
N ALA D 5 22.31 8.22 0.47
CA ALA D 5 23.11 8.11 -0.74
C ALA D 5 23.66 6.68 -0.94
N ARG D 6 22.80 5.74 -1.35
CA ARG D 6 23.18 4.34 -1.53
C ARG D 6 23.91 4.17 -2.86
N ALA D 7 25.16 4.67 -2.89
CA ALA D 7 26.01 4.60 -4.08
C ALA D 7 26.33 3.15 -4.40
N PHE D 8 26.01 2.71 -5.62
CA PHE D 8 26.29 1.35 -6.05
C PHE D 8 27.45 1.35 -7.03
N ARG D 9 27.93 0.16 -7.38
CA ARG D 9 29.07 -0.02 -8.26
C ARG D 9 28.68 -0.92 -9.42
N LEU D 10 29.06 -0.51 -10.63
CA LEU D 10 28.79 -1.28 -11.83
C LEU D 10 29.82 -2.42 -11.98
N LYS D 11 29.56 -3.30 -12.95
CA LYS D 11 30.39 -4.47 -13.18
C LYS D 11 31.63 -4.17 -14.02
N SER D 12 31.54 -3.28 -15.01
CA SER D 12 32.56 -3.12 -16.03
C SER D 12 33.63 -2.12 -15.59
N TYR D 13 34.65 -1.90 -16.44
CA TYR D 13 35.63 -0.83 -16.21
C TYR D 13 35.87 0.06 -17.43
N ALA D 14 35.98 -0.51 -18.62
CA ALA D 14 36.21 0.32 -19.81
C ALA D 14 35.00 1.22 -20.08
N ASP D 15 35.28 2.40 -20.65
CA ASP D 15 34.23 3.38 -20.94
C ASP D 15 33.11 2.78 -21.78
N GLY D 16 33.47 2.07 -22.85
CA GLY D 16 32.45 1.59 -23.78
C GLY D 16 31.51 0.59 -23.15
N ASP D 17 32.00 -0.21 -22.21
CA ASP D 17 31.16 -1.21 -21.56
C ASP D 17 30.29 -0.57 -20.49
N LEU D 18 30.88 0.36 -19.73
CA LEU D 18 30.12 1.09 -18.71
C LEU D 18 29.00 1.90 -19.33
N LEU D 19 29.18 2.33 -20.57
CA LEU D 19 28.10 3.01 -21.28
C LEU D 19 26.87 2.11 -21.44
N ARG D 20 27.09 0.84 -21.83
CA ARG D 20 25.97 -0.08 -22.00
C ARG D 20 25.48 -0.67 -20.70
N GLU D 21 26.21 -0.50 -19.59
CA GLU D 21 25.60 -0.79 -18.30
C GLU D 21 24.72 0.35 -17.82
N LEU D 22 24.80 1.52 -18.46
CA LEU D 22 23.98 2.65 -18.01
C LEU D 22 22.60 2.62 -18.63
N ARG D 23 22.45 2.02 -19.81
CA ARG D 23 21.18 2.03 -20.52
C ARG D 23 20.03 1.56 -19.64
N GLN D 24 20.25 0.52 -18.85
CA GLN D 24 19.18 0.01 -18.00
C GLN D 24 18.58 1.12 -17.13
N PHE D 25 19.38 2.07 -16.69
CA PHE D 25 18.94 3.04 -15.68
C PHE D 25 18.25 4.27 -16.27
N ASP D 26 18.01 4.28 -17.59
CA ASP D 26 17.45 5.44 -18.27
C ASP D 26 15.97 5.62 -17.96
N GLY D 27 15.55 6.88 -17.95
CA GLY D 27 14.18 7.20 -17.69
C GLY D 27 13.88 7.64 -16.28
N ALA D 28 14.87 7.72 -15.41
CA ALA D 28 14.64 8.15 -14.03
C ALA D 28 14.46 9.67 -13.96
N LYS D 29 13.39 10.11 -13.29
CA LYS D 29 13.16 11.53 -13.05
C LYS D 29 13.95 11.98 -11.81
N ASN D 30 14.17 13.29 -11.73
CA ASN D 30 14.93 13.84 -10.60
C ASN D 30 14.14 13.74 -9.29
N ALA D 31 12.81 13.64 -9.38
CA ALA D 31 11.89 13.44 -8.25
C ALA D 31 11.73 14.69 -7.38
N SER D 32 12.73 15.59 -7.37
CA SER D 32 12.53 16.96 -6.88
C SER D 32 11.80 17.82 -7.90
N GLU D 33 11.46 17.26 -9.06
CA GLU D 33 10.78 17.94 -10.15
C GLU D 33 9.56 17.12 -10.54
N LEU D 34 8.50 17.81 -10.98
CA LEU D 34 7.37 17.16 -11.62
C LEU D 34 6.96 18.01 -12.81
N GLY D 35 6.66 17.38 -13.95
CA GLY D 35 6.25 18.11 -15.13
C GLY D 35 7.07 17.76 -16.36
N PRO D 36 6.75 18.38 -17.51
CA PRO D 36 7.44 18.01 -18.75
C PRO D 36 8.87 18.48 -18.80
N ARG D 37 9.21 19.51 -18.03
CA ARG D 37 10.55 20.04 -18.01
C ARG D 37 11.47 19.31 -17.03
N ALA D 38 11.03 18.18 -16.48
CA ALA D 38 11.79 17.50 -15.43
C ALA D 38 12.91 16.68 -16.03
N PHE D 39 13.91 16.39 -15.21
CA PHE D 39 15.06 15.69 -15.74
C PHE D 39 14.67 14.28 -16.11
N VAL D 40 15.28 13.77 -17.16
CA VAL D 40 15.26 12.33 -17.40
C VAL D 40 16.67 11.88 -17.65
N ARG D 41 17.04 10.78 -17.02
CA ARG D 41 18.30 10.18 -17.35
C ARG D 41 18.31 9.74 -18.81
N ASP D 42 19.42 10.02 -19.49
CA ASP D 42 19.59 9.58 -20.87
C ASP D 42 21.08 9.28 -21.08
N SER D 43 21.43 8.00 -20.94
CA SER D 43 22.80 7.57 -21.19
C SER D 43 23.29 8.00 -22.56
N HIS D 44 22.38 8.29 -23.48
CA HIS D 44 22.81 8.56 -24.84
C HIS D 44 23.42 9.94 -25.00
N ARG D 45 23.26 10.83 -24.03
CA ARG D 45 23.97 12.09 -24.06
C ARG D 45 25.49 11.89 -23.92
N LEU D 46 25.92 10.72 -23.43
CA LEU D 46 27.33 10.39 -23.25
C LEU D 46 27.96 9.77 -24.48
N ASP D 47 27.16 9.26 -25.42
CA ASP D 47 27.68 8.45 -26.52
C ASP D 47 28.80 9.18 -27.24
N ALA D 48 28.51 10.39 -27.71
CA ALA D 48 29.50 11.21 -28.41
C ALA D 48 30.81 11.25 -27.66
N ALA D 49 30.73 11.58 -26.36
CA ALA D 49 31.93 11.80 -25.58
C ALA D 49 32.66 10.51 -25.26
N VAL D 50 31.94 9.40 -25.07
CA VAL D 50 32.63 8.14 -24.81
C VAL D 50 33.38 7.71 -26.06
N GLU D 51 32.77 7.89 -27.24
CA GLU D 51 33.45 7.56 -28.49
C GLU D 51 34.68 8.43 -28.68
N LYS D 52 34.55 9.74 -28.45
CA LYS D 52 35.73 10.60 -28.53
C LYS D 52 36.83 10.15 -27.58
N ALA D 53 36.47 9.59 -26.43
CA ALA D 53 37.46 9.15 -25.46
C ALA D 53 38.14 7.84 -25.88
N SER D 54 37.51 7.06 -26.75
CA SER D 54 38.12 5.80 -27.18
C SER D 54 39.45 6.06 -27.89
N LYS D 55 39.45 6.97 -28.85
CA LYS D 55 40.62 7.16 -29.67
C LYS D 55 41.72 7.98 -28.97
N LEU D 56 41.60 8.21 -27.66
CA LEU D 56 42.59 8.95 -26.87
C LEU D 56 43.38 8.02 -25.96
N THR D 57 44.66 8.34 -25.76
CA THR D 57 45.52 7.49 -24.93
C THR D 57 45.34 7.79 -23.44
N ASP D 58 45.43 9.06 -23.04
CA ASP D 58 45.10 9.51 -21.68
C ASP D 58 43.91 10.47 -21.69
N PRO D 59 42.68 9.95 -21.70
CA PRO D 59 41.52 10.85 -21.73
C PRO D 59 41.31 11.55 -20.40
N THR D 60 40.66 12.73 -20.49
CA THR D 60 40.32 13.64 -19.40
C THR D 60 39.03 13.26 -18.68
N PHE D 61 38.23 12.36 -19.23
CA PHE D 61 37.08 11.87 -18.50
C PHE D 61 36.94 10.38 -18.73
N HIS D 62 36.25 9.76 -17.76
CA HIS D 62 35.97 8.34 -17.66
C HIS D 62 34.63 8.22 -16.97
N ILE D 63 33.75 7.37 -17.50
CA ILE D 63 32.48 7.16 -16.81
C ILE D 63 32.77 6.53 -15.46
N SER D 64 32.22 7.08 -14.39
CA SER D 64 32.56 6.55 -13.08
C SER D 64 32.00 5.14 -12.91
N GLN D 65 32.78 4.30 -12.22
CA GLN D 65 32.32 2.98 -11.83
C GLN D 65 31.27 3.04 -10.75
N TYR D 66 31.14 4.14 -10.04
CA TYR D 66 30.07 4.26 -9.05
C TYR D 66 28.97 5.14 -9.63
N GLN D 67 27.73 4.86 -9.22
CA GLN D 67 26.57 5.65 -9.63
C GLN D 67 25.57 5.68 -8.48
N LEU D 68 24.57 6.54 -8.63
CA LEU D 68 23.48 6.62 -7.67
C LEU D 68 22.18 6.15 -8.31
N PRO D 69 21.20 5.76 -7.51
CA PRO D 69 19.93 5.28 -8.09
C PRO D 69 19.13 6.36 -8.79
N HIS D 70 19.31 7.64 -8.40
CA HIS D 70 18.56 8.74 -8.98
C HIS D 70 19.49 9.87 -9.36
N PRO D 71 19.27 10.52 -10.50
CA PRO D 71 20.14 11.65 -10.84
C PRO D 71 19.89 12.80 -9.89
N TYR D 72 20.91 13.66 -9.74
CA TYR D 72 20.73 14.93 -9.06
C TYR D 72 20.62 16.10 -10.03
N SER D 73 20.76 15.86 -11.33
CA SER D 73 20.70 16.95 -12.29
C SER D 73 19.31 17.57 -12.32
N PHE D 74 19.26 18.81 -12.81
CA PHE D 74 18.02 19.50 -13.14
C PHE D 74 17.77 19.50 -14.62
N GLY D 75 16.50 19.41 -14.99
CA GLY D 75 16.07 19.60 -16.35
C GLY D 75 15.72 21.05 -16.63
N GLY D 76 15.10 21.28 -17.77
CA GLY D 76 14.74 22.62 -18.20
C GLY D 76 14.52 22.64 -19.71
N GLY D 77 14.55 23.82 -20.28
CA GLY D 77 14.29 23.94 -21.68
C GLY D 77 14.75 25.25 -22.26
N PRO D 78 14.16 25.64 -23.39
CA PRO D 78 14.63 26.84 -24.08
C PRO D 78 14.10 28.11 -23.43
N PRO D 79 14.47 29.24 -23.94
CA PRO D 79 13.95 30.48 -23.39
C PRO D 79 12.82 31.04 -24.22
N ASN D 80 12.17 32.09 -23.70
CA ASN D 80 11.12 32.78 -24.43
C ASN D 80 11.55 33.05 -25.88
N PRO D 81 10.75 32.65 -26.86
CA PRO D 81 11.09 33.01 -28.24
C PRO D 81 11.07 34.51 -28.51
N GLU D 82 10.16 35.26 -27.85
CA GLU D 82 9.97 36.68 -28.06
C GLU D 82 11.25 37.48 -27.76
N ARG D 83 11.64 38.40 -28.66
CA ARG D 83 12.83 39.23 -28.47
C ARG D 83 12.42 40.68 -28.60
N PRO D 84 11.78 41.22 -27.56
CA PRO D 84 11.02 42.47 -27.69
C PRO D 84 11.87 43.73 -27.80
N LEU D 85 13.18 43.64 -27.69
CA LEU D 85 13.96 44.85 -27.85
C LEU D 85 14.46 45.04 -29.27
N THR D 86 14.42 44.00 -30.11
CA THR D 86 15.04 44.14 -31.44
C THR D 86 14.26 45.12 -32.31
N ALA D 87 12.94 45.13 -32.18
CA ALA D 87 12.16 46.10 -32.95
C ALA D 87 12.53 47.53 -32.62
N PRO D 88 12.51 47.98 -31.35
CA PRO D 88 12.94 49.35 -31.07
C PRO D 88 14.42 49.58 -31.33
N LEU D 89 15.24 48.53 -31.38
CA LEU D 89 16.64 48.67 -31.81
C LEU D 89 16.74 49.15 -33.23
N ILE D 90 16.26 48.34 -34.18
CA ILE D 90 16.52 48.70 -35.57
C ILE D 90 15.98 50.10 -35.83
N SER D 91 14.80 50.39 -35.29
CA SER D 91 14.15 51.68 -35.46
C SER D 91 15.08 52.85 -35.10
N ALA D 92 15.70 52.79 -33.92
CA ALA D 92 16.60 53.85 -33.50
C ALA D 92 17.96 53.78 -34.19
N ILE D 93 18.46 52.59 -34.54
CA ILE D 93 19.71 52.55 -35.31
C ILE D 93 19.53 53.26 -36.63
N ASN D 94 18.33 53.14 -37.21
CA ASN D 94 17.97 53.87 -38.42
C ASN D 94 17.90 55.38 -38.17
N LYS D 95 17.15 55.80 -37.14
CA LYS D 95 17.07 57.23 -36.83
C LYS D 95 18.46 57.83 -36.61
N VAL D 96 19.35 57.13 -35.90
CA VAL D 96 20.64 57.72 -35.54
C VAL D 96 21.73 57.43 -36.56
N SER D 97 21.58 56.43 -37.41
CA SER D 97 22.62 56.18 -38.42
C SER D 97 22.85 57.41 -39.29
N GLN D 98 21.78 58.14 -39.65
CA GLN D 98 21.93 59.23 -40.60
C GLN D 98 22.73 60.40 -40.06
N ARG D 99 23.00 60.45 -38.76
CA ARG D 99 23.86 61.49 -38.22
C ARG D 99 25.34 61.10 -38.22
N THR D 100 25.69 59.91 -38.71
CA THR D 100 27.07 59.47 -38.68
C THR D 100 27.73 59.75 -40.02
N ARG D 101 28.99 59.30 -40.12
CA ARG D 101 29.82 59.54 -41.30
C ARG D 101 29.34 58.73 -42.50
N ASP D 102 29.02 57.45 -42.28
CA ASP D 102 28.71 56.46 -43.31
C ASP D 102 27.38 55.80 -42.99
N PRO D 103 26.25 56.49 -43.19
CA PRO D 103 24.97 55.96 -42.70
C PRO D 103 24.69 54.52 -43.11
N VAL D 104 25.02 54.15 -44.34
CA VAL D 104 24.74 52.78 -44.75
C VAL D 104 25.82 51.83 -44.22
N GLY D 105 27.04 52.33 -44.03
CA GLY D 105 28.08 51.51 -43.44
C GLY D 105 27.82 51.18 -41.99
N TYR D 106 27.10 52.07 -41.28
CA TYR D 106 26.72 51.80 -39.89
C TYR D 106 25.61 50.75 -39.84
N ARG D 107 24.57 50.93 -40.65
CA ARG D 107 23.42 50.02 -40.62
C ARG D 107 23.80 48.61 -41.03
N LYS D 108 24.76 48.48 -41.95
CA LYS D 108 25.22 47.16 -42.37
C LYS D 108 25.95 46.44 -41.23
N ARG D 109 26.93 47.13 -40.62
CA ARG D 109 27.71 46.56 -39.52
C ARG D 109 26.80 46.15 -38.36
N ALA D 110 25.77 46.98 -38.08
CA ALA D 110 24.78 46.66 -37.06
C ALA D 110 23.97 45.44 -37.44
N LYS D 111 23.66 45.29 -38.73
CA LYS D 111 22.80 44.19 -39.15
C LYS D 111 23.36 42.84 -38.74
N GLU D 112 24.69 42.66 -38.79
CA GLU D 112 25.25 41.36 -38.44
C GLU D 112 25.07 41.03 -36.97
N SER D 113 25.29 42.02 -36.10
CA SER D 113 25.13 41.83 -34.66
C SER D 113 23.71 41.41 -34.34
N ILE D 114 22.73 42.12 -34.91
CA ILE D 114 21.32 41.86 -34.64
C ILE D 114 20.87 40.49 -35.16
N ASP D 115 21.40 40.04 -36.30
CA ASP D 115 20.96 38.75 -36.87
C ASP D 115 21.50 37.55 -36.12
N LEU D 116 22.42 37.75 -35.19
CA LEU D 116 23.02 36.65 -34.47
C LEU D 116 22.76 36.69 -32.97
N GLY D 117 22.28 37.79 -32.43
CA GLY D 117 21.91 37.83 -31.03
C GLY D 117 20.97 36.72 -30.67
N ASP D 118 21.30 36.06 -29.56
CA ASP D 118 20.49 34.99 -29.00
C ASP D 118 20.88 34.84 -27.53
N PHE D 119 20.55 33.69 -26.95
CA PHE D 119 20.47 33.56 -25.51
C PHE D 119 20.44 32.07 -25.19
N THR D 120 21.44 31.60 -24.44
CA THR D 120 21.52 30.22 -23.98
C THR D 120 20.84 30.09 -22.62
N THR D 121 20.33 28.88 -22.34
CA THR D 121 19.66 28.58 -21.09
C THR D 121 19.99 27.16 -20.71
N HIS D 122 19.70 26.81 -19.47
CA HIS D 122 20.01 25.46 -19.01
C HIS D 122 19.00 24.49 -19.57
N ASP D 123 19.49 23.47 -20.24
CA ASP D 123 18.67 22.42 -20.83
C ASP D 123 19.60 21.24 -21.08
N PRO D 124 19.46 20.13 -20.35
CA PRO D 124 20.43 19.04 -20.49
C PRO D 124 20.51 18.52 -21.91
N ASP D 125 19.40 18.59 -22.66
CA ASP D 125 19.43 18.13 -24.03
C ASP D 125 20.19 19.07 -24.97
N THR D 126 20.35 20.36 -24.62
CA THR D 126 21.20 21.26 -25.39
C THR D 126 22.62 21.36 -24.85
N LEU D 127 22.85 20.86 -23.62
CA LEU D 127 24.11 21.10 -22.92
C LEU D 127 25.17 20.04 -23.20
N HIS D 128 24.77 18.79 -23.45
CA HIS D 128 25.75 17.71 -23.56
C HIS D 128 26.76 17.86 -24.70
N PRO D 129 26.46 18.50 -25.84
CA PRO D 129 27.52 18.70 -26.82
C PRO D 129 28.64 19.59 -26.35
N ARG D 130 28.37 20.59 -25.51
CA ARG D 130 29.46 21.39 -24.95
C ARG D 130 30.51 20.52 -24.27
N PHE D 131 30.07 19.42 -23.65
CA PHE D 131 31.00 18.59 -22.90
C PHE D 131 32.15 18.09 -23.77
N LEU D 132 31.94 17.98 -25.08
CA LEU D 132 32.95 17.31 -25.90
C LEU D 132 34.25 18.10 -25.95
N GLU D 133 34.18 19.42 -25.77
CA GLU D 133 35.42 20.19 -25.67
C GLU D 133 36.29 19.73 -24.49
N TYR D 134 35.67 19.29 -23.40
CA TYR D 134 36.43 18.86 -22.24
C TYR D 134 36.99 17.46 -22.39
N VAL D 135 36.69 16.76 -23.49
CA VAL D 135 37.22 15.43 -23.76
C VAL D 135 38.42 15.60 -24.67
N HIS D 136 39.61 15.63 -24.09
CA HIS D 136 40.84 15.74 -24.85
C HIS D 136 41.95 15.04 -24.09
N GLU D 137 43.18 15.14 -24.57
CA GLU D 137 44.31 14.50 -23.91
C GLU D 137 44.79 15.27 -22.68
N ARG D 138 45.25 14.52 -21.69
CA ARG D 138 45.73 15.16 -20.48
C ARG D 138 47.16 15.67 -20.64
N THR D 139 47.53 16.60 -19.74
CA THR D 139 48.91 17.08 -19.60
C THR D 139 49.22 17.18 -18.11
N ARG D 140 49.67 16.08 -17.53
CA ARG D 140 49.89 16.03 -16.09
C ARG D 140 51.15 16.81 -15.72
N SER D 141 52.11 16.88 -16.64
CA SER D 141 53.35 17.62 -16.44
C SER D 141 53.89 17.99 -17.81
N VAL D 142 54.86 18.88 -17.81
CA VAL D 142 55.48 19.23 -19.07
C VAL D 142 56.89 18.65 -19.07
N ASP D 143 57.68 19.04 -20.08
CA ASP D 143 59.02 18.53 -20.26
C ASP D 143 60.00 19.29 -19.36
N GLY D 144 61.28 19.04 -19.58
CA GLY D 144 62.31 19.54 -18.72
C GLY D 144 62.48 21.04 -18.82
N PRO D 145 62.76 21.53 -20.03
CA PRO D 145 63.02 22.97 -20.18
C PRO D 145 61.77 23.80 -19.99
N THR D 146 60.59 23.22 -20.26
CA THR D 146 59.35 23.94 -20.04
C THR D 146 59.16 24.20 -18.56
N ASP D 147 59.16 23.14 -17.75
CA ASP D 147 59.05 23.27 -16.31
C ASP D 147 60.10 24.20 -15.71
N ASP D 148 61.34 24.15 -16.23
CA ASP D 148 62.35 25.11 -15.81
C ASP D 148 61.85 26.53 -16.00
N ALA D 149 61.28 26.82 -17.17
CA ALA D 149 60.76 28.15 -17.47
C ALA D 149 59.55 28.47 -16.60
N MET D 150 58.63 27.51 -16.43
CA MET D 150 57.45 27.73 -15.62
C MET D 150 57.83 27.97 -14.16
N ARG D 151 58.75 27.17 -13.62
CA ARG D 151 59.19 27.41 -12.25
C ARG D 151 59.90 28.75 -12.12
N ALA D 152 60.63 29.16 -13.16
CA ALA D 152 61.25 30.48 -13.20
C ALA D 152 60.20 31.58 -13.19
N ALA D 153 59.15 31.42 -14.00
CA ALA D 153 58.07 32.40 -14.02
C ALA D 153 57.40 32.52 -12.67
N GLN D 154 57.28 31.41 -11.95
CA GLN D 154 56.74 31.47 -10.61
C GLN D 154 57.51 32.44 -9.74
N THR D 155 58.84 32.44 -9.85
CA THR D 155 59.61 33.34 -8.98
C THR D 155 59.32 34.78 -9.35
N VAL D 156 58.97 35.04 -10.62
CA VAL D 156 58.69 36.40 -11.05
C VAL D 156 57.51 36.95 -10.26
N PHE D 157 56.45 36.16 -10.12
CA PHE D 157 55.26 36.63 -9.45
C PHE D 157 55.43 36.61 -7.93
N ALA D 158 56.23 35.68 -7.42
CA ALA D 158 56.61 35.71 -6.03
C ALA D 158 57.29 37.02 -5.67
N ARG D 159 58.25 37.46 -6.51
CA ARG D 159 58.94 38.73 -6.26
C ARG D 159 57.99 39.91 -6.38
N LEU D 160 57.16 39.89 -7.42
CA LEU D 160 56.21 40.98 -7.63
C LEU D 160 55.31 41.16 -6.41
N TRP D 161 54.72 40.06 -5.94
CA TRP D 161 53.75 40.16 -4.86
C TRP D 161 54.39 40.65 -3.58
N ARG D 162 55.60 40.19 -3.27
CA ARG D 162 56.28 40.72 -2.09
C ARG D 162 56.58 42.20 -2.27
N ARG D 163 56.98 42.61 -3.47
CA ARG D 163 57.25 44.02 -3.70
C ARG D 163 55.97 44.84 -3.61
N LYS D 164 54.83 44.24 -3.95
CA LYS D 164 53.58 44.98 -3.89
C LYS D 164 52.92 44.84 -2.52
N GLY D 165 53.64 44.26 -1.56
CA GLY D 165 53.23 44.36 -0.17
C GLY D 165 52.47 43.17 0.36
N CYS D 166 52.91 41.96 0.02
CA CYS D 166 52.20 40.76 0.40
C CYS D 166 52.63 40.33 1.79
N LYS D 167 51.71 40.44 2.75
CA LYS D 167 51.93 40.03 4.13
C LYS D 167 50.81 39.07 4.59
N VAL D 168 50.20 38.38 3.63
CA VAL D 168 49.11 37.45 3.88
C VAL D 168 49.62 36.26 4.69
N LYS D 169 48.91 35.93 5.77
CA LYS D 169 49.25 34.81 6.66
C LYS D 169 48.15 33.76 6.61
N ALA D 170 48.51 32.52 6.94
CA ALA D 170 47.47 31.50 7.06
C ALA D 170 46.53 31.89 8.19
N ARG D 171 45.26 31.53 8.04
CA ARG D 171 44.29 31.77 9.11
C ARG D 171 44.37 30.59 10.07
N SER D 172 43.94 30.81 11.29
CA SER D 172 43.84 29.75 12.28
C SER D 172 42.39 29.32 12.37
N LEU D 173 42.19 28.14 12.95
CA LEU D 173 40.86 27.52 12.91
C LEU D 173 39.80 28.33 13.65
N SER D 174 40.20 29.28 14.51
CA SER D 174 39.25 30.26 15.05
C SER D 174 38.28 30.74 13.99
N ASP D 175 38.81 31.12 12.84
CA ASP D 175 38.05 31.72 11.77
C ASP D 175 37.25 30.72 10.97
N ALA D 176 37.18 29.48 11.46
CA ALA D 176 36.25 28.48 10.96
C ALA D 176 35.11 28.22 11.93
N GLN D 177 34.96 29.05 12.96
CA GLN D 177 33.70 29.01 13.68
C GLN D 177 32.64 29.74 12.85
N PRO D 178 31.36 29.36 12.99
CA PRO D 178 30.34 29.80 12.01
C PRO D 178 30.28 31.31 11.77
N ASP D 179 30.38 32.09 12.84
CA ASP D 179 30.22 33.52 12.72
C ASP D 179 31.38 34.12 11.97
N ASN D 180 32.59 33.63 12.25
CA ASN D 180 33.76 34.05 11.48
C ASN D 180 33.71 33.57 10.03
N LEU D 181 33.36 32.30 9.81
CA LEU D 181 33.26 31.79 8.45
C LEU D 181 32.37 32.65 7.56
N LEU D 182 31.36 33.28 8.14
CA LEU D 182 30.42 34.11 7.38
C LEU D 182 31.09 35.34 6.77
N ALA D 183 32.20 35.81 7.36
CA ALA D 183 32.90 36.95 6.81
C ALA D 183 33.47 36.67 5.42
N ILE D 184 33.96 35.44 5.18
CA ILE D 184 34.66 35.14 3.93
C ILE D 184 33.82 34.24 3.03
N ILE D 185 32.49 34.40 3.11
CA ILE D 185 31.53 33.72 2.24
C ILE D 185 30.71 34.77 1.48
N LYS D 186 30.58 34.56 0.17
CA LYS D 186 29.80 35.38 -0.76
C LYS D 186 28.56 34.61 -1.22
N LYS D 187 27.55 35.37 -1.68
CA LYS D 187 26.22 34.82 -1.97
C LYS D 187 26.26 33.99 -3.26
N GLY D 188 26.10 32.66 -3.13
CA GLY D 188 26.13 31.71 -4.24
C GLY D 188 25.17 30.53 -4.14
N SER D 189 25.27 29.52 -5.11
CA SER D 189 24.38 28.35 -5.23
C SER D 189 24.74 27.27 -4.19
N PRO D 190 23.72 26.58 -3.59
CA PRO D 190 24.00 25.63 -2.51
C PRO D 190 24.28 24.17 -2.91
N GLY D 191 24.70 23.91 -4.16
CA GLY D 191 25.29 22.60 -4.52
C GLY D 191 24.29 21.45 -4.48
N GLU D 192 24.69 20.34 -3.84
CA GLU D 192 23.83 19.18 -3.65
C GLU D 192 23.01 19.25 -2.36
N TYR D 193 23.14 20.33 -1.60
CA TYR D 193 22.27 20.58 -0.46
C TYR D 193 21.11 21.43 -0.97
N ASP D 200 20.36 29.54 -0.55
CA ASP D 200 21.57 30.37 -0.56
C ASP D 200 22.77 29.56 -0.12
N ARG D 201 23.97 30.12 -0.31
CA ARG D 201 25.12 29.56 0.40
C ARG D 201 25.22 30.11 1.83
N ARG D 202 24.55 31.24 2.10
CA ARG D 202 24.55 31.87 3.43
C ARG D 202 23.36 31.46 4.29
N ASP D 203 22.76 30.29 4.04
CA ASP D 203 21.78 29.69 4.96
C ASP D 203 22.44 29.37 6.30
N PRO D 204 21.68 29.42 7.39
CA PRO D 204 22.29 29.11 8.70
C PRO D 204 22.66 27.64 8.86
N ARG D 205 21.80 26.73 8.42
CA ARG D 205 22.13 25.31 8.55
C ARG D 205 23.36 24.94 7.71
N LEU D 206 23.59 25.63 6.58
CA LEU D 206 24.76 25.36 5.76
C LEU D 206 26.03 25.91 6.41
N ILE D 207 25.99 27.16 6.87
CA ILE D 207 27.18 27.72 7.52
C ILE D 207 27.66 26.81 8.64
N ALA D 208 26.72 26.20 9.35
CA ALA D 208 27.11 25.16 10.29
C ALA D 208 27.81 24.01 9.57
N THR D 209 27.18 23.45 8.54
CA THR D 209 27.77 22.33 7.79
C THR D 209 29.16 22.65 7.29
N MET D 210 29.34 23.84 6.71
CA MET D 210 30.64 24.26 6.23
C MET D 210 31.65 24.34 7.35
N SER D 211 31.23 24.88 8.50
CA SER D 211 32.15 25.07 9.60
C SER D 211 32.65 23.75 10.18
N SER D 212 31.81 22.70 10.20
CA SER D 212 32.25 21.38 10.66
C SER D 212 33.28 20.81 9.72
N SER D 213 32.96 20.83 8.43
CA SER D 213 33.84 20.30 7.40
C SER D 213 35.23 20.89 7.48
N LEU D 214 35.39 22.06 8.10
CA LEU D 214 36.74 22.60 8.27
C LEU D 214 37.38 22.11 9.56
N LEU D 215 36.61 22.01 10.64
CA LEU D 215 37.16 21.60 11.93
C LEU D 215 37.57 20.14 11.94
N ARG D 216 36.88 19.30 11.16
CA ARG D 216 37.24 17.88 11.08
C ARG D 216 38.68 17.68 10.62
N TYR D 217 39.30 18.70 10.01
CA TYR D 217 40.71 18.65 9.66
C TYR D 217 41.62 18.75 10.86
N ALA D 218 41.10 19.19 12.01
CA ALA D 218 41.96 19.44 13.16
C ALA D 218 42.46 18.14 13.78
N SER D 219 41.54 17.21 14.02
CA SER D 219 41.89 15.87 14.49
C SER D 219 43.00 15.27 13.64
N ALA D 220 42.87 15.41 12.33
CA ALA D 220 43.81 14.80 11.40
C ALA D 220 45.19 15.42 11.54
N GLY D 221 45.25 16.75 11.48
CA GLY D 221 46.54 17.41 11.62
C GLY D 221 47.22 17.07 12.93
N VAL D 222 46.44 16.88 13.99
CA VAL D 222 47.02 16.53 15.28
C VAL D 222 47.67 15.15 15.20
N GLN D 223 46.97 14.19 14.57
CA GLN D 223 47.57 12.88 14.33
C GLN D 223 48.87 12.99 13.55
N VAL D 224 48.81 13.70 12.42
CA VAL D 224 49.99 13.78 11.56
C VAL D 224 51.17 14.34 12.31
N ALA D 225 50.93 15.29 13.21
CA ALA D 225 52.01 15.90 13.96
C ALA D 225 52.49 15.04 15.12
N ARG D 226 51.71 14.04 15.54
CA ARG D 226 52.18 13.03 16.48
C ARG D 226 52.76 11.81 15.77
N GLY D 227 53.01 11.91 14.45
CA GLY D 227 53.60 10.83 13.67
C GLY D 227 52.65 9.73 13.27
N ARG D 228 51.41 9.77 13.73
CA ARG D 228 50.43 8.75 13.45
C ARG D 228 49.80 9.04 12.08
N PRO D 229 49.04 8.12 11.52
CA PRO D 229 48.47 8.37 10.18
C PRO D 229 47.23 9.24 10.25
N PRO D 230 46.98 10.04 9.23
CA PRO D 230 45.70 10.78 9.14
C PRO D 230 44.56 9.84 8.81
N PRO D 231 43.33 10.26 9.09
CA PRO D 231 42.15 9.47 8.67
C PRO D 231 42.19 9.13 7.19
N GLY D 232 41.49 8.07 6.79
CA GLY D 232 41.50 7.69 5.39
C GLY D 232 40.80 8.67 4.49
N TRP D 233 39.84 9.44 5.01
CA TRP D 233 39.05 10.35 4.19
C TRP D 233 39.84 11.54 3.69
N VAL D 234 41.07 11.77 4.16
CA VAL D 234 41.88 12.86 3.65
C VAL D 234 42.43 12.56 2.26
N ASP D 235 42.51 11.30 1.90
CA ASP D 235 42.94 10.93 0.56
C ASP D 235 41.79 10.44 -0.32
N THR D 236 40.56 10.34 0.23
CA THR D 236 39.40 9.87 -0.53
C THR D 236 38.26 10.89 -0.66
N THR D 237 38.13 11.85 0.27
CA THR D 237 36.97 12.76 0.29
C THR D 237 36.80 13.42 -1.07
N THR D 238 35.64 13.21 -1.67
CA THR D 238 35.35 13.80 -2.96
C THR D 238 33.91 14.30 -2.89
N GLN D 239 33.66 15.44 -3.52
CA GLN D 239 32.36 16.07 -3.51
C GLN D 239 31.74 15.90 -4.88
N VAL D 240 30.45 15.80 -4.92
CA VAL D 240 29.79 15.78 -6.21
C VAL D 240 29.75 17.20 -6.74
N THR D 241 29.93 17.36 -8.05
CA THR D 241 29.75 18.62 -8.77
C THR D 241 28.62 18.43 -9.75
N LEU D 242 27.92 19.51 -10.04
CA LEU D 242 26.72 19.48 -10.85
C LEU D 242 26.85 20.41 -12.05
N THR D 243 26.39 19.97 -13.21
CA THR D 243 26.59 20.71 -14.44
C THR D 243 25.35 21.53 -14.79
N PHE D 244 25.54 22.66 -15.48
CA PHE D 244 24.41 23.53 -15.75
C PHE D 244 24.39 24.19 -17.14
N GLY D 245 25.33 25.04 -17.48
CA GLY D 245 25.08 25.82 -18.68
C GLY D 245 24.25 27.08 -18.44
N LYS D 246 24.87 28.26 -18.63
CA LYS D 246 24.37 29.50 -18.07
C LYS D 246 23.24 30.09 -18.90
N ARG D 247 22.41 30.92 -18.25
CA ARG D 247 21.46 31.83 -18.91
C ARG D 247 22.20 33.12 -19.21
N GLU D 248 22.71 33.25 -20.43
CA GLU D 248 23.49 34.41 -20.81
C GLU D 248 23.14 34.72 -22.24
N PRO D 249 23.32 35.96 -22.69
CA PRO D 249 23.26 36.24 -24.13
C PRO D 249 24.45 35.57 -24.79
N LYS D 250 24.20 34.86 -25.89
CA LYS D 250 25.29 34.33 -26.70
C LYS D 250 24.84 34.44 -28.15
N ALA D 251 25.74 34.92 -29.00
CA ALA D 251 25.37 35.02 -30.39
C ALA D 251 25.28 33.63 -31.01
N ALA D 252 24.62 33.54 -32.15
CA ALA D 252 24.59 32.32 -32.93
C ALA D 252 25.67 32.38 -34.01
N LYS D 253 25.76 31.31 -34.79
CA LYS D 253 26.68 31.21 -35.92
C LYS D 253 25.91 30.64 -37.10
N ILE D 254 26.24 31.12 -38.32
CA ILE D 254 25.58 30.65 -39.53
C ILE D 254 26.45 29.63 -40.26
N VAL D 255 26.49 28.40 -39.75
CA VAL D 255 27.34 27.33 -40.26
C VAL D 255 26.80 26.81 -41.60
N ASP D 256 27.31 27.38 -42.70
CA ASP D 256 26.97 26.97 -44.06
C ASP D 256 25.45 26.87 -44.26
N GLY D 257 24.76 27.99 -44.05
CA GLY D 257 23.35 28.08 -44.38
C GLY D 257 22.36 28.06 -43.23
N VAL D 258 22.54 27.14 -42.28
CA VAL D 258 21.62 26.97 -41.17
C VAL D 258 22.03 27.95 -40.06
N ARG D 259 21.02 28.52 -39.37
CA ARG D 259 21.30 29.31 -38.19
C ARG D 259 21.46 28.37 -37.00
N GLN D 260 22.72 28.02 -36.71
CA GLN D 260 23.05 27.13 -35.61
C GLN D 260 22.99 27.93 -34.29
N ALA D 261 21.95 27.66 -33.47
CA ALA D 261 21.74 28.38 -32.21
C ALA D 261 22.94 28.16 -31.27
N PRO D 262 23.11 29.02 -30.25
CA PRO D 262 24.35 29.00 -29.47
C PRO D 262 24.40 27.74 -28.62
N VAL D 263 25.62 27.34 -28.29
CA VAL D 263 25.82 26.15 -27.47
C VAL D 263 26.09 26.60 -26.02
N PRO D 264 25.23 26.27 -25.06
CA PRO D 264 25.37 26.81 -23.71
C PRO D 264 26.77 26.60 -23.20
N ARG D 265 27.28 27.55 -22.42
CA ARG D 265 28.59 27.40 -21.78
C ARG D 265 28.46 26.76 -20.42
N PHE D 266 29.41 25.89 -20.05
CA PHE D 266 29.22 25.07 -18.85
C PHE D 266 29.30 25.86 -17.56
N ILE D 267 28.56 25.38 -16.56
CA ILE D 267 28.69 25.90 -15.20
C ILE D 267 28.77 24.70 -14.27
N PHE D 268 29.82 24.64 -13.44
CA PHE D 268 30.07 23.54 -12.51
C PHE D 268 29.74 24.03 -11.11
N ASN D 269 28.54 23.76 -10.65
CA ASN D 269 28.13 24.18 -9.31
C ASN D 269 28.80 23.30 -8.26
N LEU D 270 29.79 23.85 -7.53
CA LEU D 270 30.59 23.10 -6.57
C LEU D 270 29.92 23.07 -5.20
N SER D 271 30.23 22.03 -4.43
CA SER D 271 29.55 21.86 -3.16
C SER D 271 30.05 22.91 -2.17
N PRO D 272 29.16 23.62 -1.48
CA PRO D 272 29.60 24.64 -0.52
C PRO D 272 30.55 24.13 0.54
N VAL D 273 30.79 22.83 0.57
CA VAL D 273 31.91 22.32 1.35
C VAL D 273 33.23 22.63 0.65
N ASN D 274 33.32 22.41 -0.67
CA ASN D 274 34.52 22.82 -1.41
C ASN D 274 34.74 24.33 -1.33
N TYR D 275 33.67 25.11 -1.31
CA TYR D 275 33.84 26.56 -1.27
C TYR D 275 34.45 27.01 0.05
N ALA D 276 34.11 26.34 1.14
CA ALA D 276 34.67 26.75 2.41
C ALA D 276 36.14 26.38 2.52
N LEU D 277 36.50 25.16 2.10
CA LEU D 277 37.90 24.78 2.01
C LEU D 277 38.70 25.84 1.27
N ALA D 278 38.27 26.18 0.05
CA ALA D 278 38.97 27.13 -0.79
C ALA D 278 39.03 28.54 -0.18
N SER D 279 37.94 29.05 0.42
CA SER D 279 38.06 30.36 1.05
C SER D 279 38.96 30.33 2.26
N PHE D 280 38.86 29.30 3.08
CA PHE D 280 39.68 29.29 4.28
C PHE D 280 41.16 29.36 3.91
N LEU D 281 41.56 28.68 2.85
CA LEU D 281 42.94 28.68 2.42
C LEU D 281 43.30 29.97 1.67
N HIS D 282 42.68 30.19 0.51
CA HIS D 282 43.16 31.28 -0.32
C HIS D 282 42.13 32.37 -0.50
N TYR D 283 41.49 32.81 0.56
CA TYR D 283 40.66 33.97 0.30
C TYR D 283 41.52 35.22 0.38
N ASP D 284 42.37 35.29 1.39
CA ASP D 284 43.17 36.48 1.62
C ASP D 284 44.11 36.73 0.46
N ILE D 285 44.75 35.66 -0.05
CA ILE D 285 45.65 35.85 -1.18
C ILE D 285 44.88 36.30 -2.42
N SER D 286 43.63 35.87 -2.58
CA SER D 286 42.86 36.31 -3.73
C SER D 286 42.49 37.79 -3.61
N HIS D 287 42.24 38.25 -2.40
CA HIS D 287 41.86 39.65 -2.26
C HIS D 287 43.07 40.55 -2.13
N PHE D 288 44.23 40.03 -1.74
CA PHE D 288 45.43 40.82 -1.93
C PHE D 288 45.71 41.04 -3.41
N LEU D 289 45.60 39.99 -4.23
CA LEU D 289 45.88 40.13 -5.64
C LEU D 289 44.89 41.06 -6.32
N MET D 290 43.66 41.13 -5.82
CA MET D 290 42.73 42.06 -6.43
C MET D 290 43.13 43.50 -6.14
N ASP D 291 43.61 43.75 -4.92
CA ASP D 291 43.90 45.12 -4.54
C ASP D 291 45.27 45.59 -5.01
N ASN D 292 46.25 44.70 -5.21
CA ASN D 292 47.64 45.13 -5.31
C ASN D 292 48.45 44.54 -6.46
N ASP D 293 48.02 43.43 -7.08
CA ASP D 293 48.78 42.83 -8.16
C ASP D 293 48.37 43.49 -9.46
N PRO D 294 49.25 44.29 -10.10
CA PRO D 294 48.82 45.06 -11.27
C PRO D 294 48.56 44.18 -12.48
N THR D 295 48.88 42.88 -12.39
CA THR D 295 48.66 41.89 -13.43
C THR D 295 47.45 41.03 -13.17
N HIS D 296 46.78 41.21 -12.03
CA HIS D 296 45.65 40.38 -11.61
C HIS D 296 44.35 41.10 -11.94
N GLY D 297 43.78 40.78 -13.09
CA GLY D 297 42.58 41.43 -13.56
C GLY D 297 41.44 41.43 -12.56
N PRO D 298 41.05 40.22 -12.07
CA PRO D 298 39.85 40.08 -11.25
C PRO D 298 39.64 41.16 -10.19
N GLY D 299 38.45 41.73 -10.26
CA GLY D 299 38.15 42.94 -9.56
C GLY D 299 37.94 44.07 -10.50
N PHE D 300 38.29 43.87 -11.77
CA PHE D 300 38.13 44.89 -12.80
C PHE D 300 36.69 45.37 -12.90
N GLY D 301 36.52 46.61 -13.32
CA GLY D 301 35.21 47.19 -13.49
C GLY D 301 35.27 48.42 -14.36
N PRO D 302 34.25 48.64 -15.19
CA PRO D 302 34.35 49.69 -16.21
C PRO D 302 34.36 51.09 -15.63
N GLY D 303 33.84 51.29 -14.44
CA GLY D 303 33.69 52.65 -13.98
C GLY D 303 33.91 52.84 -12.49
N ARG D 304 33.61 54.04 -12.00
CA ARG D 304 33.84 54.42 -10.61
C ARG D 304 35.28 54.12 -10.21
N GLY D 305 36.18 54.26 -11.17
CA GLY D 305 37.60 54.13 -10.91
C GLY D 305 38.13 52.71 -10.87
N ARG D 306 37.37 51.76 -11.36
CA ARG D 306 37.74 50.37 -11.19
C ARG D 306 38.56 49.82 -12.34
N ALA D 307 38.68 50.55 -13.44
CA ALA D 307 39.52 50.11 -14.54
C ALA D 307 40.94 50.61 -14.40
N ARG D 308 41.36 50.96 -13.19
CA ARG D 308 42.69 51.52 -12.95
C ARG D 308 43.81 50.69 -13.58
N LYS D 309 43.68 49.36 -13.52
CA LYS D 309 44.80 48.51 -13.95
C LYS D 309 44.93 48.48 -15.48
N PHE D 310 43.79 48.51 -16.15
CA PHE D 310 43.74 48.62 -17.61
C PHE D 310 44.25 49.98 -18.06
N MET D 311 43.87 51.05 -17.35
CA MET D 311 44.26 52.38 -17.76
C MET D 311 45.73 52.64 -17.49
N ASP D 312 46.28 52.07 -16.41
CA ASP D 312 47.72 52.20 -16.21
C ASP D 312 48.50 51.46 -17.29
N LEU D 313 48.15 50.19 -17.56
CA LEU D 313 48.85 49.48 -18.63
C LEU D 313 48.85 50.26 -19.94
N VAL D 314 47.71 50.86 -20.29
CA VAL D 314 47.62 51.57 -21.56
C VAL D 314 48.39 52.87 -21.49
N GLU D 315 48.11 53.70 -20.49
CA GLU D 315 48.83 54.97 -20.42
C GLU D 315 50.34 54.79 -20.26
N ARG D 316 50.80 53.60 -19.88
CA ARG D 316 52.23 53.41 -19.82
C ARG D 316 52.85 53.23 -21.21
N ALA D 317 52.12 52.59 -22.12
CA ALA D 317 52.68 52.26 -23.43
C ALA D 317 52.32 53.25 -24.51
N PHE D 318 51.45 54.22 -24.22
CA PHE D 318 51.05 55.21 -25.21
C PHE D 318 51.51 56.63 -24.87
N ASP D 319 51.94 56.88 -23.64
CA ASP D 319 52.42 58.18 -23.18
C ASP D 319 51.69 59.38 -23.78
N GLY D 320 50.39 59.28 -23.94
CA GLY D 320 49.60 60.41 -24.33
C GLY D 320 49.25 60.49 -25.79
N ARG D 321 49.62 59.49 -26.60
CA ARG D 321 49.35 59.48 -28.04
C ARG D 321 48.27 58.48 -28.42
N PHE D 322 47.89 58.50 -29.71
CA PHE D 322 46.87 57.60 -30.26
C PHE D 322 47.47 56.32 -30.84
N SER D 323 48.77 56.30 -31.04
CA SER D 323 49.53 55.16 -31.50
C SER D 323 50.83 55.11 -30.68
N THR D 324 51.37 53.91 -30.45
CA THR D 324 52.45 53.81 -29.48
C THR D 324 53.64 54.68 -29.91
N PRO D 325 54.34 55.28 -28.95
CA PRO D 325 55.41 56.22 -29.32
C PRO D 325 56.63 55.55 -29.92
N ASP D 326 57.06 54.40 -29.40
CA ASP D 326 57.99 53.52 -30.10
C ASP D 326 57.18 52.56 -30.98
N GLY D 327 57.85 51.63 -31.62
CA GLY D 327 57.03 50.67 -32.33
C GLY D 327 56.21 49.75 -31.44
N ALA D 328 56.44 49.76 -30.12
CA ALA D 328 56.06 48.64 -29.25
C ALA D 328 54.62 48.27 -29.45
N ARG D 329 54.37 47.01 -29.75
CA ARG D 329 53.00 46.61 -29.98
C ARG D 329 52.32 46.24 -28.66
N LEU D 330 51.00 46.03 -28.74
CA LEU D 330 50.19 45.51 -27.65
C LEU D 330 49.50 44.22 -28.09
N ILE D 331 49.55 43.20 -27.24
CA ILE D 331 49.14 41.85 -27.61
C ILE D 331 47.86 41.49 -26.84
N MET D 332 46.95 40.79 -27.52
CA MET D 332 45.65 40.41 -26.96
C MET D 332 45.43 38.92 -27.30
N SER D 333 45.78 38.03 -26.37
CA SER D 333 45.85 36.61 -26.67
C SER D 333 44.46 36.05 -26.83
N ASP D 334 44.25 35.32 -27.92
CA ASP D 334 43.00 34.62 -28.26
C ASP D 334 43.24 33.13 -28.04
N ILE D 335 42.99 32.65 -26.83
CA ILE D 335 43.14 31.22 -26.52
C ILE D 335 41.77 30.57 -26.61
N THR D 336 41.65 29.54 -27.46
CA THR D 336 40.36 28.95 -27.75
C THR D 336 40.00 27.96 -26.66
N LYS D 337 38.83 28.17 -26.06
CA LYS D 337 38.23 27.25 -25.11
C LYS D 337 39.12 27.08 -23.89
N TRP D 338 39.55 28.21 -23.31
CA TRP D 338 40.48 28.16 -22.19
C TRP D 338 40.03 27.20 -21.10
N ASP D 339 38.77 27.33 -20.68
CA ASP D 339 38.24 26.55 -19.57
C ASP D 339 38.30 25.06 -19.84
N ALA D 340 38.11 24.64 -21.07
CA ALA D 340 38.08 23.21 -21.34
C ALA D 340 39.46 22.64 -21.64
N ASN D 341 40.48 23.47 -21.88
CA ASN D 341 41.82 22.99 -22.17
C ASN D 341 42.85 23.36 -21.11
N MET D 342 42.47 24.13 -20.09
CA MET D 342 43.25 24.27 -18.86
C MET D 342 43.67 22.89 -18.38
N CYS D 343 44.97 22.61 -18.36
CA CYS D 343 45.40 21.24 -18.09
C CYS D 343 45.82 21.10 -16.64
N GLU D 344 46.10 19.85 -16.26
CA GLU D 344 46.57 19.61 -14.90
C GLU D 344 47.97 20.17 -14.67
N ALA D 345 48.78 20.30 -15.73
CA ALA D 345 50.13 20.83 -15.56
C ALA D 345 50.09 22.26 -15.08
N LEU D 346 49.34 23.10 -15.79
CA LEU D 346 49.27 24.52 -15.47
C LEU D 346 48.53 24.78 -14.17
N ILE D 347 47.44 24.04 -13.92
CA ILE D 347 46.71 24.20 -12.65
C ILE D 347 47.67 24.01 -11.50
N LYS D 348 48.50 22.98 -11.60
CA LYS D 348 49.47 22.68 -10.57
C LYS D 348 50.37 23.88 -10.31
N TYR D 349 50.94 24.46 -11.38
CA TYR D 349 51.85 25.59 -11.20
C TYR D 349 51.14 26.81 -10.63
N SER D 350 49.86 26.98 -10.94
CA SER D 350 49.16 28.17 -10.50
C SER D 350 48.79 28.10 -9.02
N ILE D 351 48.25 26.98 -8.55
CA ILE D 351 47.78 26.98 -7.17
C ILE D 351 48.88 26.67 -6.16
N ASP D 352 49.98 26.05 -6.59
CA ASP D 352 51.15 25.99 -5.72
C ASP D 352 51.78 27.36 -5.59
N LEU D 353 51.83 28.14 -6.66
CA LEU D 353 52.27 29.53 -6.55
C LEU D 353 51.42 30.30 -5.56
N LEU D 354 50.11 30.04 -5.54
CA LEU D 354 49.20 30.80 -4.67
C LEU D 354 49.29 30.34 -3.23
N GLU D 355 49.42 29.05 -2.99
CA GLU D 355 49.64 28.62 -1.61
C GLU D 355 50.99 29.08 -1.09
N ASP D 356 51.96 29.29 -1.98
CA ASP D 356 53.26 29.81 -1.55
C ASP D 356 53.17 31.19 -0.94
N ALA D 357 52.31 32.05 -1.50
CA ALA D 357 52.24 33.42 -1.03
C ALA D 357 51.72 33.53 0.40
N VAL D 358 51.13 32.47 0.96
CA VAL D 358 50.59 32.46 2.31
C VAL D 358 51.66 32.15 3.35
N ASP D 359 51.76 33.01 4.36
CA ASP D 359 52.81 32.88 5.38
C ASP D 359 52.40 31.85 6.42
N LYS D 360 52.75 30.59 6.17
CA LYS D 360 52.40 29.55 7.14
C LYS D 360 53.27 29.59 8.39
N SER D 361 54.18 30.56 8.53
CA SER D 361 55.17 30.44 9.59
C SER D 361 54.61 30.77 10.97
N ALA D 362 53.49 31.46 11.03
CA ALA D 362 52.85 31.76 12.30
C ALA D 362 52.35 30.52 13.04
N LEU D 363 52.42 29.34 12.45
CA LEU D 363 51.55 28.22 12.78
C LEU D 363 52.20 27.20 13.70
N SER D 364 51.39 26.68 14.64
CA SER D 364 51.74 25.53 15.46
C SER D 364 52.23 24.37 14.60
N PRO D 365 52.87 23.36 15.16
CA PRO D 365 53.07 22.14 14.37
C PRO D 365 51.77 21.39 14.06
N GLU D 366 50.79 21.33 14.98
CA GLU D 366 49.46 20.86 14.59
C GLU D 366 48.88 21.71 13.47
N GLY D 367 48.81 23.03 13.70
CA GLY D 367 48.11 23.90 12.77
C GLY D 367 48.74 23.92 11.39
N LEU D 368 50.06 23.70 11.33
CA LEU D 368 50.75 23.49 10.06
C LEU D 368 50.28 22.23 9.38
N ALA D 369 50.39 21.08 10.09
CA ALA D 369 49.96 19.82 9.52
C ALA D 369 48.48 19.86 9.15
N THR D 370 47.65 20.55 9.94
CA THR D 370 46.25 20.73 9.58
C THR D 370 46.14 21.42 8.21
N ARG D 371 46.73 22.61 8.08
CA ARG D 371 46.79 23.33 6.81
C ARG D 371 47.34 22.44 5.69
N GLY D 372 48.32 21.59 6.02
CA GLY D 372 48.85 20.68 5.02
C GLY D 372 47.81 19.72 4.46
N LEU D 373 47.00 19.12 5.34
CA LEU D 373 45.95 18.23 4.86
C LEU D 373 44.84 18.99 4.19
N MET D 374 44.57 20.21 4.65
CA MET D 374 43.55 21.04 4.04
C MET D 374 43.91 21.29 2.60
N TYR D 375 45.16 21.68 2.38
CA TYR D 375 45.64 21.99 1.04
C TYR D 375 45.63 20.74 0.18
N ARG D 376 45.97 19.60 0.77
CA ARG D 376 46.08 18.37 -0.01
C ARG D 376 44.79 18.07 -0.71
N VAL D 377 43.66 18.23 0.01
CA VAL D 377 42.33 17.99 -0.55
C VAL D 377 41.95 19.09 -1.55
N ALA D 378 42.31 20.34 -1.22
CA ALA D 378 42.00 21.47 -2.09
C ALA D 378 42.61 21.27 -3.46
N ARG D 379 43.89 20.86 -3.49
CA ARG D 379 44.56 20.54 -4.75
C ARG D 379 43.88 19.38 -5.45
N ARG D 380 43.58 18.32 -4.71
CA ARG D 380 42.99 17.12 -5.30
C ARG D 380 41.70 17.45 -5.99
N GLN D 381 40.75 18.05 -5.25
CA GLN D 381 39.44 18.38 -5.80
C GLN D 381 39.56 19.32 -7.00
N LEU D 382 40.71 19.94 -7.19
CA LEU D 382 40.94 20.89 -8.26
C LEU D 382 41.51 20.26 -9.53
N LEU D 383 42.25 19.18 -9.42
CA LEU D 383 42.78 18.46 -10.55
C LEU D 383 41.93 17.25 -10.93
N GLU D 384 40.90 16.93 -10.15
CA GLU D 384 40.17 15.67 -10.34
C GLU D 384 38.77 15.83 -9.76
N LYS D 385 37.79 16.08 -10.61
CA LYS D 385 36.43 16.35 -10.15
C LYS D 385 35.50 15.17 -10.44
N LEU D 386 34.51 14.97 -9.56
CA LEU D 386 33.42 14.02 -9.80
C LEU D 386 32.18 14.80 -10.22
N VAL D 387 31.79 14.67 -11.49
CA VAL D 387 30.80 15.54 -12.12
C VAL D 387 29.64 14.69 -12.58
N GLU D 388 28.41 15.15 -12.32
CA GLU D 388 27.23 14.56 -12.94
C GLU D 388 26.96 15.25 -14.27
N HIS D 389 27.33 14.58 -15.36
CA HIS D 389 27.02 14.87 -16.74
C HIS D 389 25.52 15.05 -16.99
N PRO D 390 25.14 15.87 -17.97
CA PRO D 390 23.70 16.01 -18.28
C PRO D 390 23.05 14.73 -18.74
N ALA D 391 23.80 13.67 -19.02
CA ALA D 391 23.14 12.40 -19.24
C ALA D 391 22.51 11.89 -17.97
N GLY D 392 22.83 12.50 -16.82
CA GLY D 392 22.32 12.05 -15.53
C GLY D 392 23.17 11.01 -14.82
N TYR D 393 24.48 10.93 -15.10
CA TYR D 393 25.38 9.94 -14.53
C TYR D 393 26.73 10.59 -14.15
N PHE D 394 27.40 10.03 -13.17
CA PHE D 394 28.67 10.58 -12.71
C PHE D 394 29.79 10.26 -13.68
N VAL D 395 30.72 11.19 -13.80
CA VAL D 395 31.85 11.09 -14.71
C VAL D 395 33.04 11.68 -13.98
N LYS D 396 34.17 10.97 -13.98
CA LYS D 396 35.42 11.51 -13.45
C LYS D 396 36.01 12.45 -14.50
N LEU D 397 36.35 13.67 -14.10
CA LEU D 397 36.87 14.69 -15.01
C LEU D 397 38.24 15.13 -14.51
N TYR D 398 39.26 15.04 -15.35
CA TYR D 398 40.63 15.31 -14.88
C TYR D 398 41.08 16.70 -15.33
N GLY D 399 40.93 17.65 -14.43
CA GLY D 399 41.56 18.94 -14.54
C GLY D 399 41.08 19.78 -15.70
N CYS D 400 39.92 20.41 -15.56
CA CYS D 400 39.61 21.55 -16.41
C CYS D 400 39.33 22.67 -15.43
N MET D 401 38.72 23.76 -15.85
CA MET D 401 38.51 24.89 -14.94
C MET D 401 37.30 25.70 -15.35
N PRO D 402 36.11 25.13 -15.24
CA PRO D 402 34.91 25.82 -15.72
C PRO D 402 34.36 26.79 -14.67
N SER D 403 33.47 27.67 -15.13
CA SER D 403 32.95 28.70 -14.25
C SER D 403 32.16 28.05 -13.14
N GLY D 404 32.24 28.64 -11.95
CA GLY D 404 31.50 28.13 -10.81
C GLY D 404 32.35 27.55 -9.70
N SER D 405 33.67 27.49 -9.83
CA SER D 405 34.49 27.24 -8.65
C SER D 405 34.78 28.54 -7.94
N PHE D 406 35.35 28.43 -6.73
CA PHE D 406 35.97 29.57 -6.09
C PHE D 406 37.27 29.95 -6.78
N TYR D 407 37.94 28.97 -7.34
CA TYR D 407 39.24 29.17 -7.94
C TYR D 407 39.21 29.64 -9.39
N THR D 408 38.04 29.81 -10.00
CA THR D 408 38.03 29.89 -11.46
C THR D 408 38.72 31.16 -11.95
N SER D 409 38.27 32.32 -11.48
CA SER D 409 38.99 33.52 -11.89
C SER D 409 40.40 33.52 -11.31
N LEU D 410 40.55 33.13 -10.05
CA LEU D 410 41.88 33.14 -9.42
C LEU D 410 42.89 32.30 -10.20
N VAL D 411 42.59 31.01 -10.41
CA VAL D 411 43.59 30.10 -10.96
C VAL D 411 43.76 30.32 -12.46
N ASN D 412 42.67 30.63 -13.18
CA ASN D 412 42.77 30.91 -14.61
C ASN D 412 43.62 32.15 -14.88
N THR D 413 43.33 33.25 -14.19
CA THR D 413 44.16 34.45 -14.31
C THR D 413 45.62 34.16 -14.00
N THR D 414 45.90 33.59 -12.84
CA THR D 414 47.29 33.28 -12.47
C THR D 414 47.97 32.42 -13.52
N GLY D 415 47.28 31.42 -14.05
CA GLY D 415 47.92 30.51 -14.98
C GLY D 415 48.26 31.16 -16.30
N ASN D 416 47.37 32.02 -16.80
CA ASN D 416 47.65 32.77 -18.02
C ASN D 416 48.83 33.71 -17.80
N ASN D 417 48.80 34.44 -16.70
CA ASN D 417 49.94 35.29 -16.36
C ASN D 417 51.23 34.48 -16.30
N LEU D 418 51.17 33.21 -15.90
CA LEU D 418 52.39 32.41 -15.85
C LEU D 418 52.80 31.90 -17.22
N LEU D 419 51.84 31.65 -18.10
CA LEU D 419 52.17 31.19 -19.46
C LEU D 419 53.00 32.24 -20.20
N VAL D 420 52.55 33.49 -20.17
CA VAL D 420 53.26 34.49 -20.94
C VAL D 420 54.66 34.70 -20.35
N ILE D 421 54.76 34.92 -19.04
CA ILE D 421 56.10 35.16 -18.48
C ILE D 421 56.94 33.91 -18.58
N GLY D 422 56.31 32.74 -18.47
CA GLY D 422 57.02 31.50 -18.73
C GLY D 422 57.49 31.41 -20.17
N HIS D 423 56.58 31.68 -21.12
CA HIS D 423 56.97 31.66 -22.54
C HIS D 423 58.14 32.58 -22.83
N ALA D 424 58.13 33.79 -22.25
CA ALA D 424 59.22 34.73 -22.48
C ALA D 424 60.53 34.27 -21.83
N ILE D 425 60.47 33.58 -20.69
CA ILE D 425 61.70 33.04 -20.14
C ILE D 425 62.21 31.89 -21.00
N ALA D 426 61.30 31.07 -21.53
CA ALA D 426 61.73 29.94 -22.35
C ALA D 426 62.42 30.40 -23.63
N ARG D 427 61.97 31.53 -24.20
CA ARG D 427 62.65 32.09 -25.35
C ARG D 427 63.98 32.70 -24.97
N ALA D 428 63.99 33.54 -23.94
CA ALA D 428 65.20 34.27 -23.56
C ALA D 428 66.35 33.35 -23.19
N VAL D 429 66.09 32.11 -22.82
CA VAL D 429 67.20 31.21 -22.53
C VAL D 429 67.71 30.59 -23.80
N GLU D 430 66.81 30.04 -24.63
CA GLU D 430 67.22 29.45 -25.90
C GLU D 430 67.84 30.49 -26.83
N GLU D 431 67.34 31.73 -26.83
CA GLU D 431 67.68 32.69 -27.88
C GLU D 431 68.66 33.77 -27.48
N THR D 432 68.97 33.95 -26.20
CA THR D 432 69.92 34.97 -25.77
C THR D 432 70.89 34.34 -24.76
N SER D 433 71.78 35.17 -24.21
CA SER D 433 72.77 34.68 -23.27
C SER D 433 72.26 34.65 -21.85
N LEU D 434 70.98 34.94 -21.64
CA LEU D 434 70.43 35.02 -20.30
C LEU D 434 70.22 33.63 -19.70
N THR D 435 70.37 33.59 -18.38
CA THR D 435 70.06 32.40 -17.60
C THR D 435 68.58 32.42 -17.26
N HIS D 436 68.11 31.35 -16.62
CA HIS D 436 66.74 31.38 -16.12
C HIS D 436 66.58 32.48 -15.08
N HIS D 437 67.56 32.59 -14.16
CA HIS D 437 67.55 33.64 -13.14
C HIS D 437 67.69 35.03 -13.74
N GLY D 438 68.44 35.15 -14.84
CA GLY D 438 68.67 36.47 -15.41
C GLY D 438 67.41 37.07 -16.00
N ALA D 439 66.66 36.24 -16.75
CA ALA D 439 65.39 36.68 -17.30
C ALA D 439 64.39 36.98 -16.20
N ALA D 440 64.23 36.06 -15.23
CA ALA D 440 63.34 36.29 -14.10
C ALA D 440 63.61 37.62 -13.42
N GLU D 441 64.88 37.98 -13.25
CA GLU D 441 65.23 39.24 -12.59
C GLU D 441 64.84 40.45 -13.42
N LEU D 442 64.76 40.30 -14.75
CA LEU D 442 64.44 41.41 -15.65
C LEU D 442 62.94 41.58 -15.80
N LEU D 443 62.23 40.45 -15.99
CA LEU D 443 60.78 40.46 -16.06
C LEU D 443 60.16 40.82 -14.73
N ALA D 444 60.91 40.68 -13.64
CA ALA D 444 60.39 41.04 -12.33
C ALA D 444 60.02 42.53 -12.27
N ASP D 445 60.93 43.39 -12.70
CA ASP D 445 60.68 44.83 -12.60
C ASP D 445 59.93 45.36 -13.81
N ALA D 446 59.64 44.52 -14.78
CA ALA D 446 59.04 44.99 -16.01
C ALA D 446 57.65 44.47 -16.24
N VAL D 447 57.12 43.63 -15.36
CA VAL D 447 55.78 43.14 -15.58
C VAL D 447 54.78 44.10 -14.96
N ASP D 448 55.17 44.77 -13.88
CA ASP D 448 54.44 45.92 -13.32
C ASP D 448 54.01 46.91 -14.39
N GLY D 449 52.78 46.79 -14.88
CA GLY D 449 52.29 47.74 -15.84
C GLY D 449 52.44 47.32 -17.28
N THR D 450 52.82 46.08 -17.48
CA THR D 450 53.05 45.59 -18.82
C THR D 450 52.11 44.45 -19.14
N LEU D 451 51.56 43.79 -18.11
CA LEU D 451 50.75 42.60 -18.23
C LEU D 451 49.52 42.78 -17.36
N ILE D 452 48.39 42.26 -17.84
CA ILE D 452 47.15 42.13 -17.08
C ILE D 452 46.33 41.00 -17.69
N SER D 453 45.69 40.19 -16.83
CA SER D 453 44.90 39.04 -17.25
C SER D 453 43.69 38.84 -16.33
N TYR D 454 42.58 38.38 -16.94
CA TYR D 454 41.33 38.04 -16.26
C TYR D 454 40.82 36.74 -16.88
N GLY D 455 41.32 35.61 -16.39
CA GLY D 455 41.03 34.35 -17.05
C GLY D 455 41.73 34.31 -18.41
N ASP D 456 41.00 33.93 -19.45
CA ASP D 456 41.62 33.86 -20.78
C ASP D 456 41.75 35.23 -21.45
N ASN D 457 41.26 36.30 -20.81
CA ASN D 457 41.45 37.68 -21.25
C ASN D 457 42.84 38.18 -20.87
N GLN D 458 43.72 38.36 -21.85
CA GLN D 458 45.10 38.74 -21.54
C GLN D 458 45.47 39.94 -22.39
N LEU D 459 46.03 40.99 -21.76
CA LEU D 459 46.58 42.15 -22.48
C LEU D 459 48.00 42.46 -22.01
N PHE D 460 48.94 42.54 -22.95
CA PHE D 460 50.28 42.89 -22.51
C PHE D 460 51.04 43.67 -23.58
N SER D 461 51.94 44.55 -23.11
CA SER D 461 52.84 45.33 -23.95
C SER D 461 54.08 44.55 -24.33
N GLU D 462 54.49 44.68 -25.59
CA GLU D 462 55.70 44.04 -26.08
C GLU D 462 56.95 44.47 -25.32
N HIS D 463 56.87 45.46 -24.44
CA HIS D 463 57.99 45.77 -23.58
C HIS D 463 58.36 44.59 -22.70
N LEU D 464 57.44 43.63 -22.49
CA LEU D 464 57.75 42.41 -21.74
C LEU D 464 58.78 41.58 -22.44
N PHE D 465 58.82 41.64 -23.76
CA PHE D 465 59.87 40.93 -24.49
C PHE D 465 61.07 41.82 -24.76
N SER D 466 60.89 43.15 -24.73
CA SER D 466 61.96 44.06 -25.07
C SER D 466 62.98 44.19 -23.96
N VAL D 467 62.58 44.01 -22.70
CA VAL D 467 63.59 43.98 -21.65
C VAL D 467 64.43 42.71 -21.71
N LEU D 468 64.03 41.72 -22.50
CA LEU D 468 64.85 40.55 -22.75
C LEU D 468 65.63 40.67 -24.04
N GLY D 469 65.40 41.72 -24.81
CA GLY D 469 66.01 41.86 -26.12
C GLY D 469 65.42 40.98 -27.21
N LEU D 470 64.15 40.62 -27.11
CA LEU D 470 63.43 39.89 -28.13
C LEU D 470 62.28 40.72 -28.67
N ALA D 471 61.70 40.28 -29.77
CA ALA D 471 60.48 40.87 -30.29
C ALA D 471 59.36 39.85 -30.23
N TYR D 472 58.14 40.32 -30.04
CA TYR D 472 57.03 39.39 -29.82
C TYR D 472 56.80 38.58 -31.09
N ASP D 473 56.86 37.25 -30.96
CA ASP D 473 56.59 36.29 -32.02
C ASP D 473 55.26 35.62 -31.73
N PRO D 474 54.18 35.88 -32.47
CA PRO D 474 52.95 35.11 -32.23
C PRO D 474 53.13 33.64 -32.48
N GLU D 475 54.11 33.27 -33.30
CA GLU D 475 54.21 31.86 -33.64
C GLU D 475 54.90 31.07 -32.54
N LYS D 476 55.99 31.62 -31.96
CA LYS D 476 56.64 30.96 -30.82
C LYS D 476 55.70 30.89 -29.63
N HIS D 477 54.98 31.98 -29.36
CA HIS D 477 53.97 31.98 -28.30
C HIS D 477 52.98 30.86 -28.50
N ALA D 478 52.48 30.67 -29.72
CA ALA D 478 51.46 29.65 -29.90
C ALA D 478 52.03 28.26 -29.77
N GLU D 479 53.33 28.09 -30.05
CA GLU D 479 53.97 26.81 -29.82
C GLU D 479 54.07 26.51 -28.33
N PHE D 480 54.41 27.54 -27.54
CA PHE D 480 54.58 27.34 -26.12
C PHE D 480 53.27 26.94 -25.46
N LEU D 481 52.16 27.53 -25.89
CA LEU D 481 50.86 27.14 -25.36
C LEU D 481 50.43 25.78 -25.88
N ALA D 482 50.92 25.35 -27.04
CA ALA D 482 50.71 23.97 -27.44
C ALA D 482 51.32 23.00 -26.45
N ARG D 483 52.40 23.40 -25.76
CA ARG D 483 53.04 22.51 -24.78
C ARG D 483 52.07 22.16 -23.67
N PHE D 484 51.02 22.95 -23.50
CA PHE D 484 50.09 22.82 -22.40
C PHE D 484 48.69 22.47 -22.88
N GLY D 485 48.55 22.15 -24.18
CA GLY D 485 47.25 21.91 -24.77
C GLY D 485 46.35 23.11 -25.00
N MET D 486 46.88 24.31 -25.20
CA MET D 486 46.09 25.49 -25.57
C MET D 486 46.33 25.90 -27.01
N LYS D 487 45.24 26.19 -27.72
CA LYS D 487 45.31 26.72 -29.08
C LYS D 487 45.26 28.24 -28.98
N LEU D 488 46.42 28.88 -29.13
CA LEU D 488 46.46 30.31 -29.49
C LEU D 488 46.11 30.47 -30.95
N LYS D 489 44.93 31.04 -31.21
CA LYS D 489 44.52 31.33 -32.58
C LYS D 489 45.27 32.59 -33.04
N VAL D 490 46.43 32.40 -33.69
CA VAL D 490 47.23 33.52 -34.22
C VAL D 490 46.42 34.40 -35.15
N ASP D 491 45.57 33.81 -35.99
CA ASP D 491 44.68 34.58 -36.86
C ASP D 491 44.02 35.74 -36.11
N GLU D 492 43.49 35.45 -34.91
CA GLU D 492 42.59 36.34 -34.20
C GLU D 492 43.19 36.92 -32.92
N THR D 493 44.41 36.53 -32.54
CA THR D 493 45.11 37.25 -31.49
C THR D 493 45.43 38.64 -32.05
N GLU D 494 44.76 39.66 -31.53
CA GLU D 494 45.00 41.03 -31.98
C GLU D 494 46.36 41.51 -31.50
N VAL D 495 47.15 42.06 -32.44
CA VAL D 495 48.35 42.81 -32.12
C VAL D 495 48.28 44.13 -32.87
N THR D 496 48.41 45.24 -32.16
CA THR D 496 48.44 46.54 -32.83
C THR D 496 49.36 47.48 -32.11
N VAL D 497 49.43 48.69 -32.66
CA VAL D 497 50.03 49.84 -32.02
C VAL D 497 49.01 50.96 -31.85
N LYS D 498 47.74 50.66 -32.10
CA LYS D 498 46.72 51.70 -32.21
C LYS D 498 45.79 51.66 -30.99
N LEU D 499 45.73 52.78 -30.25
CA LEU D 499 44.92 52.85 -29.03
C LEU D 499 43.49 52.35 -29.26
N GLY D 500 42.96 52.53 -30.47
CA GLY D 500 41.59 52.16 -30.79
C GLY D 500 41.37 50.69 -31.09
N ARG D 501 42.42 49.88 -31.14
CA ARG D 501 42.25 48.44 -31.18
C ARG D 501 42.60 47.75 -29.85
N VAL D 502 43.23 48.45 -28.91
CA VAL D 502 43.45 47.86 -27.59
C VAL D 502 42.11 47.62 -26.91
N ARG D 503 41.94 46.42 -26.35
CA ARG D 503 40.72 45.95 -25.68
C ARG D 503 41.06 45.01 -24.53
N PHE D 504 40.50 45.27 -23.36
CA PHE D 504 40.57 44.36 -22.22
C PHE D 504 39.17 44.18 -21.66
N CYS D 505 38.68 42.94 -21.69
CA CYS D 505 37.38 42.62 -21.14
C CYS D 505 36.27 43.34 -21.89
N SER D 506 36.42 43.42 -23.21
CA SER D 506 35.42 44.01 -24.09
C SER D 506 35.30 45.51 -23.90
N ARG D 507 36.25 46.15 -23.22
CA ARG D 507 36.25 47.59 -23.04
C ARG D 507 37.43 48.22 -23.77
N SER D 508 37.17 49.36 -24.39
CA SER D 508 38.17 50.15 -25.09
C SER D 508 38.48 51.41 -24.30
N LEU D 509 39.31 52.24 -24.91
CA LEU D 509 39.79 53.45 -24.28
C LEU D 509 39.93 54.43 -25.42
N VAL D 510 39.26 55.55 -25.32
CA VAL D 510 39.39 56.61 -26.32
C VAL D 510 40.08 57.81 -25.66
N ARG D 511 41.08 58.36 -26.34
CA ARG D 511 41.80 59.52 -25.84
C ARG D 511 41.07 60.77 -26.27
N THR D 512 40.49 61.47 -25.32
CA THR D 512 39.88 62.77 -25.52
C THR D 512 40.92 63.85 -25.30
N PRO D 513 40.65 65.05 -25.81
CA PRO D 513 41.54 66.18 -25.53
C PRO D 513 42.02 66.29 -24.09
N HIS D 514 41.23 65.82 -23.10
CA HIS D 514 41.56 66.02 -21.69
C HIS D 514 41.62 64.72 -20.88
N GLY D 515 41.89 63.59 -21.52
CA GLY D 515 42.06 62.36 -20.77
C GLY D 515 41.49 61.17 -21.53
N LEU D 516 41.60 60.00 -20.88
CA LEU D 516 41.11 58.74 -21.42
C LEU D 516 39.68 58.46 -20.93
N LEU D 517 38.91 57.78 -21.77
CA LEU D 517 37.54 57.36 -21.44
C LEU D 517 37.28 55.92 -21.85
N ILE D 518 36.84 55.14 -20.86
CA ILE D 518 36.38 53.77 -21.07
C ILE D 518 35.11 53.79 -21.90
N THR D 519 35.03 52.92 -22.92
CA THR D 519 33.83 52.78 -23.77
C THR D 519 33.73 51.33 -24.19
N ARG D 520 32.66 50.99 -24.92
CA ARG D 520 32.43 49.59 -25.33
C ARG D 520 32.04 49.53 -26.79
N SER D 521 32.18 48.34 -27.39
CA SER D 521 31.81 48.12 -28.79
C SER D 521 30.34 48.46 -28.98
N HIS D 522 29.97 48.68 -30.24
CA HIS D 522 28.56 48.82 -30.57
C HIS D 522 27.91 47.46 -30.83
N ASN D 523 28.70 46.46 -31.26
CA ASN D 523 28.18 45.11 -31.50
C ASN D 523 27.66 44.51 -30.21
N SER D 524 28.48 44.60 -29.16
CA SER D 524 28.16 43.99 -27.89
C SER D 524 26.74 44.36 -27.46
N LEU D 525 26.43 45.67 -27.50
CA LEU D 525 25.09 46.14 -27.12
C LEU D 525 24.03 45.58 -28.06
N PHE D 526 24.21 45.68 -29.38
CA PHE D 526 23.18 45.21 -30.30
C PHE D 526 22.96 43.70 -30.25
N ALA D 527 23.92 42.91 -29.80
CA ALA D 527 23.69 41.48 -29.74
C ALA D 527 23.16 41.05 -28.39
N LYS D 528 23.19 41.95 -27.42
CA LYS D 528 22.67 41.73 -26.07
C LYS D 528 21.21 42.12 -25.98
N LEU D 529 20.88 43.22 -26.67
CA LEU D 529 19.55 43.74 -26.83
C LEU D 529 18.76 42.85 -27.78
N ALA D 530 19.38 42.43 -28.86
CA ALA D 530 18.68 41.55 -29.78
C ALA D 530 18.46 40.18 -29.20
N GLY D 531 19.26 39.77 -28.22
CA GLY D 531 19.08 38.47 -27.59
C GLY D 531 18.30 38.50 -26.30
N ARG D 532 17.94 39.68 -25.79
CA ARG D 532 17.22 39.78 -24.53
C ARG D 532 15.84 39.18 -24.76
N PRO D 533 15.45 38.13 -24.01
CA PRO D 533 14.14 37.51 -24.22
C PRO D 533 13.10 38.28 -23.43
N ARG D 534 11.81 38.03 -23.74
CA ARG D 534 10.71 38.79 -23.15
C ARG D 534 10.61 38.48 -21.66
N HIS D 535 11.11 39.39 -20.85
CA HIS D 535 10.77 39.49 -19.45
C HIS D 535 9.67 40.52 -19.31
N ASP D 536 9.19 40.68 -18.07
CA ASP D 536 8.15 41.66 -17.80
C ASP D 536 8.57 43.06 -18.28
N PRO D 537 7.67 43.84 -18.88
CA PRO D 537 8.06 45.13 -19.46
C PRO D 537 8.93 46.02 -18.59
N VAL D 538 8.77 46.01 -17.26
CA VAL D 538 9.64 46.88 -16.47
C VAL D 538 10.99 46.23 -16.25
N VAL D 539 11.07 44.91 -16.16
CA VAL D 539 12.36 44.25 -16.01
C VAL D 539 13.18 44.42 -17.28
N ASP D 540 12.51 44.42 -18.42
CA ASP D 540 13.18 44.70 -19.68
C ASP D 540 13.63 46.14 -19.76
N LYS D 541 12.79 47.07 -19.28
CA LYS D 541 13.21 48.46 -19.21
C LYS D 541 14.37 48.67 -18.24
N LEU D 542 14.39 47.91 -17.14
CA LEU D 542 15.54 47.95 -16.25
C LEU D 542 16.79 47.52 -17.00
N TYR D 543 16.69 46.43 -17.75
CA TYR D 543 17.81 45.98 -18.57
C TYR D 543 18.35 47.10 -19.44
N VAL D 544 17.49 47.68 -20.29
CA VAL D 544 17.91 48.77 -21.19
C VAL D 544 18.60 49.86 -20.39
N ARG D 545 18.21 50.04 -19.13
CA ARG D 545 18.89 51.04 -18.32
C ARG D 545 20.16 50.51 -17.67
N ALA D 546 20.29 49.21 -17.48
CA ALA D 546 21.57 48.69 -17.01
C ALA D 546 22.58 48.64 -18.16
N MET D 547 22.10 48.51 -19.40
CA MET D 547 22.98 48.66 -20.55
C MET D 547 23.43 50.11 -20.67
N MET D 548 22.53 51.05 -20.41
CA MET D 548 22.91 52.45 -20.45
C MET D 548 24.03 52.76 -19.45
N VAL D 549 24.08 52.05 -18.32
CA VAL D 549 25.10 52.31 -17.30
C VAL D 549 26.40 51.61 -17.70
N ASP D 550 26.29 50.42 -18.27
CA ASP D 550 27.47 49.70 -18.71
C ASP D 550 28.28 50.53 -19.66
N HIS D 551 27.60 51.37 -20.44
CA HIS D 551 28.26 52.13 -21.48
C HIS D 551 28.66 53.52 -21.04
N MET D 552 28.19 53.98 -19.88
CA MET D 552 28.65 55.20 -19.24
C MET D 552 28.45 56.45 -20.10
N GLY D 553 27.55 56.38 -21.09
CA GLY D 553 27.29 57.53 -21.93
C GLY D 553 28.50 58.07 -22.68
N THR D 554 29.41 57.19 -23.10
CA THR D 554 30.61 57.71 -23.73
C THR D 554 30.40 57.97 -25.21
N ASP D 555 29.91 56.98 -25.97
CA ASP D 555 29.30 57.27 -27.30
C ASP D 555 28.01 58.05 -27.17
N PRO D 556 27.92 59.23 -27.79
CA PRO D 556 26.58 59.77 -28.05
C PRO D 556 25.79 58.92 -29.02
N ILE D 557 26.44 58.20 -29.94
CA ILE D 557 25.68 57.28 -30.79
C ILE D 557 24.97 56.25 -29.96
N VAL D 558 25.64 55.72 -28.93
CA VAL D 558 25.04 54.65 -28.13
C VAL D 558 23.99 55.21 -27.21
N TYR D 559 24.26 56.35 -26.58
CA TYR D 559 23.28 56.95 -25.68
C TYR D 559 21.98 57.24 -26.41
N ALA D 560 22.07 57.84 -27.61
CA ALA D 560 20.88 58.19 -28.38
C ALA D 560 20.08 56.94 -28.75
N ILE D 561 20.73 55.88 -29.21
CA ILE D 561 20.04 54.63 -29.50
C ILE D 561 19.36 54.11 -28.23
N LEU D 562 20.12 53.99 -27.14
CA LEU D 562 19.55 53.50 -25.90
C LEU D 562 18.50 54.46 -25.32
N ASN D 563 18.64 55.76 -25.56
CA ASN D 563 17.62 56.69 -25.11
C ASN D 563 16.28 56.39 -25.78
N GLU D 564 16.31 56.23 -27.12
CA GLU D 564 15.10 55.86 -27.85
C GLU D 564 14.48 54.59 -27.30
N ILE D 565 15.29 53.56 -27.06
CA ILE D 565 14.70 52.31 -26.62
C ILE D 565 14.07 52.46 -25.24
N ASP D 566 14.69 53.26 -24.37
CA ASP D 566 14.09 53.49 -23.07
C ASP D 566 12.77 54.24 -23.21
N ARG D 567 12.75 55.34 -23.97
CA ARG D 567 11.53 56.14 -24.13
C ARG D 567 10.42 55.33 -24.80
N SER D 568 10.77 54.28 -25.55
CA SER D 568 9.77 53.52 -26.27
C SER D 568 9.04 52.53 -25.38
N LEU D 569 9.70 52.02 -24.35
CA LEU D 569 9.03 51.19 -23.35
C LEU D 569 8.31 52.11 -22.37
N ASN D 570 6.99 52.19 -22.49
CA ASN D 570 6.23 53.26 -21.82
C ASN D 570 5.70 52.84 -20.45
N VAL D 571 6.57 52.31 -19.58
CA VAL D 571 6.15 51.82 -18.28
C VAL D 571 6.81 52.66 -17.21
N SER D 572 6.38 52.46 -15.96
CA SER D 572 6.88 53.26 -14.86
C SER D 572 7.72 52.45 -13.91
N LEU D 573 8.99 52.81 -13.82
CA LEU D 573 9.92 52.16 -12.89
C LEU D 573 9.86 52.71 -11.48
N GLU D 574 9.04 53.74 -11.21
CA GLU D 574 8.87 54.19 -9.83
C GLU D 574 8.26 53.06 -9.00
N ALA D 575 8.89 52.75 -7.86
CA ALA D 575 8.32 51.77 -6.92
C ALA D 575 8.17 50.39 -7.55
N ALA D 576 9.07 50.04 -8.44
CA ALA D 576 8.99 48.73 -9.06
C ALA D 576 9.28 47.65 -8.03
N GLY D 577 8.77 46.46 -8.30
CA GLY D 577 8.86 45.38 -7.33
C GLY D 577 10.14 44.59 -7.50
N LEU D 578 10.75 44.23 -6.35
CA LEU D 578 11.92 43.36 -6.35
C LEU D 578 11.55 41.93 -6.70
N THR D 579 10.96 41.75 -7.88
CA THR D 579 10.84 40.43 -8.47
C THR D 579 12.22 39.86 -8.74
N ASP D 580 12.30 38.53 -8.83
CA ASP D 580 13.60 37.90 -9.00
C ASP D 580 14.24 38.26 -10.32
N ALA D 581 13.42 38.43 -11.36
CA ALA D 581 13.90 38.94 -12.64
C ALA D 581 14.58 40.31 -12.49
N ALA D 582 13.92 41.26 -11.83
CA ALA D 582 14.51 42.57 -11.60
C ALA D 582 15.72 42.51 -10.68
N LYS D 583 15.70 41.61 -9.68
CA LYS D 583 16.83 41.49 -8.77
C LYS D 583 18.10 41.02 -9.47
N LYS D 584 17.99 40.27 -10.58
CA LYS D 584 19.20 39.90 -11.32
C LYS D 584 19.85 41.13 -11.94
N VAL D 585 19.05 42.00 -12.55
CA VAL D 585 19.58 43.16 -13.25
C VAL D 585 20.31 44.08 -12.27
N LEU D 586 19.69 44.40 -11.14
CA LEU D 586 20.37 45.23 -10.14
C LEU D 586 21.63 44.57 -9.63
N GLU D 587 21.61 43.27 -9.38
CA GLU D 587 22.76 42.60 -8.82
C GLU D 587 23.94 42.66 -9.77
N ASP D 588 23.67 42.53 -11.08
CA ASP D 588 24.75 42.54 -12.05
C ASP D 588 25.37 43.93 -12.13
N THR D 589 24.53 44.96 -12.27
CA THR D 589 25.05 46.32 -12.22
C THR D 589 25.78 46.61 -10.92
N ALA D 590 25.29 46.11 -9.78
CA ALA D 590 26.01 46.38 -8.55
C ALA D 590 27.39 45.75 -8.60
N GLN D 591 27.52 44.58 -9.21
CA GLN D 591 28.84 43.94 -9.20
C GLN D 591 29.84 44.64 -10.12
N SER D 592 29.41 45.22 -11.24
CA SER D 592 30.46 45.83 -12.05
C SER D 592 30.79 47.27 -11.63
N MET D 593 29.79 48.09 -11.25
CA MET D 593 30.09 49.45 -10.83
C MET D 593 30.48 49.61 -9.36
N PHE D 594 30.04 48.72 -8.47
CA PHE D 594 30.35 48.82 -7.05
C PHE D 594 31.36 47.79 -6.60
N GLY D 595 31.39 46.63 -7.26
CA GLY D 595 32.13 45.48 -6.80
C GLY D 595 31.35 44.52 -5.92
N ASN D 596 30.31 45.00 -5.22
CA ASN D 596 29.49 44.22 -4.30
C ASN D 596 28.14 43.95 -4.90
N ARG D 597 27.63 42.75 -4.69
CA ARG D 597 26.20 42.54 -4.87
C ARG D 597 25.43 42.65 -3.55
N GLU D 598 26.05 43.22 -2.52
CA GLU D 598 25.40 43.47 -1.24
C GLU D 598 24.30 44.51 -1.39
N GLN D 599 23.25 44.40 -0.55
CA GLN D 599 22.29 45.50 -0.44
C GLN D 599 23.04 46.78 -0.15
N ASP D 600 22.40 47.91 -0.45
CA ASP D 600 23.01 49.25 -0.47
C ASP D 600 23.68 49.51 -1.80
N ALA D 601 24.50 48.56 -2.27
CA ALA D 601 24.82 48.57 -3.69
C ALA D 601 23.55 48.40 -4.50
N LEU D 602 22.76 47.38 -4.17
CA LEU D 602 21.50 47.12 -4.87
C LEU D 602 20.57 48.32 -4.78
N LEU D 603 20.35 48.82 -3.55
CA LEU D 603 19.53 50.02 -3.39
C LEU D 603 20.06 51.19 -4.21
N ALA D 604 21.38 51.36 -4.26
CA ALA D 604 21.92 52.52 -4.94
C ALA D 604 21.82 52.38 -6.45
N VAL D 605 21.82 51.14 -6.96
CA VAL D 605 21.54 50.91 -8.38
C VAL D 605 20.06 51.07 -8.65
N TYR D 606 19.22 50.50 -7.76
CA TYR D 606 17.77 50.61 -7.86
C TYR D 606 17.29 52.06 -7.83
N ARG D 607 17.81 52.86 -6.90
CA ARG D 607 17.38 54.25 -6.84
C ARG D 607 17.76 54.97 -8.12
N ALA D 608 18.90 54.63 -8.70
CA ALA D 608 19.38 55.34 -9.88
C ALA D 608 18.60 54.94 -11.11
N LEU D 609 18.32 53.66 -11.28
CA LEU D 609 17.69 53.22 -12.51
C LEU D 609 16.18 53.39 -12.51
N SER D 610 15.59 53.79 -11.39
CA SER D 610 14.14 53.90 -11.29
C SER D 610 13.70 55.37 -11.19
N GLU D 611 14.37 56.22 -11.97
CA GLU D 611 14.13 57.65 -12.05
C GLU D 611 13.52 58.00 -13.41
N THR D 612 12.60 58.98 -13.41
CA THR D 612 11.78 59.22 -14.60
C THR D 612 12.61 59.32 -15.88
N VAL D 613 13.79 59.93 -15.82
CA VAL D 613 14.71 59.96 -16.96
C VAL D 613 16.14 59.82 -16.47
N ILE D 614 16.98 59.16 -17.26
CA ILE D 614 18.41 59.04 -17.02
C ILE D 614 19.14 59.84 -18.10
N ASP D 615 19.72 60.97 -17.70
CA ASP D 615 20.41 61.87 -18.61
C ASP D 615 21.87 61.46 -18.79
N ARG D 616 22.42 61.84 -19.95
CA ARG D 616 23.81 61.52 -20.27
C ARG D 616 24.78 62.05 -19.23
N ARG D 617 24.53 63.25 -18.71
CA ARG D 617 25.46 63.83 -17.76
C ARG D 617 25.59 62.95 -16.53
N ALA D 618 24.51 62.28 -16.13
CA ALA D 618 24.58 61.33 -15.03
C ALA D 618 25.46 60.14 -15.38
N LEU D 619 25.24 59.55 -16.56
CA LEU D 619 26.02 58.38 -16.96
C LEU D 619 27.50 58.71 -16.99
N LEU D 620 27.84 59.92 -17.46
CA LEU D 620 29.25 60.31 -17.57
C LEU D 620 29.90 60.57 -16.22
N SER D 621 29.13 60.73 -15.16
CA SER D 621 29.77 60.79 -13.86
C SER D 621 30.17 59.41 -13.35
N LEU D 622 30.00 58.36 -14.16
CA LEU D 622 30.51 57.07 -13.78
C LEU D 622 31.99 56.96 -14.09
N HIS D 623 32.50 57.82 -14.98
CA HIS D 623 33.91 57.84 -15.32
C HIS D 623 34.75 58.34 -14.16
N THR D 624 34.18 59.14 -13.30
CA THR D 624 34.97 59.86 -12.30
C THR D 624 35.19 58.94 -11.09
N PRO D 625 36.42 58.82 -10.59
CA PRO D 625 36.74 57.74 -9.63
C PRO D 625 36.07 57.94 -8.29
N ARG D 626 35.84 56.81 -7.61
CA ARG D 626 35.36 56.80 -6.23
C ARG D 626 36.27 55.98 -5.32
N ASP D 627 35.74 55.58 -4.15
CA ASP D 627 36.48 54.86 -3.09
C ASP D 627 37.88 55.43 -2.81
N MET D 643 25.03 54.88 -0.32
CA MET D 643 25.97 55.16 -1.41
C MET D 643 25.21 55.70 -2.59
N HIS D 644 25.94 56.13 -3.62
CA HIS D 644 25.31 56.72 -4.80
C HIS D 644 25.97 56.20 -6.07
N LEU D 645 25.14 55.68 -6.98
CA LEU D 645 25.65 55.22 -8.26
C LEU D 645 26.32 56.37 -9.01
N PHE D 646 25.57 57.46 -9.24
CA PHE D 646 26.04 58.65 -9.94
C PHE D 646 26.62 59.64 -8.93
N THR D 647 27.44 60.60 -9.43
CA THR D 647 27.83 61.75 -8.61
C THR D 647 27.61 63.03 -9.39
N GLY D 648 28.18 64.13 -8.90
CA GLY D 648 27.99 65.42 -9.52
C GLY D 648 29.14 65.83 -10.41
N GLU D 649 30.36 65.45 -10.01
CA GLU D 649 31.58 65.84 -10.70
C GLU D 649 31.84 64.93 -11.90
N LEU D 650 32.12 65.53 -13.05
CA LEU D 650 32.68 64.83 -14.19
C LEU D 650 34.21 64.96 -14.18
N THR D 651 34.88 64.02 -14.82
CA THR D 651 36.28 64.29 -15.13
C THR D 651 36.34 65.34 -16.22
N PRO D 652 37.44 66.08 -16.30
CA PRO D 652 37.62 66.96 -17.46
C PRO D 652 37.51 66.22 -18.78
N ALA D 653 37.81 64.92 -18.78
CA ALA D 653 37.63 64.17 -20.01
C ALA D 653 36.18 63.79 -20.22
N ALA D 654 35.46 63.46 -19.14
CA ALA D 654 34.04 63.21 -19.27
C ALA D 654 33.26 64.46 -19.63
N GLN D 655 33.75 65.65 -19.22
CA GLN D 655 33.10 66.89 -19.60
C GLN D 655 33.20 67.12 -21.09
N TRP D 656 34.40 66.98 -21.65
CA TRP D 656 34.56 67.12 -23.09
C TRP D 656 33.61 66.21 -23.84
N ALA D 657 33.41 64.99 -23.32
CA ALA D 657 32.49 64.05 -23.94
C ALA D 657 31.04 64.51 -23.79
N TYR D 658 30.71 65.20 -22.70
CA TYR D 658 29.37 65.73 -22.52
C TYR D 658 29.01 66.67 -23.67
N GLU D 659 29.90 67.62 -23.97
CA GLU D 659 29.71 68.70 -24.95
C GLU D 659 29.80 68.20 -26.39
N CYS D 660 30.03 66.90 -26.58
CA CYS D 660 30.22 66.29 -27.88
C CYS D 660 28.88 65.88 -28.47
N THR D 661 28.65 66.24 -29.72
CA THR D 661 27.49 65.72 -30.42
C THR D 661 27.86 64.45 -31.17
N VAL D 662 26.84 63.75 -31.66
CA VAL D 662 27.08 62.54 -32.46
C VAL D 662 28.00 62.85 -33.63
N GLU D 663 27.85 64.05 -34.22
CA GLU D 663 28.64 64.39 -35.38
C GLU D 663 30.04 64.85 -34.99
N LYS D 664 30.17 65.69 -33.95
CA LYS D 664 31.51 66.01 -33.48
C LYS D 664 32.27 64.74 -33.11
N TRP D 665 31.54 63.73 -32.59
CA TRP D 665 32.14 62.45 -32.21
C TRP D 665 32.65 61.69 -33.42
N CYS D 666 31.79 61.38 -34.39
CA CYS D 666 32.24 60.61 -35.53
C CYS D 666 33.44 61.26 -36.18
N GLN D 667 33.51 62.60 -36.11
CA GLN D 667 34.63 63.36 -36.66
C GLN D 667 35.89 63.13 -35.85
N TYR D 668 35.82 63.36 -34.53
CA TYR D 668 36.99 63.18 -33.66
C TYR D 668 37.59 61.78 -33.78
N LEU D 669 36.73 60.76 -33.84
CA LEU D 669 37.25 59.41 -34.03
C LEU D 669 37.97 59.28 -35.36
N HIS D 670 37.38 59.81 -36.43
CA HIS D 670 38.00 59.69 -37.74
C HIS D 670 39.33 60.41 -37.82
N ASP D 671 39.43 61.58 -37.16
CA ASP D 671 40.66 62.38 -37.26
C ASP D 671 41.79 61.77 -36.46
N THR D 672 41.49 61.18 -35.30
CA THR D 672 42.55 60.67 -34.43
C THR D 672 42.89 59.19 -34.67
N ASP D 673 42.16 58.51 -35.54
CA ASP D 673 42.39 57.11 -35.88
C ASP D 673 41.82 56.20 -34.80
N GLN D 674 40.79 56.67 -34.13
CA GLN D 674 40.20 55.90 -33.05
C GLN D 674 38.85 55.29 -33.44
N GLU D 675 38.56 55.16 -34.74
CA GLU D 675 37.26 54.63 -35.12
C GLU D 675 37.12 53.16 -34.79
N GLY D 676 38.19 52.51 -34.35
CA GLY D 676 38.13 51.09 -34.05
C GLY D 676 37.53 50.75 -32.71
N VAL D 677 37.25 51.76 -31.87
CA VAL D 677 36.60 51.60 -30.57
C VAL D 677 35.11 51.34 -30.79
N MET D 678 34.67 51.43 -32.04
CA MET D 678 33.25 51.33 -32.33
C MET D 678 32.78 49.94 -32.70
N PHE D 679 33.64 49.06 -33.18
CA PHE D 679 33.17 47.81 -33.77
C PHE D 679 34.20 46.69 -33.56
N ASP D 680 33.68 45.53 -33.10
CA ASP D 680 34.43 44.41 -32.53
C ASP D 680 34.88 44.72 -31.10
N ARG E 6 13.29 -17.68 8.90
CA ARG E 6 12.78 -19.05 9.03
C ARG E 6 12.86 -19.85 7.72
N ALA E 7 13.43 -21.07 7.82
CA ALA E 7 13.71 -21.94 6.69
C ALA E 7 12.49 -22.74 6.29
N PHE E 8 12.60 -23.46 5.16
CA PHE E 8 11.52 -24.34 4.73
C PHE E 8 12.09 -25.60 4.12
N ARG E 9 11.23 -26.59 3.96
CA ARG E 9 11.62 -27.94 3.56
C ARG E 9 11.12 -28.21 2.16
N LEU E 10 12.03 -28.55 1.26
CA LEU E 10 11.63 -28.95 -0.07
C LEU E 10 10.99 -30.35 -0.02
N LYS E 11 10.37 -30.72 -1.15
CA LYS E 11 9.66 -32.01 -1.22
C LYS E 11 10.59 -33.19 -1.50
N SER E 12 11.59 -33.06 -2.37
CA SER E 12 12.39 -34.22 -2.77
C SER E 12 13.43 -34.59 -1.71
N TYR E 13 14.25 -35.60 -2.06
CA TYR E 13 15.41 -35.92 -1.24
C TYR E 13 16.68 -36.17 -2.06
N ALA E 14 16.57 -36.77 -3.26
CA ALA E 14 17.75 -37.02 -4.10
C ALA E 14 18.32 -35.72 -4.64
N ASP E 15 19.63 -35.71 -4.87
CA ASP E 15 20.27 -34.46 -5.27
C ASP E 15 19.75 -33.98 -6.62
N GLY E 16 19.55 -34.89 -7.56
CA GLY E 16 19.04 -34.49 -8.86
C GLY E 16 17.65 -33.87 -8.81
N ASP E 17 16.77 -34.42 -7.97
CA ASP E 17 15.42 -33.87 -7.86
C ASP E 17 15.40 -32.59 -7.06
N LEU E 18 16.26 -32.49 -6.05
CA LEU E 18 16.37 -31.25 -5.30
C LEU E 18 16.91 -30.12 -6.17
N LEU E 19 17.78 -30.44 -7.13
CA LEU E 19 18.27 -29.44 -8.07
C LEU E 19 17.12 -28.77 -8.81
N ARG E 20 16.27 -29.57 -9.49
CA ARG E 20 15.16 -28.99 -10.25
C ARG E 20 14.12 -28.33 -9.36
N GLU E 21 14.00 -28.78 -8.11
CA GLU E 21 13.14 -28.04 -7.20
C GLU E 21 13.71 -26.68 -6.82
N LEU E 22 15.00 -26.44 -7.08
CA LEU E 22 15.61 -25.15 -6.78
C LEU E 22 15.38 -24.11 -7.86
N ARG E 23 15.06 -24.53 -9.10
CA ARG E 23 14.91 -23.58 -10.20
C ARG E 23 13.89 -22.52 -9.88
N GLN E 24 12.77 -22.89 -9.23
CA GLN E 24 11.71 -21.92 -8.95
C GLN E 24 12.19 -20.75 -8.11
N PHE E 25 13.25 -20.90 -7.32
CA PHE E 25 13.66 -19.86 -6.39
C PHE E 25 14.77 -18.97 -6.94
N ASP E 26 15.04 -19.04 -8.24
CA ASP E 26 16.15 -18.38 -8.89
C ASP E 26 15.90 -16.89 -9.06
N GLY E 27 16.97 -16.15 -9.36
CA GLY E 27 16.86 -14.73 -9.55
C GLY E 27 16.62 -13.87 -8.31
N ALA E 28 16.68 -14.44 -7.10
CA ALA E 28 16.48 -13.63 -5.90
C ALA E 28 17.65 -12.66 -5.70
N LYS E 29 17.38 -11.53 -5.05
CA LYS E 29 18.48 -10.67 -4.67
C LYS E 29 18.90 -10.98 -3.23
N ASN E 30 20.13 -10.59 -2.90
CA ASN E 30 20.57 -10.64 -1.52
C ASN E 30 19.85 -9.58 -0.69
N ALA E 31 19.29 -8.56 -1.36
CA ALA E 31 18.52 -7.49 -0.72
C ALA E 31 19.30 -6.83 0.42
N SER E 32 20.62 -6.98 0.42
CA SER E 32 21.52 -6.15 1.21
C SER E 32 22.44 -5.34 0.31
N GLU E 33 22.23 -5.41 -1.01
CA GLU E 33 22.97 -4.67 -2.01
C GLU E 33 21.98 -4.32 -3.13
N LEU E 34 22.41 -3.46 -4.07
CA LEU E 34 21.58 -3.06 -5.20
C LEU E 34 22.47 -2.82 -6.42
N GLY E 35 21.83 -2.70 -7.60
CA GLY E 35 22.54 -2.52 -8.84
C GLY E 35 23.08 -3.81 -9.42
N PRO E 36 23.93 -3.73 -10.46
CA PRO E 36 24.68 -4.91 -10.92
C PRO E 36 25.68 -5.28 -9.84
N ARG E 37 26.42 -6.36 -9.99
CA ARG E 37 27.32 -6.84 -8.94
C ARG E 37 26.56 -7.21 -7.66
N ALA E 38 25.24 -7.36 -7.74
CA ALA E 38 24.45 -7.85 -6.63
C ALA E 38 24.23 -9.34 -6.83
N PHE E 39 23.88 -10.02 -5.74
CA PHE E 39 23.75 -11.46 -5.84
C PHE E 39 22.44 -11.82 -6.51
N VAL E 40 22.52 -12.76 -7.45
CA VAL E 40 21.35 -13.42 -8.02
C VAL E 40 21.50 -14.92 -7.81
N ARG E 41 20.48 -15.54 -7.23
CA ARG E 41 20.51 -16.98 -7.09
C ARG E 41 20.49 -17.64 -8.46
N ASP E 42 21.29 -18.69 -8.59
CA ASP E 42 21.36 -19.44 -9.83
C ASP E 42 21.58 -20.90 -9.46
N SER E 43 20.50 -21.68 -9.44
CA SER E 43 20.67 -23.11 -9.21
C SER E 43 21.64 -23.76 -10.18
N HIS E 44 22.00 -23.09 -11.28
CA HIS E 44 22.80 -23.77 -12.27
C HIS E 44 24.29 -23.78 -11.93
N ARG E 45 24.75 -22.88 -11.06
CA ARG E 45 26.10 -23.03 -10.54
C ARG E 45 26.28 -24.40 -9.88
N LEU E 46 25.18 -25.06 -9.51
CA LEU E 46 25.28 -26.38 -8.90
C LEU E 46 25.25 -27.53 -9.90
N ASP E 47 24.75 -27.29 -11.11
CA ASP E 47 24.54 -28.34 -12.11
C ASP E 47 25.76 -29.24 -12.26
N ALA E 48 26.93 -28.62 -12.45
CA ALA E 48 28.18 -29.38 -12.63
C ALA E 48 28.51 -30.21 -11.40
N ALA E 49 28.44 -29.58 -10.22
CA ALA E 49 28.73 -30.28 -8.96
C ALA E 49 27.78 -31.46 -8.73
N VAL E 50 26.48 -31.26 -8.98
CA VAL E 50 25.50 -32.33 -8.75
C VAL E 50 25.79 -33.52 -9.65
N GLU E 51 26.14 -33.27 -10.92
CA GLU E 51 26.43 -34.37 -11.83
C GLU E 51 27.67 -35.16 -11.36
N LYS E 52 28.72 -34.46 -10.93
CA LYS E 52 29.90 -35.15 -10.43
C LYS E 52 29.56 -36.04 -9.23
N ALA E 53 28.63 -35.60 -8.37
CA ALA E 53 28.23 -36.39 -7.22
C ALA E 53 27.38 -37.60 -7.60
N SER E 54 26.69 -37.55 -8.74
CA SER E 54 25.77 -38.60 -9.13
C SER E 54 26.48 -39.94 -9.35
N LYS E 55 27.76 -39.89 -9.73
CA LYS E 55 28.55 -41.07 -10.05
C LYS E 55 29.42 -41.55 -8.88
N LEU E 56 29.21 -40.99 -7.69
CA LEU E 56 29.93 -41.36 -6.48
C LEU E 56 29.01 -42.15 -5.55
N THR E 57 29.60 -42.99 -4.71
CA THR E 57 28.82 -43.78 -3.75
C THR E 57 28.71 -43.13 -2.37
N ASP E 58 29.76 -42.45 -1.89
CA ASP E 58 29.71 -41.65 -0.67
C ASP E 58 30.19 -40.23 -0.99
N PRO E 59 29.34 -39.41 -1.61
CA PRO E 59 29.79 -38.07 -2.00
C PRO E 59 30.03 -37.20 -0.78
N THR E 60 30.90 -36.21 -0.97
CA THR E 60 31.25 -35.27 0.08
C THR E 60 30.27 -34.12 0.19
N PHE E 61 29.35 -33.94 -0.76
CA PHE E 61 28.34 -32.92 -0.58
C PHE E 61 26.97 -33.50 -0.94
N HIS E 62 25.95 -32.96 -0.30
CA HIS E 62 24.57 -33.20 -0.69
C HIS E 62 23.89 -31.86 -0.72
N ILE E 63 22.94 -31.69 -1.64
CA ILE E 63 22.11 -30.48 -1.59
C ILE E 63 21.26 -30.56 -0.34
N SER E 64 21.24 -29.47 0.43
CA SER E 64 20.50 -29.49 1.67
C SER E 64 19.02 -29.47 1.38
N GLN E 65 18.25 -30.17 2.21
CA GLN E 65 16.81 -30.20 2.03
C GLN E 65 16.11 -28.97 2.59
N TYR E 66 16.81 -28.15 3.37
CA TYR E 66 16.26 -26.93 3.95
C TYR E 66 16.92 -25.73 3.29
N GLN E 67 16.10 -24.78 2.85
CA GLN E 67 16.58 -23.59 2.17
C GLN E 67 15.96 -22.38 2.81
N LEU E 68 16.58 -21.23 2.61
CA LEU E 68 15.96 -20.01 3.06
C LEU E 68 15.31 -19.28 1.89
N PRO E 69 14.41 -18.31 2.15
CA PRO E 69 13.73 -17.64 1.05
C PRO E 69 14.57 -16.57 0.37
N HIS E 70 15.64 -16.12 1.03
CA HIS E 70 16.61 -15.18 0.51
C HIS E 70 18.02 -15.70 0.78
N PRO E 71 18.95 -15.51 -0.14
CA PRO E 71 20.32 -15.97 0.11
C PRO E 71 21.10 -15.00 0.97
N TYR E 72 22.19 -15.52 1.55
CA TYR E 72 23.18 -14.73 2.29
C TYR E 72 24.38 -14.34 1.43
N SER E 73 24.55 -14.96 0.27
CA SER E 73 25.78 -14.79 -0.47
C SER E 73 25.89 -13.39 -1.04
N PHE E 74 27.12 -12.88 -1.09
CA PHE E 74 27.39 -11.59 -1.71
C PHE E 74 27.76 -11.77 -3.17
N GLY E 75 27.23 -10.90 -4.01
CA GLY E 75 27.67 -10.85 -5.39
C GLY E 75 29.06 -10.28 -5.49
N GLY E 76 29.40 -9.73 -6.64
CA GLY E 76 30.70 -9.13 -6.84
C GLY E 76 31.08 -9.25 -8.30
N GLY E 77 32.35 -8.97 -8.57
CA GLY E 77 32.80 -9.02 -9.93
C GLY E 77 34.29 -9.14 -10.07
N PRO E 78 34.78 -8.82 -11.26
CA PRO E 78 36.18 -8.99 -11.58
C PRO E 78 36.97 -7.75 -11.23
N PRO E 79 38.30 -7.84 -11.10
CA PRO E 79 39.11 -6.70 -10.65
C PRO E 79 39.49 -5.78 -11.80
N ASN E 80 40.01 -4.60 -11.43
CA ASN E 80 40.66 -3.68 -12.36
C ASN E 80 41.52 -4.38 -13.40
N PRO E 81 41.31 -4.13 -14.68
CA PRO E 81 42.24 -4.71 -15.65
C PRO E 81 43.63 -4.11 -15.55
N GLU E 82 43.77 -2.80 -15.24
CA GLU E 82 45.08 -2.18 -15.20
C GLU E 82 46.06 -2.95 -14.31
N ARG E 83 47.32 -2.97 -14.74
CA ARG E 83 48.43 -3.54 -13.97
C ARG E 83 49.56 -2.51 -14.01
N PRO E 84 49.52 -1.52 -13.12
CA PRO E 84 50.42 -0.36 -13.24
C PRO E 84 51.88 -0.69 -12.94
N LEU E 85 52.15 -1.89 -12.44
CA LEU E 85 53.50 -2.19 -12.01
C LEU E 85 54.29 -2.97 -13.04
N THR E 86 53.62 -3.60 -14.01
CA THR E 86 54.33 -4.40 -14.99
C THR E 86 55.18 -3.53 -15.92
N ALA E 87 54.73 -2.30 -16.22
CA ALA E 87 55.53 -1.40 -17.04
C ALA E 87 56.89 -1.11 -16.39
N PRO E 88 56.98 -0.54 -15.18
CA PRO E 88 58.30 -0.34 -14.58
C PRO E 88 59.03 -1.64 -14.25
N LEU E 89 58.33 -2.78 -14.19
CA LEU E 89 58.99 -4.03 -13.81
C LEU E 89 59.84 -4.55 -14.95
N ILE E 90 59.25 -4.73 -16.14
CA ILE E 90 60.03 -5.12 -17.32
C ILE E 90 61.20 -4.15 -17.53
N SER E 91 60.93 -2.85 -17.43
CA SER E 91 61.95 -1.83 -17.68
C SER E 91 63.13 -1.99 -16.71
N ALA E 92 62.82 -2.08 -15.41
CA ALA E 92 63.85 -2.28 -14.40
C ALA E 92 64.51 -3.66 -14.51
N ILE E 93 63.81 -4.67 -15.03
CA ILE E 93 64.46 -5.97 -15.22
C ILE E 93 65.54 -5.89 -16.28
N ASN E 94 65.26 -5.19 -17.37
CA ASN E 94 66.26 -5.07 -18.41
C ASN E 94 67.49 -4.35 -17.89
N LYS E 95 67.30 -3.27 -17.14
CA LYS E 95 68.43 -2.47 -16.65
C LYS E 95 69.34 -3.26 -15.72
N VAL E 96 68.83 -4.32 -15.10
CA VAL E 96 69.62 -5.07 -14.12
C VAL E 96 69.84 -6.52 -14.53
N SER E 97 69.15 -7.02 -15.55
CA SER E 97 69.55 -8.31 -16.11
C SER E 97 70.92 -8.22 -16.77
N GLN E 98 71.34 -7.02 -17.18
CA GLN E 98 72.66 -6.87 -17.77
C GLN E 98 73.77 -7.18 -16.77
N ARG E 99 73.63 -6.69 -15.53
CA ARG E 99 74.71 -6.90 -14.55
C ARG E 99 74.88 -8.41 -14.11
N THR E 100 74.21 -9.41 -14.71
CA THR E 100 74.16 -10.77 -14.15
C THR E 100 75.26 -11.70 -14.67
N ARG E 101 74.85 -12.88 -15.14
CA ARG E 101 75.80 -13.83 -15.70
C ARG E 101 75.27 -14.36 -17.03
N ASP E 102 73.95 -14.58 -17.12
CA ASP E 102 73.29 -14.94 -18.38
C ASP E 102 72.18 -13.94 -18.67
N PRO E 103 72.52 -12.70 -19.03
CA PRO E 103 71.51 -11.64 -19.08
C PRO E 103 70.29 -11.97 -19.94
N VAL E 104 70.48 -12.79 -20.97
CA VAL E 104 69.35 -13.18 -21.83
C VAL E 104 68.60 -14.39 -21.30
N GLY E 105 69.18 -15.14 -20.38
CA GLY E 105 68.48 -16.25 -19.77
C GLY E 105 67.61 -15.74 -18.65
N TYR E 106 68.14 -14.80 -17.88
CA TYR E 106 67.36 -14.18 -16.81
C TYR E 106 66.09 -13.56 -17.34
N ARG E 107 66.21 -12.76 -18.40
CA ARG E 107 65.04 -12.13 -19.00
C ARG E 107 64.04 -13.18 -19.48
N LYS E 108 64.52 -14.31 -19.98
CA LYS E 108 63.61 -15.32 -20.49
C LYS E 108 62.87 -16.01 -19.34
N ARG E 109 63.59 -16.45 -18.31
CA ARG E 109 62.91 -17.09 -17.18
C ARG E 109 61.97 -16.10 -16.49
N ALA E 110 62.37 -14.82 -16.42
CA ALA E 110 61.47 -13.82 -15.84
C ALA E 110 60.20 -13.66 -16.65
N LYS E 111 60.25 -13.95 -17.95
CA LYS E 111 59.10 -13.65 -18.81
C LYS E 111 57.89 -14.53 -18.49
N GLU E 112 58.08 -15.82 -18.21
CA GLU E 112 56.91 -16.66 -17.89
C GLU E 112 56.22 -16.23 -16.59
N SER E 113 56.95 -15.58 -15.68
CA SER E 113 56.32 -15.03 -14.48
C SER E 113 55.52 -13.77 -14.80
N ILE E 114 56.12 -12.83 -15.52
CA ILE E 114 55.45 -11.57 -15.85
C ILE E 114 54.22 -11.79 -16.72
N ASP E 115 54.25 -12.81 -17.59
CA ASP E 115 53.14 -13.06 -18.50
C ASP E 115 51.98 -13.81 -17.86
N LEU E 116 52.19 -14.46 -16.73
CA LEU E 116 51.13 -15.24 -16.12
C LEU E 116 50.58 -14.63 -14.84
N GLY E 117 51.13 -13.51 -14.38
CA GLY E 117 50.66 -12.90 -13.16
C GLY E 117 49.25 -12.38 -13.34
N ASP E 118 48.36 -12.78 -12.45
CA ASP E 118 47.00 -12.29 -12.46
C ASP E 118 46.51 -12.15 -11.02
N PHE E 119 45.19 -12.03 -10.87
CA PHE E 119 44.59 -11.63 -9.61
C PHE E 119 43.16 -12.16 -9.62
N THR E 120 42.77 -12.86 -8.56
CA THR E 120 41.42 -13.36 -8.38
C THR E 120 40.65 -12.45 -7.42
N THR E 121 39.32 -12.48 -7.55
CA THR E 121 38.44 -11.71 -6.66
C THR E 121 37.19 -12.54 -6.41
N HIS E 122 36.41 -12.13 -5.42
CA HIS E 122 35.14 -12.81 -5.15
C HIS E 122 34.15 -12.45 -6.22
N ASP E 123 33.69 -13.48 -6.90
CA ASP E 123 32.68 -13.42 -7.96
C ASP E 123 32.01 -14.78 -7.94
N PRO E 124 30.69 -14.83 -7.67
CA PRO E 124 30.04 -16.12 -7.53
C PRO E 124 30.00 -16.92 -8.81
N ASP E 125 30.24 -16.32 -9.98
CA ASP E 125 30.27 -17.09 -11.21
C ASP E 125 31.67 -17.41 -11.68
N THR E 126 32.71 -17.05 -10.91
CA THR E 126 34.06 -17.58 -11.12
C THR E 126 34.42 -18.63 -10.09
N LEU E 127 33.82 -18.55 -8.90
CA LEU E 127 34.00 -19.43 -7.76
C LEU E 127 33.43 -20.82 -7.91
N HIS E 128 32.21 -20.94 -8.42
CA HIS E 128 31.51 -22.23 -8.43
C HIS E 128 32.22 -23.38 -9.15
N PRO E 129 33.05 -23.16 -10.18
CA PRO E 129 33.91 -24.27 -10.64
C PRO E 129 34.90 -24.74 -9.62
N ARG E 130 35.30 -23.92 -8.66
CA ARG E 130 36.27 -24.39 -7.68
C ARG E 130 35.65 -25.42 -6.77
N PHE E 131 34.35 -25.27 -6.45
CA PHE E 131 33.68 -26.19 -5.54
C PHE E 131 33.77 -27.63 -5.98
N LEU E 132 33.99 -27.88 -7.29
CA LEU E 132 34.08 -29.24 -7.82
C LEU E 132 35.24 -30.07 -7.26
N GLU E 133 36.38 -29.45 -6.95
CA GLU E 133 37.44 -30.22 -6.28
C GLU E 133 37.02 -30.71 -4.92
N TYR E 134 36.01 -30.09 -4.31
CA TYR E 134 35.49 -30.55 -3.03
C TYR E 134 34.46 -31.65 -3.16
N VAL E 135 34.01 -31.98 -4.37
CA VAL E 135 33.09 -33.10 -4.58
C VAL E 135 33.93 -34.32 -4.96
N HIS E 136 34.18 -35.19 -3.99
CA HIS E 136 34.96 -36.40 -4.20
C HIS E 136 34.42 -37.49 -3.28
N GLU E 137 35.14 -38.58 -3.14
CA GLU E 137 34.67 -39.69 -2.32
C GLU E 137 35.08 -39.53 -0.86
N ARG E 138 34.12 -39.76 0.04
CA ARG E 138 34.38 -39.62 1.46
C ARG E 138 35.27 -40.74 1.96
N THR E 139 36.09 -40.40 2.97
CA THR E 139 36.94 -41.36 3.66
C THR E 139 36.63 -41.20 5.14
N ARG E 140 35.59 -41.90 5.60
CA ARG E 140 35.12 -41.79 6.97
C ARG E 140 36.13 -42.38 7.96
N SER E 141 36.88 -43.39 7.56
CA SER E 141 37.90 -43.99 8.40
C SER E 141 38.89 -44.78 7.52
N VAL E 142 39.81 -45.50 8.17
CA VAL E 142 40.81 -46.26 7.46
C VAL E 142 40.81 -47.68 7.99
N ASP E 143 41.59 -48.53 7.31
CA ASP E 143 41.68 -49.95 7.60
C ASP E 143 42.46 -50.18 8.91
N GLY E 144 42.43 -51.43 9.39
CA GLY E 144 43.07 -51.80 10.62
C GLY E 144 44.50 -51.31 10.75
N PRO E 145 45.39 -51.79 9.88
CA PRO E 145 46.81 -51.46 10.02
C PRO E 145 47.13 -49.99 9.87
N THR E 146 46.40 -49.28 8.98
CA THR E 146 46.55 -47.84 8.87
C THR E 146 46.18 -47.15 10.17
N ASP E 147 45.03 -47.51 10.73
CA ASP E 147 44.60 -46.91 12.00
C ASP E 147 45.59 -47.21 13.10
N ASP E 148 46.17 -48.41 13.08
CA ASP E 148 47.25 -48.72 13.99
C ASP E 148 48.40 -47.73 13.85
N ALA E 149 48.82 -47.49 12.61
CA ALA E 149 49.94 -46.59 12.38
C ALA E 149 49.58 -45.14 12.74
N MET E 150 48.33 -44.74 12.47
CA MET E 150 47.94 -43.38 12.81
C MET E 150 47.93 -43.19 14.32
N ARG E 151 47.19 -44.03 15.04
CA ARG E 151 47.18 -43.91 16.49
C ARG E 151 48.59 -44.01 17.07
N ALA E 152 49.48 -44.76 16.40
CA ALA E 152 50.86 -44.81 16.84
C ALA E 152 51.51 -43.45 16.76
N ALA E 153 51.28 -42.75 15.65
CA ALA E 153 51.89 -41.45 15.44
C ALA E 153 51.32 -40.40 16.37
N GLN E 154 50.07 -40.58 16.83
CA GLN E 154 49.51 -39.64 17.79
C GLN E 154 50.36 -39.61 19.06
N THR E 155 50.74 -40.79 19.56
CA THR E 155 51.59 -40.85 20.75
C THR E 155 53.00 -40.34 20.48
N VAL E 156 53.42 -40.28 19.22
CA VAL E 156 54.68 -39.61 18.90
C VAL E 156 54.63 -38.14 19.29
N PHE E 157 53.49 -37.47 19.01
CA PHE E 157 53.35 -36.05 19.34
C PHE E 157 52.88 -35.81 20.75
N ALA E 158 52.15 -36.76 21.32
CA ALA E 158 51.90 -36.72 22.75
C ALA E 158 53.22 -36.64 23.51
N ARG E 159 54.16 -37.54 23.19
CA ARG E 159 55.46 -37.51 23.86
C ARG E 159 56.20 -36.21 23.53
N LEU E 160 56.22 -35.82 22.26
CA LEU E 160 56.90 -34.59 21.86
C LEU E 160 56.38 -33.39 22.64
N TRP E 161 55.06 -33.14 22.57
CA TRP E 161 54.49 -31.98 23.25
C TRP E 161 54.71 -32.05 24.75
N ARG E 162 54.65 -33.23 25.35
CA ARG E 162 54.82 -33.27 26.80
C ARG E 162 56.24 -32.86 27.19
N ARG E 163 57.24 -33.33 26.43
CA ARG E 163 58.63 -32.94 26.69
C ARG E 163 58.87 -31.46 26.40
N LYS E 164 58.14 -30.87 25.46
CA LYS E 164 58.39 -29.48 25.14
C LYS E 164 57.73 -28.55 26.14
N GLY E 165 57.12 -29.09 27.19
CA GLY E 165 56.62 -28.30 28.31
C GLY E 165 55.13 -28.00 28.28
N CYS E 166 54.33 -28.99 27.89
CA CYS E 166 52.91 -28.76 27.75
C CYS E 166 52.26 -28.76 29.12
N LYS E 167 51.79 -27.60 29.57
CA LYS E 167 51.05 -27.51 30.82
C LYS E 167 49.65 -26.98 30.55
N VAL E 168 49.12 -27.22 29.35
CA VAL E 168 47.86 -26.61 28.95
C VAL E 168 46.71 -27.29 29.67
N LYS E 169 45.89 -26.47 30.34
CA LYS E 169 44.71 -26.89 31.10
C LYS E 169 43.48 -26.31 30.44
N ALA E 170 42.35 -27.00 30.59
CA ALA E 170 41.12 -26.49 29.99
C ALA E 170 40.78 -25.11 30.57
N ARG E 171 40.09 -24.30 29.78
CA ARG E 171 39.58 -23.05 30.31
C ARG E 171 38.30 -23.32 31.07
N SER E 172 38.04 -22.50 32.07
CA SER E 172 36.82 -22.51 32.85
C SER E 172 35.84 -21.48 32.30
N LEU E 173 34.54 -21.70 32.55
CA LEU E 173 33.57 -20.78 31.97
C LEU E 173 33.71 -19.35 32.48
N SER E 174 34.55 -19.09 33.49
CA SER E 174 34.87 -17.72 33.84
C SER E 174 35.32 -16.97 32.61
N ASP E 175 36.11 -17.63 31.75
CA ASP E 175 36.68 -17.04 30.57
C ASP E 175 35.68 -16.85 29.43
N ALA E 176 34.40 -17.15 29.64
CA ALA E 176 33.38 -16.95 28.62
C ALA E 176 32.61 -15.66 28.82
N GLN E 177 32.86 -14.95 29.91
CA GLN E 177 32.31 -13.63 30.06
C GLN E 177 32.88 -12.72 28.97
N PRO E 178 32.14 -11.66 28.61
CA PRO E 178 32.62 -10.78 27.53
C PRO E 178 34.09 -10.40 27.62
N ASP E 179 34.50 -9.89 28.78
CA ASP E 179 35.84 -9.33 28.93
C ASP E 179 36.91 -10.38 28.74
N ASN E 180 36.72 -11.54 29.34
CA ASN E 180 37.71 -12.59 29.17
C ASN E 180 37.66 -13.22 27.79
N LEU E 181 36.56 -13.06 27.06
CA LEU E 181 36.51 -13.57 25.69
C LEU E 181 37.32 -12.70 24.73
N LEU E 182 37.22 -11.37 24.87
CA LEU E 182 37.95 -10.48 24.00
C LEU E 182 39.44 -10.82 23.94
N ALA E 183 39.97 -11.49 24.98
CA ALA E 183 41.39 -11.87 24.98
C ALA E 183 41.72 -12.84 23.85
N ILE E 184 40.86 -13.84 23.62
CA ILE E 184 41.19 -14.95 22.74
C ILE E 184 40.46 -14.84 21.39
N ILE E 185 39.96 -13.66 21.03
CA ILE E 185 39.28 -13.43 19.76
C ILE E 185 40.05 -12.40 18.94
N LYS E 186 40.32 -12.73 17.68
CA LYS E 186 41.14 -11.96 16.76
C LYS E 186 40.25 -11.29 15.70
N LYS E 187 40.69 -10.13 15.20
CA LYS E 187 39.88 -9.37 14.23
C LYS E 187 39.69 -10.16 12.94
N GLY E 188 38.42 -10.42 12.60
CA GLY E 188 38.04 -11.21 11.44
C GLY E 188 36.64 -10.90 10.94
N SER E 189 36.11 -11.72 9.99
CA SER E 189 34.82 -11.43 9.34
C SER E 189 33.64 -11.91 10.20
N PRO E 190 32.57 -11.07 10.39
CA PRO E 190 31.44 -11.48 11.24
C PRO E 190 30.37 -12.31 10.53
N GLY E 191 30.78 -13.11 9.54
CA GLY E 191 29.95 -14.20 9.02
C GLY E 191 28.58 -13.77 8.53
N GLU E 192 27.54 -14.38 9.12
CA GLU E 192 26.16 -14.08 8.78
C GLU E 192 25.56 -12.98 9.64
N TYR E 193 26.26 -12.56 10.71
CA TYR E 193 25.88 -11.40 11.52
C TYR E 193 26.30 -10.05 10.87
N ARG E 194 26.66 -10.03 9.58
CA ARG E 194 26.75 -8.76 8.86
C ARG E 194 25.39 -8.22 8.46
N SER E 195 24.34 -9.04 8.53
CA SER E 195 22.96 -8.61 8.27
C SER E 195 22.28 -7.99 9.48
N LEU E 196 22.90 -8.06 10.65
CA LEU E 196 22.38 -7.38 11.81
C LEU E 196 23.07 -6.02 12.03
N GLY E 197 24.25 -5.82 11.44
CA GLY E 197 24.89 -4.51 11.45
C GLY E 197 26.32 -4.50 11.92
N ALA E 198 27.00 -5.63 11.83
CA ALA E 198 28.37 -5.75 12.29
C ALA E 198 29.36 -5.64 11.13
N GLU E 199 30.62 -5.39 11.49
CA GLU E 199 31.71 -5.38 10.51
C GLU E 199 33.01 -6.01 11.01
N ASP E 200 33.23 -6.15 12.32
CA ASP E 200 34.36 -6.90 12.84
C ASP E 200 33.83 -8.06 13.68
N ARG E 201 34.77 -8.92 14.09
CA ARG E 201 34.42 -9.99 15.02
C ARG E 201 34.43 -9.51 16.47
N ARG E 202 35.21 -8.47 16.78
CA ARG E 202 35.39 -7.96 18.13
C ARG E 202 34.39 -6.86 18.49
N ASP E 203 33.32 -6.71 17.71
CA ASP E 203 32.26 -5.74 17.96
C ASP E 203 31.58 -6.07 19.29
N PRO E 204 31.09 -5.06 20.02
CA PRO E 204 30.61 -5.32 21.40
C PRO E 204 29.33 -6.14 21.49
N ARG E 205 28.33 -5.91 20.62
CA ARG E 205 27.14 -6.76 20.65
C ARG E 205 27.42 -8.18 20.19
N LEU E 206 28.43 -8.37 19.32
CA LEU E 206 28.83 -9.72 18.90
C LEU E 206 29.55 -10.45 20.01
N ILE E 207 30.47 -9.79 20.70
CA ILE E 207 31.09 -10.40 21.87
C ILE E 207 30.04 -10.91 22.84
N ALA E 208 28.92 -10.19 22.95
CA ALA E 208 27.87 -10.64 23.86
C ALA E 208 27.16 -11.87 23.34
N THR E 209 26.94 -11.97 22.03
CA THR E 209 26.34 -13.19 21.49
C THR E 209 27.27 -14.39 21.63
N MET E 210 28.52 -14.26 21.19
CA MET E 210 29.48 -15.32 21.39
C MET E 210 29.52 -15.76 22.84
N SER E 211 29.54 -14.79 23.77
CA SER E 211 29.58 -15.14 25.19
C SER E 211 28.36 -15.98 25.59
N SER E 212 27.15 -15.56 25.21
CA SER E 212 25.96 -16.34 25.54
C SER E 212 26.00 -17.70 24.87
N SER E 213 26.47 -17.73 23.62
CA SER E 213 26.55 -18.98 22.88
C SER E 213 27.45 -20.00 23.55
N LEU E 214 28.35 -19.55 24.43
CA LEU E 214 29.21 -20.43 25.20
C LEU E 214 28.62 -20.80 26.55
N LEU E 215 27.97 -19.86 27.22
CA LEU E 215 27.43 -20.16 28.54
C LEU E 215 26.24 -21.11 28.46
N ARG E 216 25.54 -21.15 27.32
CA ARG E 216 24.43 -22.10 27.21
C ARG E 216 24.85 -23.53 27.46
N TYR E 217 26.13 -23.86 27.35
CA TYR E 217 26.56 -25.23 27.60
C TYR E 217 26.56 -25.57 29.08
N ALA E 218 26.53 -24.57 29.97
CA ALA E 218 26.65 -24.87 31.38
C ALA E 218 25.40 -25.58 31.90
N SER E 219 24.23 -25.10 31.48
CA SER E 219 22.97 -25.76 31.83
C SER E 219 23.00 -27.21 31.38
N ALA E 220 23.30 -27.41 30.08
CA ALA E 220 23.43 -28.75 29.52
C ALA E 220 24.39 -29.61 30.33
N GLY E 221 25.58 -29.09 30.58
CA GLY E 221 26.56 -29.88 31.32
C GLY E 221 26.03 -30.33 32.67
N VAL E 222 25.35 -29.43 33.39
CA VAL E 222 24.77 -29.78 34.68
C VAL E 222 23.91 -31.03 34.56
N GLN E 223 23.00 -31.04 33.57
CA GLN E 223 22.11 -32.17 33.36
C GLN E 223 22.88 -33.46 33.12
N VAL E 224 23.88 -33.41 32.24
CA VAL E 224 24.66 -34.59 31.90
C VAL E 224 25.27 -35.20 33.14
N ALA E 225 25.70 -34.36 34.09
CA ALA E 225 26.31 -34.86 35.32
C ALA E 225 25.27 -35.43 36.28
N ARG E 226 24.01 -34.96 36.20
CA ARG E 226 22.91 -35.50 37.00
C ARG E 226 22.23 -36.71 36.34
N GLY E 227 22.86 -37.34 35.36
CA GLY E 227 22.25 -38.50 34.74
C GLY E 227 21.00 -38.22 33.93
N ARG E 228 20.81 -36.99 33.48
CA ARG E 228 19.69 -36.59 32.68
C ARG E 228 20.16 -36.27 31.25
N PRO E 229 19.24 -36.15 30.30
CA PRO E 229 19.64 -35.91 28.92
C PRO E 229 19.96 -34.43 28.70
N PRO E 230 21.02 -34.11 27.97
CA PRO E 230 21.25 -32.71 27.60
C PRO E 230 20.15 -32.22 26.66
N PRO E 231 20.00 -30.90 26.54
CA PRO E 231 19.04 -30.34 25.61
C PRO E 231 19.20 -30.86 24.20
N GLY E 232 18.08 -30.87 23.46
CA GLY E 232 18.11 -31.40 22.11
C GLY E 232 19.14 -30.75 21.20
N TRP E 233 19.46 -29.48 21.43
CA TRP E 233 20.32 -28.75 20.50
C TRP E 233 21.76 -29.24 20.49
N VAL E 234 22.21 -29.91 21.55
CA VAL E 234 23.59 -30.36 21.59
C VAL E 234 23.88 -31.41 20.52
N ASP E 235 22.87 -32.12 20.04
CA ASP E 235 23.02 -32.96 18.88
C ASP E 235 22.51 -32.32 17.58
N THR E 236 21.92 -31.10 17.60
CA THR E 236 21.41 -30.53 16.35
C THR E 236 22.01 -29.19 15.95
N THR E 237 22.43 -28.33 16.88
CA THR E 237 22.86 -26.98 16.51
C THR E 237 23.90 -27.02 15.40
N THR E 238 23.62 -26.29 14.31
CA THR E 238 24.61 -26.04 13.26
C THR E 238 24.64 -24.57 12.92
N GLN E 239 25.75 -24.14 12.35
CA GLN E 239 25.93 -22.76 11.92
C GLN E 239 26.04 -22.72 10.42
N VAL E 240 25.39 -21.73 9.83
CA VAL E 240 25.55 -21.48 8.42
C VAL E 240 26.97 -20.96 8.15
N THR E 241 27.61 -21.52 7.13
CA THR E 241 28.93 -21.10 6.66
C THR E 241 28.75 -20.44 5.30
N LEU E 242 29.49 -19.36 5.06
CA LEU E 242 29.38 -18.60 3.82
C LEU E 242 30.62 -18.79 2.97
N THR E 243 30.46 -18.90 1.66
CA THR E 243 31.61 -19.09 0.78
C THR E 243 32.00 -17.80 0.10
N PHE E 244 33.31 -17.61 -0.12
CA PHE E 244 33.76 -16.37 -0.70
C PHE E 244 34.72 -16.45 -1.88
N GLY E 245 35.92 -17.02 -1.71
CA GLY E 245 36.88 -16.88 -2.79
C GLY E 245 37.75 -15.64 -2.66
N LYS E 246 39.06 -15.81 -2.48
CA LYS E 246 39.83 -14.72 -1.92
C LYS E 246 40.34 -13.79 -3.00
N ARG E 247 40.61 -12.53 -2.59
CA ARG E 247 41.32 -11.56 -3.43
C ARG E 247 42.80 -11.76 -3.17
N GLU E 248 43.51 -12.37 -4.11
CA GLU E 248 44.93 -12.63 -3.95
C GLU E 248 45.58 -12.61 -5.32
N PRO E 249 46.89 -12.47 -5.39
CA PRO E 249 47.52 -12.53 -6.71
C PRO E 249 47.85 -13.97 -7.09
N LYS E 250 46.86 -14.67 -7.60
CA LYS E 250 47.10 -16.00 -8.14
C LYS E 250 47.54 -15.90 -9.60
N ALA E 251 48.33 -16.87 -10.03
CA ALA E 251 48.80 -16.87 -11.40
C ALA E 251 47.77 -17.52 -12.32
N ALA E 252 47.99 -17.36 -13.63
CA ALA E 252 47.17 -17.98 -14.66
C ALA E 252 47.88 -19.20 -15.23
N LYS E 253 47.16 -19.92 -16.10
CA LYS E 253 47.68 -21.14 -16.69
C LYS E 253 47.53 -21.09 -18.21
N ILE E 254 48.52 -21.67 -18.89
CA ILE E 254 48.60 -21.71 -20.34
C ILE E 254 48.24 -23.11 -20.80
N VAL E 255 47.00 -23.54 -20.53
CA VAL E 255 46.59 -24.89 -20.91
C VAL E 255 46.26 -24.92 -22.40
N ASP E 256 47.13 -25.59 -23.17
CA ASP E 256 46.94 -25.83 -24.60
C ASP E 256 46.66 -24.52 -25.36
N GLY E 257 47.57 -23.55 -25.18
CA GLY E 257 47.61 -22.32 -25.94
C GLY E 257 46.53 -21.32 -25.65
N VAL E 258 45.73 -21.52 -24.59
CA VAL E 258 44.73 -20.55 -24.14
C VAL E 258 45.27 -19.86 -22.90
N ARG E 259 45.03 -18.54 -22.81
CA ARG E 259 45.35 -17.78 -21.60
C ARG E 259 44.16 -17.88 -20.66
N GLN E 260 44.15 -18.96 -19.89
CA GLN E 260 43.03 -19.27 -19.01
C GLN E 260 43.21 -18.55 -17.67
N ALA E 261 42.17 -17.81 -17.26
CA ALA E 261 42.24 -16.96 -16.08
C ALA E 261 42.27 -17.80 -14.81
N PRO E 262 42.71 -17.21 -13.68
CA PRO E 262 42.90 -18.03 -12.48
C PRO E 262 41.57 -18.28 -11.78
N VAL E 263 41.41 -19.48 -11.22
CA VAL E 263 40.19 -19.89 -10.55
C VAL E 263 40.30 -19.52 -9.07
N PRO E 264 39.41 -18.72 -8.53
CA PRO E 264 39.61 -18.24 -7.16
C PRO E 264 39.72 -19.44 -6.23
N ARG E 265 40.60 -19.32 -5.25
CA ARG E 265 40.61 -20.27 -4.16
C ARG E 265 39.51 -19.92 -3.15
N PHE E 266 39.12 -20.91 -2.36
CA PHE E 266 37.85 -20.92 -1.62
C PHE E 266 38.04 -20.42 -0.19
N ILE E 267 37.08 -19.64 0.29
CA ILE E 267 37.11 -19.14 1.67
C ILE E 267 35.78 -19.40 2.38
N PHE E 268 35.85 -20.11 3.51
CA PHE E 268 34.68 -20.34 4.34
C PHE E 268 34.64 -19.32 5.44
N ASN E 269 33.50 -18.72 5.63
CA ASN E 269 33.37 -17.70 6.64
C ASN E 269 32.54 -18.34 7.74
N LEU E 270 33.20 -18.80 8.80
CA LEU E 270 32.50 -19.53 9.85
C LEU E 270 31.85 -18.55 10.84
N SER E 271 30.68 -18.95 11.37
CA SER E 271 29.92 -18.08 12.25
C SER E 271 30.72 -17.75 13.50
N PRO E 272 30.76 -16.50 13.95
CA PRO E 272 31.54 -16.16 15.15
C PRO E 272 31.13 -16.94 16.39
N VAL E 273 30.01 -17.66 16.31
CA VAL E 273 29.66 -18.60 17.38
C VAL E 273 30.60 -19.79 17.38
N ASN E 274 30.73 -20.46 16.22
CA ASN E 274 31.72 -21.52 16.04
C ASN E 274 33.14 -21.02 16.32
N TYR E 275 33.47 -19.79 15.91
CA TYR E 275 34.79 -19.25 16.24
C TYR E 275 35.03 -19.24 17.75
N ALA E 276 34.02 -18.88 18.54
CA ALA E 276 34.23 -18.78 19.98
C ALA E 276 34.27 -20.14 20.65
N LEU E 277 33.48 -21.11 20.15
CA LEU E 277 33.62 -22.49 20.63
C LEU E 277 35.01 -23.02 20.35
N ALA E 278 35.56 -22.69 19.18
CA ALA E 278 36.89 -23.13 18.82
C ALA E 278 37.97 -22.54 19.73
N SER E 279 38.07 -21.20 19.77
CA SER E 279 38.97 -20.53 20.70
C SER E 279 38.86 -21.06 22.12
N PHE E 280 37.65 -21.07 22.66
CA PHE E 280 37.51 -21.52 24.04
C PHE E 280 38.16 -22.87 24.28
N LEU E 281 38.00 -23.81 23.34
CA LEU E 281 38.61 -25.12 23.54
C LEU E 281 40.09 -25.14 23.17
N HIS E 282 40.46 -24.57 22.04
CA HIS E 282 41.81 -24.86 21.58
C HIS E 282 42.59 -23.60 21.25
N TYR E 283 42.29 -22.49 21.91
CA TYR E 283 43.15 -21.33 21.71
C TYR E 283 44.52 -21.59 22.30
N ASP E 284 44.55 -22.09 23.53
CA ASP E 284 45.79 -22.26 24.26
C ASP E 284 46.63 -23.37 23.65
N ILE E 285 46.02 -24.53 23.39
CA ILE E 285 46.78 -25.63 22.80
C ILE E 285 47.42 -25.16 21.50
N SER E 286 46.75 -24.26 20.78
CA SER E 286 47.30 -23.79 19.52
C SER E 286 48.48 -22.86 19.76
N HIS E 287 48.40 -22.00 20.76
CA HIS E 287 49.48 -21.04 20.94
C HIS E 287 50.65 -21.66 21.67
N PHE E 288 50.43 -22.75 22.40
CA PHE E 288 51.57 -23.53 22.85
C PHE E 288 52.35 -24.06 21.65
N LEU E 289 51.66 -24.68 20.69
CA LEU E 289 52.35 -25.24 19.53
C LEU E 289 53.11 -24.17 18.73
N MET E 290 52.52 -22.99 18.55
CA MET E 290 53.22 -22.01 17.71
C MET E 290 54.55 -21.60 18.32
N ASP E 291 54.69 -21.77 19.62
CA ASP E 291 55.88 -21.37 20.35
C ASP E 291 56.80 -22.53 20.65
N ASN E 292 56.25 -23.71 20.94
CA ASN E 292 57.05 -24.74 21.58
C ASN E 292 57.11 -26.05 20.84
N ASP E 293 56.32 -26.25 19.81
CA ASP E 293 56.46 -27.47 19.00
C ASP E 293 57.36 -27.18 17.80
N PRO E 294 58.48 -27.91 17.65
CA PRO E 294 59.38 -27.63 16.53
C PRO E 294 58.85 -28.10 15.19
N THR E 295 57.75 -28.83 15.18
CA THR E 295 57.16 -29.30 13.94
C THR E 295 55.99 -28.43 13.47
N HIS E 296 55.46 -27.58 14.34
CA HIS E 296 54.27 -26.76 14.07
C HIS E 296 54.68 -25.45 13.43
N GLY E 297 54.68 -25.45 12.10
CA GLY E 297 55.00 -24.27 11.31
C GLY E 297 54.25 -22.99 11.65
N PRO E 298 52.86 -23.05 11.73
CA PRO E 298 52.07 -21.86 12.05
C PRO E 298 52.69 -20.92 13.06
N GLY E 299 52.69 -19.63 12.74
CA GLY E 299 53.51 -18.66 13.44
C GLY E 299 54.80 -18.35 12.73
N PHE E 300 55.03 -18.96 11.57
CA PHE E 300 56.27 -18.75 10.85
C PHE E 300 56.31 -17.36 10.24
N GLY E 301 57.42 -16.65 10.46
CA GLY E 301 57.67 -15.41 9.77
C GLY E 301 59.02 -15.42 9.08
N PRO E 302 59.14 -14.72 7.94
CA PRO E 302 60.42 -14.67 7.26
C PRO E 302 61.49 -13.86 8.00
N GLY E 303 61.11 -12.97 8.91
CA GLY E 303 62.07 -12.02 9.44
C GLY E 303 61.91 -11.78 10.92
N ARG E 304 62.90 -11.07 11.48
CA ARG E 304 62.95 -10.62 12.87
C ARG E 304 63.06 -11.77 13.84
N GLY E 305 63.56 -12.91 13.36
CA GLY E 305 63.72 -14.08 14.18
C GLY E 305 62.60 -15.09 14.06
N ARG E 306 61.53 -14.74 13.37
CA ARG E 306 60.35 -15.58 13.32
C ARG E 306 60.49 -16.78 12.39
N ALA E 307 61.72 -17.04 11.90
CA ALA E 307 61.98 -18.16 11.02
C ALA E 307 62.73 -19.29 11.71
N ARG E 308 62.90 -19.22 13.04
CA ARG E 308 63.81 -20.11 13.76
C ARG E 308 63.63 -21.58 13.37
N LYS E 309 62.40 -22.09 13.33
CA LYS E 309 62.18 -23.52 13.13
C LYS E 309 62.59 -23.97 11.74
N PHE E 310 62.61 -23.05 10.77
CA PHE E 310 63.09 -23.39 9.44
C PHE E 310 64.61 -23.50 9.43
N MET E 311 65.28 -22.58 10.11
CA MET E 311 66.72 -22.57 10.18
C MET E 311 67.26 -23.67 11.08
N ASP E 312 66.44 -24.23 11.98
CA ASP E 312 66.92 -25.33 12.79
C ASP E 312 66.92 -26.63 12.00
N LEU E 313 65.84 -26.92 11.28
CA LEU E 313 65.84 -28.13 10.48
C LEU E 313 67.02 -28.16 9.52
N VAL E 314 67.40 -26.99 8.99
CA VAL E 314 68.45 -26.92 7.97
C VAL E 314 69.84 -26.99 8.60
N GLU E 315 70.10 -26.18 9.62
CA GLU E 315 71.40 -26.23 10.28
C GLU E 315 71.70 -27.63 10.81
N ARG E 316 70.66 -28.38 11.14
CA ARG E 316 70.86 -29.71 11.69
C ARG E 316 71.22 -30.73 10.62
N ALA E 317 70.70 -30.58 9.40
CA ALA E 317 70.98 -31.52 8.33
C ALA E 317 72.04 -31.04 7.34
N PHE E 318 72.56 -29.83 7.53
CA PHE E 318 73.65 -29.30 6.71
C PHE E 318 74.93 -29.02 7.48
N ASP E 319 74.85 -28.77 8.78
CA ASP E 319 76.02 -28.73 9.65
C ASP E 319 77.04 -27.69 9.22
N GLY E 320 76.70 -26.83 8.27
CA GLY E 320 77.62 -25.86 7.71
C GLY E 320 77.89 -25.99 6.21
N ARG E 321 77.56 -27.10 5.56
CA ARG E 321 77.93 -27.34 4.17
C ARG E 321 76.83 -26.85 3.22
N PHE E 322 77.17 -26.76 1.93
CA PHE E 322 76.17 -26.49 0.90
C PHE E 322 75.52 -27.76 0.36
N SER E 323 75.99 -28.92 0.81
CA SER E 323 75.30 -30.17 0.56
C SER E 323 75.34 -30.94 1.89
N THR E 324 74.40 -31.86 2.04
CA THR E 324 74.30 -32.59 3.31
C THR E 324 75.56 -33.43 3.51
N PRO E 325 76.15 -33.42 4.71
CA PRO E 325 77.37 -34.21 4.95
C PRO E 325 77.18 -35.70 4.74
N ASP E 326 76.21 -36.32 5.43
CA ASP E 326 75.77 -37.66 5.06
C ASP E 326 75.12 -37.61 3.66
N GLY E 327 74.58 -38.73 3.22
CA GLY E 327 73.75 -38.64 2.01
C GLY E 327 72.35 -38.14 2.25
N ALA E 328 71.96 -38.00 3.53
CA ALA E 328 70.57 -37.80 3.92
C ALA E 328 69.94 -36.63 3.19
N ARG E 329 68.76 -36.89 2.63
CA ARG E 329 68.08 -35.94 1.76
C ARG E 329 66.94 -35.27 2.52
N LEU E 330 66.55 -34.09 2.07
CA LEU E 330 65.39 -33.40 2.59
C LEU E 330 64.23 -33.54 1.61
N ILE E 331 63.03 -33.73 2.14
CA ILE E 331 61.86 -33.97 1.30
C ILE E 331 60.93 -32.77 1.41
N MET E 332 60.23 -32.48 0.30
CA MET E 332 59.28 -31.36 0.22
C MET E 332 58.03 -31.90 -0.45
N SER E 333 57.03 -32.22 0.36
CA SER E 333 55.89 -33.00 -0.10
C SER E 333 54.91 -32.12 -0.87
N ASP E 334 54.57 -32.53 -2.10
CA ASP E 334 53.64 -31.80 -2.98
C ASP E 334 52.29 -32.51 -3.02
N ILE E 335 51.46 -32.24 -2.03
CA ILE E 335 50.11 -32.79 -2.06
C ILE E 335 49.24 -31.77 -2.78
N THR E 336 48.39 -32.29 -3.67
CA THR E 336 47.53 -31.49 -4.53
C THR E 336 46.17 -31.31 -3.90
N LYS E 337 45.68 -30.07 -3.96
CA LYS E 337 44.37 -29.71 -3.44
C LYS E 337 44.21 -30.26 -2.02
N TRP E 338 45.11 -29.82 -1.13
CA TRP E 338 45.08 -30.32 0.25
C TRP E 338 43.78 -29.95 0.93
N ASP E 339 43.36 -28.69 0.81
CA ASP E 339 42.14 -28.25 1.47
C ASP E 339 40.93 -29.02 0.95
N ALA E 340 40.89 -29.32 -0.34
CA ALA E 340 39.73 -29.98 -0.91
C ALA E 340 39.62 -31.44 -0.51
N ASN E 341 40.75 -32.12 -0.33
CA ASN E 341 40.72 -33.57 -0.17
C ASN E 341 40.90 -34.03 1.27
N MET E 342 41.23 -33.15 2.19
CA MET E 342 41.30 -33.50 3.60
C MET E 342 40.06 -34.25 4.01
N CYS E 343 40.26 -35.49 4.46
CA CYS E 343 39.17 -36.42 4.73
C CYS E 343 38.73 -36.36 6.18
N GLU E 344 37.55 -36.91 6.44
CA GLU E 344 37.10 -36.99 7.82
C GLU E 344 38.05 -37.84 8.67
N ALA E 345 38.64 -38.86 8.06
CA ALA E 345 39.48 -39.79 8.83
C ALA E 345 40.67 -39.07 9.45
N LEU E 346 41.35 -38.24 8.66
CA LEU E 346 42.51 -37.50 9.17
C LEU E 346 42.08 -36.33 10.07
N ILE E 347 40.96 -35.68 9.74
CA ILE E 347 40.47 -34.62 10.62
C ILE E 347 40.29 -35.17 12.01
N LYS E 348 39.60 -36.32 12.11
CA LYS E 348 39.35 -36.97 13.39
C LYS E 348 40.65 -37.20 14.15
N TYR E 349 41.67 -37.77 13.48
CA TYR E 349 42.92 -38.06 14.16
C TYR E 349 43.56 -36.78 14.70
N SER E 350 43.43 -35.68 13.98
CA SER E 350 44.18 -34.49 14.32
C SER E 350 43.55 -33.75 15.48
N ILE E 351 42.24 -33.53 15.43
CA ILE E 351 41.66 -32.71 16.48
C ILE E 351 41.61 -33.47 17.79
N ASP E 352 41.38 -34.79 17.73
CA ASP E 352 41.42 -35.62 18.92
C ASP E 352 42.77 -35.51 19.61
N LEU E 353 43.83 -35.50 18.80
CA LEU E 353 45.17 -35.29 19.33
C LEU E 353 45.30 -33.92 20.01
N LEU E 354 44.65 -32.89 19.45
CA LEU E 354 44.74 -31.56 20.04
C LEU E 354 43.95 -31.48 21.35
N GLU E 355 42.79 -32.13 21.42
CA GLU E 355 42.04 -32.14 22.68
C GLU E 355 42.77 -32.94 23.75
N ASP E 356 43.32 -34.11 23.39
CA ASP E 356 44.08 -34.90 24.35
C ASP E 356 45.14 -34.09 25.06
N ALA E 357 45.76 -33.13 24.39
CA ALA E 357 46.82 -32.36 25.02
C ALA E 357 46.31 -31.33 26.01
N VAL E 358 44.99 -31.04 26.02
CA VAL E 358 44.38 -30.21 27.07
C VAL E 358 44.15 -31.04 28.32
N ASP E 359 44.44 -30.42 29.47
CA ASP E 359 44.44 -31.11 30.76
C ASP E 359 43.10 -30.90 31.44
N LYS E 360 42.17 -31.83 31.20
CA LYS E 360 40.86 -31.70 31.82
C LYS E 360 40.87 -32.06 33.31
N SER E 361 42.02 -32.47 33.87
CA SER E 361 42.02 -33.09 35.19
C SER E 361 41.65 -32.13 36.31
N ALA E 362 41.58 -30.84 36.05
CA ALA E 362 41.30 -29.87 37.11
C ALA E 362 39.83 -29.43 37.15
N LEU E 363 38.95 -30.09 36.41
CA LEU E 363 37.61 -29.62 36.14
C LEU E 363 36.60 -30.32 37.04
N SER E 364 35.53 -29.59 37.42
CA SER E 364 34.47 -30.17 38.24
C SER E 364 33.72 -31.26 37.46
N PRO E 365 32.84 -32.02 38.14
CA PRO E 365 32.04 -33.01 37.40
C PRO E 365 31.12 -32.37 36.38
N GLU E 366 30.59 -31.21 36.73
CA GLU E 366 29.75 -30.46 35.83
C GLU E 366 30.58 -29.76 34.77
N GLY E 367 31.80 -29.37 35.13
CA GLY E 367 32.68 -28.75 34.15
C GLY E 367 33.15 -29.75 33.12
N LEU E 368 33.55 -30.94 33.58
CA LEU E 368 33.98 -31.99 32.66
C LEU E 368 32.90 -32.31 31.63
N ALA E 369 31.66 -32.46 32.09
CA ALA E 369 30.56 -32.69 31.17
C ALA E 369 30.36 -31.52 30.23
N THR E 370 30.54 -30.30 30.71
CA THR E 370 30.36 -29.14 29.85
C THR E 370 31.37 -29.14 28.71
N ARG E 371 32.66 -29.17 29.06
CA ARG E 371 33.70 -29.24 28.04
C ARG E 371 33.45 -30.41 27.09
N GLY E 372 32.85 -31.49 27.58
CA GLY E 372 32.59 -32.62 26.71
C GLY E 372 31.52 -32.36 25.65
N LEU E 373 30.45 -31.68 26.05
CA LEU E 373 29.40 -31.33 25.08
C LEU E 373 29.91 -30.31 24.10
N MET E 374 30.72 -29.37 24.60
CA MET E 374 31.34 -28.35 23.75
C MET E 374 32.20 -29.01 22.68
N TYR E 375 33.02 -29.98 23.08
CA TYR E 375 33.88 -30.65 22.11
C TYR E 375 33.05 -31.46 21.14
N ARG E 376 31.93 -32.01 21.58
CA ARG E 376 31.13 -32.83 20.69
C ARG E 376 30.57 -31.98 19.57
N VAL E 377 30.13 -30.77 19.91
CA VAL E 377 29.66 -29.81 18.93
C VAL E 377 30.79 -29.34 18.06
N ALA E 378 31.96 -29.06 18.66
CA ALA E 378 33.09 -28.54 17.90
C ALA E 378 33.57 -29.57 16.88
N ARG E 379 33.63 -30.85 17.27
CA ARG E 379 33.95 -31.93 16.33
C ARG E 379 32.94 -31.99 15.19
N ARG E 380 31.66 -32.11 15.54
CA ARG E 380 30.60 -32.24 14.52
C ARG E 380 30.74 -31.15 13.47
N GLN E 381 30.68 -29.89 13.89
CA GLN E 381 30.77 -28.76 12.98
C GLN E 381 32.10 -28.71 12.26
N LEU E 382 33.01 -29.62 12.57
CA LEU E 382 34.23 -29.75 11.81
C LEU E 382 34.13 -30.86 10.76
N LEU E 383 33.50 -31.97 11.09
CA LEU E 383 33.36 -33.05 10.13
C LEU E 383 32.17 -32.87 9.20
N GLU E 384 31.27 -31.94 9.50
CA GLU E 384 30.08 -31.74 8.67
C GLU E 384 29.70 -30.27 8.75
N LYS E 385 29.86 -29.55 7.65
CA LYS E 385 29.51 -28.13 7.62
C LYS E 385 28.27 -27.88 6.77
N LEU E 386 27.50 -26.86 7.14
CA LEU E 386 26.40 -26.35 6.33
C LEU E 386 26.85 -25.09 5.61
N VAL E 387 26.83 -25.12 4.28
CA VAL E 387 27.53 -24.15 3.47
C VAL E 387 26.56 -23.56 2.46
N GLU E 388 26.60 -22.23 2.29
CA GLU E 388 25.89 -21.59 1.17
C GLU E 388 26.80 -21.57 -0.04
N HIS E 389 26.60 -22.55 -0.92
CA HIS E 389 27.28 -22.63 -2.20
C HIS E 389 27.08 -21.34 -2.99
N PRO E 390 28.04 -20.93 -3.81
CA PRO E 390 27.85 -19.70 -4.57
C PRO E 390 26.65 -19.72 -5.51
N ALA E 391 25.96 -20.85 -5.68
CA ALA E 391 24.65 -20.83 -6.32
C ALA E 391 23.65 -20.01 -5.53
N GLY E 392 23.90 -19.84 -4.23
CA GLY E 392 22.97 -19.18 -3.37
C GLY E 392 22.04 -20.13 -2.64
N TYR E 393 22.45 -21.38 -2.46
CA TYR E 393 21.66 -22.40 -1.79
C TYR E 393 22.50 -23.15 -0.77
N PHE E 394 21.83 -23.82 0.17
CA PHE E 394 22.50 -24.54 1.24
C PHE E 394 22.94 -25.92 0.78
N VAL E 395 24.06 -26.35 1.34
CA VAL E 395 24.75 -27.57 0.93
C VAL E 395 25.40 -28.18 2.17
N LYS E 396 25.17 -29.49 2.38
CA LYS E 396 25.88 -30.28 3.37
C LYS E 396 27.24 -30.72 2.79
N LEU E 397 28.32 -30.42 3.49
CA LEU E 397 29.69 -30.69 3.05
C LEU E 397 30.41 -31.50 4.10
N TYR E 398 30.86 -32.70 3.74
CA TYR E 398 31.39 -33.68 4.71
C TYR E 398 32.91 -33.69 4.61
N GLY E 399 33.59 -33.36 5.70
CA GLY E 399 35.04 -33.27 5.61
C GLY E 399 35.46 -31.93 5.04
N CYS E 400 36.69 -31.89 4.53
CA CYS E 400 37.34 -30.71 3.94
C CYS E 400 37.81 -29.69 4.98
N MET E 401 38.80 -28.87 4.62
CA MET E 401 39.40 -27.90 5.54
C MET E 401 39.89 -26.67 4.78
N PRO E 402 38.97 -25.89 4.23
CA PRO E 402 39.36 -24.68 3.50
C PRO E 402 39.68 -23.55 4.47
N SER E 403 40.24 -22.48 3.93
CA SER E 403 40.71 -21.38 4.78
C SER E 403 39.53 -20.59 5.31
N GLY E 404 39.71 -20.06 6.52
CA GLY E 404 38.67 -19.31 7.19
C GLY E 404 37.97 -20.00 8.34
N SER E 405 38.42 -21.18 8.76
CA SER E 405 38.06 -21.72 10.06
C SER E 405 39.09 -21.25 11.05
N PHE E 406 38.72 -21.33 12.33
CA PHE E 406 39.75 -21.28 13.36
C PHE E 406 40.72 -22.44 13.23
N TYR E 407 40.26 -23.56 12.74
CA TYR E 407 41.04 -24.78 12.75
C TYR E 407 41.86 -25.00 11.49
N THR E 408 41.94 -24.02 10.60
CA THR E 408 42.50 -24.36 9.29
C THR E 408 43.99 -24.61 9.36
N SER E 409 44.75 -23.65 9.91
CA SER E 409 46.16 -23.91 10.10
C SER E 409 46.38 -25.01 11.13
N LEU E 410 45.63 -24.98 12.22
CA LEU E 410 45.91 -25.90 13.32
C LEU E 410 45.68 -27.35 12.91
N VAL E 411 44.61 -27.63 12.17
CA VAL E 411 44.30 -29.04 11.89
C VAL E 411 44.98 -29.53 10.62
N ASN E 412 45.15 -28.67 9.61
CA ASN E 412 45.88 -29.07 8.42
C ASN E 412 47.32 -29.40 8.75
N THR E 413 47.93 -28.60 9.64
CA THR E 413 49.33 -28.79 10.01
C THR E 413 49.49 -30.03 10.89
N THR E 414 48.65 -30.18 11.91
CA THR E 414 48.67 -31.42 12.69
C THR E 414 48.40 -32.64 11.82
N GLY E 415 47.59 -32.48 10.79
CA GLY E 415 47.23 -33.63 9.97
C GLY E 415 48.38 -34.08 9.09
N ASN E 416 49.14 -33.12 8.55
CA ASN E 416 50.30 -33.47 7.74
C ASN E 416 51.42 -34.05 8.59
N ASN E 417 51.65 -33.48 9.78
CA ASN E 417 52.67 -34.03 10.66
C ASN E 417 52.31 -35.47 11.07
N LEU E 418 51.02 -35.74 11.32
CA LEU E 418 50.56 -37.11 11.54
C LEU E 418 50.62 -37.99 10.30
N LEU E 419 50.75 -37.42 9.10
CA LEU E 419 50.76 -38.32 7.96
C LEU E 419 52.13 -38.91 7.75
N VAL E 420 53.19 -38.14 7.98
CA VAL E 420 54.51 -38.69 7.75
C VAL E 420 54.89 -39.63 8.90
N ILE E 421 54.68 -39.20 10.14
CA ILE E 421 55.05 -40.06 11.27
C ILE E 421 54.22 -41.34 11.25
N GLY E 422 53.02 -41.28 10.71
CA GLY E 422 52.23 -42.50 10.57
C GLY E 422 52.64 -43.34 9.39
N HIS E 423 53.13 -42.70 8.30
CA HIS E 423 53.60 -43.46 7.14
C HIS E 423 54.93 -44.15 7.41
N ALA E 424 55.79 -43.55 8.24
CA ALA E 424 57.02 -44.24 8.62
C ALA E 424 56.73 -45.41 9.55
N ILE E 425 55.87 -45.20 10.54
CA ILE E 425 55.54 -46.31 11.42
C ILE E 425 54.84 -47.44 10.64
N ALA E 426 54.03 -47.08 9.65
CA ALA E 426 53.42 -48.11 8.81
C ALA E 426 54.48 -48.92 8.08
N ARG E 427 55.50 -48.25 7.54
CA ARG E 427 56.60 -48.94 6.89
C ARG E 427 57.45 -49.70 7.91
N ALA E 428 57.76 -49.09 9.05
CA ALA E 428 58.66 -49.74 10.01
C ALA E 428 58.09 -51.06 10.50
N VAL E 429 56.76 -51.16 10.62
CA VAL E 429 56.17 -52.40 11.09
C VAL E 429 56.09 -53.45 9.98
N GLU E 430 55.84 -53.04 8.74
CA GLU E 430 55.80 -54.01 7.65
C GLU E 430 57.20 -54.50 7.25
N GLU E 431 58.23 -53.66 7.32
CA GLU E 431 59.51 -53.99 6.72
C GLU E 431 60.64 -54.24 7.70
N THR E 432 60.55 -53.76 8.93
CA THR E 432 61.61 -54.09 9.86
C THR E 432 61.05 -54.93 11.01
N SER E 433 61.92 -55.19 11.99
CA SER E 433 61.60 -55.90 13.20
C SER E 433 60.96 -55.00 14.25
N LEU E 434 60.96 -53.69 14.01
CA LEU E 434 60.37 -52.77 14.95
C LEU E 434 58.88 -53.03 15.11
N THR E 435 58.39 -52.68 16.29
CA THR E 435 56.98 -52.79 16.63
C THR E 435 56.36 -51.40 16.58
N HIS E 436 55.02 -51.35 16.63
CA HIS E 436 54.34 -50.06 16.64
C HIS E 436 54.91 -49.16 17.75
N HIS E 437 54.84 -49.64 19.01
CA HIS E 437 55.49 -48.90 20.09
C HIS E 437 56.97 -48.65 19.81
N GLY E 438 57.64 -49.60 19.15
CA GLY E 438 59.07 -49.48 18.99
C GLY E 438 59.46 -48.36 18.05
N ALA E 439 58.82 -48.31 16.87
CA ALA E 439 59.05 -47.23 15.93
C ALA E 439 58.70 -45.88 16.55
N ALA E 440 57.60 -45.84 17.32
CA ALA E 440 57.10 -44.58 17.88
C ALA E 440 58.06 -44.00 18.93
N GLU E 441 58.81 -44.84 19.61
CA GLU E 441 59.73 -44.37 20.65
C GLU E 441 61.01 -43.82 20.04
N LEU E 442 61.40 -44.35 18.88
CA LEU E 442 62.52 -43.84 18.10
C LEU E 442 62.19 -42.53 17.40
N LEU E 443 61.00 -42.46 16.81
CA LEU E 443 60.58 -41.27 16.08
C LEU E 443 60.32 -40.11 17.05
N ALA E 444 59.86 -40.41 18.26
CA ALA E 444 59.66 -39.34 19.23
C ALA E 444 60.94 -38.59 19.54
N ASP E 445 62.10 -39.21 19.38
CA ASP E 445 63.38 -38.57 19.65
C ASP E 445 63.92 -37.84 18.43
N ALA E 446 63.65 -38.38 17.24
CA ALA E 446 64.13 -37.86 15.96
C ALA E 446 63.35 -36.67 15.47
N VAL E 447 62.05 -36.69 15.69
CA VAL E 447 61.16 -35.71 15.07
C VAL E 447 61.53 -34.31 15.50
N ASP E 448 62.17 -34.14 16.67
CA ASP E 448 62.73 -32.85 17.07
C ASP E 448 63.75 -32.36 16.06
N GLY E 449 63.34 -31.45 15.17
CA GLY E 449 64.24 -30.82 14.23
C GLY E 449 64.48 -31.57 12.93
N THR E 450 63.70 -32.61 12.65
CA THR E 450 63.77 -33.25 11.34
C THR E 450 62.47 -33.08 10.54
N LEU E 451 61.46 -32.42 11.10
CA LEU E 451 60.15 -32.24 10.47
C LEU E 451 59.58 -30.87 10.82
N ILE E 452 58.83 -30.31 9.87
CA ILE E 452 58.11 -29.06 10.06
C ILE E 452 57.06 -28.95 8.97
N SER E 453 55.87 -28.44 9.34
CA SER E 453 54.73 -28.38 8.44
C SER E 453 53.92 -27.12 8.73
N TYR E 454 53.31 -26.59 7.67
CA TYR E 454 52.42 -25.42 7.68
C TYR E 454 51.34 -25.75 6.65
N GLY E 455 50.34 -26.53 7.05
CA GLY E 455 49.34 -26.93 6.07
C GLY E 455 49.95 -27.94 5.11
N ASP E 456 49.61 -27.81 3.82
CA ASP E 456 50.24 -28.71 2.86
C ASP E 456 51.74 -28.48 2.70
N ASN E 457 52.27 -27.36 3.19
CA ASN E 457 53.70 -27.08 3.11
C ASN E 457 54.46 -27.94 4.12
N GLN E 458 55.35 -28.80 3.63
CA GLN E 458 55.99 -29.76 4.53
C GLN E 458 57.43 -30.05 4.12
N LEU E 459 58.37 -29.69 4.99
CA LEU E 459 59.79 -30.03 4.84
C LEU E 459 60.22 -31.00 5.94
N PHE E 460 60.89 -32.08 5.56
CA PHE E 460 61.42 -32.98 6.57
C PHE E 460 62.66 -33.70 6.04
N SER E 461 63.55 -34.06 6.98
CA SER E 461 64.81 -34.73 6.69
C SER E 461 64.66 -36.25 6.70
N GLU E 462 65.49 -36.92 5.90
CA GLU E 462 65.44 -38.38 5.84
C GLU E 462 65.95 -39.06 7.10
N HIS E 463 66.59 -38.33 8.02
CA HIS E 463 66.98 -38.91 9.29
C HIS E 463 65.78 -39.50 10.02
N LEU E 464 64.56 -39.06 9.68
CA LEU E 464 63.35 -39.65 10.25
C LEU E 464 63.19 -41.10 9.85
N PHE E 465 63.55 -41.44 8.63
CA PHE E 465 63.44 -42.80 8.13
C PHE E 465 64.73 -43.60 8.38
N SER E 466 65.88 -42.92 8.45
CA SER E 466 67.13 -43.61 8.75
C SER E 466 67.07 -44.24 10.14
N VAL E 467 66.59 -43.50 11.14
CA VAL E 467 66.53 -44.02 12.51
C VAL E 467 65.63 -45.25 12.63
N LEU E 468 64.81 -45.55 11.62
CA LEU E 468 64.08 -46.81 11.58
C LEU E 468 64.79 -47.87 10.75
N GLY E 469 65.88 -47.50 10.09
CA GLY E 469 66.48 -48.38 9.11
C GLY E 469 65.71 -48.41 7.80
N LEU E 470 65.24 -47.27 7.34
CA LEU E 470 64.55 -47.20 6.06
C LEU E 470 65.14 -46.04 5.28
N ALA E 471 64.81 -46.03 3.99
CA ALA E 471 65.12 -44.93 3.08
C ALA E 471 63.81 -44.39 2.56
N TYR E 472 63.81 -43.09 2.23
CA TYR E 472 62.58 -42.46 1.79
C TYR E 472 62.20 -42.99 0.40
N ASP E 473 61.09 -43.73 0.35
CA ASP E 473 60.44 -44.09 -0.91
C ASP E 473 59.38 -43.05 -1.23
N PRO E 474 59.51 -42.26 -2.29
CA PRO E 474 58.37 -41.39 -2.65
C PRO E 474 57.16 -42.17 -3.13
N GLU E 475 57.32 -43.33 -3.76
CA GLU E 475 56.13 -44.05 -4.19
C GLU E 475 55.41 -44.70 -3.01
N LYS E 476 56.16 -45.20 -2.01
CA LYS E 476 55.50 -45.82 -0.85
C LYS E 476 54.83 -44.77 0.04
N HIS E 477 55.39 -43.54 0.05
CA HIS E 477 54.77 -42.39 0.71
C HIS E 477 53.52 -41.92 -0.01
N ALA E 478 53.59 -41.76 -1.33
CA ALA E 478 52.41 -41.39 -2.09
C ALA E 478 51.29 -42.42 -1.89
N GLU E 479 51.65 -43.72 -1.84
CA GLU E 479 50.63 -44.75 -1.66
C GLU E 479 49.94 -44.60 -0.32
N PHE E 480 50.66 -44.14 0.69
CA PHE E 480 50.07 -44.02 2.02
C PHE E 480 49.10 -42.85 2.06
N LEU E 481 49.47 -41.74 1.42
CA LEU E 481 48.56 -40.60 1.36
C LEU E 481 47.32 -40.90 0.52
N ALA E 482 47.45 -41.79 -0.47
CA ALA E 482 46.27 -42.19 -1.22
C ALA E 482 45.28 -42.96 -0.35
N ARG E 483 45.75 -43.56 0.74
CA ARG E 483 44.83 -44.21 1.68
C ARG E 483 43.85 -43.23 2.30
N PHE E 484 44.21 -41.95 2.34
CA PHE E 484 43.36 -40.89 2.87
C PHE E 484 42.83 -39.98 1.77
N GLY E 485 42.94 -40.37 0.51
CA GLY E 485 42.41 -39.54 -0.56
C GLY E 485 43.26 -38.36 -0.91
N MET E 486 44.57 -38.45 -0.75
CA MET E 486 45.52 -37.41 -1.13
C MET E 486 46.43 -37.85 -2.28
N LYS E 487 46.68 -36.92 -3.22
CA LYS E 487 47.57 -37.15 -4.37
C LYS E 487 48.89 -36.48 -4.05
N LEU E 488 49.90 -37.27 -3.72
CA LEU E 488 51.26 -36.75 -3.66
C LEU E 488 51.84 -36.78 -5.06
N LYS E 489 51.99 -35.61 -5.66
CA LYS E 489 52.56 -35.51 -6.99
C LYS E 489 54.02 -35.93 -6.89
N VAL E 490 54.31 -37.20 -7.21
CA VAL E 490 55.66 -37.74 -7.08
C VAL E 490 56.65 -37.04 -7.99
N ASP E 491 56.17 -36.47 -9.10
CA ASP E 491 57.03 -35.78 -10.06
C ASP E 491 57.56 -34.43 -9.53
N GLU E 492 56.88 -33.81 -8.56
CA GLU E 492 57.22 -32.48 -8.05
C GLU E 492 57.66 -32.47 -6.58
N THR E 493 57.56 -33.61 -5.90
CA THR E 493 58.03 -33.79 -4.53
C THR E 493 59.54 -33.68 -4.53
N GLU E 494 60.07 -32.49 -4.27
CA GLU E 494 61.50 -32.29 -4.37
C GLU E 494 62.23 -33.07 -3.30
N VAL E 495 63.04 -34.03 -3.73
CA VAL E 495 64.07 -34.63 -2.90
C VAL E 495 65.40 -34.14 -3.46
N THR E 496 66.23 -33.56 -2.60
CA THR E 496 67.56 -33.13 -3.01
C THR E 496 68.46 -33.20 -1.80
N VAL E 497 69.73 -32.90 -2.03
CA VAL E 497 70.75 -32.77 -1.00
C VAL E 497 71.33 -31.38 -0.95
N LYS E 498 70.94 -30.51 -1.87
CA LYS E 498 71.57 -29.21 -2.08
C LYS E 498 70.80 -28.16 -1.29
N LEU E 499 71.51 -27.34 -0.52
CA LEU E 499 70.86 -26.27 0.23
C LEU E 499 69.98 -25.40 -0.68
N GLY E 500 70.33 -25.29 -1.96
CA GLY E 500 69.70 -24.33 -2.86
C GLY E 500 68.39 -24.77 -3.47
N ARG E 501 67.98 -26.02 -3.29
CA ARG E 501 66.64 -26.47 -3.67
C ARG E 501 65.70 -26.64 -2.49
N VAL E 502 66.20 -26.53 -1.25
CA VAL E 502 65.35 -26.57 -0.06
C VAL E 502 64.47 -25.33 -0.01
N ARG E 503 63.18 -25.55 0.29
CA ARG E 503 62.25 -24.44 0.39
C ARG E 503 61.10 -24.83 1.31
N PHE E 504 60.66 -23.85 2.10
CA PHE E 504 59.55 -24.01 3.02
C PHE E 504 58.74 -22.73 3.01
N CYS E 505 57.46 -22.83 2.64
CA CYS E 505 56.60 -21.65 2.56
C CYS E 505 57.19 -20.61 1.63
N SER E 506 57.74 -21.07 0.49
CA SER E 506 58.22 -20.20 -0.58
C SER E 506 59.45 -19.39 -0.21
N ARG E 507 60.12 -19.72 0.89
CA ARG E 507 61.38 -19.10 1.25
C ARG E 507 62.51 -20.12 1.15
N SER E 508 63.70 -19.63 0.79
CA SER E 508 64.90 -20.43 0.69
C SER E 508 65.93 -19.95 1.70
N LEU E 509 67.01 -20.70 1.80
CA LEU E 509 68.13 -20.28 2.64
C LEU E 509 69.38 -20.30 1.78
N VAL E 510 70.14 -19.21 1.86
CA VAL E 510 71.44 -19.12 1.21
C VAL E 510 72.48 -19.05 2.31
N ARG E 511 73.54 -19.86 2.19
CA ARG E 511 74.60 -19.85 3.20
C ARG E 511 75.69 -18.89 2.74
N THR E 512 75.93 -17.86 3.53
CA THR E 512 76.99 -16.90 3.28
C THR E 512 78.25 -17.32 4.03
N PRO E 513 79.41 -16.70 3.72
CA PRO E 513 80.62 -17.01 4.50
C PRO E 513 80.47 -16.74 6.00
N HIS E 514 79.29 -16.30 6.45
CA HIS E 514 79.13 -15.99 7.86
C HIS E 514 77.74 -16.38 8.39
N GLY E 515 77.10 -17.36 7.79
CA GLY E 515 75.83 -17.87 8.27
C GLY E 515 74.78 -17.92 7.17
N LEU E 516 73.63 -18.48 7.55
CA LEU E 516 72.50 -18.60 6.66
C LEU E 516 71.74 -17.28 6.57
N LEU E 517 70.79 -17.22 5.64
CA LEU E 517 70.07 -15.99 5.36
C LEU E 517 68.82 -16.36 4.58
N ILE E 518 67.69 -15.80 4.94
CA ILE E 518 66.44 -16.19 4.30
C ILE E 518 66.27 -15.34 3.05
N THR E 519 65.79 -15.95 1.98
CA THR E 519 65.57 -15.25 0.72
C THR E 519 64.31 -15.81 0.10
N ARG E 520 63.89 -15.23 -1.03
CA ARG E 520 62.69 -15.66 -1.69
C ARG E 520 62.91 -15.68 -3.20
N SER E 521 62.21 -16.61 -3.86
CA SER E 521 62.29 -16.80 -5.30
C SER E 521 62.09 -15.49 -6.06
N HIS E 522 62.81 -15.34 -7.18
CA HIS E 522 62.60 -14.16 -8.03
C HIS E 522 61.24 -14.20 -8.72
N ASN E 523 60.73 -15.40 -9.05
CA ASN E 523 59.47 -15.54 -9.76
C ASN E 523 58.34 -14.86 -9.01
N SER E 524 58.23 -15.15 -7.72
CA SER E 524 57.06 -14.75 -6.92
C SER E 524 56.88 -13.23 -6.99
N LEU E 525 57.92 -12.46 -6.60
CA LEU E 525 57.96 -11.02 -6.88
C LEU E 525 57.40 -10.62 -8.22
N PHE E 526 57.99 -11.16 -9.30
CA PHE E 526 57.57 -10.74 -10.63
C PHE E 526 56.13 -11.09 -10.93
N ALA E 527 55.59 -12.16 -10.36
CA ALA E 527 54.21 -12.52 -10.61
C ALA E 527 53.25 -11.89 -9.60
N LYS E 528 53.76 -11.29 -8.53
CA LYS E 528 52.93 -10.59 -7.57
C LYS E 528 52.74 -9.13 -7.96
N LEU E 529 53.77 -8.56 -8.59
CA LEU E 529 53.78 -7.22 -9.15
C LEU E 529 53.09 -7.17 -10.50
N ALA E 530 53.26 -8.22 -11.30
CA ALA E 530 52.51 -8.32 -12.55
C ALA E 530 51.04 -8.56 -12.28
N GLY E 531 50.71 -9.15 -11.12
CA GLY E 531 49.32 -9.32 -10.69
C GLY E 531 48.62 -8.14 -10.05
N ARG E 532 49.35 -7.27 -9.32
CA ARG E 532 48.82 -6.11 -8.60
C ARG E 532 47.99 -5.23 -9.53
N PRO E 533 46.69 -5.04 -9.27
CA PRO E 533 45.86 -4.19 -10.14
C PRO E 533 45.85 -2.73 -9.66
N ARG E 534 45.34 -1.83 -10.52
CA ARG E 534 45.50 -0.39 -10.28
C ARG E 534 44.76 0.00 -9.00
N HIS E 535 45.49 0.06 -7.90
CA HIS E 535 45.06 0.77 -6.72
C HIS E 535 45.56 2.22 -6.81
N ASP E 536 45.23 3.01 -5.81
CA ASP E 536 45.67 4.39 -5.81
C ASP E 536 47.19 4.45 -5.83
N PRO E 537 47.79 5.38 -6.58
CA PRO E 537 49.27 5.43 -6.68
C PRO E 537 49.99 5.33 -5.35
N VAL E 538 49.43 5.90 -4.27
CA VAL E 538 50.08 5.83 -2.97
C VAL E 538 50.02 4.42 -2.42
N VAL E 539 48.88 3.75 -2.60
CA VAL E 539 48.72 2.38 -2.13
C VAL E 539 49.61 1.44 -2.95
N ASP E 540 49.78 1.71 -4.24
CA ASP E 540 50.62 0.85 -5.05
C ASP E 540 52.09 1.06 -4.73
N LYS E 541 52.46 2.26 -4.31
CA LYS E 541 53.83 2.44 -3.85
C LYS E 541 54.07 1.62 -2.59
N LEU E 542 53.19 1.75 -1.60
CA LEU E 542 53.32 0.94 -0.39
C LEU E 542 53.43 -0.53 -0.72
N TYR E 543 52.59 -1.02 -1.65
CA TYR E 543 52.68 -2.44 -2.03
C TYR E 543 54.09 -2.79 -2.52
N VAL E 544 54.70 -1.94 -3.35
CA VAL E 544 56.07 -2.22 -3.74
C VAL E 544 56.98 -2.26 -2.52
N ARG E 545 56.78 -1.32 -1.59
CA ARG E 545 57.66 -1.25 -0.42
C ARG E 545 57.40 -2.38 0.56
N ALA E 546 56.19 -2.96 0.54
CA ALA E 546 55.95 -4.14 1.37
C ALA E 546 56.57 -5.38 0.75
N MET E 547 56.61 -5.47 -0.58
CA MET E 547 57.40 -6.49 -1.25
C MET E 547 58.86 -6.36 -0.89
N MET E 548 59.34 -5.13 -0.70
CA MET E 548 60.75 -4.91 -0.40
C MET E 548 61.12 -5.50 0.97
N VAL E 549 60.18 -5.45 1.91
CA VAL E 549 60.37 -5.96 3.26
C VAL E 549 60.28 -7.49 3.30
N ASP E 550 59.37 -8.06 2.50
CA ASP E 550 59.27 -9.51 2.38
C ASP E 550 60.57 -10.16 1.93
N HIS E 551 61.35 -9.45 1.12
CA HIS E 551 62.57 -9.97 0.52
C HIS E 551 63.83 -9.54 1.25
N MET E 552 63.69 -8.65 2.23
CA MET E 552 64.69 -8.39 3.25
C MET E 552 66.05 -8.05 2.65
N GLY E 553 66.05 -7.36 1.51
CA GLY E 553 67.27 -6.93 0.85
C GLY E 553 68.41 -7.94 0.76
N THR E 554 68.06 -9.22 0.76
CA THR E 554 69.08 -10.26 0.69
C THR E 554 69.70 -10.27 -0.69
N ASP E 555 68.87 -10.43 -1.73
CA ASP E 555 69.18 -10.43 -3.15
C ASP E 555 69.34 -9.01 -3.69
N PRO E 556 70.55 -8.60 -4.10
CA PRO E 556 70.71 -7.24 -4.63
C PRO E 556 70.16 -7.07 -6.03
N ILE E 557 69.92 -8.16 -6.77
CA ILE E 557 69.16 -8.08 -8.02
C ILE E 557 67.72 -7.68 -7.72
N VAL E 558 67.14 -8.32 -6.70
CA VAL E 558 65.79 -7.96 -6.28
C VAL E 558 65.75 -6.53 -5.76
N TYR E 559 66.68 -6.18 -4.87
CA TYR E 559 66.65 -4.82 -4.31
C TYR E 559 66.90 -3.79 -5.38
N ALA E 560 67.77 -4.12 -6.34
CA ALA E 560 67.95 -3.24 -7.48
C ALA E 560 66.66 -3.06 -8.26
N ILE E 561 66.00 -4.18 -8.61
CA ILE E 561 64.78 -4.11 -9.41
C ILE E 561 63.70 -3.32 -8.69
N LEU E 562 63.48 -3.66 -7.41
CA LEU E 562 62.40 -3.02 -6.65
C LEU E 562 62.70 -1.56 -6.29
N ASN E 563 63.99 -1.18 -6.19
CA ASN E 563 64.29 0.24 -6.02
C ASN E 563 64.00 1.05 -7.27
N GLU E 564 64.16 0.47 -8.47
CA GLU E 564 63.77 1.19 -9.68
C GLU E 564 62.28 1.45 -9.70
N ILE E 565 61.49 0.41 -9.43
CA ILE E 565 60.03 0.58 -9.46
C ILE E 565 59.59 1.55 -8.36
N ASP E 566 60.24 1.50 -7.19
CA ASP E 566 59.93 2.47 -6.14
C ASP E 566 60.09 3.90 -6.65
N ARG E 567 61.24 4.23 -7.24
CA ARG E 567 61.45 5.61 -7.69
C ARG E 567 60.58 5.94 -8.90
N SER E 568 60.21 4.94 -9.70
CA SER E 568 59.36 5.21 -10.86
C SER E 568 58.01 5.77 -10.44
N LEU E 569 57.51 5.38 -9.26
CA LEU E 569 56.32 5.97 -8.66
C LEU E 569 56.72 7.22 -7.90
N ASN E 570 56.30 8.38 -8.39
CA ASN E 570 56.76 9.65 -7.87
C ASN E 570 55.68 10.32 -7.02
N VAL E 571 55.28 9.62 -5.96
CA VAL E 571 54.36 10.15 -4.97
C VAL E 571 55.02 10.05 -3.60
N SER E 572 54.51 10.83 -2.65
CA SER E 572 55.08 10.90 -1.30
C SER E 572 54.22 10.11 -0.34
N LEU E 573 54.84 9.19 0.37
CA LEU E 573 54.15 8.43 1.38
C LEU E 573 54.07 9.20 2.69
N GLU E 574 54.67 10.39 2.73
CA GLU E 574 54.49 11.26 3.88
C GLU E 574 53.00 11.49 4.08
N ALA E 575 52.55 11.28 5.32
CA ALA E 575 51.21 11.62 5.80
C ALA E 575 50.11 10.98 4.96
N ALA E 576 50.37 9.80 4.44
CA ALA E 576 49.36 9.10 3.66
C ALA E 576 48.21 8.72 4.58
N GLY E 577 46.99 8.81 4.06
CA GLY E 577 45.84 8.52 4.87
C GLY E 577 45.62 7.03 5.01
N LEU E 578 45.07 6.64 6.16
CA LEU E 578 44.72 5.23 6.41
C LEU E 578 43.43 4.90 5.67
N THR E 579 43.55 4.79 4.35
CA THR E 579 42.52 4.19 3.55
C THR E 579 42.44 2.70 3.85
N ASP E 580 41.37 2.04 3.38
CA ASP E 580 41.24 0.61 3.63
C ASP E 580 42.18 -0.23 2.77
N ALA E 581 42.48 0.23 1.54
CA ALA E 581 43.48 -0.46 0.74
C ALA E 581 44.87 -0.27 1.31
N ALA E 582 45.14 0.89 1.90
CA ALA E 582 46.44 1.10 2.51
C ALA E 582 46.53 0.44 3.88
N LYS E 583 45.40 0.23 4.56
CA LYS E 583 45.45 -0.56 5.78
C LYS E 583 45.75 -2.02 5.47
N LYS E 584 45.20 -2.54 4.36
CA LYS E 584 45.40 -3.94 4.02
C LYS E 584 46.86 -4.25 3.77
N VAL E 585 47.59 -3.30 3.18
CA VAL E 585 49.01 -3.53 2.94
C VAL E 585 49.77 -3.58 4.26
N LEU E 586 49.58 -2.56 5.11
CA LEU E 586 50.28 -2.50 6.39
C LEU E 586 49.92 -3.70 7.25
N GLU E 587 48.63 -4.04 7.34
CA GLU E 587 48.21 -5.17 8.15
C GLU E 587 48.94 -6.44 7.77
N ASP E 588 49.08 -6.68 6.47
CA ASP E 588 49.66 -7.93 6.01
C ASP E 588 51.16 -7.95 6.33
N THR E 589 51.86 -6.84 6.10
CA THR E 589 53.28 -6.78 6.45
C THR E 589 53.46 -6.89 7.96
N ALA E 590 52.52 -6.38 8.75
CA ALA E 590 52.69 -6.51 10.19
C ALA E 590 52.50 -7.94 10.65
N GLN E 591 51.68 -8.74 9.95
CA GLN E 591 51.52 -10.10 10.41
C GLN E 591 52.72 -10.97 10.09
N SER E 592 53.39 -10.76 8.95
CA SER E 592 54.53 -11.61 8.61
C SER E 592 55.78 -11.20 9.38
N MET E 593 55.90 -9.92 9.71
CA MET E 593 57.11 -9.49 10.40
C MET E 593 56.97 -9.46 11.90
N PHE E 594 55.80 -9.07 12.41
CA PHE E 594 55.61 -8.92 13.83
C PHE E 594 54.84 -10.06 14.46
N GLY E 595 53.97 -10.72 13.69
CA GLY E 595 53.01 -11.66 14.22
C GLY E 595 51.63 -11.07 14.47
N ASN E 596 51.54 -9.79 14.80
CA ASN E 596 50.30 -9.14 15.19
C ASN E 596 49.86 -8.27 14.05
N ARG E 597 48.56 -8.19 13.81
CA ARG E 597 48.01 -7.10 13.02
C ARG E 597 47.43 -5.99 13.91
N GLU E 598 47.84 -5.95 15.19
CA GLU E 598 47.41 -4.94 16.16
C GLU E 598 48.07 -3.59 15.87
N GLN E 599 47.42 -2.50 16.27
CA GLN E 599 48.09 -1.19 16.19
C GLN E 599 49.40 -1.25 16.96
N ASP E 600 50.28 -0.27 16.70
CA ASP E 600 51.69 -0.27 17.12
C ASP E 600 52.52 -1.18 16.25
N ALA E 601 51.95 -2.34 15.90
CA ALA E 601 52.51 -3.11 14.80
C ALA E 601 52.20 -2.45 13.47
N LEU E 602 50.96 -1.99 13.29
CA LEU E 602 50.66 -1.15 12.11
C LEU E 602 51.55 0.07 12.08
N LEU E 603 51.56 0.83 13.16
CA LEU E 603 52.34 2.07 13.20
C LEU E 603 53.80 1.82 12.92
N ALA E 604 54.32 0.68 13.38
CA ALA E 604 55.71 0.38 13.10
C ALA E 604 55.94 0.26 11.59
N VAL E 605 55.07 -0.49 10.90
CA VAL E 605 55.24 -0.68 9.46
C VAL E 605 54.94 0.63 8.73
N TYR E 606 54.00 1.43 9.23
CA TYR E 606 53.63 2.69 8.59
C TYR E 606 54.80 3.66 8.55
N ARG E 607 55.37 3.96 9.72
CA ARG E 607 56.51 4.88 9.74
C ARG E 607 57.68 4.35 8.92
N ALA E 608 57.93 3.04 8.97
CA ALA E 608 59.04 2.46 8.22
C ALA E 608 58.82 2.55 6.73
N LEU E 609 57.59 2.33 6.29
CA LEU E 609 57.29 2.34 4.87
C LEU E 609 56.91 3.71 4.34
N SER E 610 56.78 4.71 5.20
CA SER E 610 56.47 6.06 4.73
C SER E 610 57.66 7.00 4.94
N GLU E 611 58.88 6.45 4.80
CA GLU E 611 60.12 7.20 4.76
C GLU E 611 60.48 7.56 3.33
N THR E 612 61.11 8.73 3.17
CA THR E 612 61.51 9.26 1.87
C THR E 612 62.17 8.22 0.95
N VAL E 613 63.07 7.38 1.48
CA VAL E 613 63.53 6.21 0.75
C VAL E 613 63.98 5.12 1.72
N ILE E 614 64.01 3.89 1.22
CA ILE E 614 64.23 2.68 2.03
C ILE E 614 65.52 2.01 1.59
N ASP E 615 66.53 2.05 2.47
CA ASP E 615 67.89 1.60 2.22
C ASP E 615 68.01 0.09 2.29
N ARG E 616 68.93 -0.47 1.51
CA ARG E 616 69.18 -1.91 1.60
C ARG E 616 69.79 -2.31 2.94
N ARG E 617 70.47 -1.38 3.62
CA ARG E 617 70.92 -1.65 4.98
C ARG E 617 69.73 -1.90 5.90
N ALA E 618 68.71 -1.03 5.80
CA ALA E 618 67.56 -1.15 6.68
C ALA E 618 66.79 -2.45 6.42
N LEU E 619 66.68 -2.87 5.16
CA LEU E 619 66.00 -4.12 4.86
C LEU E 619 66.76 -5.34 5.36
N LEU E 620 68.07 -5.23 5.56
CA LEU E 620 68.87 -6.35 6.03
C LEU E 620 68.89 -6.47 7.55
N SER E 621 68.51 -5.42 8.26
CA SER E 621 68.35 -5.54 9.70
C SER E 621 67.22 -6.50 10.06
N LEU E 622 66.35 -6.83 9.10
CA LEU E 622 65.25 -7.73 9.36
C LEU E 622 65.72 -9.16 9.61
N HIS E 623 66.93 -9.52 9.17
CA HIS E 623 67.46 -10.84 9.50
C HIS E 623 67.76 -10.95 10.99
N THR E 624 68.20 -9.86 11.58
CA THR E 624 68.71 -9.89 12.93
C THR E 624 67.56 -10.12 13.91
N PRO E 625 67.58 -11.18 14.70
CA PRO E 625 66.42 -11.51 15.53
C PRO E 625 66.11 -10.49 16.62
N ARG E 626 64.82 -10.43 16.97
CA ARG E 626 64.29 -9.59 18.04
C ARG E 626 63.54 -10.45 19.07
N ASP E 627 62.49 -9.88 19.66
CA ASP E 627 61.66 -10.51 20.71
C ASP E 627 62.47 -11.33 21.72
N MET E 643 57.49 0.28 19.17
CA MET E 643 57.97 -0.84 18.35
C MET E 643 58.78 -0.26 17.21
N HIS E 644 59.48 -1.12 16.47
CA HIS E 644 60.36 -0.62 15.41
C HIS E 644 60.58 -1.73 14.39
N LEU E 645 60.16 -1.51 13.15
CA LEU E 645 60.41 -2.52 12.13
C LEU E 645 61.91 -2.71 11.90
N PHE E 646 62.62 -1.63 11.59
CA PHE E 646 64.04 -1.71 11.27
C PHE E 646 64.87 -1.48 12.53
N THR E 647 66.04 -2.13 12.61
CA THR E 647 67.04 -1.87 13.65
C THR E 647 68.34 -1.42 13.02
N GLY E 648 69.33 -1.20 13.88
CA GLY E 648 70.64 -0.73 13.46
C GLY E 648 71.65 -1.83 13.28
N GLU E 649 71.53 -2.89 14.08
CA GLU E 649 72.49 -3.99 14.05
C GLU E 649 72.15 -4.97 12.93
N LEU E 650 73.17 -5.43 12.20
CA LEU E 650 73.04 -6.48 11.21
C LEU E 650 73.72 -7.76 11.70
N THR E 651 73.17 -8.91 11.31
CA THR E 651 73.86 -10.15 11.59
C THR E 651 75.16 -10.16 10.78
N PRO E 652 76.18 -10.89 11.24
CA PRO E 652 77.38 -11.07 10.40
C PRO E 652 77.04 -11.57 9.00
N ALA E 653 76.09 -12.48 8.87
CA ALA E 653 75.70 -12.95 7.54
C ALA E 653 74.93 -11.88 6.75
N ALA E 654 74.39 -10.87 7.44
CA ALA E 654 73.71 -9.77 6.74
C ALA E 654 74.70 -8.70 6.30
N GLN E 655 75.67 -8.38 7.16
CA GLN E 655 76.69 -7.38 6.83
C GLN E 655 77.54 -7.83 5.65
N TRP E 656 77.66 -9.14 5.44
CA TRP E 656 78.34 -9.60 4.23
C TRP E 656 77.52 -9.28 2.99
N ALA E 657 76.21 -9.55 3.05
CA ALA E 657 75.32 -9.39 1.90
C ALA E 657 75.09 -7.91 1.58
N TYR E 658 75.19 -7.03 2.58
CA TYR E 658 75.26 -5.60 2.30
C TYR E 658 76.43 -5.28 1.37
N GLU E 659 77.61 -5.82 1.68
CA GLU E 659 78.82 -5.57 0.90
C GLU E 659 78.87 -6.37 -0.39
N CYS E 660 77.92 -7.27 -0.61
CA CYS E 660 77.75 -7.93 -1.90
C CYS E 660 77.17 -6.98 -2.96
N THR E 661 77.78 -6.95 -4.14
CA THR E 661 77.21 -6.22 -5.26
C THR E 661 76.32 -7.16 -6.07
N VAL E 662 75.69 -6.62 -7.11
CA VAL E 662 74.87 -7.49 -7.97
C VAL E 662 75.75 -8.54 -8.63
N GLU E 663 76.98 -8.18 -8.99
CA GLU E 663 77.85 -9.11 -9.71
C GLU E 663 78.59 -10.05 -8.74
N LYS E 664 79.02 -9.54 -7.58
CA LYS E 664 79.58 -10.40 -6.54
C LYS E 664 78.59 -11.50 -6.16
N TRP E 665 77.30 -11.16 -6.14
CA TRP E 665 76.25 -12.12 -5.82
C TRP E 665 76.18 -13.24 -6.88
N CYS E 666 76.05 -12.85 -8.16
CA CYS E 666 75.93 -13.84 -9.24
C CYS E 666 77.11 -14.81 -9.24
N GLN E 667 78.28 -14.32 -8.85
CA GLN E 667 79.45 -15.16 -8.66
C GLN E 667 79.24 -16.15 -7.51
N TYR E 668 79.03 -15.62 -6.30
CA TYR E 668 79.01 -16.45 -5.09
C TYR E 668 78.03 -17.60 -5.23
N LEU E 669 76.88 -17.34 -5.84
CA LEU E 669 75.87 -18.38 -6.06
C LEU E 669 76.37 -19.42 -7.05
N HIS E 670 77.07 -18.97 -8.09
CA HIS E 670 77.60 -19.90 -9.08
C HIS E 670 78.68 -20.80 -8.48
N ASP E 671 79.56 -20.24 -7.67
CA ASP E 671 80.66 -21.03 -7.10
C ASP E 671 80.18 -22.04 -6.07
N THR E 672 79.12 -21.71 -5.32
CA THR E 672 78.69 -22.59 -4.23
C THR E 672 77.65 -23.61 -4.66
N ASP E 673 77.11 -23.51 -5.87
CA ASP E 673 76.00 -24.32 -6.36
C ASP E 673 74.69 -23.93 -5.65
N GLN E 674 74.55 -22.64 -5.33
CA GLN E 674 73.35 -22.08 -4.73
C GLN E 674 72.55 -21.23 -5.72
N GLU E 675 72.55 -21.58 -6.99
CA GLU E 675 71.76 -20.74 -7.89
C GLU E 675 70.29 -21.11 -7.85
N GLY E 676 69.92 -22.17 -7.14
CA GLY E 676 68.52 -22.55 -7.05
C GLY E 676 67.64 -21.55 -6.33
N VAL E 677 68.22 -20.75 -5.43
CA VAL E 677 67.47 -19.82 -4.58
C VAL E 677 66.99 -18.60 -5.36
N MET E 678 67.11 -18.65 -6.70
CA MET E 678 66.66 -17.54 -7.52
C MET E 678 65.44 -17.86 -8.38
N PHE E 679 65.21 -19.12 -8.72
CA PHE E 679 64.08 -19.43 -9.57
C PHE E 679 63.44 -20.72 -9.09
N ASP E 680 62.11 -20.78 -9.23
CA ASP E 680 61.24 -21.77 -8.56
C ASP E 680 61.31 -21.65 -7.06
#